data_9FP6
#
_entry.id   9FP6
#
_cell.length_a   1.00
_cell.length_b   1.00
_cell.length_c   1.00
_cell.angle_alpha   90.00
_cell.angle_beta   90.00
_cell.angle_gamma   90.00
#
_symmetry.space_group_name_H-M   'P 1'
#
loop_
_entity.id
_entity.type
_entity.pdbx_description
1 polymer NRC2a
2 non-polymer "ADENOSINE-5'-TRIPHOSPHATE"
#
_entity_poly.entity_id   1
_entity_poly.type   'polypeptide(L)'
_entity_poly.pdbx_seq_one_letter_code
;MANVAVEFLVQNLMQLLRDNAELIVGVKDSAESLLQDLNDFNAFLKQTAKSRTENDVHKELVKKIKTVVNSAEDAIDKFV
IEAKLHKDKGVGRFVDVKHYKRVYDVAGEIKTIRDKVKEIRLNNALDLQALQDEDQSAKGVQERKPPVVEEDDVVGFEEE
ADKVINRLLGGSSGLEVVPVVGMPGLGKTTLANKIYKHPDIGYQFFTRIWVYVSQSYRRRELFLNIISKFTRNTKQYHDM
CEEDLADEIEDFLGKGGKYLIVLDDVWSPDAWERIRIAFPNNNKSNRILLTTRDSKVAKQCKQCIGIPHDLKFLTEDESW
ILLEKKVFHKDKCPPELELSGKSIAKKCNGLPLAIVVIAGALIGKGKTSREWKQVDESVGEHLINKDQPENCNKLVQLSY
DRLSYDLKACFLYCGAFPGGFEIPAWKLIRLWIAEGFIQYKGHLSLECKAEDNLNDLINRNLVMVMQRTSDGQIKTCRLH
DMLHEFCRQEAMKEENLFQEIKLGAEQYFPGKRELATYRRLCIHSSVLEFISTKPSGEHVRSFLSFSLKKIEMPSVDIPT
IPKGFPLLRVFDVESINFSRFSKEFFQLYHLRYIAFSSDTIKIIPKHIGELWNIQTLIINTQQRSLDIQANIWNMERLRH
LHTNSSAKLPVPVTPRSSKVPLVNQSLQTLSTIAPESCTEEVFARTPNLKKLGIRGKIAVLLEPNKSLLKNVKKLESLEN
LKLINDSSQTGKGLRLPPSYIFPTKLRKLSLVDTWLEWNDMSILGQMEHLEVLKLKENGFMGECWESVGGFCSLLVLWIE
RTDLVSWKASADHFPRLKHLVLICCDKLKEIPIGLADIRSFQVMELQNSTKTAAISARGIRDKKDKQTQEGTNNNGFKLS
IFPPDL
;
_entity_poly.pdbx_strand_id   A,B,C,D,E,F
#
# COMPACT_ATOMS: atom_id res chain seq x y z
N VAL A 27 -16.72 9.39 42.31
CA VAL A 27 -16.56 7.97 42.01
C VAL A 27 -17.56 7.56 40.93
N LYS A 28 -18.73 8.19 40.94
CA LYS A 28 -19.76 7.87 39.95
C LYS A 28 -19.30 8.21 38.54
N ASP A 29 -18.72 9.40 38.36
CA ASP A 29 -18.21 9.77 37.05
C ASP A 29 -17.07 8.86 36.62
N SER A 30 -16.25 8.46 37.58
CA SER A 30 -15.21 7.47 37.29
C SER A 30 -15.84 6.16 36.84
N ALA A 31 -16.96 5.78 37.46
CA ALA A 31 -17.66 4.56 37.04
C ALA A 31 -18.17 4.69 35.61
N GLU A 32 -18.70 5.86 35.24
CA GLU A 32 -19.16 6.06 33.87
C GLU A 32 -18.00 6.00 32.88
N SER A 33 -16.87 6.60 33.22
CA SER A 33 -15.71 6.55 32.33
C SER A 33 -15.19 5.12 32.18
N LEU A 34 -15.14 4.37 33.28
CA LEU A 34 -14.72 2.98 33.20
C LEU A 34 -15.73 2.15 32.40
N LEU A 35 -17.01 2.46 32.52
CA LEU A 35 -18.02 1.78 31.71
C LEU A 35 -17.81 2.04 30.22
N GLN A 36 -17.48 3.29 29.86
CA GLN A 36 -17.20 3.60 28.47
C GLN A 36 -15.97 2.84 27.97
N ASP A 37 -14.90 2.81 28.78
CA ASP A 37 -13.71 2.07 28.40
C ASP A 37 -14.01 0.58 28.23
N LEU A 38 -14.80 0.02 29.15
CA LEU A 38 -15.16 -1.39 29.07
C LEU A 38 -16.02 -1.66 27.84
N ASN A 39 -16.91 -0.73 27.48
CA ASN A 39 -17.72 -0.91 26.28
C ASN A 39 -16.86 -0.92 25.03
N ASP A 40 -15.90 0.00 24.93
CA ASP A 40 -15.01 0.00 23.78
C ASP A 40 -14.17 -1.27 23.71
N PHE A 41 -13.67 -1.74 24.86
CA PHE A 41 -12.88 -2.96 24.87
C PHE A 41 -13.73 -4.18 24.52
N ASN A 42 -14.99 -4.20 24.97
CA ASN A 42 -15.89 -5.29 24.61
C ASN A 42 -16.19 -5.29 23.12
N ALA A 43 -16.37 -4.10 22.54
CA ALA A 43 -16.56 -4.01 21.09
C ALA A 43 -15.33 -4.53 20.35
N PHE A 44 -14.14 -4.17 20.83
CA PHE A 44 -12.91 -4.68 20.22
C PHE A 44 -12.84 -6.20 20.31
N LEU A 45 -13.18 -6.76 21.48
CA LEU A 45 -13.14 -8.21 21.65
C LEU A 45 -14.15 -8.89 20.73
N LYS A 46 -15.33 -8.30 20.57
CA LYS A 46 -16.33 -8.85 19.66
C LYS A 46 -15.85 -8.80 18.22
N GLN A 47 -15.13 -7.73 17.85
CA GLN A 47 -14.65 -7.62 16.48
C GLN A 47 -13.56 -8.63 16.17
N THR A 48 -12.61 -8.80 17.09
CA THR A 48 -11.50 -9.73 16.85
C THR A 48 -11.93 -11.19 16.90
N ALA A 49 -13.09 -11.48 17.50
CA ALA A 49 -13.59 -12.85 17.53
C ALA A 49 -14.09 -13.32 16.18
N LYS A 50 -14.22 -12.43 15.21
CA LYS A 50 -14.67 -12.80 13.87
C LYS A 50 -13.59 -13.49 13.05
N SER A 51 -12.34 -13.45 13.50
CA SER A 51 -11.23 -14.06 12.78
C SER A 51 -10.26 -14.69 13.76
N ARG A 52 -9.74 -15.86 13.41
CA ARG A 52 -8.74 -16.54 14.22
C ARG A 52 -7.35 -16.05 13.83
N THR A 53 -6.59 -15.57 14.81
CA THR A 53 -5.27 -15.02 14.59
C THR A 53 -4.21 -15.99 15.10
N GLU A 54 -3.21 -16.25 14.26
CA GLU A 54 -2.07 -17.09 14.63
C GLU A 54 -0.90 -16.27 15.16
N ASN A 55 -1.00 -14.94 15.16
CA ASN A 55 0.06 -14.10 15.67
C ASN A 55 0.10 -14.19 17.20
N ASP A 56 1.27 -14.54 17.74
CA ASP A 56 1.40 -14.71 19.18
C ASP A 56 1.30 -13.38 19.92
N VAL A 57 1.83 -12.30 19.33
CA VAL A 57 1.71 -10.98 19.95
C VAL A 57 0.24 -10.58 20.02
N HIS A 58 -0.52 -10.81 18.95
CA HIS A 58 -1.94 -10.50 18.95
C HIS A 58 -2.69 -11.33 19.98
N LYS A 59 -2.35 -12.62 20.09
CA LYS A 59 -3.00 -13.47 21.09
C LYS A 59 -2.72 -12.98 22.50
N GLU A 60 -1.47 -12.60 22.78
CA GLU A 60 -1.13 -12.09 24.11
C GLU A 60 -1.87 -10.79 24.39
N LEU A 61 -1.97 -9.91 23.38
CA LEU A 61 -2.72 -8.66 23.57
C LEU A 61 -4.19 -8.93 23.83
N VAL A 62 -4.77 -9.91 23.13
CA VAL A 62 -6.17 -10.24 23.35
C VAL A 62 -6.37 -10.78 24.75
N LYS A 63 -5.46 -11.63 25.23
CA LYS A 63 -5.56 -12.14 26.60
C LYS A 63 -5.47 -11.00 27.62
N LYS A 64 -4.53 -10.07 27.40
CA LYS A 64 -4.39 -8.93 28.30
C LYS A 64 -5.67 -8.08 28.33
N ILE A 65 -6.26 -7.85 27.15
CA ILE A 65 -7.47 -7.06 27.06
C ILE A 65 -8.63 -7.77 27.76
N LYS A 66 -8.72 -9.09 27.60
CA LYS A 66 -9.76 -9.85 28.29
C LYS A 66 -9.59 -9.77 29.81
N THR A 67 -8.34 -9.85 30.29
CA THR A 67 -8.11 -9.72 31.73
C THR A 67 -8.53 -8.35 32.22
N VAL A 68 -8.18 -7.29 31.49
CA VAL A 68 -8.57 -5.94 31.89
C VAL A 68 -10.08 -5.78 31.87
N VAL A 69 -10.74 -6.39 30.88
CA VAL A 69 -12.20 -6.33 30.79
C VAL A 69 -12.84 -7.00 32.00
N ASN A 70 -12.31 -8.17 32.39
CA ASN A 70 -12.84 -8.85 33.57
C ASN A 70 -12.63 -8.01 34.84
N SER A 71 -11.45 -7.39 34.98
CA SER A 71 -11.20 -6.56 36.14
C SER A 71 -12.16 -5.37 36.19
N ALA A 72 -12.38 -4.73 35.03
CA ALA A 72 -13.30 -3.61 34.97
C ALA A 72 -14.72 -4.03 35.33
N GLU A 73 -15.16 -5.20 34.84
CA GLU A 73 -16.49 -5.69 35.15
C GLU A 73 -16.63 -5.92 36.65
N ASP A 74 -15.63 -6.55 37.28
CA ASP A 74 -15.70 -6.78 38.72
C ASP A 74 -15.74 -5.47 39.49
N ALA A 75 -14.92 -4.50 39.08
CA ALA A 75 -14.92 -3.21 39.79
C ALA A 75 -16.26 -2.51 39.65
N ILE A 76 -16.85 -2.52 38.46
CA ILE A 76 -18.12 -1.85 38.24
C ILE A 76 -19.23 -2.53 39.03
N ASP A 77 -19.24 -3.87 39.07
CA ASP A 77 -20.25 -4.57 39.87
C ASP A 77 -20.07 -4.30 41.36
N LYS A 78 -18.82 -4.23 41.84
CA LYS A 78 -18.60 -3.88 43.24
C LYS A 78 -19.12 -2.48 43.54
N PHE A 79 -18.85 -1.53 42.65
CA PHE A 79 -19.35 -0.17 42.86
C PHE A 79 -20.87 -0.13 42.86
N VAL A 80 -21.49 -0.91 41.97
CA VAL A 80 -22.95 -0.96 41.91
C VAL A 80 -23.52 -1.52 43.22
N ILE A 81 -22.90 -2.58 43.73
CA ILE A 81 -23.39 -3.18 44.98
C ILE A 81 -23.25 -2.20 46.14
N GLU A 82 -22.10 -1.50 46.21
CA GLU A 82 -21.93 -0.50 47.27
C GLU A 82 -22.91 0.65 47.14
N ALA A 83 -23.18 1.08 45.90
CA ALA A 83 -24.15 2.16 45.69
C ALA A 83 -25.55 1.72 46.12
N LYS A 84 -25.92 0.48 45.81
CA LYS A 84 -27.21 -0.02 46.26
C LYS A 84 -27.28 -0.11 47.78
N LEU A 85 -26.19 -0.52 48.41
CA LEU A 85 -26.13 -0.60 49.86
C LEU A 85 -25.99 0.77 50.51
N VAL A 103 -15.70 1.35 49.47
CA VAL A 103 -15.85 2.51 48.61
C VAL A 103 -14.47 3.08 48.26
N TYR A 104 -13.64 3.25 49.29
CA TYR A 104 -12.28 3.72 49.08
C TYR A 104 -11.46 2.71 48.28
N ASP A 105 -11.56 1.43 48.63
CA ASP A 105 -10.89 0.39 47.87
C ASP A 105 -11.48 0.28 46.47
N VAL A 106 -12.80 0.47 46.35
CA VAL A 106 -13.44 0.46 45.03
C VAL A 106 -12.91 1.60 44.17
N ALA A 107 -12.75 2.78 44.78
CA ALA A 107 -12.20 3.91 44.04
C ALA A 107 -10.76 3.65 43.59
N GLY A 108 -9.95 3.07 44.48
CA GLY A 108 -8.58 2.75 44.10
C GLY A 108 -8.53 1.75 42.96
N GLU A 109 -9.37 0.72 43.03
CA GLU A 109 -9.43 -0.28 41.97
C GLU A 109 -9.87 0.35 40.65
N ILE A 110 -10.86 1.23 40.70
CA ILE A 110 -11.33 1.89 39.48
C ILE A 110 -10.22 2.74 38.87
N LYS A 111 -9.51 3.50 39.71
CA LYS A 111 -8.41 4.32 39.20
C LYS A 111 -7.32 3.46 38.56
N THR A 112 -6.94 2.36 39.22
CA THR A 112 -5.87 1.54 38.67
C THR A 112 -6.31 0.84 37.39
N ILE A 113 -7.58 0.44 37.28
CA ILE A 113 -8.06 -0.19 36.06
C ILE A 113 -8.12 0.81 34.92
N ARG A 114 -8.54 2.05 35.21
CA ARG A 114 -8.52 3.08 34.17
C ARG A 114 -7.10 3.37 33.71
N ASP A 115 -6.14 3.42 34.64
CA ASP A 115 -4.76 3.61 34.26
C ASP A 115 -4.24 2.46 33.39
N LYS A 116 -4.63 1.23 33.74
CA LYS A 116 -4.24 0.08 32.92
C LYS A 116 -4.84 0.17 31.52
N VAL A 117 -6.10 0.61 31.42
CA VAL A 117 -6.73 0.76 30.12
C VAL A 117 -5.99 1.80 29.28
N LYS A 118 -5.64 2.93 29.89
CA LYS A 118 -4.90 3.96 29.16
C LYS A 118 -3.55 3.45 28.71
N GLU A 119 -2.84 2.71 29.58
CA GLU A 119 -1.54 2.16 29.21
C GLU A 119 -1.66 1.18 28.05
N ILE A 120 -2.69 0.32 28.09
CA ILE A 120 -2.88 -0.64 27.00
C ILE A 120 -3.18 0.09 25.69
N ARG A 121 -4.03 1.11 25.75
CA ARG A 121 -4.36 1.86 24.54
C ARG A 121 -3.14 2.56 23.96
N LEU A 122 -2.30 3.13 24.83
CA LEU A 122 -1.14 3.88 24.35
C LEU A 122 -0.07 2.94 23.79
N ASN A 123 0.21 1.84 24.50
CA ASN A 123 1.35 1.00 24.14
C ASN A 123 1.10 0.21 22.86
N ASN A 124 -0.09 -0.39 22.72
CA ASN A 124 -0.36 -1.34 21.64
C ASN A 124 -1.35 -0.78 20.62
N ALA A 125 -1.25 0.50 20.27
CA ALA A 125 -2.19 1.09 19.33
C ALA A 125 -2.09 0.45 17.96
N LEU A 126 -0.87 0.21 17.47
CA LEU A 126 -0.69 -0.41 16.16
C LEU A 126 -1.21 -1.84 16.14
N ASP A 127 -0.95 -2.61 17.21
CA ASP A 127 -1.50 -3.96 17.29
C ASP A 127 -3.02 -3.93 17.39
N LEU A 128 -3.58 -2.95 18.10
CA LEU A 128 -5.02 -2.82 18.19
C LEU A 128 -5.63 -2.53 16.81
N GLN A 129 -4.98 -1.66 16.04
CA GLN A 129 -5.48 -1.36 14.70
C GLN A 129 -5.35 -2.57 13.77
N ALA A 130 -4.25 -3.33 13.93
CA ALA A 130 -4.04 -4.49 13.07
C ALA A 130 -4.94 -5.67 13.44
N LEU A 131 -5.54 -5.66 14.63
CA LEU A 131 -6.32 -6.80 15.10
C LEU A 131 -7.79 -6.74 14.69
N GLN A 132 -8.24 -5.63 14.11
CA GLN A 132 -9.63 -5.52 13.68
C GLN A 132 -9.84 -6.13 12.31
N ARG A 144 -8.91 -23.89 -1.76
CA ARG A 144 -9.94 -24.91 -1.68
C ARG A 144 -9.31 -26.30 -1.82
N LYS A 145 -9.53 -27.14 -0.82
CA LYS A 145 -8.95 -28.48 -0.77
C LYS A 145 -10.06 -29.49 -0.50
N PRO A 146 -10.61 -30.13 -1.53
CA PRO A 146 -11.59 -31.18 -1.29
C PRO A 146 -11.00 -32.29 -0.47
N PRO A 147 -11.78 -32.91 0.41
CA PRO A 147 -11.23 -33.93 1.30
C PRO A 147 -10.80 -35.18 0.57
N VAL A 148 -9.78 -35.84 1.12
CA VAL A 148 -9.33 -37.15 0.66
C VAL A 148 -9.76 -38.17 1.71
N VAL A 149 -10.65 -39.08 1.33
CA VAL A 149 -11.24 -40.02 2.24
C VAL A 149 -10.77 -41.43 1.88
N GLU A 150 -11.03 -42.36 2.79
CA GLU A 150 -10.61 -43.75 2.59
C GLU A 150 -11.48 -44.41 1.52
N GLU A 151 -10.81 -45.14 0.62
CA GLU A 151 -11.49 -45.85 -0.45
C GLU A 151 -11.35 -47.37 -0.35
N ASP A 152 -10.33 -47.88 0.34
CA ASP A 152 -10.06 -49.31 0.39
C ASP A 152 -10.60 -49.96 1.64
N ASP A 153 -10.21 -49.48 2.82
CA ASP A 153 -10.56 -50.10 4.09
C ASP A 153 -11.59 -49.23 4.80
N VAL A 154 -12.86 -49.43 4.46
CA VAL A 154 -13.98 -48.73 5.08
C VAL A 154 -14.75 -49.75 5.91
N VAL A 155 -14.78 -49.55 7.22
CA VAL A 155 -15.35 -50.52 8.15
C VAL A 155 -16.68 -49.98 8.68
N GLY A 156 -17.67 -50.87 8.75
CA GLY A 156 -18.94 -50.56 9.36
C GLY A 156 -19.98 -49.97 8.42
N PHE A 157 -19.58 -49.47 7.25
CA PHE A 157 -20.48 -48.78 6.34
C PHE A 157 -21.11 -49.72 5.32
N GLU A 158 -20.92 -51.03 5.45
CA GLU A 158 -21.44 -51.97 4.46
C GLU A 158 -22.97 -52.01 4.47
N GLU A 159 -23.60 -51.83 5.63
CA GLU A 159 -25.05 -51.86 5.69
C GLU A 159 -25.68 -50.49 5.46
N GLU A 160 -25.05 -49.43 5.97
CA GLU A 160 -25.55 -48.09 5.72
C GLU A 160 -25.47 -47.74 4.24
N ALA A 161 -24.42 -48.21 3.56
CA ALA A 161 -24.31 -47.98 2.12
C ALA A 161 -25.46 -48.65 1.38
N ASP A 162 -25.80 -49.89 1.75
CA ASP A 162 -26.92 -50.57 1.11
C ASP A 162 -28.24 -49.87 1.41
N LYS A 163 -28.39 -49.38 2.64
CA LYS A 163 -29.60 -48.65 2.99
C LYS A 163 -29.77 -47.41 2.12
N VAL A 164 -28.71 -46.60 2.02
CA VAL A 164 -28.79 -45.39 1.23
C VAL A 164 -28.95 -45.70 -0.25
N ILE A 165 -28.32 -46.79 -0.72
CA ILE A 165 -28.46 -47.17 -2.13
C ILE A 165 -29.89 -47.57 -2.44
N ASN A 166 -30.50 -48.38 -1.56
CA ASN A 166 -31.90 -48.77 -1.77
C ASN A 166 -32.82 -47.57 -1.65
N ARG A 167 -32.44 -46.57 -0.85
CA ARG A 167 -33.20 -45.32 -0.85
C ARG A 167 -33.04 -44.56 -2.15
N LEU A 168 -31.85 -44.63 -2.77
CA LEU A 168 -31.62 -43.93 -4.03
C LEU A 168 -32.31 -44.64 -5.19
N LEU A 169 -32.25 -45.98 -5.21
CA LEU A 169 -32.79 -46.75 -6.32
C LEU A 169 -34.31 -46.89 -6.27
N GLY A 170 -34.94 -46.49 -5.17
CA GLY A 170 -36.38 -46.57 -5.03
C GLY A 170 -36.98 -45.21 -4.71
N GLY A 171 -38.17 -44.96 -5.22
CA GLY A 171 -38.86 -43.72 -4.99
C GLY A 171 -39.74 -43.37 -6.17
N SER A 172 -40.11 -42.10 -6.24
CA SER A 172 -40.94 -41.61 -7.33
C SER A 172 -40.09 -41.34 -8.56
N SER A 173 -40.68 -40.74 -9.59
CA SER A 173 -39.98 -40.41 -10.82
C SER A 173 -39.45 -38.99 -10.83
N GLY A 174 -39.61 -38.24 -9.73
CA GLY A 174 -39.08 -36.90 -9.65
C GLY A 174 -37.68 -36.85 -9.07
N LEU A 175 -37.09 -35.66 -9.10
CA LEU A 175 -35.75 -35.45 -8.56
C LEU A 175 -35.83 -35.46 -7.04
N GLU A 176 -35.43 -36.57 -6.43
CA GLU A 176 -35.44 -36.72 -4.99
C GLU A 176 -34.03 -36.57 -4.43
N VAL A 177 -33.95 -36.18 -3.16
CA VAL A 177 -32.69 -35.92 -2.48
C VAL A 177 -32.58 -36.88 -1.30
N VAL A 178 -31.40 -37.46 -1.13
CA VAL A 178 -31.11 -38.30 0.03
C VAL A 178 -30.07 -37.58 0.87
N PRO A 179 -30.47 -36.87 1.93
CA PRO A 179 -29.50 -36.12 2.73
C PRO A 179 -28.88 -36.96 3.84
N VAL A 180 -27.57 -36.84 3.97
CA VAL A 180 -26.79 -37.51 5.00
C VAL A 180 -26.31 -36.45 5.98
N VAL A 181 -26.78 -36.53 7.22
CA VAL A 181 -26.43 -35.57 8.25
C VAL A 181 -25.65 -36.30 9.33
N GLY A 182 -24.73 -35.59 9.98
CA GLY A 182 -23.94 -36.23 11.01
C GLY A 182 -22.98 -35.29 11.67
N MET A 183 -22.25 -35.84 12.64
CA MET A 183 -21.28 -35.12 13.42
C MET A 183 -20.04 -34.78 12.57
N PRO A 184 -19.32 -33.69 12.92
CA PRO A 184 -18.07 -33.40 12.22
C PRO A 184 -17.07 -34.55 12.28
N GLY A 185 -16.75 -35.11 11.13
CA GLY A 185 -15.85 -36.26 11.08
C GLY A 185 -16.53 -37.61 11.22
N LEU A 186 -17.86 -37.65 11.13
CA LEU A 186 -18.58 -38.92 11.28
C LEU A 186 -18.26 -39.88 10.14
N GLY A 187 -18.07 -39.37 8.93
CA GLY A 187 -17.78 -40.21 7.80
C GLY A 187 -18.79 -40.08 6.68
N LYS A 188 -19.45 -38.91 6.62
CA LYS A 188 -20.45 -38.68 5.58
C LYS A 188 -19.83 -38.71 4.19
N THR A 189 -18.66 -38.09 4.03
CA THR A 189 -17.99 -38.09 2.73
C THR A 189 -17.53 -39.50 2.37
N THR A 190 -17.06 -40.27 3.35
CA THR A 190 -16.63 -41.64 3.07
C THR A 190 -17.79 -42.50 2.62
N LEU A 191 -18.94 -42.39 3.29
CA LEU A 191 -20.12 -43.14 2.87
C LEU A 191 -20.61 -42.69 1.50
N ALA A 192 -20.59 -41.37 1.25
CA ALA A 192 -21.00 -40.86 -0.05
C ALA A 192 -20.09 -41.35 -1.16
N ASN A 193 -18.79 -41.46 -0.88
CA ASN A 193 -17.86 -41.98 -1.87
C ASN A 193 -18.06 -43.47 -2.09
N LYS A 194 -18.35 -44.21 -1.02
CA LYS A 194 -18.61 -45.65 -1.16
C LYS A 194 -19.86 -45.89 -2.00
N ILE A 195 -20.91 -45.10 -1.78
CA ILE A 195 -22.12 -45.22 -2.60
C ILE A 195 -21.84 -44.78 -4.02
N TYR A 196 -21.07 -43.70 -4.19
CA TYR A 196 -20.81 -43.13 -5.51
C TYR A 196 -20.07 -44.10 -6.41
N LYS A 197 -19.18 -44.93 -5.84
CA LYS A 197 -18.41 -45.89 -6.59
C LYS A 197 -18.95 -47.31 -6.47
N HIS A 198 -20.15 -47.48 -5.94
CA HIS A 198 -20.72 -48.81 -5.79
C HIS A 198 -21.08 -49.38 -7.16
N PRO A 199 -20.89 -50.69 -7.37
CA PRO A 199 -21.24 -51.27 -8.67
C PRO A 199 -22.72 -51.12 -9.03
N ASP A 200 -23.62 -51.28 -8.06
CA ASP A 200 -25.05 -51.13 -8.35
C ASP A 200 -25.39 -49.69 -8.75
N ILE A 201 -24.82 -48.72 -8.03
CA ILE A 201 -25.05 -47.32 -8.37
C ILE A 201 -24.50 -47.00 -9.76
N GLY A 202 -23.30 -47.51 -10.05
CA GLY A 202 -22.71 -47.26 -11.36
C GLY A 202 -23.51 -47.90 -12.49
N TYR A 203 -24.08 -49.08 -12.23
CA TYR A 203 -24.89 -49.72 -13.26
C TYR A 203 -26.22 -49.02 -13.47
N GLN A 204 -26.87 -48.59 -12.38
CA GLN A 204 -28.19 -48.00 -12.48
C GLN A 204 -28.14 -46.57 -13.02
N PHE A 205 -27.15 -45.79 -12.60
CA PHE A 205 -27.06 -44.39 -12.98
C PHE A 205 -26.04 -44.23 -14.11
N PHE A 206 -26.49 -43.75 -15.26
CA PHE A 206 -25.59 -43.54 -16.38
C PHE A 206 -24.61 -42.41 -16.11
N THR A 207 -25.09 -41.31 -15.54
CA THR A 207 -24.27 -40.15 -15.24
C THR A 207 -24.12 -39.99 -13.73
N ARG A 208 -22.88 -39.92 -13.26
CA ARG A 208 -22.59 -39.68 -11.85
C ARG A 208 -21.64 -38.50 -11.75
N ILE A 209 -22.04 -37.50 -10.98
CA ILE A 209 -21.28 -36.26 -10.84
C ILE A 209 -21.03 -36.01 -9.36
N TRP A 210 -19.78 -35.74 -9.01
CA TRP A 210 -19.39 -35.41 -7.63
C TRP A 210 -19.04 -33.94 -7.59
N VAL A 211 -19.85 -33.16 -6.88
CA VAL A 211 -19.64 -31.73 -6.70
C VAL A 211 -19.25 -31.48 -5.25
N TYR A 212 -18.14 -30.79 -5.05
CA TYR A 212 -17.65 -30.47 -3.71
C TYR A 212 -18.04 -29.04 -3.37
N VAL A 213 -19.17 -28.88 -2.69
CA VAL A 213 -19.52 -27.59 -2.12
C VAL A 213 -18.83 -27.43 -0.76
N SER A 214 -18.66 -26.20 -0.34
CA SER A 214 -18.07 -25.94 0.98
C SER A 214 -18.62 -24.61 1.49
N GLN A 215 -18.01 -24.07 2.54
CA GLN A 215 -18.38 -22.74 3.01
C GLN A 215 -18.06 -21.70 1.95
N SER A 216 -16.92 -21.84 1.28
CA SER A 216 -16.48 -20.92 0.23
C SER A 216 -16.53 -21.66 -1.10
N TYR A 217 -17.37 -21.17 -2.01
CA TYR A 217 -17.48 -21.76 -3.34
C TYR A 217 -17.89 -20.67 -4.32
N ARG A 218 -17.59 -20.90 -5.59
CA ARG A 218 -17.99 -20.02 -6.67
C ARG A 218 -18.91 -20.78 -7.62
N ARG A 219 -20.10 -20.22 -7.86
CA ARG A 219 -21.09 -20.91 -8.68
C ARG A 219 -20.62 -21.03 -10.13
N ARG A 220 -19.95 -20.00 -10.64
CA ARG A 220 -19.41 -20.07 -12.00
C ARG A 220 -18.36 -21.17 -12.11
N GLU A 221 -17.46 -21.25 -11.12
CA GLU A 221 -16.44 -22.30 -11.15
C GLU A 221 -17.07 -23.68 -11.05
N LEU A 222 -18.05 -23.85 -10.19
CA LEU A 222 -18.73 -25.14 -10.06
C LEU A 222 -19.43 -25.53 -11.35
N PHE A 223 -20.12 -24.57 -11.98
CA PHE A 223 -20.84 -24.87 -13.22
C PHE A 223 -19.88 -25.18 -14.36
N LEU A 224 -18.73 -24.50 -14.41
CA LEU A 224 -17.75 -24.81 -15.45
C LEU A 224 -17.05 -26.14 -15.18
N ASN A 225 -16.93 -26.53 -13.91
CA ASN A 225 -16.40 -27.86 -13.59
C ASN A 225 -17.37 -28.95 -14.00
N ILE A 226 -18.67 -28.72 -13.79
CA ILE A 226 -19.67 -29.71 -14.20
C ILE A 226 -19.73 -29.80 -15.72
N ILE A 227 -19.59 -28.66 -16.40
CA ILE A 227 -19.65 -28.65 -17.86
C ILE A 227 -18.47 -29.43 -18.45
N SER A 228 -17.30 -29.30 -17.85
CA SER A 228 -16.11 -29.98 -18.37
C SER A 228 -16.26 -31.50 -18.38
N LYS A 229 -17.15 -32.04 -17.56
CA LYS A 229 -17.42 -33.47 -17.58
C LYS A 229 -18.19 -33.91 -18.82
N PHE A 230 -18.73 -32.97 -19.60
CA PHE A 230 -19.48 -33.29 -20.81
C PHE A 230 -18.82 -32.80 -22.08
N THR A 231 -18.12 -31.67 -22.04
CA THR A 231 -17.45 -31.14 -23.21
C THR A 231 -16.06 -30.65 -22.83
N ARG A 232 -15.15 -30.66 -23.80
CA ARG A 232 -13.80 -30.16 -23.58
C ARG A 232 -13.59 -28.74 -24.10
N ASN A 233 -14.46 -28.27 -24.98
CA ASN A 233 -14.40 -26.89 -25.47
C ASN A 233 -15.22 -26.03 -24.52
N THR A 234 -14.62 -25.71 -23.39
CA THR A 234 -15.25 -24.85 -22.39
C THR A 234 -14.92 -23.39 -22.62
N LYS A 235 -14.17 -23.07 -23.68
CA LYS A 235 -13.86 -21.69 -24.01
C LYS A 235 -15.00 -21.00 -24.73
N GLN A 236 -16.05 -21.73 -25.10
CA GLN A 236 -17.23 -21.12 -25.69
C GLN A 236 -18.18 -20.53 -24.65
N TYR A 237 -17.91 -20.73 -23.36
CA TYR A 237 -18.76 -20.23 -22.29
C TYR A 237 -18.13 -19.05 -21.55
N HIS A 238 -17.16 -18.38 -22.16
CA HIS A 238 -16.45 -17.32 -21.44
C HIS A 238 -17.31 -16.09 -21.24
N ASP A 239 -18.38 -15.94 -22.01
CA ASP A 239 -19.24 -14.77 -21.92
C ASP A 239 -20.66 -15.10 -21.49
N MET A 240 -21.03 -16.36 -21.37
CA MET A 240 -22.37 -16.71 -20.89
C MET A 240 -22.48 -16.46 -19.40
N CYS A 241 -23.69 -16.10 -18.97
CA CYS A 241 -23.96 -15.89 -17.56
C CYS A 241 -24.11 -17.23 -16.84
N GLU A 242 -24.10 -17.16 -15.51
CA GLU A 242 -24.22 -18.38 -14.70
C GLU A 242 -25.55 -19.08 -14.94
N GLU A 243 -26.61 -18.33 -15.24
CA GLU A 243 -27.89 -18.95 -15.53
C GLU A 243 -27.85 -19.69 -16.87
N ASP A 244 -27.15 -19.13 -17.85
CA ASP A 244 -26.97 -19.83 -19.11
C ASP A 244 -26.11 -21.06 -18.93
N LEU A 245 -25.11 -20.99 -18.04
CA LEU A 245 -24.32 -22.18 -17.70
C LEU A 245 -25.20 -23.24 -17.07
N ALA A 246 -26.09 -22.85 -16.17
CA ALA A 246 -27.01 -23.80 -15.55
C ALA A 246 -27.94 -24.42 -16.58
N ASP A 247 -28.42 -23.62 -17.54
CA ASP A 247 -29.26 -24.16 -18.60
C ASP A 247 -28.49 -25.15 -19.47
N GLU A 248 -27.22 -24.85 -19.76
CA GLU A 248 -26.39 -25.80 -20.51
C GLU A 248 -26.20 -27.10 -19.75
N ILE A 249 -25.99 -27.00 -18.43
CA ILE A 249 -25.86 -28.20 -17.60
C ILE A 249 -27.17 -28.97 -17.60
N GLU A 250 -28.30 -28.27 -17.56
CA GLU A 250 -29.60 -28.93 -17.62
C GLU A 250 -29.77 -29.70 -18.93
N ASP A 251 -29.37 -29.09 -20.05
CA ASP A 251 -29.43 -29.79 -21.33
C ASP A 251 -28.52 -31.01 -21.33
N PHE A 252 -27.30 -30.86 -20.81
CA PHE A 252 -26.35 -31.98 -20.77
C PHE A 252 -26.90 -33.14 -19.94
N LEU A 253 -27.49 -32.83 -18.79
CA LEU A 253 -28.02 -33.88 -17.91
C LEU A 253 -29.30 -34.50 -18.47
N GLY A 254 -30.11 -33.72 -19.20
CA GLY A 254 -31.31 -34.25 -19.79
C GLY A 254 -31.09 -35.03 -21.07
N LYS A 255 -29.94 -34.85 -21.72
CA LYS A 255 -29.66 -35.61 -22.93
C LYS A 255 -29.59 -37.12 -22.65
N GLY A 256 -28.96 -37.50 -21.54
CA GLY A 256 -28.77 -38.89 -21.20
C GLY A 256 -29.95 -39.49 -20.46
N GLY A 257 -29.65 -40.41 -19.55
CA GLY A 257 -30.65 -41.08 -18.73
C GLY A 257 -30.69 -40.52 -17.32
N LYS A 258 -30.86 -41.40 -16.35
CA LYS A 258 -30.85 -41.00 -14.96
C LYS A 258 -29.45 -40.54 -14.54
N TYR A 259 -29.41 -39.56 -13.65
CA TYR A 259 -28.15 -39.05 -13.14
C TYR A 259 -28.16 -39.05 -11.62
N LEU A 260 -26.99 -39.32 -11.04
CA LEU A 260 -26.77 -39.19 -9.61
C LEU A 260 -25.74 -38.10 -9.37
N ILE A 261 -26.05 -37.19 -8.44
CA ILE A 261 -25.19 -36.07 -8.14
C ILE A 261 -24.93 -36.03 -6.64
N VAL A 262 -23.67 -35.96 -6.26
CA VAL A 262 -23.26 -35.93 -4.86
C VAL A 262 -22.80 -34.50 -4.55
N LEU A 263 -23.61 -33.78 -3.77
CA LEU A 263 -23.27 -32.44 -3.32
C LEU A 263 -22.66 -32.57 -1.93
N ASP A 264 -21.33 -32.55 -1.88
CA ASP A 264 -20.59 -32.77 -0.63
C ASP A 264 -20.47 -31.47 0.14
N ASP A 265 -20.71 -31.54 1.45
CA ASP A 265 -20.46 -30.44 2.38
C ASP A 265 -21.24 -29.18 1.99
N VAL A 266 -22.56 -29.30 2.03
CA VAL A 266 -23.45 -28.15 1.88
C VAL A 266 -23.67 -27.55 3.25
N TRP A 267 -23.48 -26.23 3.37
CA TRP A 267 -23.50 -25.57 4.67
C TRP A 267 -24.72 -24.72 4.92
N SER A 268 -25.40 -24.25 3.88
CA SER A 268 -26.58 -23.42 4.04
C SER A 268 -27.60 -23.78 2.97
N PRO A 269 -28.89 -23.59 3.26
CA PRO A 269 -29.91 -23.80 2.22
C PRO A 269 -29.78 -22.85 1.05
N ASP A 270 -29.17 -21.68 1.24
CA ASP A 270 -28.98 -20.75 0.14
C ASP A 270 -28.10 -21.35 -0.95
N ALA A 271 -27.00 -22.00 -0.54
CA ALA A 271 -26.14 -22.67 -1.52
C ALA A 271 -26.88 -23.79 -2.23
N TRP A 272 -27.69 -24.55 -1.50
CA TRP A 272 -28.47 -25.62 -2.10
C TRP A 272 -29.43 -25.07 -3.15
N GLU A 273 -30.10 -23.96 -2.85
CA GLU A 273 -31.03 -23.37 -3.81
C GLU A 273 -30.31 -22.77 -5.01
N ARG A 274 -29.13 -22.17 -4.79
CA ARG A 274 -28.40 -21.57 -5.90
C ARG A 274 -27.84 -22.63 -6.85
N ILE A 275 -27.35 -23.74 -6.29
CA ILE A 275 -26.75 -24.77 -7.14
C ILE A 275 -27.83 -25.64 -7.79
N ARG A 276 -29.01 -25.77 -7.16
CA ARG A 276 -30.04 -26.67 -7.66
C ARG A 276 -30.60 -26.24 -9.02
N ILE A 277 -30.36 -25.00 -9.44
CA ILE A 277 -30.93 -24.52 -10.69
C ILE A 277 -30.31 -25.16 -11.92
N ALA A 278 -29.22 -25.92 -11.75
CA ALA A 278 -28.56 -26.58 -12.87
C ALA A 278 -28.99 -28.02 -13.07
N PHE A 279 -29.87 -28.55 -12.21
CA PHE A 279 -30.25 -29.95 -12.28
C PHE A 279 -31.69 -30.09 -12.77
N PRO A 280 -31.92 -30.67 -13.94
CA PRO A 280 -33.29 -30.77 -14.46
C PRO A 280 -34.11 -31.81 -13.72
N ASN A 281 -35.42 -31.61 -13.74
CA ASN A 281 -36.40 -32.57 -13.23
C ASN A 281 -37.24 -33.02 -14.42
N ASN A 282 -36.76 -34.04 -15.13
CA ASN A 282 -37.35 -34.50 -16.38
C ASN A 282 -38.14 -35.79 -16.21
N ASN A 283 -38.77 -35.97 -15.04
CA ASN A 283 -39.62 -37.13 -14.75
C ASN A 283 -38.87 -38.45 -14.90
N LYS A 284 -37.55 -38.43 -14.71
CA LYS A 284 -36.75 -39.64 -14.56
C LYS A 284 -36.29 -39.74 -13.11
N SER A 285 -35.99 -40.97 -12.70
CA SER A 285 -35.60 -41.20 -11.31
C SER A 285 -34.21 -40.64 -11.05
N ASN A 286 -34.08 -39.32 -11.15
CA ASN A 286 -32.81 -38.65 -10.88
C ASN A 286 -32.67 -38.40 -9.40
N ARG A 287 -31.47 -38.62 -8.88
CA ARG A 287 -31.23 -38.56 -7.45
C ARG A 287 -30.08 -37.60 -7.13
N ILE A 288 -30.17 -36.99 -5.96
CA ILE A 288 -29.12 -36.14 -5.43
C ILE A 288 -28.74 -36.67 -4.05
N LEU A 289 -27.45 -36.91 -3.85
CA LEU A 289 -26.93 -37.35 -2.55
C LEU A 289 -26.26 -36.15 -1.90
N LEU A 290 -26.70 -35.82 -0.69
CA LEU A 290 -26.27 -34.60 -0.02
C LEU A 290 -25.73 -34.94 1.36
N THR A 291 -24.52 -34.45 1.66
CA THR A 291 -23.89 -34.63 2.94
C THR A 291 -23.70 -33.26 3.59
N THR A 292 -24.16 -33.12 4.83
CA THR A 292 -24.11 -31.83 5.51
C THR A 292 -24.00 -32.05 7.01
N ARG A 293 -23.49 -31.04 7.70
CA ARG A 293 -23.43 -31.04 9.15
C ARG A 293 -24.71 -30.52 9.79
N ASP A 294 -25.34 -29.53 9.17
CA ASP A 294 -26.54 -28.92 9.71
C ASP A 294 -27.79 -29.70 9.30
N SER A 295 -28.70 -29.88 10.25
CA SER A 295 -29.95 -30.57 9.98
C SER A 295 -30.94 -29.70 9.19
N LYS A 296 -30.77 -28.38 9.22
CA LYS A 296 -31.68 -27.51 8.48
C LYS A 296 -31.53 -27.68 6.98
N VAL A 297 -30.30 -27.90 6.50
CA VAL A 297 -30.09 -28.07 5.06
C VAL A 297 -30.71 -29.36 4.55
N ALA A 298 -30.98 -30.33 5.43
CA ALA A 298 -31.57 -31.59 5.03
C ALA A 298 -33.10 -31.54 4.99
N LYS A 299 -33.70 -30.41 5.37
CA LYS A 299 -35.15 -30.30 5.42
C LYS A 299 -35.67 -29.33 4.37
N PRO A 308 -34.34 -37.32 6.70
CA PRO A 308 -32.93 -37.43 6.34
C PRO A 308 -32.33 -38.77 6.75
N HIS A 309 -31.03 -38.94 6.54
CA HIS A 309 -30.29 -40.12 6.93
C HIS A 309 -29.25 -39.73 7.96
N ASP A 310 -29.47 -40.08 9.22
CA ASP A 310 -28.51 -39.81 10.29
C ASP A 310 -27.45 -40.91 10.28
N LEU A 311 -26.23 -40.54 9.94
CA LEU A 311 -25.15 -41.51 9.83
C LEU A 311 -24.85 -42.14 11.18
N LYS A 312 -24.54 -43.43 11.17
CA LYS A 312 -24.30 -44.16 12.41
C LYS A 312 -22.90 -43.90 12.93
N PHE A 313 -22.68 -44.28 14.19
CA PHE A 313 -21.36 -44.31 14.79
C PHE A 313 -20.81 -45.73 14.73
N LEU A 314 -19.48 -45.81 14.60
CA LEU A 314 -18.82 -47.11 14.64
C LEU A 314 -18.96 -47.74 16.02
N THR A 315 -19.15 -49.05 16.06
CA THR A 315 -19.21 -49.75 17.33
C THR A 315 -17.80 -49.90 17.91
N GLU A 316 -17.73 -50.48 19.11
CA GLU A 316 -16.43 -50.68 19.75
C GLU A 316 -15.58 -51.65 18.94
N ASP A 317 -16.17 -52.76 18.49
CA ASP A 317 -15.45 -53.71 17.67
C ASP A 317 -15.02 -53.09 16.35
N GLU A 318 -15.91 -52.31 15.72
CA GLU A 318 -15.55 -51.64 14.48
C GLU A 318 -14.46 -50.60 14.70
N SER A 319 -14.52 -49.89 15.83
CA SER A 319 -13.46 -48.93 16.15
C SER A 319 -12.12 -49.62 16.30
N TRP A 320 -12.09 -50.76 17.01
CA TRP A 320 -10.84 -51.49 17.15
C TRP A 320 -10.35 -52.03 15.81
N ILE A 321 -11.27 -52.51 14.97
CA ILE A 321 -10.88 -52.99 13.65
C ILE A 321 -10.25 -51.87 12.84
N LEU A 322 -10.87 -50.69 12.86
CA LEU A 322 -10.33 -49.56 12.11
C LEU A 322 -8.96 -49.14 12.64
N LEU A 323 -8.80 -49.08 13.96
CA LEU A 323 -7.51 -48.70 14.53
C LEU A 323 -6.43 -49.71 14.17
N GLU A 324 -6.75 -51.00 14.26
CA GLU A 324 -5.78 -52.04 13.92
C GLU A 324 -5.39 -51.97 12.45
N LYS A 325 -6.38 -51.74 11.57
CA LYS A 325 -6.08 -51.63 10.15
C LYS A 325 -5.22 -50.41 9.85
N LYS A 326 -5.47 -49.30 10.56
CA LYS A 326 -4.73 -48.07 10.29
C LYS A 326 -3.32 -48.11 10.86
N VAL A 327 -3.10 -48.78 11.98
CA VAL A 327 -1.76 -48.83 12.57
C VAL A 327 -0.96 -49.99 12.01
N PHE A 328 -1.52 -51.20 12.03
CA PHE A 328 -0.88 -52.39 11.49
C PHE A 328 -1.55 -52.72 10.17
N HIS A 329 -0.92 -52.29 9.07
CA HIS A 329 -1.47 -52.52 7.74
C HIS A 329 -1.48 -54.02 7.40
N GLU A 338 -4.58 -56.48 21.50
CA GLU A 338 -3.89 -55.68 22.51
C GLU A 338 -4.88 -54.92 23.37
N LEU A 339 -4.73 -55.05 24.70
CA LEU A 339 -5.62 -54.36 25.62
C LEU A 339 -5.47 -52.85 25.49
N SER A 340 -4.23 -52.36 25.37
CA SER A 340 -4.02 -50.92 25.21
C SER A 340 -4.66 -50.41 23.93
N GLY A 341 -4.50 -51.15 22.82
CA GLY A 341 -5.13 -50.73 21.59
C GLY A 341 -6.65 -50.74 21.65
N LYS A 342 -7.21 -51.77 22.29
CA LYS A 342 -8.66 -51.84 22.43
C LYS A 342 -9.19 -50.71 23.31
N SER A 343 -8.44 -50.34 24.35
CA SER A 343 -8.87 -49.24 25.21
C SER A 343 -8.70 -47.89 24.50
N ILE A 344 -7.71 -47.77 23.62
CA ILE A 344 -7.56 -46.54 22.86
C ILE A 344 -8.68 -46.40 21.84
N ALA A 345 -9.04 -47.49 21.16
CA ALA A 345 -10.12 -47.43 20.19
C ALA A 345 -11.47 -47.24 20.85
N LYS A 346 -11.64 -47.73 22.08
CA LYS A 346 -12.90 -47.54 22.80
C LYS A 346 -13.09 -46.09 23.21
N LYS A 347 -12.00 -45.37 23.47
CA LYS A 347 -12.07 -43.99 23.92
C LYS A 347 -12.34 -43.01 22.79
N CYS A 348 -12.36 -43.47 21.54
CA CYS A 348 -12.70 -42.62 20.41
C CYS A 348 -14.21 -42.50 20.19
N ASN A 349 -15.01 -43.28 20.93
CA ASN A 349 -16.46 -43.15 20.93
C ASN A 349 -17.06 -43.33 19.54
N GLY A 350 -16.47 -44.23 18.75
CA GLY A 350 -17.02 -44.55 17.46
C GLY A 350 -16.91 -43.46 16.41
N LEU A 351 -16.04 -42.48 16.63
CA LEU A 351 -15.84 -41.43 15.64
C LEU A 351 -14.62 -41.79 14.80
N PRO A 352 -14.79 -42.08 13.51
CA PRO A 352 -13.64 -42.50 12.69
C PRO A 352 -12.56 -41.43 12.56
N LEU A 353 -12.90 -40.15 12.68
CA LEU A 353 -11.89 -39.11 12.62
C LEU A 353 -10.93 -39.19 13.79
N ALA A 354 -11.46 -39.41 15.00
CA ALA A 354 -10.60 -39.57 16.17
C ALA A 354 -9.74 -40.82 16.04
N ILE A 355 -10.32 -41.90 15.52
CA ILE A 355 -9.55 -43.13 15.33
C ILE A 355 -8.41 -42.89 14.36
N VAL A 356 -8.69 -42.17 13.26
CA VAL A 356 -7.66 -41.90 12.26
C VAL A 356 -6.55 -41.03 12.85
N VAL A 357 -6.93 -40.01 13.62
CA VAL A 357 -5.92 -39.13 14.22
C VAL A 357 -5.05 -39.89 15.22
N ILE A 358 -5.68 -40.71 16.07
CA ILE A 358 -4.92 -41.45 17.07
C ILE A 358 -4.07 -42.52 16.41
N ALA A 359 -4.52 -43.08 15.28
CA ALA A 359 -3.71 -44.06 14.57
C ALA A 359 -2.51 -43.40 13.92
N GLY A 360 -2.69 -42.20 13.35
CA GLY A 360 -1.55 -41.46 12.83
C GLY A 360 -0.55 -41.12 13.93
N ALA A 361 -1.05 -40.82 15.13
CA ALA A 361 -0.16 -40.57 16.26
C ALA A 361 0.57 -41.85 16.68
N LEU A 362 -0.14 -42.98 16.69
CA LEU A 362 0.45 -44.23 17.17
C LEU A 362 1.44 -44.81 16.17
N ILE A 363 1.28 -44.52 14.88
CA ILE A 363 2.18 -45.08 13.88
C ILE A 363 3.61 -44.57 14.05
N GLY A 364 3.80 -43.42 14.70
CA GLY A 364 5.12 -42.88 14.90
C GLY A 364 5.84 -43.44 16.11
N LYS A 365 5.08 -43.98 17.06
CA LYS A 365 5.67 -44.53 18.27
C LYS A 365 6.09 -45.98 18.05
N GLY A 366 6.99 -46.45 18.91
CA GLY A 366 7.42 -47.84 18.83
C GLY A 366 6.34 -48.79 19.28
N LYS A 367 6.41 -50.01 18.75
CA LYS A 367 5.43 -51.05 19.07
C LYS A 367 5.77 -51.73 20.40
N THR A 368 5.72 -50.93 21.46
CA THR A 368 5.99 -51.38 22.82
C THR A 368 4.78 -51.09 23.69
N SER A 369 4.44 -52.04 24.56
CA SER A 369 3.27 -51.89 25.42
C SER A 369 3.39 -50.72 26.37
N ARG A 370 4.62 -50.29 26.70
CA ARG A 370 4.79 -49.15 27.58
C ARG A 370 4.51 -47.83 26.87
N GLU A 371 4.81 -47.75 25.58
CA GLU A 371 4.54 -46.54 24.81
C GLU A 371 3.09 -46.46 24.33
N TRP A 372 2.36 -47.57 24.35
CA TRP A 372 0.94 -47.54 24.05
C TRP A 372 0.09 -47.27 25.28
N LYS A 373 0.60 -47.60 26.47
CA LYS A 373 -0.08 -47.22 27.71
C LYS A 373 0.08 -45.74 28.02
N GLN A 374 1.12 -45.09 27.48
CA GLN A 374 1.26 -43.66 27.65
C GLN A 374 0.23 -42.89 26.83
N VAL A 375 -0.31 -43.51 25.76
CA VAL A 375 -1.42 -42.92 25.01
C VAL A 375 -2.75 -43.20 25.68
N ASP A 376 -2.76 -44.04 26.72
CA ASP A 376 -3.96 -44.39 27.48
C ASP A 376 -4.98 -45.11 26.60
N CYS A 392 -9.81 -33.61 13.65
CA CYS A 392 -8.94 -33.03 14.66
C CYS A 392 -9.51 -31.73 15.21
N ASN A 393 -8.75 -30.65 15.08
CA ASN A 393 -9.14 -29.36 15.62
C ASN A 393 -9.63 -28.38 14.56
N LYS A 394 -9.08 -28.45 13.34
CA LYS A 394 -9.51 -27.54 12.29
C LYS A 394 -10.86 -27.92 11.69
N LEU A 395 -11.22 -29.20 11.71
CA LEU A 395 -12.53 -29.61 11.22
C LEU A 395 -13.64 -29.12 12.14
N VAL A 396 -13.44 -29.23 13.45
CA VAL A 396 -14.43 -28.75 14.40
C VAL A 396 -14.54 -27.24 14.36
N GLN A 397 -13.42 -26.54 14.13
CA GLN A 397 -13.44 -25.08 14.05
C GLN A 397 -14.28 -24.58 12.90
N LEU A 398 -14.53 -25.41 11.88
CA LEU A 398 -15.36 -24.98 10.76
C LEU A 398 -16.79 -24.70 11.21
N SER A 399 -17.35 -25.57 12.04
CA SER A 399 -18.69 -25.36 12.58
C SER A 399 -18.70 -24.46 13.80
N TYR A 400 -17.60 -24.36 14.54
CA TYR A 400 -17.54 -23.47 15.69
C TYR A 400 -17.40 -22.02 15.27
N ASP A 401 -16.70 -21.74 14.17
CA ASP A 401 -16.53 -20.37 13.70
C ASP A 401 -17.80 -19.83 13.04
N ARG A 402 -18.76 -20.68 12.71
CA ARG A 402 -20.03 -20.23 12.15
C ARG A 402 -21.04 -19.84 13.21
N LEU A 403 -20.74 -20.08 14.48
CA LEU A 403 -21.61 -19.68 15.58
C LEU A 403 -21.51 -18.18 15.82
N SER A 404 -22.57 -17.62 16.39
CA SER A 404 -22.54 -16.22 16.77
C SER A 404 -21.68 -16.02 18.02
N TYR A 405 -21.46 -14.76 18.37
CA TYR A 405 -20.59 -14.46 19.51
C TYR A 405 -21.17 -15.02 20.81
N ASP A 406 -22.49 -14.90 20.99
CA ASP A 406 -23.13 -15.43 22.19
C ASP A 406 -23.25 -16.95 22.15
N LEU A 407 -23.56 -17.50 20.98
CA LEU A 407 -23.67 -18.94 20.83
C LEU A 407 -22.35 -19.66 21.03
N LYS A 408 -21.22 -18.98 20.76
CA LYS A 408 -19.93 -19.59 21.04
C LYS A 408 -19.72 -19.76 22.54
N ALA A 409 -20.06 -18.74 23.33
CA ALA A 409 -19.95 -18.85 24.78
C ALA A 409 -20.95 -19.84 25.35
N CYS A 410 -22.15 -19.90 24.76
CA CYS A 410 -23.13 -20.90 25.18
C CYS A 410 -22.63 -22.31 24.89
N PHE A 411 -21.94 -22.49 23.76
CA PHE A 411 -21.45 -23.81 23.38
C PHE A 411 -20.28 -24.23 24.27
N LEU A 412 -19.34 -23.31 24.51
CA LEU A 412 -18.18 -23.62 25.35
C LEU A 412 -18.59 -23.92 26.79
N TYR A 413 -19.66 -23.30 27.27
CA TYR A 413 -20.13 -23.55 28.62
C TYR A 413 -20.63 -24.97 28.79
N CYS A 414 -21.05 -25.63 27.71
CA CYS A 414 -21.43 -27.04 27.78
C CYS A 414 -20.25 -27.94 28.08
N GLY A 415 -19.02 -27.47 27.85
CA GLY A 415 -17.84 -28.22 28.20
C GLY A 415 -17.49 -28.19 29.67
N ALA A 416 -18.18 -27.36 30.46
CA ALA A 416 -17.97 -27.37 31.90
C ALA A 416 -18.45 -28.67 32.52
N PHE A 417 -19.58 -29.20 32.03
CA PHE A 417 -20.09 -30.46 32.53
C PHE A 417 -19.09 -31.58 32.22
N PRO A 418 -18.87 -32.50 33.16
CA PRO A 418 -17.84 -33.54 32.97
C PRO A 418 -18.14 -34.41 31.76
N GLY A 419 -17.12 -35.18 31.37
CA GLY A 419 -17.26 -36.02 30.19
C GLY A 419 -18.35 -37.07 30.37
N GLY A 420 -19.21 -37.17 29.36
CA GLY A 420 -20.30 -38.13 29.40
C GLY A 420 -21.47 -37.74 30.27
N PHE A 421 -21.44 -36.55 30.85
CA PHE A 421 -22.51 -36.13 31.75
C PHE A 421 -23.80 -35.87 30.99
N GLU A 422 -24.92 -36.23 31.59
CA GLU A 422 -26.24 -35.97 31.02
C GLU A 422 -26.68 -34.58 31.47
N ILE A 423 -26.46 -33.59 30.62
CA ILE A 423 -26.77 -32.20 30.96
C ILE A 423 -28.28 -32.01 30.97
N PRO A 424 -28.87 -31.59 32.08
CA PRO A 424 -30.30 -31.25 32.07
C PRO A 424 -30.52 -29.94 31.31
N ALA A 425 -31.46 -29.97 30.37
CA ALA A 425 -31.68 -28.82 29.51
C ALA A 425 -32.14 -27.60 30.29
N TRP A 426 -33.05 -27.81 31.26
CA TRP A 426 -33.52 -26.69 32.08
C TRP A 426 -32.38 -26.07 32.88
N LYS A 427 -31.54 -26.91 33.49
CA LYS A 427 -30.41 -26.40 34.26
C LYS A 427 -29.43 -25.67 33.36
N LEU A 428 -29.17 -26.21 32.17
CA LEU A 428 -28.28 -25.54 31.23
C LEU A 428 -28.82 -24.18 30.81
N ILE A 429 -30.13 -24.10 30.56
CA ILE A 429 -30.74 -22.84 30.16
C ILE A 429 -30.66 -21.82 31.30
N ARG A 430 -30.97 -22.24 32.52
CA ARG A 430 -30.90 -21.32 33.65
C ARG A 430 -29.47 -20.87 33.90
N LEU A 431 -28.51 -21.76 33.76
CA LEU A 431 -27.10 -21.40 33.90
C LEU A 431 -26.67 -20.40 32.83
N TRP A 432 -27.12 -20.62 31.59
CA TRP A 432 -26.80 -19.69 30.51
C TRP A 432 -27.37 -18.30 30.81
N ILE A 433 -28.61 -18.25 31.29
CA ILE A 433 -29.22 -16.96 31.60
C ILE A 433 -28.48 -16.27 32.74
N ALA A 434 -28.11 -17.04 33.77
CA ALA A 434 -27.42 -16.45 34.92
C ALA A 434 -26.02 -15.97 34.56
N GLU A 435 -25.31 -16.68 33.69
CA GLU A 435 -23.97 -16.27 33.31
C GLU A 435 -23.93 -15.03 32.44
N GLY A 436 -25.09 -14.56 31.96
CA GLY A 436 -25.14 -13.39 31.11
C GLY A 436 -24.95 -13.66 29.64
N PHE A 437 -24.88 -14.93 29.22
CA PHE A 437 -24.75 -15.23 27.80
C PHE A 437 -26.01 -14.87 27.02
N ILE A 438 -27.18 -15.05 27.63
CA ILE A 438 -28.44 -14.77 26.96
C ILE A 438 -28.80 -13.29 27.12
N SER A 445 -38.90 -13.91 25.65
CA SER A 445 -38.32 -14.12 26.98
C SER A 445 -36.88 -14.62 26.88
N LEU A 446 -36.17 -14.61 28.01
CA LEU A 446 -34.81 -15.13 28.04
C LEU A 446 -34.81 -16.66 27.90
N GLU A 447 -35.81 -17.32 28.49
CA GLU A 447 -35.91 -18.77 28.36
C GLU A 447 -36.12 -19.19 26.91
N CYS A 448 -36.96 -18.46 26.19
CA CYS A 448 -37.18 -18.78 24.77
C CYS A 448 -35.91 -18.64 23.97
N LYS A 449 -35.14 -17.57 24.22
CA LYS A 449 -33.88 -17.39 23.49
C LYS A 449 -32.88 -18.49 23.86
N ALA A 450 -32.84 -18.89 25.13
CA ALA A 450 -31.93 -19.95 25.54
C ALA A 450 -32.29 -21.30 24.90
N GLU A 451 -33.59 -21.61 24.85
CA GLU A 451 -34.01 -22.85 24.17
C GLU A 451 -33.73 -22.76 22.68
N ASP A 452 -33.87 -21.57 22.10
CA ASP A 452 -33.51 -21.40 20.70
C ASP A 452 -32.02 -21.63 20.47
N ASN A 453 -31.18 -21.15 21.40
CA ASN A 453 -29.74 -21.39 21.30
C ASN A 453 -29.42 -22.87 21.41
N LEU A 454 -30.08 -23.57 22.35
CA LEU A 454 -29.85 -25.01 22.48
C LEU A 454 -30.27 -25.76 21.23
N ASN A 455 -31.43 -25.40 20.66
CA ASN A 455 -31.88 -26.05 19.44
C ASN A 455 -30.98 -25.71 18.25
N ASP A 456 -30.41 -24.50 18.23
CA ASP A 456 -29.45 -24.15 17.20
C ASP A 456 -28.19 -24.99 17.31
N LEU A 457 -27.70 -25.20 18.53
CA LEU A 457 -26.54 -26.06 18.73
C LEU A 457 -26.85 -27.50 18.33
N ILE A 458 -28.06 -27.96 18.62
CA ILE A 458 -28.44 -29.33 18.27
C ILE A 458 -28.55 -29.49 16.76
N ASN A 459 -29.15 -28.51 16.08
CA ASN A 459 -29.34 -28.60 14.64
C ASN A 459 -28.01 -28.65 13.91
N ARG A 460 -27.02 -27.91 14.40
CA ARG A 460 -25.67 -27.94 13.85
C ARG A 460 -24.91 -29.21 14.23
N ASN A 461 -25.55 -30.14 14.93
CA ASN A 461 -24.95 -31.41 15.36
C ASN A 461 -23.75 -31.19 16.26
N LEU A 462 -23.73 -30.07 16.99
CA LEU A 462 -22.71 -29.84 18.00
C LEU A 462 -23.11 -30.37 19.37
N VAL A 463 -24.38 -30.68 19.57
CA VAL A 463 -24.88 -31.20 20.84
C VAL A 463 -25.82 -32.38 20.54
N MET A 464 -25.67 -33.47 21.29
CA MET A 464 -26.44 -34.69 21.07
C MET A 464 -27.61 -34.74 22.03
N VAL A 465 -28.78 -35.09 21.52
CA VAL A 465 -29.98 -35.22 22.35
C VAL A 465 -30.22 -36.69 22.65
N MET A 466 -30.47 -37.00 23.93
CA MET A 466 -30.82 -38.36 24.33
C MET A 466 -32.23 -38.44 24.90
N GLN A 467 -32.55 -37.65 25.93
CA GLN A 467 -33.86 -37.69 26.55
C GLN A 467 -34.71 -36.52 26.07
N ARG A 468 -35.92 -36.83 25.62
CA ARG A 468 -36.89 -35.84 25.17
C ARG A 468 -38.16 -35.95 26.02
N THR A 469 -38.78 -34.80 26.25
CA THR A 469 -40.02 -34.79 27.01
C THR A 469 -41.13 -35.47 26.20
N SER A 470 -42.19 -35.87 26.91
CA SER A 470 -43.28 -36.60 26.27
C SER A 470 -43.95 -35.76 25.19
N ASP A 471 -43.90 -34.43 25.30
CA ASP A 471 -44.52 -33.54 24.35
C ASP A 471 -43.57 -33.12 23.23
N GLY A 472 -42.37 -33.69 23.17
CA GLY A 472 -41.42 -33.40 22.12
C GLY A 472 -40.29 -32.47 22.51
N GLN A 473 -40.38 -31.81 23.66
CA GLN A 473 -39.31 -30.94 24.12
C GLN A 473 -38.08 -31.76 24.51
N ILE A 474 -36.92 -31.10 24.52
CA ILE A 474 -35.68 -31.73 24.92
C ILE A 474 -35.58 -31.72 26.44
N LYS A 475 -35.17 -32.83 27.01
CA LYS A 475 -35.02 -32.96 28.46
C LYS A 475 -33.55 -32.96 28.88
N THR A 476 -32.73 -33.85 28.32
CA THR A 476 -31.32 -33.91 28.63
C THR A 476 -30.51 -33.99 27.34
N CYS A 477 -29.22 -33.70 27.46
CA CYS A 477 -28.31 -33.72 26.32
C CYS A 477 -26.89 -33.89 26.84
N ARG A 478 -25.96 -34.19 25.91
CA ARG A 478 -24.55 -34.28 26.26
C ARG A 478 -23.72 -33.87 25.04
N LEU A 479 -22.44 -33.66 25.30
CA LEU A 479 -21.46 -33.34 24.27
C LEU A 479 -20.70 -34.60 23.87
N HIS A 480 -20.46 -34.76 22.57
CA HIS A 480 -19.59 -35.84 22.13
C HIS A 480 -18.18 -35.61 22.68
N ASP A 481 -17.47 -36.71 22.94
CA ASP A 481 -16.20 -36.61 23.64
C ASP A 481 -15.18 -35.78 22.87
N MET A 482 -15.20 -35.84 21.54
CA MET A 482 -14.33 -34.95 20.77
C MET A 482 -14.80 -33.50 20.88
N LEU A 483 -16.11 -33.28 20.80
CA LEU A 483 -16.64 -31.94 21.03
C LEU A 483 -16.39 -31.48 22.46
N HIS A 484 -16.52 -32.40 23.42
CA HIS A 484 -16.23 -32.04 24.81
C HIS A 484 -14.78 -31.64 24.98
N GLU A 485 -13.85 -32.38 24.36
CA GLU A 485 -12.44 -32.03 24.45
C GLU A 485 -12.16 -30.69 23.78
N PHE A 486 -12.78 -30.45 22.62
CA PHE A 486 -12.62 -29.17 21.94
C PHE A 486 -13.10 -28.02 22.81
N CYS A 487 -14.30 -28.16 23.39
CA CYS A 487 -14.85 -27.11 24.23
C CYS A 487 -13.99 -26.88 25.45
N ARG A 488 -13.55 -27.95 26.11
CA ARG A 488 -12.71 -27.81 27.29
C ARG A 488 -11.40 -27.11 26.96
N GLN A 489 -10.72 -27.57 25.91
CA GLN A 489 -9.45 -26.96 25.53
C GLN A 489 -9.61 -25.50 25.17
N GLU A 490 -10.61 -25.18 24.36
CA GLU A 490 -10.80 -23.80 23.93
C GLU A 490 -11.13 -22.90 25.12
N ALA A 491 -12.14 -23.27 25.91
CA ALA A 491 -12.58 -22.42 27.01
C ALA A 491 -11.58 -22.37 28.15
N MET A 492 -10.66 -23.32 28.23
CA MET A 492 -9.65 -23.31 29.29
C MET A 492 -8.34 -22.65 28.87
N LYS A 493 -8.04 -22.61 27.57
CA LYS A 493 -6.78 -22.05 27.11
C LYS A 493 -6.95 -20.71 26.40
N GLU A 494 -7.82 -20.62 25.41
CA GLU A 494 -7.86 -19.45 24.54
C GLU A 494 -8.86 -18.40 25.00
N GLU A 495 -9.88 -18.77 25.78
CA GLU A 495 -10.88 -17.83 26.23
C GLU A 495 -10.90 -17.61 27.73
N ASN A 496 -10.37 -18.55 28.51
CA ASN A 496 -10.45 -18.50 29.97
C ASN A 496 -11.90 -18.39 30.44
N LEU A 497 -12.80 -19.05 29.71
CA LEU A 497 -14.20 -19.06 30.10
C LEU A 497 -14.40 -19.76 31.44
N PHE A 498 -13.75 -20.90 31.62
CA PHE A 498 -13.79 -21.62 32.88
C PHE A 498 -12.51 -22.44 33.01
N GLN A 499 -12.19 -22.82 34.25
CA GLN A 499 -11.01 -23.62 34.53
C GLN A 499 -11.42 -24.81 35.38
N GLU A 500 -11.02 -26.01 34.96
CA GLU A 500 -11.32 -27.22 35.68
C GLU A 500 -10.22 -27.53 36.68
N ILE A 501 -10.62 -27.93 37.89
CA ILE A 501 -9.66 -28.18 38.96
C ILE A 501 -9.60 -29.67 39.27
N PHE A 509 -3.46 -28.87 42.45
CA PHE A 509 -4.37 -27.75 42.68
C PHE A 509 -3.70 -26.44 42.29
N PRO A 510 -4.46 -25.54 41.67
CA PRO A 510 -3.88 -24.25 41.25
C PRO A 510 -3.39 -23.44 42.44
N GLY A 511 -2.29 -22.71 42.21
CA GLY A 511 -1.71 -21.90 43.26
C GLY A 511 -2.46 -20.61 43.48
N LYS A 512 -2.03 -19.87 44.50
CA LYS A 512 -2.67 -18.59 44.81
C LYS A 512 -2.47 -17.58 43.69
N ARG A 513 -1.36 -17.66 42.97
CA ARG A 513 -1.15 -16.77 41.83
C ARG A 513 -2.01 -17.18 40.64
N GLU A 514 -2.23 -18.48 40.45
CA GLU A 514 -3.04 -18.95 39.33
C GLU A 514 -4.54 -18.72 39.57
N LEU A 515 -5.00 -18.90 40.81
CA LEU A 515 -6.41 -18.72 41.10
C LEU A 515 -6.84 -17.26 41.04
N ALA A 516 -5.91 -16.31 41.10
CA ALA A 516 -6.25 -14.90 40.98
C ALA A 516 -6.65 -14.52 39.57
N THR A 517 -6.36 -15.35 38.57
CA THR A 517 -6.76 -15.09 37.20
C THR A 517 -7.97 -15.91 36.76
N TYR A 518 -8.38 -16.90 37.53
CA TYR A 518 -9.50 -17.74 37.15
C TYR A 518 -10.81 -16.96 37.24
N ARG A 519 -11.69 -17.19 36.26
CA ARG A 519 -12.99 -16.55 36.22
C ARG A 519 -14.12 -17.46 36.68
N ARG A 520 -14.07 -18.74 36.28
CA ARG A 520 -15.06 -19.72 36.71
C ARG A 520 -14.34 -21.00 37.10
N LEU A 521 -14.89 -21.70 38.09
CA LEU A 521 -14.32 -22.94 38.59
C LEU A 521 -15.30 -24.09 38.38
N CYS A 522 -14.80 -25.19 37.84
CA CYS A 522 -15.55 -26.43 37.72
C CYS A 522 -14.74 -27.54 38.36
N ILE A 523 -15.19 -28.03 39.51
CA ILE A 523 -14.52 -29.13 40.20
C ILE A 523 -15.56 -30.17 40.55
N HIS A 524 -15.31 -31.41 40.12
CA HIS A 524 -16.21 -32.53 40.41
C HIS A 524 -15.50 -33.71 41.08
N SER A 525 -14.17 -33.69 41.17
CA SER A 525 -13.41 -34.74 41.82
C SER A 525 -12.53 -34.13 42.89
N SER A 526 -12.46 -34.78 44.05
CA SER A 526 -11.69 -34.29 45.21
C SER A 526 -12.13 -32.89 45.60
N VAL A 527 -13.45 -32.71 45.76
CA VAL A 527 -13.99 -31.41 46.16
C VAL A 527 -13.55 -31.07 47.58
N LEU A 528 -13.64 -32.04 48.49
CA LEU A 528 -13.25 -31.79 49.88
C LEU A 528 -11.77 -31.49 50.01
N GLU A 529 -10.93 -32.20 49.26
CA GLU A 529 -9.49 -31.96 49.32
C GLU A 529 -9.14 -30.55 48.87
N PHE A 530 -9.76 -30.07 47.78
CA PHE A 530 -9.54 -28.71 47.33
C PHE A 530 -10.12 -27.70 48.30
N ILE A 531 -11.26 -28.01 48.91
CA ILE A 531 -11.91 -27.08 49.83
C ILE A 531 -11.07 -26.92 51.09
N SER A 532 -10.48 -28.01 51.59
CA SER A 532 -9.65 -27.95 52.78
C SER A 532 -8.39 -27.11 52.60
N THR A 533 -7.96 -26.88 51.35
CA THR A 533 -6.81 -26.02 51.10
C THR A 533 -7.11 -24.54 51.29
N LYS A 534 -8.37 -24.20 51.54
CA LYS A 534 -8.82 -22.82 51.74
C LYS A 534 -8.49 -21.97 50.52
N PRO A 535 -9.12 -22.21 49.38
CA PRO A 535 -8.84 -21.40 48.19
C PRO A 535 -9.43 -20.00 48.33
N SER A 536 -8.85 -19.07 47.57
CA SER A 536 -9.29 -17.68 47.60
C SER A 536 -9.15 -17.11 46.19
N GLY A 537 -10.28 -16.88 45.53
CA GLY A 537 -10.26 -16.26 44.22
C GLY A 537 -11.07 -14.97 44.19
N GLU A 538 -10.37 -13.84 44.00
CA GLU A 538 -11.03 -12.54 44.02
C GLU A 538 -11.76 -12.21 42.72
N HIS A 539 -11.50 -12.94 41.64
CA HIS A 539 -12.16 -12.71 40.36
C HIS A 539 -13.04 -13.87 39.93
N VAL A 540 -13.16 -14.92 40.74
CA VAL A 540 -13.97 -16.08 40.38
C VAL A 540 -15.45 -15.68 40.46
N ARG A 541 -16.17 -15.88 39.36
CA ARG A 541 -17.58 -15.50 39.30
C ARG A 541 -18.52 -16.69 39.39
N SER A 542 -18.06 -17.90 39.09
CA SER A 542 -18.90 -19.09 39.14
C SER A 542 -18.17 -20.21 39.85
N PHE A 543 -18.93 -21.02 40.59
CA PHE A 543 -18.41 -22.21 41.27
C PHE A 543 -19.32 -23.36 40.88
N LEU A 544 -18.84 -24.20 39.96
CA LEU A 544 -19.62 -25.31 39.42
C LEU A 544 -19.08 -26.63 39.94
N SER A 545 -20.00 -27.51 40.34
CA SER A 545 -19.63 -28.83 40.83
C SER A 545 -20.71 -29.81 40.35
N PHE A 546 -20.44 -30.47 39.23
CA PHE A 546 -21.38 -31.40 38.62
C PHE A 546 -20.87 -32.82 38.86
N SER A 547 -21.32 -33.43 39.94
CA SER A 547 -20.98 -34.80 40.28
C SER A 547 -22.25 -35.55 40.66
N LEU A 548 -22.36 -36.80 40.24
CA LEU A 548 -23.53 -37.61 40.54
C LEU A 548 -23.46 -38.28 41.90
N LYS A 549 -22.32 -38.23 42.57
CA LYS A 549 -22.18 -38.78 43.91
C LYS A 549 -22.35 -37.65 44.93
N LYS A 550 -23.21 -37.88 45.92
CA LYS A 550 -23.48 -36.85 46.90
C LYS A 550 -22.30 -36.68 47.85
N ILE A 551 -22.06 -35.44 48.27
CA ILE A 551 -20.92 -35.09 49.11
C ILE A 551 -21.44 -34.33 50.32
N GLU A 552 -21.04 -34.78 51.51
CA GLU A 552 -21.37 -34.08 52.75
C GLU A 552 -20.26 -33.09 53.07
N MET A 553 -20.63 -31.83 53.27
CA MET A 553 -19.67 -30.77 53.43
C MET A 553 -19.37 -30.57 54.91
N PRO A 554 -18.11 -30.71 55.35
CA PRO A 554 -17.82 -30.60 56.77
C PRO A 554 -18.17 -29.23 57.33
N SER A 555 -18.59 -29.21 58.60
CA SER A 555 -19.04 -27.98 59.23
C SER A 555 -17.91 -26.97 59.34
N VAL A 556 -16.69 -27.42 59.62
CA VAL A 556 -15.56 -26.51 59.74
C VAL A 556 -15.25 -25.84 58.41
N ASP A 557 -15.64 -26.47 57.30
CA ASP A 557 -15.39 -25.96 55.96
C ASP A 557 -16.60 -25.29 55.34
N ILE A 558 -17.65 -25.03 56.12
CA ILE A 558 -18.88 -24.46 55.54
C ILE A 558 -18.65 -23.11 54.88
N PRO A 559 -18.02 -22.11 55.54
CA PRO A 559 -18.00 -20.77 54.94
C PRO A 559 -16.82 -20.51 54.02
N THR A 560 -16.09 -21.55 53.62
CA THR A 560 -14.86 -21.33 52.87
C THR A 560 -15.14 -20.78 51.47
N ILE A 561 -16.22 -21.24 50.84
CA ILE A 561 -16.52 -20.82 49.47
C ILE A 561 -17.03 -19.38 49.45
N PRO A 562 -17.99 -18.99 50.30
CA PRO A 562 -18.38 -17.57 50.33
C PRO A 562 -17.27 -16.64 50.79
N LYS A 563 -16.26 -17.16 51.47
CA LYS A 563 -15.13 -16.34 51.91
C LYS A 563 -14.12 -16.14 50.80
N GLY A 564 -13.61 -17.25 50.23
CA GLY A 564 -12.59 -17.16 49.20
C GLY A 564 -13.10 -16.64 47.87
N PHE A 565 -14.40 -16.75 47.61
CA PHE A 565 -15.00 -16.31 46.35
C PHE A 565 -16.18 -15.40 46.68
N PRO A 566 -15.92 -14.14 47.02
CA PRO A 566 -17.00 -13.23 47.40
C PRO A 566 -17.76 -12.64 46.23
N LEU A 567 -17.27 -12.78 45.00
CA LEU A 567 -17.90 -12.21 43.83
C LEU A 567 -18.76 -13.23 43.08
N LEU A 568 -19.15 -14.31 43.73
CA LEU A 568 -19.85 -15.40 43.05
C LEU A 568 -21.17 -14.91 42.45
N ARG A 569 -21.38 -15.24 41.18
CA ARG A 569 -22.65 -15.03 40.50
C ARG A 569 -23.43 -16.32 40.33
N VAL A 570 -22.74 -17.42 40.08
CA VAL A 570 -23.35 -18.74 39.92
C VAL A 570 -22.74 -19.66 40.96
N PHE A 571 -23.60 -20.34 41.72
CA PHE A 571 -23.17 -21.26 42.78
C PHE A 571 -23.97 -22.54 42.63
N ASP A 572 -23.46 -23.48 41.85
CA ASP A 572 -24.12 -24.75 41.57
C ASP A 572 -23.40 -25.86 42.35
N VAL A 573 -23.84 -26.11 43.57
CA VAL A 573 -23.26 -27.13 44.41
C VAL A 573 -24.33 -28.13 44.84
N GLU A 574 -25.30 -28.39 43.95
CA GLU A 574 -26.40 -29.29 44.27
C GLU A 574 -25.95 -30.72 44.54
N SER A 575 -24.67 -31.03 44.36
CA SER A 575 -24.13 -32.32 44.73
C SER A 575 -23.45 -32.30 46.10
N ILE A 576 -23.51 -31.17 46.80
CA ILE A 576 -22.87 -31.01 48.10
C ILE A 576 -23.93 -30.68 49.13
N ASN A 577 -23.97 -31.45 50.22
CA ASN A 577 -24.92 -31.23 51.29
C ASN A 577 -24.38 -30.19 52.25
N PHE A 578 -25.19 -29.15 52.51
CA PHE A 578 -24.82 -28.09 53.45
C PHE A 578 -25.71 -28.21 54.69
N SER A 579 -25.08 -28.51 55.83
CA SER A 579 -25.84 -28.68 57.06
C SER A 579 -26.49 -27.38 57.50
N ARG A 580 -25.79 -26.26 57.35
CA ARG A 580 -26.31 -24.96 57.77
C ARG A 580 -25.67 -23.87 56.93
N PHE A 581 -26.29 -22.69 56.95
CA PHE A 581 -25.79 -21.53 56.24
C PHE A 581 -24.98 -20.65 57.18
N SER A 582 -23.77 -20.31 56.78
CA SER A 582 -22.94 -19.41 57.55
C SER A 582 -23.31 -17.95 57.28
N LYS A 583 -22.76 -17.06 58.09
CA LYS A 583 -23.00 -15.63 57.91
C LYS A 583 -22.34 -15.07 56.66
N GLU A 584 -21.42 -15.81 56.04
CA GLU A 584 -20.77 -15.35 54.82
C GLU A 584 -21.60 -15.61 53.58
N PHE A 585 -22.54 -16.56 53.62
CA PHE A 585 -23.39 -16.82 52.46
C PHE A 585 -24.26 -15.60 52.15
N PHE A 586 -24.78 -14.94 53.18
CA PHE A 586 -25.62 -13.76 52.99
C PHE A 586 -24.85 -12.56 52.48
N GLN A 587 -23.53 -12.61 52.45
CA GLN A 587 -22.72 -11.53 51.91
C GLN A 587 -22.47 -11.68 50.42
N LEU A 588 -22.98 -12.73 49.78
CA LEU A 588 -22.83 -12.93 48.34
C LEU A 588 -23.90 -12.14 47.60
N TYR A 589 -23.70 -10.82 47.58
CA TYR A 589 -24.69 -9.92 46.99
C TYR A 589 -24.75 -10.05 45.48
N HIS A 590 -23.74 -10.63 44.84
CA HIS A 590 -23.69 -10.77 43.40
C HIS A 590 -24.35 -12.06 42.91
N LEU A 591 -24.86 -12.89 43.81
CA LEU A 591 -25.43 -14.18 43.42
C LEU A 591 -26.64 -14.00 42.51
N ARG A 592 -26.63 -14.71 41.39
CA ARG A 592 -27.76 -14.80 40.48
C ARG A 592 -28.34 -16.20 40.38
N TYR A 593 -27.49 -17.22 40.45
CA TYR A 593 -27.91 -18.61 40.37
C TYR A 593 -27.38 -19.33 41.60
N ILE A 594 -28.29 -19.72 42.49
CA ILE A 594 -27.96 -20.48 43.70
C ILE A 594 -28.68 -21.81 43.60
N ALA A 595 -27.92 -22.90 43.78
CA ALA A 595 -28.46 -24.26 43.70
C ALA A 595 -27.68 -25.12 44.67
N PHE A 596 -28.30 -25.45 45.80
CA PHE A 596 -27.65 -26.23 46.85
C PHE A 596 -28.53 -27.40 47.25
N SER A 597 -27.89 -28.44 47.76
CA SER A 597 -28.58 -29.59 48.31
C SER A 597 -28.38 -29.63 49.82
N SER A 598 -29.37 -30.17 50.53
CA SER A 598 -29.31 -30.24 51.97
C SER A 598 -30.05 -31.47 52.46
N ASP A 599 -29.76 -31.84 53.71
CA ASP A 599 -30.41 -32.97 54.36
C ASP A 599 -31.26 -32.59 55.55
N THR A 600 -30.98 -31.47 56.21
CA THR A 600 -31.68 -31.09 57.44
C THR A 600 -32.16 -29.63 57.43
N ILE A 601 -32.02 -28.92 56.32
CA ILE A 601 -32.48 -27.53 56.26
C ILE A 601 -34.00 -27.56 56.07
N LYS A 602 -34.71 -27.16 57.12
CA LYS A 602 -36.17 -27.10 57.10
C LYS A 602 -36.70 -25.68 57.00
N ILE A 603 -35.82 -24.70 56.86
CA ILE A 603 -36.22 -23.29 56.90
C ILE A 603 -35.17 -22.47 56.17
N ILE A 604 -35.64 -21.58 55.30
CA ILE A 604 -34.78 -20.65 54.56
C ILE A 604 -34.78 -19.34 55.33
N PRO A 605 -33.62 -18.81 55.73
CA PRO A 605 -33.60 -17.60 56.55
C PRO A 605 -34.05 -16.37 55.76
N LYS A 606 -34.52 -15.37 56.52
CA LYS A 606 -34.94 -14.11 55.93
C LYS A 606 -33.77 -13.31 55.36
N HIS A 607 -32.53 -13.67 55.69
CA HIS A 607 -31.37 -12.98 55.14
C HIS A 607 -31.10 -13.34 53.69
N ILE A 608 -31.74 -14.37 53.16
CA ILE A 608 -31.64 -14.68 51.74
C ILE A 608 -32.25 -13.55 50.92
N GLY A 609 -33.33 -12.94 51.42
CA GLY A 609 -33.95 -11.81 50.74
C GLY A 609 -33.05 -10.60 50.61
N GLU A 610 -31.96 -10.55 51.40
CA GLU A 610 -30.98 -9.49 51.23
C GLU A 610 -30.24 -9.59 49.90
N LEU A 611 -30.25 -10.77 49.28
CA LEU A 611 -29.63 -10.97 47.97
C LEU A 611 -30.68 -10.68 46.92
N TRP A 612 -30.64 -9.48 46.35
CA TRP A 612 -31.66 -9.01 45.42
C TRP A 612 -31.34 -9.36 43.97
N ASN A 613 -30.18 -9.96 43.70
CA ASN A 613 -29.79 -10.32 42.35
C ASN A 613 -30.16 -11.75 41.97
N ILE A 614 -30.80 -12.50 42.89
CA ILE A 614 -31.07 -13.90 42.65
C ILE A 614 -32.06 -14.07 41.51
N GLN A 615 -31.71 -14.91 40.55
CA GLN A 615 -32.60 -15.29 39.46
C GLN A 615 -33.21 -16.68 39.66
N THR A 616 -32.37 -17.66 39.99
CA THR A 616 -32.80 -19.04 40.21
C THR A 616 -32.46 -19.45 41.62
N LEU A 617 -33.45 -19.97 42.34
CA LEU A 617 -33.28 -20.43 43.71
C LEU A 617 -33.73 -21.89 43.76
N ILE A 618 -32.75 -22.81 43.74
CA ILE A 618 -33.01 -24.24 43.74
C ILE A 618 -32.63 -24.77 45.12
N ILE A 619 -33.60 -25.35 45.82
CA ILE A 619 -33.41 -25.91 47.14
C ILE A 619 -33.74 -27.39 47.05
N ASN A 620 -32.70 -28.24 47.05
CA ASN A 620 -32.86 -29.68 46.93
C ASN A 620 -32.66 -30.30 48.31
N THR A 621 -33.74 -30.37 49.08
CA THR A 621 -33.71 -30.90 50.44
C THR A 621 -34.55 -32.18 50.52
N GLN A 622 -34.16 -33.07 51.43
CA GLN A 622 -34.85 -34.33 51.63
C GLN A 622 -35.87 -34.25 52.77
N GLN A 623 -36.07 -33.08 53.36
CA GLN A 623 -37.12 -32.92 54.36
C GLN A 623 -38.48 -32.91 53.68
N ARG A 624 -39.50 -33.36 54.42
CA ARG A 624 -40.84 -33.45 53.85
C ARG A 624 -41.43 -32.07 53.61
N SER A 625 -41.18 -31.12 54.51
CA SER A 625 -41.73 -29.77 54.40
C SER A 625 -40.62 -28.75 54.59
N LEU A 626 -40.78 -27.61 53.92
CA LEU A 626 -39.83 -26.51 53.98
C LEU A 626 -40.58 -25.21 54.20
N ASP A 627 -40.00 -24.33 55.02
CA ASP A 627 -40.59 -23.02 55.31
C ASP A 627 -39.65 -21.95 54.76
N ILE A 628 -40.10 -21.25 53.72
CA ILE A 628 -39.32 -20.18 53.12
C ILE A 628 -39.72 -18.88 53.81
N GLN A 629 -38.86 -18.37 54.69
CA GLN A 629 -39.12 -17.12 55.37
C GLN A 629 -38.54 -15.91 54.64
N ALA A 630 -37.70 -16.12 53.64
CA ALA A 630 -37.12 -15.01 52.91
C ALA A 630 -38.18 -14.27 52.11
N ASN A 631 -37.93 -12.97 51.89
CA ASN A 631 -38.87 -12.15 51.15
C ASN A 631 -38.79 -12.49 49.66
N ILE A 632 -39.53 -13.52 49.26
CA ILE A 632 -39.53 -13.94 47.86
C ILE A 632 -40.07 -12.83 46.96
N TRP A 633 -41.13 -12.16 47.40
CA TRP A 633 -41.76 -11.13 46.58
C TRP A 633 -40.93 -9.86 46.50
N ASN A 634 -39.97 -9.68 47.42
CA ASN A 634 -39.07 -8.53 47.34
C ASN A 634 -37.91 -8.73 46.38
N MET A 635 -37.70 -9.95 45.89
CA MET A 635 -36.68 -10.22 44.90
C MET A 635 -37.24 -9.84 43.53
N GLU A 636 -36.83 -8.67 43.03
CA GLU A 636 -37.40 -8.16 41.79
C GLU A 636 -36.90 -8.93 40.57
N ARG A 637 -35.79 -9.65 40.70
CA ARG A 637 -35.20 -10.37 39.58
C ARG A 637 -35.43 -11.87 39.64
N LEU A 638 -36.08 -12.37 40.70
CA LEU A 638 -36.31 -13.80 40.82
C LEU A 638 -37.29 -14.28 39.75
N ARG A 639 -36.94 -15.38 39.08
CA ARG A 639 -37.75 -15.96 38.03
C ARG A 639 -38.18 -17.39 38.30
N HIS A 640 -37.27 -18.22 38.82
CA HIS A 640 -37.55 -19.63 39.05
C HIS A 640 -37.27 -19.99 40.51
N LEU A 641 -38.14 -20.81 41.08
CA LEU A 641 -37.98 -21.31 42.45
C LEU A 641 -38.32 -22.80 42.44
N HIS A 642 -37.27 -23.64 42.41
CA HIS A 642 -37.46 -25.08 42.35
C HIS A 642 -37.13 -25.69 43.71
N THR A 643 -38.09 -26.41 44.28
CA THR A 643 -37.88 -27.18 45.49
C THR A 643 -38.52 -28.54 45.31
N ASN A 644 -37.94 -29.55 45.97
CA ASN A 644 -38.49 -30.90 45.95
C ASN A 644 -39.32 -31.20 47.19
N SER A 645 -39.48 -30.23 48.07
CA SER A 645 -40.29 -30.36 49.28
C SER A 645 -41.47 -29.39 49.21
N SER A 646 -42.34 -29.46 50.22
CA SER A 646 -43.53 -28.62 50.28
C SER A 646 -43.16 -27.27 50.86
N ALA A 647 -42.57 -26.43 50.02
CA ALA A 647 -42.17 -25.09 50.44
C ALA A 647 -43.40 -24.24 50.77
N LYS A 648 -43.31 -23.45 51.84
CA LYS A 648 -44.38 -22.57 52.26
C LYS A 648 -43.92 -21.12 52.07
N LEU A 649 -44.48 -20.46 51.05
CA LEU A 649 -44.11 -19.09 50.77
C LEU A 649 -44.63 -18.15 51.85
N PRO A 650 -43.92 -17.05 52.11
CA PRO A 650 -44.40 -16.07 53.08
C PRO A 650 -45.67 -15.37 52.59
N VAL A 651 -46.47 -14.91 53.55
CA VAL A 651 -47.71 -14.22 53.25
C VAL A 651 -47.43 -12.91 52.52
N GLN A 665 -43.42 -10.06 39.34
CA GLN A 665 -43.76 -9.99 37.93
C GLN A 665 -42.86 -10.92 37.10
N SER A 666 -41.59 -10.97 37.48
CA SER A 666 -40.62 -11.79 36.75
C SER A 666 -40.68 -13.26 37.14
N LEU A 667 -41.47 -13.62 38.15
CA LEU A 667 -41.55 -15.02 38.58
C LEU A 667 -42.24 -15.85 37.51
N GLN A 668 -41.61 -16.95 37.12
CA GLN A 668 -42.14 -17.85 36.09
C GLN A 668 -42.39 -19.27 36.57
N THR A 669 -41.75 -19.71 37.64
CA THR A 669 -41.90 -21.08 38.11
C THR A 669 -41.99 -21.09 39.64
N LEU A 670 -42.97 -21.82 40.15
CA LEU A 670 -43.15 -22.07 41.59
C LEU A 670 -43.38 -23.56 41.76
N SER A 671 -42.30 -24.31 41.92
CA SER A 671 -42.36 -25.77 41.93
C SER A 671 -42.57 -26.27 43.35
N THR A 672 -43.61 -27.09 43.54
CA THR A 672 -43.88 -27.80 44.79
C THR A 672 -43.97 -26.83 45.97
N ILE A 673 -44.98 -25.97 45.90
CA ILE A 673 -45.31 -25.10 47.02
C ILE A 673 -46.46 -25.75 47.79
N ALA A 674 -46.64 -25.32 49.03
CA ALA A 674 -47.72 -25.85 49.84
C ALA A 674 -49.05 -25.24 49.44
N PRO A 675 -50.14 -26.00 49.49
CA PRO A 675 -51.45 -25.42 49.13
C PRO A 675 -51.92 -24.33 50.08
N GLU A 676 -51.38 -24.28 51.30
CA GLU A 676 -51.64 -23.14 52.17
C GLU A 676 -51.03 -21.86 51.61
N SER A 677 -50.07 -21.99 50.70
CA SER A 677 -49.49 -20.85 50.00
C SER A 677 -50.13 -20.61 48.64
N CYS A 678 -51.26 -21.28 48.37
CA CYS A 678 -51.99 -21.10 47.12
C CYS A 678 -53.10 -20.06 47.26
N THR A 679 -52.91 -19.08 48.14
CA THR A 679 -53.93 -18.07 48.39
C THR A 679 -54.06 -17.12 47.20
N GLU A 680 -55.15 -16.35 47.22
CA GLU A 680 -55.35 -15.33 46.19
C GLU A 680 -54.29 -14.25 46.28
N GLU A 681 -53.90 -13.87 47.50
CA GLU A 681 -52.89 -12.82 47.68
C GLU A 681 -51.56 -13.22 47.07
N VAL A 682 -51.13 -14.47 47.32
CA VAL A 682 -49.86 -14.94 46.78
C VAL A 682 -49.90 -14.99 45.27
N PHE A 683 -50.98 -15.55 44.72
CA PHE A 683 -51.10 -15.67 43.26
C PHE A 683 -51.31 -14.32 42.58
N ALA A 684 -51.70 -13.29 43.33
CA ALA A 684 -51.83 -11.97 42.75
C ALA A 684 -50.48 -11.29 42.55
N ARG A 685 -49.43 -11.74 43.25
CA ARG A 685 -48.11 -11.19 43.07
C ARG A 685 -47.36 -11.80 41.90
N THR A 686 -47.85 -12.88 41.32
CA THR A 686 -47.18 -13.60 40.23
C THR A 686 -48.15 -13.72 39.06
N PRO A 687 -48.34 -12.65 38.29
CA PRO A 687 -49.24 -12.73 37.13
C PRO A 687 -48.64 -13.44 35.94
N ASN A 688 -47.31 -13.57 35.88
CA ASN A 688 -46.63 -14.15 34.72
C ASN A 688 -46.24 -15.60 34.95
N LEU A 689 -46.72 -16.24 36.02
CA LEU A 689 -46.37 -17.62 36.31
C LEU A 689 -46.81 -18.55 35.18
N LYS A 690 -45.91 -19.43 34.76
CA LYS A 690 -46.20 -20.39 33.70
C LYS A 690 -46.17 -21.84 34.16
N LYS A 691 -45.35 -22.17 35.15
CA LYS A 691 -45.27 -23.53 35.68
C LYS A 691 -45.50 -23.48 37.18
N LEU A 692 -46.38 -24.34 37.68
CA LEU A 692 -46.73 -24.37 39.09
C LEU A 692 -46.85 -25.81 39.56
N GLY A 693 -46.31 -26.09 40.73
CA GLY A 693 -46.41 -27.41 41.33
C GLY A 693 -46.77 -27.31 42.79
N ILE A 694 -47.50 -28.30 43.28
CA ILE A 694 -47.94 -28.36 44.67
C ILE A 694 -47.73 -29.79 45.18
N ARG A 695 -47.08 -29.92 46.34
CA ARG A 695 -46.76 -31.20 46.95
C ARG A 695 -47.11 -31.16 48.43
N GLY A 696 -48.31 -30.67 48.75
CA GLY A 696 -48.66 -30.36 50.12
C GLY A 696 -49.92 -30.99 50.67
N LYS A 697 -50.14 -32.29 50.42
CA LYS A 697 -51.38 -32.97 50.83
C LYS A 697 -52.59 -32.33 50.15
N ILE A 698 -52.66 -32.59 48.84
CA ILE A 698 -53.60 -31.99 47.88
C ILE A 698 -55.02 -31.90 48.44
N ALA A 699 -55.37 -32.81 49.37
CA ALA A 699 -56.71 -32.82 49.93
C ALA A 699 -57.08 -31.50 50.61
N VAL A 700 -56.08 -30.69 50.98
CA VAL A 700 -56.36 -29.38 51.56
C VAL A 700 -57.10 -28.50 50.55
N LEU A 701 -56.64 -28.49 49.31
CA LEU A 701 -57.30 -27.72 48.25
C LEU A 701 -57.95 -28.63 47.23
N VAL A 712 -55.69 -20.68 41.65
CA VAL A 712 -54.92 -20.89 40.44
C VAL A 712 -55.68 -20.37 39.23
N LYS A 713 -56.95 -19.99 39.45
CA LYS A 713 -57.78 -19.48 38.37
C LYS A 713 -57.25 -18.16 37.82
N LYS A 714 -56.69 -17.32 38.68
CA LYS A 714 -56.19 -16.02 38.27
C LYS A 714 -54.92 -16.11 37.42
N LEU A 715 -54.27 -17.26 37.39
CA LEU A 715 -53.06 -17.45 36.59
C LEU A 715 -53.48 -17.70 35.14
N GLU A 716 -53.61 -16.61 34.39
CA GLU A 716 -54.09 -16.70 33.01
C GLU A 716 -53.00 -17.10 32.02
N SER A 717 -51.74 -17.18 32.46
CA SER A 717 -50.64 -17.61 31.60
C SER A 717 -50.11 -18.98 31.98
N LEU A 718 -50.73 -19.66 32.93
CA LEU A 718 -50.25 -20.95 33.39
C LEU A 718 -50.40 -22.00 32.30
N GLU A 719 -49.37 -22.83 32.13
CA GLU A 719 -49.39 -23.93 31.19
C GLU A 719 -49.11 -25.28 31.84
N ASN A 720 -48.22 -25.33 32.83
CA ASN A 720 -47.86 -26.56 33.53
C ASN A 720 -48.42 -26.52 34.95
N LEU A 721 -49.13 -27.58 35.33
CA LEU A 721 -49.66 -27.72 36.67
C LEU A 721 -49.34 -29.11 37.18
N LYS A 722 -48.82 -29.19 38.41
CA LYS A 722 -48.48 -30.46 39.03
C LYS A 722 -49.06 -30.50 40.43
N LEU A 723 -49.82 -31.56 40.72
CA LEU A 723 -50.38 -31.79 42.05
C LEU A 723 -49.87 -33.13 42.56
N ILE A 724 -49.15 -33.11 43.67
CA ILE A 724 -48.56 -34.30 44.26
C ILE A 724 -49.12 -34.46 45.67
N ASN A 725 -49.66 -35.64 45.96
CA ASN A 725 -50.25 -35.90 47.28
C ASN A 725 -49.29 -36.69 48.16
N ARG A 735 -61.71 -35.76 45.45
CA ARG A 735 -62.64 -35.59 44.34
C ARG A 735 -62.35 -34.30 43.58
N LEU A 736 -62.27 -34.40 42.26
CA LEU A 736 -61.96 -33.25 41.43
C LEU A 736 -63.12 -32.25 41.47
N PRO A 737 -62.83 -30.95 41.50
CA PRO A 737 -63.90 -29.94 41.44
C PRO A 737 -64.45 -29.82 40.04
N PRO A 738 -65.52 -29.04 39.85
CA PRO A 738 -66.05 -28.84 38.49
C PRO A 738 -64.98 -28.30 37.55
N SER A 739 -65.14 -28.61 36.26
CA SER A 739 -64.12 -28.31 35.27
C SER A 739 -63.92 -26.82 35.05
N TYR A 740 -64.88 -25.98 35.44
CA TYR A 740 -64.74 -24.54 35.26
C TYR A 740 -63.87 -23.89 36.31
N ILE A 741 -63.43 -24.63 37.32
CA ILE A 741 -62.54 -24.08 38.34
C ILE A 741 -61.10 -24.09 37.87
N PHE A 742 -60.70 -25.14 37.14
CA PHE A 742 -59.34 -25.25 36.66
C PHE A 742 -59.06 -24.18 35.60
N PRO A 743 -57.80 -23.76 35.46
CA PRO A 743 -57.48 -22.76 34.44
C PRO A 743 -57.81 -23.24 33.04
N THR A 744 -58.29 -22.32 32.20
CA THR A 744 -58.71 -22.66 30.85
C THR A 744 -57.56 -22.70 29.87
N LYS A 745 -56.40 -22.15 30.22
CA LYS A 745 -55.24 -22.14 29.34
C LYS A 745 -54.21 -23.20 29.69
N LEU A 746 -54.58 -24.17 30.54
CA LEU A 746 -53.65 -25.21 30.93
C LEU A 746 -53.34 -26.12 29.75
N ARG A 747 -52.06 -26.37 29.52
CA ARG A 747 -51.60 -27.24 28.44
C ARG A 747 -51.12 -28.60 28.93
N LYS A 748 -50.38 -28.63 30.04
CA LYS A 748 -49.89 -29.87 30.62
C LYS A 748 -50.30 -29.94 32.08
N LEU A 749 -50.88 -31.07 32.48
CA LEU A 749 -51.28 -31.30 33.86
C LEU A 749 -50.82 -32.69 34.28
N SER A 750 -50.20 -32.77 35.45
CA SER A 750 -49.70 -34.03 36.00
C SER A 750 -50.24 -34.21 37.40
N LEU A 751 -50.85 -35.36 37.67
CA LEU A 751 -51.39 -35.69 38.98
C LEU A 751 -50.63 -36.88 39.55
N VAL A 752 -50.09 -36.72 40.75
CA VAL A 752 -49.28 -37.75 41.40
C VAL A 752 -49.89 -38.05 42.76
N ASP A 753 -50.12 -39.33 43.04
CA ASP A 753 -50.55 -39.84 44.34
C ASP A 753 -51.93 -39.32 44.75
N THR A 754 -52.68 -38.71 43.84
CA THR A 754 -53.99 -38.16 44.17
C THR A 754 -55.04 -39.26 44.26
N TRP A 758 -61.83 -43.35 38.62
CA TRP A 758 -61.47 -43.27 37.21
C TRP A 758 -62.49 -42.44 36.43
N ASN A 759 -63.73 -42.40 36.93
CA ASN A 759 -64.77 -41.61 36.29
C ASN A 759 -64.54 -40.11 36.42
N ASP A 760 -63.60 -39.69 37.26
CA ASP A 760 -63.31 -38.27 37.42
C ASP A 760 -62.57 -37.67 36.24
N MET A 761 -62.10 -38.50 35.30
CA MET A 761 -61.43 -37.98 34.12
C MET A 761 -62.37 -37.24 33.18
N SER A 762 -63.68 -37.35 33.38
CA SER A 762 -64.61 -36.53 32.62
C SER A 762 -64.42 -35.05 32.92
N ILE A 763 -63.94 -34.72 34.12
CA ILE A 763 -63.61 -33.33 34.43
C ILE A 763 -62.42 -32.87 33.62
N LEU A 764 -61.38 -33.70 33.51
CA LEU A 764 -60.22 -33.36 32.69
C LEU A 764 -60.54 -33.38 31.20
N GLY A 765 -61.58 -34.11 30.81
CA GLY A 765 -61.95 -34.14 29.40
C GLY A 765 -62.46 -32.79 28.90
N GLN A 766 -63.19 -32.07 29.74
CA GLN A 766 -63.73 -30.77 29.36
C GLN A 766 -62.65 -29.73 29.12
N MET A 767 -61.41 -29.99 29.55
CA MET A 767 -60.30 -29.07 29.31
C MET A 767 -60.05 -28.98 27.81
N GLU A 768 -60.40 -27.83 27.22
CA GLU A 768 -60.31 -27.68 25.77
C GLU A 768 -58.90 -27.45 25.29
N HIS A 769 -57.96 -27.09 26.16
CA HIS A 769 -56.60 -26.80 25.76
C HIS A 769 -55.57 -27.74 26.37
N LEU A 770 -56.00 -28.77 27.13
CA LEU A 770 -55.07 -29.71 27.70
C LEU A 770 -54.51 -30.61 26.60
N GLU A 771 -53.17 -30.74 26.56
CA GLU A 771 -52.50 -31.53 25.54
C GLU A 771 -51.67 -32.67 26.10
N VAL A 772 -51.13 -32.53 27.30
CA VAL A 772 -50.35 -33.58 27.95
C VAL A 772 -50.97 -33.86 29.32
N LEU A 773 -51.26 -35.13 29.58
CA LEU A 773 -51.83 -35.56 30.86
C LEU A 773 -51.01 -36.74 31.37
N LYS A 774 -50.31 -36.53 32.48
CA LYS A 774 -49.44 -37.54 33.06
C LYS A 774 -50.00 -37.99 34.40
N LEU A 775 -50.21 -39.30 34.55
CA LEU A 775 -50.69 -39.89 35.79
C LEU A 775 -49.61 -40.82 36.31
N LYS A 776 -48.96 -40.41 37.41
CA LYS A 776 -47.82 -41.14 37.95
C LYS A 776 -48.05 -41.49 39.41
N GLU A 777 -47.56 -42.65 39.81
CA GLU A 777 -47.54 -43.09 41.21
C GLU A 777 -48.93 -43.00 41.83
N ASN A 778 -49.82 -43.85 41.31
CA ASN A 778 -51.18 -44.00 41.82
C ASN A 778 -52.00 -42.74 41.62
N GLY A 779 -51.81 -42.08 40.46
CA GLY A 779 -52.51 -40.82 40.21
C GLY A 779 -54.00 -41.00 40.10
N PHE A 780 -54.44 -42.03 39.39
CA PHE A 780 -55.86 -42.33 39.22
C PHE A 780 -56.09 -43.79 39.58
N MET A 781 -56.80 -44.02 40.68
CA MET A 781 -57.07 -45.37 41.17
C MET A 781 -58.53 -45.73 40.93
N GLY A 782 -58.75 -46.92 40.40
CA GLY A 782 -60.09 -47.41 40.15
C GLY A 782 -60.02 -48.73 39.45
N GLU A 783 -61.18 -49.38 39.31
CA GLU A 783 -61.26 -50.68 38.66
C GLU A 783 -61.77 -50.56 37.22
N CYS A 784 -62.90 -49.90 37.03
CA CYS A 784 -63.52 -49.77 35.72
C CYS A 784 -63.49 -48.32 35.28
N TRP A 785 -62.98 -48.07 34.08
CA TRP A 785 -62.95 -46.74 33.48
C TRP A 785 -63.61 -46.81 32.12
N GLU A 786 -64.64 -46.00 31.91
CA GLU A 786 -65.33 -45.88 30.63
C GLU A 786 -65.11 -44.46 30.11
N SER A 787 -64.59 -44.35 28.89
CA SER A 787 -64.29 -43.05 28.32
C SER A 787 -65.59 -42.34 27.96
N VAL A 788 -65.82 -41.18 28.59
CA VAL A 788 -67.00 -40.36 28.36
C VAL A 788 -66.64 -38.97 27.88
N GLY A 789 -65.73 -38.29 28.58
CA GLY A 789 -65.34 -36.95 28.21
C GLY A 789 -64.56 -36.91 26.91
N GLY A 790 -64.59 -35.74 26.28
CA GLY A 790 -63.91 -35.56 25.00
C GLY A 790 -62.63 -34.77 25.11
N PHE A 791 -61.49 -35.46 24.98
CA PHE A 791 -60.17 -34.81 25.01
C PHE A 791 -59.88 -34.28 23.61
N CYS A 792 -60.46 -33.12 23.31
CA CYS A 792 -60.35 -32.55 21.97
C CYS A 792 -58.94 -32.06 21.65
N SER A 793 -58.10 -31.83 22.66
CA SER A 793 -56.76 -31.31 22.44
C SER A 793 -55.66 -32.21 22.96
N LEU A 794 -55.99 -33.33 23.60
CA LEU A 794 -54.96 -34.19 24.20
C LEU A 794 -54.10 -34.83 23.12
N LEU A 795 -52.79 -34.78 23.32
CA LEU A 795 -51.83 -35.43 22.43
C LEU A 795 -51.06 -36.55 23.10
N VAL A 796 -50.73 -36.40 24.38
CA VAL A 796 -49.96 -37.38 25.12
C VAL A 796 -50.76 -37.81 26.35
N LEU A 797 -50.94 -39.12 26.52
CA LEU A 797 -51.57 -39.67 27.70
C LEU A 797 -50.56 -40.57 28.40
N TRP A 798 -50.25 -40.23 29.66
CA TRP A 798 -49.23 -40.93 30.43
C TRP A 798 -49.88 -41.48 31.69
N ILE A 799 -49.85 -42.80 31.84
CA ILE A 799 -50.41 -43.48 33.01
C ILE A 799 -49.33 -44.36 33.62
N GLU A 800 -49.11 -44.20 34.93
CA GLU A 800 -48.05 -44.92 35.62
C GLU A 800 -48.55 -45.42 36.96
N ARG A 801 -48.28 -46.70 37.25
CA ARG A 801 -48.54 -47.30 38.57
C ARG A 801 -50.00 -47.15 38.97
N THR A 802 -50.88 -47.77 38.18
CA THR A 802 -52.31 -47.74 38.44
C THR A 802 -52.85 -49.16 38.51
N ASP A 803 -54.02 -49.30 39.13
CA ASP A 803 -54.70 -50.58 39.26
C ASP A 803 -55.83 -50.75 38.25
N LEU A 804 -55.80 -49.99 37.15
CA LEU A 804 -56.86 -50.03 36.16
C LEU A 804 -56.96 -51.42 35.56
N VAL A 805 -58.18 -51.97 35.53
CA VAL A 805 -58.42 -53.31 35.01
C VAL A 805 -59.16 -53.23 33.68
N SER A 806 -60.32 -52.60 33.70
CA SER A 806 -61.19 -52.50 32.53
C SER A 806 -61.16 -51.07 32.01
N TRP A 807 -60.79 -50.91 30.74
CA TRP A 807 -60.74 -49.60 30.09
C TRP A 807 -61.42 -49.72 28.73
N LYS A 808 -62.48 -48.96 28.53
CA LYS A 808 -63.21 -48.91 27.27
C LYS A 808 -63.14 -47.50 26.69
N ALA A 809 -62.75 -47.39 25.43
CA ALA A 809 -62.62 -46.10 24.78
C ALA A 809 -62.88 -46.26 23.29
N SER A 810 -63.18 -45.13 22.65
CA SER A 810 -63.42 -45.07 21.22
C SER A 810 -62.59 -43.94 20.62
N ALA A 811 -62.49 -43.95 19.29
CA ALA A 811 -61.68 -42.94 18.59
C ALA A 811 -62.24 -41.53 18.75
N ASP A 812 -63.53 -41.40 19.11
CA ASP A 812 -64.12 -40.08 19.25
C ASP A 812 -63.66 -39.38 20.53
N HIS A 813 -63.31 -40.13 21.57
CA HIS A 813 -62.91 -39.54 22.83
C HIS A 813 -61.47 -39.05 22.82
N PHE A 814 -60.64 -39.54 21.92
CA PHE A 814 -59.26 -39.09 21.77
C PHE A 814 -59.00 -38.75 20.30
N PRO A 815 -59.63 -37.68 19.80
CA PRO A 815 -59.43 -37.34 18.38
C PRO A 815 -58.00 -37.00 18.01
N ARG A 816 -57.24 -36.39 18.93
CA ARG A 816 -55.92 -35.86 18.62
C ARG A 816 -54.80 -36.64 19.30
N LEU A 817 -55.07 -37.83 19.81
CA LEU A 817 -54.05 -38.57 20.54
C LEU A 817 -52.90 -38.97 19.62
N LYS A 818 -51.68 -38.76 20.11
CA LYS A 818 -50.47 -39.11 19.39
C LYS A 818 -49.53 -40.02 20.20
N HIS A 819 -49.43 -39.80 21.50
CA HIS A 819 -48.49 -40.50 22.35
C HIS A 819 -49.24 -41.18 23.49
N LEU A 820 -48.96 -42.45 23.72
CA LEU A 820 -49.58 -43.22 24.80
C LEU A 820 -48.51 -44.02 25.50
N VAL A 821 -48.35 -43.78 26.80
CA VAL A 821 -47.35 -44.46 27.61
C VAL A 821 -48.04 -45.11 28.81
N LEU A 822 -47.80 -46.41 28.99
CA LEU A 822 -48.35 -47.15 30.12
C LEU A 822 -47.21 -47.92 30.78
N ILE A 823 -46.82 -47.51 31.99
CA ILE A 823 -45.72 -48.11 32.71
C ILE A 823 -46.25 -48.67 34.03
N CYS A 824 -45.96 -49.94 34.29
CA CYS A 824 -46.28 -50.60 35.56
C CYS A 824 -47.76 -50.47 35.90
N CYS A 825 -48.61 -50.62 34.89
CA CYS A 825 -50.05 -50.53 35.08
C CYS A 825 -50.58 -51.76 35.83
N ILE A 831 -56.53 -52.96 26.83
CA ILE A 831 -56.40 -51.87 25.87
C ILE A 831 -57.49 -51.99 24.81
N PRO A 832 -58.49 -51.12 24.87
CA PRO A 832 -59.58 -51.19 23.89
C PRO A 832 -59.07 -50.93 22.48
N ILE A 833 -59.63 -51.68 21.52
CA ILE A 833 -59.28 -51.49 20.11
C ILE A 833 -60.27 -50.45 19.57
N GLY A 834 -59.96 -49.19 19.84
CA GLY A 834 -60.69 -48.07 19.27
C GLY A 834 -59.72 -46.97 18.89
N LEU A 835 -58.45 -47.17 19.24
CA LEU A 835 -57.40 -46.19 18.97
C LEU A 835 -56.75 -46.39 17.61
N ALA A 836 -57.01 -47.51 16.93
CA ALA A 836 -56.51 -47.70 15.58
C ALA A 836 -57.21 -46.79 14.58
N ASP A 837 -58.38 -46.27 14.92
CA ASP A 837 -59.11 -45.35 14.07
C ASP A 837 -58.66 -43.90 14.23
N ILE A 838 -57.71 -43.64 15.12
CA ILE A 838 -57.22 -42.29 15.35
C ILE A 838 -56.18 -41.97 14.28
N ARG A 839 -56.39 -40.88 13.55
CA ARG A 839 -55.47 -40.51 12.48
C ARG A 839 -54.09 -40.14 13.01
N SER A 840 -54.04 -39.43 14.14
CA SER A 840 -52.81 -38.90 14.67
C SER A 840 -52.06 -39.88 15.57
N PHE A 841 -52.63 -41.05 15.86
CA PHE A 841 -51.98 -42.02 16.73
C PHE A 841 -50.82 -42.68 15.97
N GLN A 842 -49.60 -42.31 16.33
CA GLN A 842 -48.41 -42.84 15.67
C GLN A 842 -47.36 -43.40 16.60
N VAL A 843 -47.39 -43.08 17.89
CA VAL A 843 -46.40 -43.57 18.85
C VAL A 843 -47.13 -44.13 20.06
N MET A 844 -46.85 -45.38 20.40
CA MET A 844 -47.39 -46.03 21.59
C MET A 844 -46.25 -46.70 22.32
N GLU A 845 -46.15 -46.43 23.63
CA GLU A 845 -45.08 -46.98 24.46
C GLU A 845 -45.69 -47.87 25.54
N LEU A 846 -45.11 -49.06 25.70
CA LEU A 846 -45.57 -50.02 26.70
C LEU A 846 -44.38 -50.48 27.53
N GLN A 847 -44.69 -50.97 28.73
CA GLN A 847 -43.66 -51.41 29.67
C GLN A 847 -44.17 -52.70 30.32
N ASN A 848 -43.52 -53.11 31.41
CA ASN A 848 -43.85 -54.37 32.05
C ASN A 848 -45.31 -54.39 32.50
N SER A 849 -46.01 -55.46 32.12
CA SER A 849 -47.41 -55.65 32.42
C SER A 849 -47.78 -57.08 32.01
N THR A 850 -49.08 -57.39 32.10
CA THR A 850 -49.56 -58.70 31.67
C THR A 850 -49.40 -58.84 30.16
N LYS A 851 -49.23 -60.09 29.72
CA LYS A 851 -49.03 -60.35 28.30
C LYS A 851 -50.27 -60.03 27.47
N THR A 852 -51.44 -59.95 28.09
CA THR A 852 -52.64 -59.56 27.35
C THR A 852 -52.53 -58.13 26.83
N ALA A 853 -51.94 -57.23 27.64
CA ALA A 853 -51.71 -55.87 27.18
C ALA A 853 -50.73 -55.84 26.01
N ALA A 854 -49.69 -56.66 26.06
CA ALA A 854 -48.75 -56.75 24.95
C ALA A 854 -49.43 -57.27 23.69
N ILE A 855 -50.31 -58.26 23.84
CA ILE A 855 -51.05 -58.79 22.69
C ILE A 855 -51.95 -57.70 22.10
N SER A 856 -52.62 -56.94 22.96
CA SER A 856 -53.48 -55.85 22.48
C SER A 856 -52.66 -54.79 21.75
N ALA A 857 -51.48 -54.44 22.29
CA ALA A 857 -50.63 -53.47 21.64
C ALA A 857 -50.14 -53.98 20.28
N ARG A 858 -49.76 -55.26 20.20
CA ARG A 858 -49.32 -55.83 18.93
C ARG A 858 -50.45 -55.83 17.92
N GLY A 859 -51.67 -56.17 18.36
CA GLY A 859 -52.81 -56.12 17.46
C GLY A 859 -53.10 -54.72 16.97
N ILE A 860 -52.98 -53.72 17.85
CA ILE A 860 -53.17 -52.33 17.45
C ILE A 860 -52.11 -51.94 16.42
N ARG A 861 -50.87 -52.35 16.65
CA ARG A 861 -49.80 -52.06 15.69
C ARG A 861 -50.09 -52.70 14.34
N ASP A 862 -50.60 -53.94 14.34
CA ASP A 862 -50.96 -54.60 13.09
C ASP A 862 -52.05 -53.83 12.35
N LYS A 863 -53.04 -53.33 13.08
CA LYS A 863 -54.11 -52.54 12.48
C LYS A 863 -53.64 -51.11 12.21
N GLY A 876 -45.51 -43.56 10.38
CA GLY A 876 -45.48 -44.97 10.77
C GLY A 876 -45.67 -45.20 12.25
N PHE A 877 -46.41 -46.24 12.60
CA PHE A 877 -46.66 -46.56 13.99
C PHE A 877 -45.37 -47.03 14.67
N LYS A 878 -45.17 -46.58 15.90
CA LYS A 878 -44.00 -46.95 16.71
C LYS A 878 -44.50 -47.58 18.01
N LEU A 879 -44.28 -48.88 18.14
CA LEU A 879 -44.70 -49.63 19.33
C LEU A 879 -43.48 -50.29 19.95
N SER A 880 -43.32 -50.12 21.27
CA SER A 880 -42.25 -50.75 22.02
C SER A 880 -42.83 -51.32 23.29
N ILE A 881 -42.62 -52.62 23.51
CA ILE A 881 -43.14 -53.33 24.69
C ILE A 881 -41.97 -53.96 25.42
N PHE A 882 -41.90 -53.74 26.72
CA PHE A 882 -40.85 -54.31 27.54
C PHE A 882 -41.42 -54.93 28.81
N VAL B 27 -18.08 33.14 27.21
CA VAL B 27 -18.90 31.97 26.94
C VAL B 27 -19.33 31.96 25.48
N LYS B 28 -19.47 33.15 24.90
CA LYS B 28 -19.87 33.25 23.49
C LYS B 28 -18.81 32.63 22.58
N ASP B 29 -17.54 32.96 22.80
CA ASP B 29 -16.48 32.39 21.98
C ASP B 29 -16.38 30.88 22.18
N SER B 30 -16.60 30.42 23.41
CA SER B 30 -16.68 28.99 23.65
C SER B 30 -17.84 28.37 22.87
N ALA B 31 -18.97 29.09 22.79
CA ALA B 31 -20.09 28.60 22.00
C ALA B 31 -19.73 28.49 20.52
N GLU B 32 -18.98 29.47 20.00
CA GLU B 32 -18.55 29.37 18.60
C GLU B 32 -17.61 28.20 18.37
N SER B 33 -16.67 27.98 19.30
CA SER B 33 -15.75 26.85 19.16
C SER B 33 -16.50 25.52 19.22
N LEU B 34 -17.47 25.40 20.14
CA LEU B 34 -18.27 24.19 20.22
C LEU B 34 -19.13 24.02 18.97
N LEU B 35 -19.62 25.12 18.40
CA LEU B 35 -20.36 25.04 17.14
C LEU B 35 -19.48 24.51 16.02
N GLN B 36 -18.24 24.98 15.96
CA GLN B 36 -17.31 24.48 14.94
C GLN B 36 -17.03 22.98 15.12
N ASP B 37 -16.81 22.57 16.37
CA ASP B 37 -16.59 21.15 16.64
C ASP B 37 -17.81 20.31 16.25
N LEU B 38 -18.99 20.80 16.59
CA LEU B 38 -20.23 20.09 16.24
C LEU B 38 -20.41 20.03 14.73
N ASN B 39 -20.04 21.10 14.01
CA ASN B 39 -20.13 21.08 12.56
C ASN B 39 -19.21 20.03 11.95
N ASP B 40 -17.97 19.96 12.45
CA ASP B 40 -17.05 18.92 11.96
C ASP B 40 -17.57 17.52 12.26
N PHE B 41 -18.10 17.31 13.47
CA PHE B 41 -18.63 15.99 13.80
C PHE B 41 -19.86 15.65 12.98
N ASN B 42 -20.72 16.64 12.69
CA ASN B 42 -21.87 16.41 11.82
C ASN B 42 -21.44 16.06 10.41
N ALA B 43 -20.39 16.72 9.90
CA ALA B 43 -19.86 16.37 8.59
C ALA B 43 -19.33 14.96 8.58
N PHE B 44 -18.62 14.56 9.65
CA PHE B 44 -18.14 13.19 9.76
C PHE B 44 -19.29 12.20 9.76
N LEU B 45 -20.34 12.48 10.53
CA LEU B 45 -21.49 11.58 10.58
C LEU B 45 -22.18 11.49 9.23
N LYS B 46 -22.26 12.60 8.50
CA LYS B 46 -22.84 12.58 7.16
C LYS B 46 -21.98 11.75 6.21
N GLN B 47 -20.66 11.81 6.37
CA GLN B 47 -19.78 11.05 5.48
C GLN B 47 -19.88 9.55 5.74
N THR B 48 -19.88 9.14 7.01
CA THR B 48 -19.92 7.72 7.33
C THR B 48 -21.27 7.09 7.03
N ALA B 49 -22.34 7.89 6.93
CA ALA B 49 -23.65 7.35 6.59
C ALA B 49 -23.74 6.89 5.14
N LYS B 50 -22.75 7.22 4.31
CA LYS B 50 -22.74 6.78 2.92
C LYS B 50 -22.40 5.32 2.76
N SER B 51 -21.88 4.66 3.80
CA SER B 51 -21.51 3.26 3.73
C SER B 51 -21.85 2.57 5.03
N ARG B 52 -22.34 1.35 4.94
CA ARG B 52 -22.65 0.53 6.11
C ARG B 52 -21.41 -0.21 6.57
N THR B 53 -21.05 -0.03 7.85
CA THR B 53 -19.85 -0.62 8.42
C THR B 53 -20.23 -1.78 9.32
N GLU B 54 -19.56 -2.92 9.12
CA GLU B 54 -19.76 -4.09 9.97
C GLU B 54 -18.75 -4.17 11.12
N ASN B 55 -17.80 -3.24 11.17
CA ASN B 55 -16.81 -3.23 12.24
C ASN B 55 -17.45 -2.75 13.53
N ASP B 56 -17.36 -3.57 14.59
CA ASP B 56 -18.00 -3.23 15.85
C ASP B 56 -17.33 -2.03 16.52
N VAL B 57 -15.99 -1.92 16.40
CA VAL B 57 -15.30 -0.76 16.94
C VAL B 57 -15.77 0.52 16.25
N HIS B 58 -15.91 0.46 14.92
CA HIS B 58 -16.40 1.62 14.18
C HIS B 58 -17.83 1.97 14.58
N LYS B 59 -18.68 0.96 14.78
CA LYS B 59 -20.05 1.21 15.21
C LYS B 59 -20.09 1.88 16.58
N GLU B 60 -19.25 1.39 17.51
CA GLU B 60 -19.19 2.00 18.84
C GLU B 60 -18.70 3.44 18.76
N LEU B 61 -17.70 3.69 17.92
CA LEU B 61 -17.19 5.05 17.75
C LEU B 61 -18.25 5.97 17.18
N VAL B 62 -19.02 5.47 16.21
CA VAL B 62 -20.10 6.27 15.62
C VAL B 62 -21.16 6.58 16.66
N LYS B 63 -21.51 5.59 17.49
CA LYS B 63 -22.47 5.83 18.56
C LYS B 63 -21.98 6.88 19.55
N LYS B 64 -20.70 6.80 19.92
CA LYS B 64 -20.12 7.78 20.84
C LYS B 64 -20.14 9.18 20.23
N ILE B 65 -19.80 9.28 18.93
CA ILE B 65 -19.80 10.57 18.26
C ILE B 65 -21.21 11.14 18.18
N LYS B 66 -22.21 10.28 17.90
CA LYS B 66 -23.59 10.75 17.88
C LYS B 66 -24.03 11.25 19.24
N THR B 67 -23.65 10.55 20.31
CA THR B 67 -23.99 10.99 21.65
C THR B 67 -23.37 12.35 21.96
N VAL B 68 -22.10 12.52 21.59
CA VAL B 68 -21.43 13.81 21.84
C VAL B 68 -22.06 14.92 21.00
N VAL B 69 -22.47 14.60 19.77
CA VAL B 69 -23.14 15.58 18.93
C VAL B 69 -24.45 16.03 19.57
N ASN B 70 -25.22 15.07 20.10
CA ASN B 70 -26.47 15.42 20.76
C ASN B 70 -26.22 16.30 21.99
N SER B 71 -25.20 15.95 22.78
CA SER B 71 -24.89 16.75 23.96
C SER B 71 -24.50 18.17 23.57
N ALA B 72 -23.67 18.31 22.53
CA ALA B 72 -23.27 19.63 22.05
C ALA B 72 -24.47 20.43 21.56
N GLU B 73 -25.39 19.78 20.84
CA GLU B 73 -26.58 20.48 20.36
C GLU B 73 -27.42 20.99 21.53
N ASP B 74 -27.63 20.15 22.54
CA ASP B 74 -28.39 20.58 23.70
C ASP B 74 -27.71 21.75 24.42
N ALA B 75 -26.39 21.68 24.58
CA ALA B 75 -25.67 22.76 25.24
C ALA B 75 -25.80 24.06 24.45
N ILE B 76 -25.67 23.99 23.12
CA ILE B 76 -25.72 25.20 22.30
C ILE B 76 -27.12 25.80 22.33
N ASP B 77 -28.16 24.97 22.27
CA ASP B 77 -29.52 25.50 22.35
C ASP B 77 -29.80 26.10 23.73
N LYS B 78 -29.28 25.49 24.81
CA LYS B 78 -29.44 26.09 26.12
C LYS B 78 -28.76 27.45 26.19
N PHE B 79 -27.54 27.56 25.64
CA PHE B 79 -26.86 28.85 25.63
C PHE B 79 -27.62 29.88 24.81
N VAL B 80 -28.20 29.46 23.69
CA VAL B 80 -28.98 30.37 22.86
C VAL B 80 -30.20 30.87 23.62
N ILE B 81 -30.89 29.97 24.32
CA ILE B 81 -32.08 30.38 25.08
C ILE B 81 -31.70 31.35 26.19
N GLU B 82 -30.60 31.09 26.90
CA GLU B 82 -30.15 32.00 27.95
C GLU B 82 -29.74 33.35 27.36
N ALA B 83 -29.09 33.35 26.20
CA ALA B 83 -28.70 34.60 25.56
C ALA B 83 -29.92 35.41 25.15
N LYS B 84 -30.95 34.74 24.62
CA LYS B 84 -32.19 35.44 24.29
C LYS B 84 -32.86 35.99 25.54
N LEU B 85 -32.84 35.24 26.63
CA LEU B 85 -33.42 35.70 27.88
C LEU B 85 -32.50 36.69 28.60
N VAL B 103 -26.43 29.90 33.21
CA VAL B 103 -25.29 30.45 32.50
C VAL B 103 -24.01 29.77 32.98
N TYR B 104 -23.85 29.70 34.30
CA TYR B 104 -22.69 29.02 34.90
C TYR B 104 -22.72 27.53 34.58
N ASP B 105 -23.88 26.90 34.76
CA ASP B 105 -24.02 25.49 34.42
C ASP B 105 -23.86 25.28 32.92
N VAL B 106 -24.36 26.22 32.12
CA VAL B 106 -24.19 26.13 30.67
C VAL B 106 -22.71 26.20 30.31
N ALA B 107 -21.97 27.09 30.97
CA ALA B 107 -20.53 27.18 30.72
C ALA B 107 -19.81 25.89 31.10
N GLY B 108 -20.17 25.32 32.26
CA GLY B 108 -19.55 24.06 32.65
C GLY B 108 -19.84 22.94 31.66
N GLU B 109 -21.09 22.85 31.21
CA GLU B 109 -21.46 21.84 30.23
C GLU B 109 -20.70 22.04 28.92
N ILE B 110 -20.57 23.29 28.48
CA ILE B 110 -19.85 23.56 27.24
C ILE B 110 -18.39 23.16 27.36
N LYS B 111 -17.76 23.51 28.50
CA LYS B 111 -16.36 23.12 28.71
C LYS B 111 -16.20 21.61 28.71
N THR B 112 -17.09 20.88 29.40
CA THR B 112 -16.94 19.43 29.46
C THR B 112 -17.20 18.79 28.10
N ILE B 113 -18.13 19.34 27.31
CA ILE B 113 -18.38 18.77 25.98
C ILE B 113 -17.21 19.05 25.05
N ARG B 114 -16.60 20.23 25.15
CA ARG B 114 -15.39 20.51 24.36
C ARG B 114 -14.26 19.57 24.74
N ASP B 115 -14.09 19.31 26.05
CA ASP B 115 -13.06 18.38 26.48
C ASP B 115 -13.33 16.97 25.95
N LYS B 116 -14.60 16.55 25.96
CA LYS B 116 -14.94 15.24 25.41
C LYS B 116 -14.65 15.17 23.92
N VAL B 117 -14.95 16.25 23.19
CA VAL B 117 -14.65 16.28 21.75
C VAL B 117 -13.16 16.17 21.51
N LYS B 118 -12.35 16.90 22.28
CA LYS B 118 -10.90 16.81 22.12
C LYS B 118 -10.39 15.42 22.44
N GLU B 119 -10.91 14.80 23.51
CA GLU B 119 -10.50 13.45 23.86
C GLU B 119 -10.84 12.45 22.76
N ILE B 120 -12.05 12.56 22.20
CA ILE B 120 -12.45 11.67 21.10
C ILE B 120 -11.54 11.88 19.89
N ARG B 121 -11.24 13.13 19.56
CA ARG B 121 -10.41 13.42 18.41
C ARG B 121 -9.00 12.84 18.59
N LEU B 122 -8.44 12.98 19.80
CA LEU B 122 -7.08 12.50 20.04
C LEU B 122 -7.01 10.99 20.10
N ASN B 123 -7.98 10.36 20.78
CA ASN B 123 -7.89 8.93 21.05
C ASN B 123 -8.09 8.11 19.78
N ASN B 124 -9.12 8.42 19.00
CA ASN B 124 -9.55 7.58 17.88
C ASN B 124 -9.26 8.19 16.53
N ALA B 125 -8.10 8.83 16.35
CA ALA B 125 -7.79 9.46 15.08
C ALA B 125 -7.71 8.45 13.94
N LEU B 126 -7.08 7.30 14.18
CA LEU B 126 -6.95 6.28 13.14
C LEU B 126 -8.31 5.71 12.75
N ASP B 127 -9.17 5.45 13.73
CA ASP B 127 -10.52 4.97 13.43
C ASP B 127 -11.33 6.02 12.70
N LEU B 128 -11.17 7.30 13.07
CA LEU B 128 -11.85 8.37 12.36
C LEU B 128 -11.40 8.44 10.90
N GLN B 129 -10.10 8.29 10.65
CA GLN B 129 -9.61 8.31 9.28
C GLN B 129 -10.10 7.10 8.50
N ALA B 130 -10.18 5.94 9.17
CA ALA B 130 -10.62 4.72 8.49
C ALA B 130 -12.12 4.69 8.23
N LEU B 131 -12.89 5.55 8.90
CA LEU B 131 -14.34 5.52 8.79
C LEU B 131 -14.88 6.40 7.67
N GLN B 132 -14.04 7.19 7.01
CA GLN B 132 -14.50 8.05 5.93
C GLN B 132 -14.52 7.29 4.59
N ARG B 144 -22.10 -9.96 -7.92
CA ARG B 144 -23.43 -9.92 -8.49
C ARG B 144 -24.10 -11.29 -8.35
N LYS B 145 -25.26 -11.32 -7.71
CA LYS B 145 -25.98 -12.56 -7.43
C LYS B 145 -27.43 -12.39 -7.85
N PRO B 146 -27.80 -12.84 -9.06
CA PRO B 146 -29.19 -12.76 -9.47
C PRO B 146 -30.07 -13.57 -8.54
N PRO B 147 -31.29 -13.12 -8.28
CA PRO B 147 -32.14 -13.80 -7.31
C PRO B 147 -32.58 -15.17 -7.78
N VAL B 148 -32.80 -16.05 -6.82
CA VAL B 148 -33.38 -17.38 -7.04
C VAL B 148 -34.78 -17.35 -6.45
N VAL B 149 -35.78 -17.51 -7.31
CA VAL B 149 -37.18 -17.38 -6.91
C VAL B 149 -37.86 -18.74 -7.07
N GLU B 150 -39.07 -18.83 -6.52
CA GLU B 150 -39.82 -20.07 -6.57
C GLU B 150 -40.34 -20.32 -7.98
N GLU B 151 -40.19 -21.56 -8.45
CA GLU B 151 -40.66 -21.96 -9.75
C GLU B 151 -41.77 -23.00 -9.72
N ASP B 152 -41.92 -23.73 -8.61
CA ASP B 152 -42.87 -24.83 -8.52
C ASP B 152 -44.15 -24.42 -7.79
N ASP B 153 -44.03 -23.95 -6.56
CA ASP B 153 -45.17 -23.65 -5.70
C ASP B 153 -45.33 -22.13 -5.60
N VAL B 154 -46.02 -21.55 -6.58
CA VAL B 154 -46.31 -20.11 -6.61
C VAL B 154 -47.81 -19.96 -6.40
N VAL B 155 -48.19 -19.30 -5.30
CA VAL B 155 -49.58 -19.19 -4.90
C VAL B 155 -50.07 -17.76 -5.12
N GLY B 156 -51.28 -17.64 -5.65
CA GLY B 156 -51.94 -16.36 -5.80
C GLY B 156 -51.67 -15.63 -7.10
N PHE B 157 -50.62 -16.02 -7.83
CA PHE B 157 -50.22 -15.31 -9.03
C PHE B 157 -50.86 -15.87 -10.30
N GLU B 158 -51.80 -16.80 -10.16
CA GLU B 158 -52.40 -17.42 -11.34
C GLU B 158 -53.22 -16.42 -12.17
N GLU B 159 -53.86 -15.45 -11.51
CA GLU B 159 -54.66 -14.46 -12.23
C GLU B 159 -53.83 -13.24 -12.65
N GLU B 160 -52.89 -12.81 -11.80
CA GLU B 160 -52.00 -11.73 -12.19
C GLU B 160 -51.15 -12.10 -13.39
N ALA B 161 -50.70 -13.36 -13.44
CA ALA B 161 -49.92 -13.80 -14.58
C ALA B 161 -50.73 -13.76 -15.87
N ASP B 162 -52.00 -14.20 -15.81
CA ASP B 162 -52.84 -14.13 -17.00
C ASP B 162 -53.12 -12.68 -17.40
N LYS B 163 -53.32 -11.81 -16.42
CA LYS B 163 -53.53 -10.39 -16.73
C LYS B 163 -52.32 -9.81 -17.46
N VAL B 164 -51.12 -10.03 -16.92
CA VAL B 164 -49.92 -9.47 -17.53
C VAL B 164 -49.66 -10.11 -18.89
N ILE B 165 -49.97 -11.41 -19.02
CA ILE B 165 -49.78 -12.09 -20.30
C ILE B 165 -50.71 -11.52 -21.36
N ASN B 166 -51.99 -11.32 -21.02
CA ASN B 166 -52.91 -10.72 -21.97
C ASN B 166 -52.54 -9.28 -22.28
N ARG B 167 -51.89 -8.59 -21.34
CA ARG B 167 -51.34 -7.28 -21.65
C ARG B 167 -50.15 -7.38 -22.61
N LEU B 168 -49.35 -8.44 -22.50
CA LEU B 168 -48.20 -8.61 -23.39
C LEU B 168 -48.64 -9.05 -24.78
N LEU B 169 -49.61 -9.97 -24.86
CA LEU B 169 -50.05 -10.52 -26.13
C LEU B 169 -50.95 -9.58 -26.91
N GLY B 170 -51.41 -8.49 -26.30
CA GLY B 170 -52.27 -7.54 -26.96
C GLY B 170 -51.68 -6.14 -26.91
N GLY B 171 -51.92 -5.38 -27.97
CA GLY B 171 -51.41 -4.02 -28.04
C GLY B 171 -51.15 -3.65 -29.49
N SER B 172 -50.33 -2.62 -29.66
CA SER B 172 -49.97 -2.14 -30.99
C SER B 172 -48.85 -3.00 -31.56
N SER B 173 -48.29 -2.57 -32.70
CA SER B 173 -47.19 -3.27 -33.34
C SER B 173 -45.83 -2.71 -32.96
N GLY B 174 -45.78 -1.72 -32.07
CA GLY B 174 -44.51 -1.18 -31.63
C GLY B 174 -43.97 -1.87 -30.39
N LEU B 175 -42.75 -1.50 -30.02
CA LEU B 175 -42.10 -2.06 -28.83
C LEU B 175 -42.74 -1.44 -27.59
N GLU B 176 -43.63 -2.20 -26.94
CA GLU B 176 -44.30 -1.75 -25.74
C GLU B 176 -43.67 -2.40 -24.51
N VAL B 177 -43.82 -1.72 -23.37
CA VAL B 177 -43.26 -2.16 -22.11
C VAL B 177 -44.40 -2.41 -21.13
N VAL B 178 -44.29 -3.50 -20.38
CA VAL B 178 -45.24 -3.80 -19.31
C VAL B 178 -44.48 -3.72 -18.00
N PRO B 179 -44.55 -2.60 -17.28
CA PRO B 179 -43.79 -2.45 -16.04
C PRO B 179 -44.55 -3.00 -14.82
N VAL B 180 -43.83 -3.76 -14.01
CA VAL B 180 -44.37 -4.32 -12.78
C VAL B 180 -43.69 -3.61 -11.62
N VAL B 181 -44.47 -2.87 -10.85
CA VAL B 181 -43.97 -2.11 -9.71
C VAL B 181 -44.54 -2.71 -8.44
N GLY B 182 -43.78 -2.60 -7.35
CA GLY B 182 -44.27 -3.17 -6.12
C GLY B 182 -43.31 -2.96 -4.97
N MET B 183 -43.73 -3.47 -3.81
CA MET B 183 -42.96 -3.37 -2.59
C MET B 183 -41.72 -4.26 -2.65
N PRO B 184 -40.69 -3.93 -1.86
CA PRO B 184 -39.55 -4.86 -1.72
C PRO B 184 -39.97 -6.23 -1.22
N GLY B 185 -39.74 -7.27 -2.03
CA GLY B 185 -40.15 -8.61 -1.67
C GLY B 185 -41.57 -8.95 -2.02
N LEU B 186 -42.26 -8.11 -2.81
CA LEU B 186 -43.64 -8.39 -3.16
C LEU B 186 -43.78 -9.64 -4.02
N GLY B 187 -42.81 -9.88 -4.90
CA GLY B 187 -42.88 -11.05 -5.77
C GLY B 187 -42.86 -10.68 -7.24
N LYS B 188 -42.28 -9.54 -7.57
CA LYS B 188 -42.22 -9.11 -8.96
C LYS B 188 -41.37 -10.06 -9.80
N THR B 189 -40.23 -10.50 -9.25
CA THR B 189 -39.38 -11.44 -9.98
C THR B 189 -40.07 -12.78 -10.15
N THR B 190 -40.81 -13.23 -9.13
CA THR B 190 -41.52 -14.50 -9.22
C THR B 190 -42.59 -14.44 -10.30
N LEU B 191 -43.36 -13.35 -10.35
CA LEU B 191 -44.38 -13.21 -11.39
C LEU B 191 -43.73 -13.10 -12.77
N ALA B 192 -42.63 -12.36 -12.88
CA ALA B 192 -41.94 -12.24 -14.16
C ALA B 192 -41.41 -13.58 -14.63
N ASN B 193 -40.92 -14.41 -13.70
CA ASN B 193 -40.45 -15.74 -14.08
C ASN B 193 -41.60 -16.65 -14.47
N LYS B 194 -42.74 -16.54 -13.78
CA LYS B 194 -43.90 -17.33 -14.13
C LYS B 194 -44.41 -16.98 -15.53
N ILE B 195 -44.43 -15.68 -15.85
CA ILE B 195 -44.82 -15.26 -17.20
C ILE B 195 -43.79 -15.69 -18.22
N TYR B 196 -42.50 -15.56 -17.88
CA TYR B 196 -41.42 -15.86 -18.80
C TYR B 196 -41.43 -17.33 -19.23
N LYS B 197 -41.82 -18.23 -18.33
CA LYS B 197 -41.86 -19.66 -18.61
C LYS B 197 -43.26 -20.17 -18.90
N HIS B 198 -44.22 -19.27 -19.12
CA HIS B 198 -45.59 -19.69 -19.38
C HIS B 198 -45.68 -20.33 -20.76
N PRO B 199 -46.53 -21.36 -20.93
CA PRO B 199 -46.65 -21.98 -22.25
C PRO B 199 -47.12 -21.04 -23.35
N ASP B 200 -48.10 -20.16 -23.04
CA ASP B 200 -48.58 -19.23 -24.06
C ASP B 200 -47.51 -18.23 -24.46
N ILE B 201 -46.77 -17.72 -23.48
CA ILE B 201 -45.68 -16.79 -23.78
C ILE B 201 -44.61 -17.47 -24.61
N GLY B 202 -44.25 -18.71 -24.25
CA GLY B 202 -43.26 -19.43 -25.02
C GLY B 202 -43.70 -19.73 -26.44
N TYR B 203 -44.99 -20.00 -26.63
CA TYR B 203 -45.49 -20.28 -27.97
C TYR B 203 -45.57 -19.01 -28.81
N GLN B 204 -46.01 -17.89 -28.22
CA GLN B 204 -46.20 -16.67 -28.99
C GLN B 204 -44.88 -15.98 -29.31
N PHE B 205 -43.94 -15.97 -28.36
CA PHE B 205 -42.68 -15.28 -28.53
C PHE B 205 -41.59 -16.27 -28.92
N PHE B 206 -41.01 -16.08 -30.10
CA PHE B 206 -39.94 -16.97 -30.54
C PHE B 206 -38.68 -16.80 -29.71
N THR B 207 -38.31 -15.56 -29.41
CA THR B 207 -37.12 -15.24 -28.64
C THR B 207 -37.52 -14.67 -27.29
N ARG B 208 -37.01 -15.29 -26.22
CA ARG B 208 -37.23 -14.80 -24.86
C ARG B 208 -35.89 -14.64 -24.17
N ILE B 209 -35.62 -13.43 -23.68
CA ILE B 209 -34.34 -13.10 -23.06
C ILE B 209 -34.61 -12.55 -21.67
N TRP B 210 -33.91 -13.09 -20.68
CA TRP B 210 -34.00 -12.64 -19.30
C TRP B 210 -32.71 -11.90 -18.96
N VAL B 211 -32.82 -10.60 -18.75
CA VAL B 211 -31.70 -9.74 -18.38
C VAL B 211 -31.88 -9.33 -16.93
N TYR B 212 -30.84 -9.53 -16.12
CA TYR B 212 -30.87 -9.15 -14.72
C TYR B 212 -30.10 -7.84 -14.54
N VAL B 213 -30.83 -6.73 -14.57
CA VAL B 213 -30.26 -5.46 -14.19
C VAL B 213 -30.32 -5.32 -12.67
N SER B 214 -29.45 -4.47 -12.13
CA SER B 214 -29.46 -4.22 -10.69
C SER B 214 -28.95 -2.80 -10.46
N GLN B 215 -28.64 -2.49 -9.20
CA GLN B 215 -28.01 -1.22 -8.90
C GLN B 215 -26.63 -1.13 -9.55
N SER B 216 -25.88 -2.23 -9.53
CA SER B 216 -24.55 -2.31 -10.12
C SER B 216 -24.61 -3.24 -11.32
N TYR B 217 -24.32 -2.70 -12.50
CA TYR B 217 -24.29 -3.51 -13.72
C TYR B 217 -23.29 -2.90 -14.69
N ARG B 218 -22.81 -3.72 -15.61
CA ARG B 218 -21.92 -3.28 -16.67
C ARG B 218 -22.60 -3.51 -18.02
N ARG B 219 -22.70 -2.45 -18.82
CA ARG B 219 -23.41 -2.55 -20.09
C ARG B 219 -22.69 -3.48 -21.06
N ARG B 220 -21.35 -3.45 -21.06
CA ARG B 220 -20.60 -4.36 -21.92
C ARG B 220 -20.84 -5.81 -21.52
N GLU B 221 -20.82 -6.09 -20.21
CA GLU B 221 -21.07 -7.45 -19.75
C GLU B 221 -22.48 -7.91 -20.11
N LEU B 222 -23.47 -7.03 -19.91
CA LEU B 222 -24.86 -7.38 -20.25
C LEU B 222 -25.00 -7.65 -21.74
N PHE B 223 -24.41 -6.79 -22.58
CA PHE B 223 -24.51 -6.97 -24.03
C PHE B 223 -23.81 -8.24 -24.48
N LEU B 224 -22.67 -8.58 -23.89
CA LEU B 224 -22.00 -9.82 -24.25
C LEU B 224 -22.75 -11.03 -23.74
N ASN B 225 -23.47 -10.90 -22.63
CA ASN B 225 -24.33 -11.99 -22.17
C ASN B 225 -25.50 -12.20 -23.12
N ILE B 226 -26.09 -11.11 -23.62
CA ILE B 226 -27.19 -11.24 -24.57
C ILE B 226 -26.69 -11.81 -25.89
N ILE B 227 -25.48 -11.42 -26.31
CA ILE B 227 -24.94 -11.92 -27.56
C ILE B 227 -24.69 -13.42 -27.49
N SER B 228 -24.23 -13.91 -26.34
CA SER B 228 -23.93 -15.33 -26.18
C SER B 228 -25.17 -16.21 -26.37
N LYS B 229 -26.36 -15.64 -26.23
CA LYS B 229 -27.58 -16.39 -26.48
C LYS B 229 -27.83 -16.63 -27.97
N PHE B 230 -27.09 -15.96 -28.85
CA PHE B 230 -27.25 -16.11 -30.29
C PHE B 230 -26.03 -16.70 -30.98
N THR B 231 -24.83 -16.43 -30.48
CA THR B 231 -23.61 -16.98 -31.08
C THR B 231 -22.67 -17.43 -29.98
N ARG B 232 -21.84 -18.43 -30.29
CA ARG B 232 -20.86 -18.93 -29.35
C ARG B 232 -19.48 -18.36 -29.57
N ASN B 233 -19.20 -17.79 -30.75
CA ASN B 233 -17.93 -17.12 -31.02
C ASN B 233 -18.07 -15.66 -30.60
N THR B 234 -17.94 -15.43 -29.31
CA THR B 234 -18.01 -14.09 -28.75
C THR B 234 -16.65 -13.42 -28.66
N LYS B 235 -15.60 -14.09 -29.14
CA LYS B 235 -14.26 -13.52 -29.15
C LYS B 235 -14.05 -12.58 -30.32
N GLN B 236 -14.99 -12.53 -31.26
CA GLN B 236 -14.92 -11.57 -32.36
C GLN B 236 -15.39 -10.18 -31.94
N TYR B 237 -15.92 -10.04 -30.73
CA TYR B 237 -16.43 -8.77 -30.23
C TYR B 237 -15.50 -8.15 -29.20
N HIS B 238 -14.24 -8.60 -29.14
CA HIS B 238 -13.34 -8.13 -28.08
C HIS B 238 -12.93 -6.68 -28.30
N ASP B 239 -13.04 -6.16 -29.51
CA ASP B 239 -12.62 -4.80 -29.80
C ASP B 239 -13.75 -3.87 -30.22
N MET B 240 -14.96 -4.38 -30.41
CA MET B 240 -16.07 -3.51 -30.76
C MET B 240 -16.52 -2.70 -29.54
N CYS B 241 -17.04 -1.52 -29.79
CA CYS B 241 -17.56 -0.69 -28.72
C CYS B 241 -18.94 -1.19 -28.29
N GLU B 242 -19.42 -0.63 -27.17
CA GLU B 242 -20.71 -1.06 -26.64
C GLU B 242 -21.85 -0.72 -27.60
N GLU B 243 -21.71 0.36 -28.37
CA GLU B 243 -22.74 0.71 -29.35
C GLU B 243 -22.75 -0.29 -30.50
N ASP B 244 -21.58 -0.77 -30.92
CA ASP B 244 -21.53 -1.82 -31.93
C ASP B 244 -22.10 -3.13 -31.39
N LEU B 245 -21.88 -3.41 -30.10
CA LEU B 245 -22.51 -4.57 -29.47
C LEU B 245 -24.03 -4.43 -29.50
N ALA B 246 -24.54 -3.24 -29.19
CA ALA B 246 -25.97 -3.00 -29.24
C ALA B 246 -26.52 -3.16 -30.64
N ASP B 247 -25.79 -2.69 -31.64
CA ASP B 247 -26.22 -2.87 -33.03
C ASP B 247 -26.23 -4.35 -33.41
N GLU B 248 -25.24 -5.11 -32.96
CA GLU B 248 -25.24 -6.55 -33.21
C GLU B 248 -26.44 -7.23 -32.56
N ILE B 249 -26.76 -6.82 -31.33
CA ILE B 249 -27.93 -7.36 -30.65
C ILE B 249 -29.21 -6.99 -31.40
N GLU B 250 -29.26 -5.76 -31.93
CA GLU B 250 -30.42 -5.35 -32.72
C GLU B 250 -30.58 -6.22 -33.96
N ASP B 251 -29.48 -6.51 -34.65
CA ASP B 251 -29.54 -7.39 -35.80
C ASP B 251 -29.99 -8.79 -35.41
N PHE B 252 -29.45 -9.31 -34.29
CA PHE B 252 -29.83 -10.64 -33.83
C PHE B 252 -31.32 -10.72 -33.50
N LEU B 253 -31.85 -9.70 -32.84
CA LEU B 253 -33.25 -9.69 -32.46
C LEU B 253 -34.17 -9.44 -33.65
N GLY B 254 -33.70 -8.67 -34.64
CA GLY B 254 -34.50 -8.43 -35.83
C GLY B 254 -34.47 -9.55 -36.85
N LYS B 255 -33.50 -10.45 -36.76
CA LYS B 255 -33.46 -11.59 -37.68
C LYS B 255 -34.68 -12.49 -37.51
N GLY B 256 -35.08 -12.75 -36.26
CA GLY B 256 -36.19 -13.64 -35.96
C GLY B 256 -37.53 -12.95 -36.01
N GLY B 257 -38.43 -13.41 -35.16
CA GLY B 257 -39.78 -12.88 -35.04
C GLY B 257 -39.92 -11.96 -33.85
N LYS B 258 -41.06 -12.07 -33.18
CA LYS B 258 -41.29 -11.28 -31.97
C LYS B 258 -40.38 -11.76 -30.85
N TYR B 259 -39.96 -10.83 -30.01
CA TYR B 259 -39.11 -11.14 -28.87
C TYR B 259 -39.72 -10.57 -27.60
N LEU B 260 -39.57 -11.31 -26.51
CA LEU B 260 -39.92 -10.85 -25.17
C LEU B 260 -38.65 -10.76 -24.34
N ILE B 261 -38.48 -9.63 -23.65
CA ILE B 261 -37.28 -9.37 -22.86
C ILE B 261 -37.71 -8.96 -21.47
N VAL B 262 -37.17 -9.63 -20.46
CA VAL B 262 -37.48 -9.35 -19.06
C VAL B 262 -36.28 -8.62 -18.46
N LEU B 263 -36.45 -7.33 -18.19
CA LEU B 263 -35.42 -6.52 -17.54
C LEU B 263 -35.74 -6.50 -16.05
N ASP B 264 -35.06 -7.35 -15.29
CA ASP B 264 -35.34 -7.52 -13.87
C ASP B 264 -34.59 -6.48 -13.06
N ASP B 265 -35.27 -5.89 -12.08
CA ASP B 265 -34.66 -5.00 -11.09
C ASP B 265 -33.96 -3.81 -11.74
N VAL B 266 -34.75 -3.00 -12.42
CA VAL B 266 -34.28 -1.72 -12.94
C VAL B 266 -34.48 -0.67 -11.86
N TRP B 267 -33.43 0.11 -11.58
CA TRP B 267 -33.45 1.02 -10.45
C TRP B 267 -33.52 2.49 -10.84
N SER B 268 -33.08 2.85 -12.04
CA SER B 268 -33.12 4.24 -12.48
C SER B 268 -33.52 4.30 -13.95
N PRO B 269 -34.16 5.39 -14.37
CA PRO B 269 -34.45 5.54 -15.81
C PRO B 269 -33.21 5.63 -16.68
N ASP B 270 -32.07 6.06 -16.12
CA ASP B 270 -30.84 6.13 -16.88
C ASP B 270 -30.41 4.74 -17.36
N ALA B 271 -30.49 3.75 -16.48
CA ALA B 271 -30.17 2.38 -16.87
C ALA B 271 -31.11 1.88 -17.94
N TRP B 272 -32.40 2.20 -17.82
CA TRP B 272 -33.38 1.81 -18.83
C TRP B 272 -33.04 2.41 -20.18
N GLU B 273 -32.66 3.69 -20.21
CA GLU B 273 -32.32 4.33 -21.47
C GLU B 273 -31.03 3.78 -22.05
N ARG B 274 -30.05 3.46 -21.20
CA ARG B 274 -28.78 2.95 -21.70
C ARG B 274 -28.93 1.54 -22.26
N ILE B 275 -29.74 0.71 -21.61
CA ILE B 275 -29.89 -0.67 -22.08
C ILE B 275 -30.85 -0.75 -23.27
N ARG B 276 -31.80 0.19 -23.37
CA ARG B 276 -32.83 0.12 -24.40
C ARG B 276 -32.26 0.26 -25.81
N ILE B 277 -31.02 0.75 -25.95
CA ILE B 277 -30.45 0.97 -27.27
C ILE B 277 -30.15 -0.31 -28.03
N ALA B 278 -30.24 -1.46 -27.38
CA ALA B 278 -29.96 -2.75 -27.99
C ALA B 278 -31.20 -3.46 -28.50
N PHE B 279 -32.39 -2.90 -28.29
CA PHE B 279 -33.64 -3.58 -28.64
C PHE B 279 -34.29 -2.89 -29.83
N PRO B 280 -34.38 -3.55 -30.98
CA PRO B 280 -34.97 -2.91 -32.16
C PRO B 280 -36.48 -2.75 -32.05
N ASN B 281 -37.00 -1.77 -32.78
CA ASN B 281 -38.43 -1.54 -32.93
C ASN B 281 -38.74 -1.70 -34.42
N ASN B 282 -39.02 -2.94 -34.83
CA ASN B 282 -39.17 -3.29 -36.23
C ASN B 282 -40.63 -3.53 -36.61
N ASN B 283 -41.54 -2.80 -35.97
CA ASN B 283 -42.98 -2.87 -36.26
C ASN B 283 -43.55 -4.27 -36.06
N LYS B 284 -42.92 -5.05 -35.19
CA LYS B 284 -43.47 -6.31 -34.72
C LYS B 284 -43.87 -6.15 -33.26
N SER B 285 -44.81 -6.99 -32.82
CA SER B 285 -45.33 -6.87 -31.47
C SER B 285 -44.29 -7.34 -30.46
N ASN B 286 -43.17 -6.62 -30.38
CA ASN B 286 -42.11 -6.93 -29.45
C ASN B 286 -42.42 -6.32 -28.10
N ARG B 287 -42.17 -7.06 -27.03
CA ARG B 287 -42.57 -6.65 -25.70
C ARG B 287 -41.37 -6.68 -24.76
N ILE B 288 -41.43 -5.82 -23.74
CA ILE B 288 -40.44 -5.77 -22.67
C ILE B 288 -41.18 -5.86 -21.35
N LEU B 289 -40.78 -6.80 -20.51
CA LEU B 289 -41.35 -6.95 -19.18
C LEU B 289 -40.36 -6.38 -18.17
N LEU B 290 -40.79 -5.40 -17.38
CA LEU B 290 -39.90 -4.67 -16.51
C LEU B 290 -40.42 -4.74 -15.08
N THR B 291 -39.54 -5.11 -14.16
CA THR B 291 -39.85 -5.18 -12.74
C THR B 291 -38.97 -4.18 -12.00
N THR B 292 -39.59 -3.33 -11.19
CA THR B 292 -38.85 -2.28 -10.50
C THR B 292 -39.55 -1.95 -9.20
N ARG B 293 -38.79 -1.38 -8.26
CA ARG B 293 -39.34 -0.88 -7.01
C ARG B 293 -39.84 0.55 -7.14
N ASP B 294 -39.18 1.37 -7.93
CA ASP B 294 -39.53 2.78 -8.07
C ASP B 294 -40.60 2.96 -9.15
N SER B 295 -41.59 3.81 -8.85
CA SER B 295 -42.65 4.10 -9.80
C SER B 295 -42.17 5.02 -10.92
N LYS B 296 -41.10 5.79 -10.71
CA LYS B 296 -40.61 6.67 -11.75
C LYS B 296 -40.07 5.91 -12.95
N VAL B 297 -39.40 4.77 -12.71
CA VAL B 297 -38.86 3.97 -13.81
C VAL B 297 -39.96 3.38 -14.67
N ALA B 298 -41.17 3.23 -14.12
CA ALA B 298 -42.29 2.67 -14.87
C ALA B 298 -43.02 3.71 -15.71
N LYS B 299 -42.65 4.97 -15.60
CA LYS B 299 -43.34 6.04 -16.34
C LYS B 299 -42.44 6.63 -17.42
N PRO B 308 -48.75 1.46 -15.36
CA PRO B 308 -47.97 0.31 -14.91
C PRO B 308 -48.84 -0.79 -14.33
N HIS B 309 -48.20 -1.85 -13.82
CA HIS B 309 -48.90 -2.95 -13.17
C HIS B 309 -48.44 -3.03 -11.72
N ASP B 310 -49.33 -2.62 -10.81
CA ASP B 310 -49.04 -2.70 -9.38
C ASP B 310 -49.35 -4.10 -8.91
N LEU B 311 -48.32 -4.86 -8.53
CA LEU B 311 -48.51 -6.25 -8.13
C LEU B 311 -49.32 -6.33 -6.84
N LYS B 312 -50.18 -7.35 -6.77
CA LYS B 312 -51.07 -7.51 -5.65
C LYS B 312 -50.34 -8.10 -4.44
N PHE B 313 -51.00 -8.03 -3.29
CA PHE B 313 -50.55 -8.71 -2.08
C PHE B 313 -51.32 -10.01 -1.92
N LEU B 314 -50.66 -11.00 -1.34
CA LEU B 314 -51.32 -12.27 -1.04
C LEU B 314 -52.40 -12.07 0.00
N THR B 315 -53.51 -12.77 -0.17
CA THR B 315 -54.58 -12.71 0.81
C THR B 315 -54.20 -13.53 2.04
N GLU B 316 -55.07 -13.51 3.05
CA GLU B 316 -54.82 -14.26 4.27
C GLU B 316 -54.80 -15.75 4.00
N ASP B 317 -55.78 -16.23 3.23
CA ASP B 317 -55.81 -17.65 2.86
C ASP B 317 -54.59 -18.02 2.02
N GLU B 318 -54.21 -17.16 1.06
CA GLU B 318 -53.03 -17.42 0.26
C GLU B 318 -51.76 -17.40 1.10
N SER B 319 -51.70 -16.49 2.08
CA SER B 319 -50.55 -16.45 2.98
C SER B 319 -50.44 -17.75 3.78
N TRP B 320 -51.56 -18.24 4.30
CA TRP B 320 -51.52 -19.50 5.04
C TRP B 320 -51.16 -20.67 4.13
N ILE B 321 -51.67 -20.66 2.89
CA ILE B 321 -51.32 -21.71 1.95
C ILE B 321 -49.82 -21.71 1.69
N LEU B 322 -49.24 -20.54 1.46
CA LEU B 322 -47.81 -20.45 1.21
C LEU B 322 -47.00 -20.91 2.42
N LEU B 323 -47.40 -20.48 3.61
CA LEU B 323 -46.66 -20.88 4.81
C LEU B 323 -46.73 -22.39 5.02
N GLU B 324 -47.92 -22.98 4.82
CA GLU B 324 -48.06 -24.43 4.98
C GLU B 324 -47.24 -25.18 3.94
N LYS B 325 -47.22 -24.69 2.70
CA LYS B 325 -46.42 -25.34 1.67
C LYS B 325 -44.93 -25.24 1.97
N LYS B 326 -44.49 -24.10 2.50
CA LYS B 326 -43.06 -23.90 2.77
C LYS B 326 -42.59 -24.67 4.00
N VAL B 327 -43.43 -24.82 5.02
CA VAL B 327 -43.02 -25.52 6.22
C VAL B 327 -43.27 -27.02 6.10
N PHE B 328 -44.49 -27.42 5.73
CA PHE B 328 -44.85 -28.81 5.55
C PHE B 328 -44.93 -29.09 4.05
N HIS B 329 -43.83 -29.59 3.49
CA HIS B 329 -43.75 -29.88 2.06
C HIS B 329 -44.77 -30.95 1.65
N GLU B 338 -53.73 -25.26 11.70
CA GLU B 338 -53.18 -24.84 12.98
C GLU B 338 -53.47 -23.36 13.23
N LEU B 339 -54.02 -23.06 14.41
CA LEU B 339 -54.32 -21.67 14.76
C LEU B 339 -53.04 -20.83 14.85
N SER B 340 -51.98 -21.40 15.44
CA SER B 340 -50.71 -20.67 15.52
C SER B 340 -50.16 -20.39 14.13
N GLY B 341 -50.22 -21.38 13.24
CA GLY B 341 -49.72 -21.16 11.88
C GLY B 341 -50.54 -20.13 11.13
N LYS B 342 -51.86 -20.17 11.29
CA LYS B 342 -52.71 -19.19 10.63
C LYS B 342 -52.47 -17.78 11.16
N SER B 343 -52.21 -17.65 12.47
CA SER B 343 -51.91 -16.34 13.03
C SER B 343 -50.54 -15.86 12.63
N ILE B 344 -49.59 -16.77 12.42
CA ILE B 344 -48.27 -16.38 11.94
C ILE B 344 -48.35 -15.91 10.49
N ALA B 345 -49.10 -16.62 9.66
CA ALA B 345 -49.23 -16.23 8.26
C ALA B 345 -50.05 -14.96 8.10
N LYS B 346 -50.98 -14.69 9.02
CA LYS B 346 -51.76 -13.46 8.96
C LYS B 346 -50.92 -12.24 9.31
N LYS B 347 -49.92 -12.41 10.18
CA LYS B 347 -49.07 -11.30 10.60
C LYS B 347 -48.02 -10.92 9.57
N CYS B 348 -47.90 -11.67 8.48
CA CYS B 348 -47.00 -11.31 7.40
C CYS B 348 -47.60 -10.32 6.42
N ASN B 349 -48.90 -10.02 6.56
CA ASN B 349 -49.56 -8.95 5.79
C ASN B 349 -49.45 -9.20 4.28
N GLY B 350 -49.53 -10.46 3.88
CA GLY B 350 -49.55 -10.78 2.48
C GLY B 350 -48.27 -10.53 1.73
N LEU B 351 -47.14 -10.42 2.43
CA LEU B 351 -45.87 -10.24 1.77
C LEU B 351 -45.16 -11.58 1.69
N PRO B 352 -44.95 -12.13 0.49
CA PRO B 352 -44.36 -13.47 0.40
C PRO B 352 -42.95 -13.57 0.95
N LEU B 353 -42.20 -12.46 0.96
CA LEU B 353 -40.86 -12.49 1.51
C LEU B 353 -40.88 -12.75 3.02
N ALA B 354 -41.79 -12.09 3.73
CA ALA B 354 -41.94 -12.33 5.16
C ALA B 354 -42.39 -13.76 5.43
N ILE B 355 -43.31 -14.27 4.61
CA ILE B 355 -43.77 -15.65 4.78
C ILE B 355 -42.62 -16.62 4.57
N VAL B 356 -41.78 -16.37 3.56
CA VAL B 356 -40.64 -17.24 3.29
C VAL B 356 -39.65 -17.22 4.44
N VAL B 357 -39.37 -16.01 4.97
CA VAL B 357 -38.41 -15.89 6.07
C VAL B 357 -38.94 -16.60 7.32
N ILE B 358 -40.22 -16.38 7.64
CA ILE B 358 -40.79 -17.00 8.84
C ILE B 358 -40.90 -18.50 8.66
N ALA B 359 -41.12 -18.98 7.43
CA ALA B 359 -41.16 -20.42 7.20
C ALA B 359 -39.79 -21.05 7.33
N GLY B 360 -38.75 -20.37 6.84
CA GLY B 360 -37.40 -20.85 7.07
C GLY B 360 -37.05 -20.89 8.55
N ALA B 361 -37.54 -19.91 9.31
CA ALA B 361 -37.34 -19.93 10.76
C ALA B 361 -38.11 -21.08 11.41
N LEU B 362 -39.34 -21.33 10.96
CA LEU B 362 -40.18 -22.34 11.59
C LEU B 362 -39.71 -23.76 11.24
N ILE B 363 -39.06 -23.94 10.09
CA ILE B 363 -38.62 -25.27 9.70
C ILE B 363 -37.56 -25.84 10.65
N GLY B 364 -36.85 -24.97 11.36
CA GLY B 364 -35.83 -25.42 12.29
C GLY B 364 -36.37 -25.80 13.65
N LYS B 365 -37.53 -25.26 14.00
CA LYS B 365 -38.13 -25.54 15.30
C LYS B 365 -38.93 -26.85 15.23
N GLY B 366 -39.12 -27.45 16.40
CA GLY B 366 -39.91 -28.66 16.48
C GLY B 366 -41.38 -28.40 16.23
N LYS B 367 -42.06 -29.42 15.72
CA LYS B 367 -43.48 -29.31 15.39
C LYS B 367 -44.34 -29.50 16.65
N THR B 368 -44.16 -28.58 17.59
CA THR B 368 -44.92 -28.56 18.84
C THR B 368 -45.66 -27.24 18.95
N SER B 369 -46.90 -27.31 19.45
CA SER B 369 -47.72 -26.11 19.55
C SER B 369 -47.14 -25.08 20.50
N ARG B 370 -46.31 -25.50 21.46
CA ARG B 370 -45.69 -24.54 22.36
C ARG B 370 -44.56 -23.78 21.69
N GLU B 371 -43.83 -24.42 20.77
CA GLU B 371 -42.76 -23.74 20.04
C GLU B 371 -43.27 -22.92 18.87
N TRP B 372 -44.52 -23.14 18.44
CA TRP B 372 -45.12 -22.29 17.42
C TRP B 372 -45.84 -21.09 18.03
N LYS B 373 -46.28 -21.19 19.27
CA LYS B 373 -46.82 -20.03 19.98
C LYS B 373 -45.73 -19.07 20.44
N GLN B 374 -44.49 -19.56 20.57
CA GLN B 374 -43.37 -18.67 20.88
C GLN B 374 -43.01 -17.79 19.70
N VAL B 375 -43.31 -18.22 18.48
CA VAL B 375 -43.16 -17.37 17.31
C VAL B 375 -44.35 -16.45 17.10
N ASP B 376 -45.33 -16.50 18.00
CA ASP B 376 -46.53 -15.66 17.95
C ASP B 376 -47.31 -15.86 16.65
N CYS B 392 -35.98 -9.98 3.92
CA CYS B 392 -35.36 -9.85 5.23
C CYS B 392 -34.92 -8.41 5.49
N ASN B 393 -33.66 -8.24 5.89
CA ASN B 393 -33.12 -6.92 6.19
C ASN B 393 -32.23 -6.36 5.10
N LYS B 394 -31.52 -7.22 4.37
CA LYS B 394 -30.65 -6.76 3.29
C LYS B 394 -31.43 -6.34 2.05
N LEU B 395 -32.63 -6.90 1.85
CA LEU B 395 -33.44 -6.50 0.71
C LEU B 395 -34.00 -5.09 0.89
N VAL B 396 -34.51 -4.79 2.09
CA VAL B 396 -35.01 -3.45 2.37
C VAL B 396 -33.89 -2.43 2.35
N GLN B 397 -32.69 -2.82 2.83
CA GLN B 397 -31.56 -1.91 2.86
C GLN B 397 -31.13 -1.46 1.47
N LEU B 398 -31.52 -2.20 0.42
CA LEU B 398 -31.18 -1.77 -0.93
C LEU B 398 -31.86 -0.46 -1.29
N SER B 399 -33.14 -0.33 -0.94
CA SER B 399 -33.88 0.90 -1.20
C SER B 399 -33.68 1.95 -0.13
N TYR B 400 -33.34 1.54 1.10
CA TYR B 400 -33.08 2.50 2.16
C TYR B 400 -31.74 3.20 1.98
N ASP B 401 -30.73 2.48 1.47
CA ASP B 401 -29.42 3.08 1.26
C ASP B 401 -29.40 4.04 0.08
N ARG B 402 -30.39 3.98 -0.81
CA ARG B 402 -30.48 4.91 -1.93
C ARG B 402 -31.10 6.24 -1.54
N LEU B 403 -31.64 6.35 -0.32
CA LEU B 403 -32.21 7.60 0.16
C LEU B 403 -31.10 8.58 0.53
N SER B 404 -31.42 9.86 0.47
CA SER B 404 -30.48 10.89 0.90
C SER B 404 -30.39 10.90 2.43
N TYR B 405 -29.46 11.69 2.95
CA TYR B 405 -29.24 11.73 4.39
C TYR B 405 -30.47 12.25 5.12
N ASP B 406 -31.13 13.28 4.57
CA ASP B 406 -32.33 13.82 5.20
C ASP B 406 -33.53 12.91 4.99
N LEU B 407 -33.65 12.32 3.80
CA LEU B 407 -34.77 11.43 3.53
C LEU B 407 -34.71 10.15 4.35
N LYS B 408 -33.51 9.72 4.76
CA LYS B 408 -33.41 8.58 5.66
C LYS B 408 -34.03 8.89 7.02
N ALA B 409 -33.73 10.06 7.58
CA ALA B 409 -34.31 10.45 8.85
C ALA B 409 -35.81 10.71 8.72
N CYS B 410 -36.24 11.26 7.59
CA CYS B 410 -37.67 11.44 7.36
C CYS B 410 -38.38 10.10 7.28
N PHE B 411 -37.73 9.09 6.68
CA PHE B 411 -38.34 7.78 6.53
C PHE B 411 -38.41 7.05 7.87
N LEU B 412 -37.32 7.10 8.65
CA LEU B 412 -37.30 6.42 9.94
C LEU B 412 -38.29 7.04 10.92
N TYR B 413 -38.56 8.34 10.80
CA TYR B 413 -39.53 8.98 11.68
C TYR B 413 -40.93 8.47 11.45
N CYS B 414 -41.22 7.92 10.27
CA CYS B 414 -42.52 7.29 10.02
C CYS B 414 -42.72 6.03 10.85
N GLY B 415 -41.63 5.43 11.34
CA GLY B 415 -41.73 4.29 12.22
C GLY B 415 -42.10 4.62 13.64
N ALA B 416 -42.11 5.90 14.00
CA ALA B 416 -42.59 6.30 15.32
C ALA B 416 -44.07 6.00 15.49
N PHE B 417 -44.86 6.24 14.44
CA PHE B 417 -46.28 5.95 14.50
C PHE B 417 -46.50 4.46 14.70
N PRO B 418 -47.46 4.06 15.54
CA PRO B 418 -47.65 2.64 15.85
C PRO B 418 -47.98 1.83 14.60
N GLY B 419 -47.91 0.50 14.76
CA GLY B 419 -48.16 -0.38 13.64
C GLY B 419 -49.59 -0.24 13.12
N GLY B 420 -49.70 -0.13 11.80
CA GLY B 420 -51.00 0.00 11.18
C GLY B 420 -51.66 1.35 11.32
N PHE B 421 -50.97 2.33 11.91
CA PHE B 421 -51.57 3.63 12.15
C PHE B 421 -51.74 4.39 10.84
N GLU B 422 -52.84 5.13 10.74
CA GLU B 422 -53.10 5.99 9.59
C GLU B 422 -52.42 7.33 9.84
N ILE B 423 -51.22 7.50 9.28
CA ILE B 423 -50.45 8.72 9.49
C ILE B 423 -51.08 9.86 8.70
N PRO B 424 -51.50 10.94 9.36
CA PRO B 424 -51.98 12.11 8.60
C PRO B 424 -50.82 12.83 7.94
N ALA B 425 -50.95 13.07 6.63
CA ALA B 425 -49.84 13.64 5.88
C ALA B 425 -49.46 15.03 6.37
N TRP B 426 -50.46 15.86 6.69
CA TRP B 426 -50.17 17.20 7.18
C TRP B 426 -49.43 17.14 8.52
N LYS B 427 -49.87 16.27 9.43
CA LYS B 427 -49.20 16.13 10.71
C LYS B 427 -47.78 15.60 10.53
N LEU B 428 -47.60 14.64 9.63
CA LEU B 428 -46.26 14.12 9.36
C LEU B 428 -45.35 15.21 8.81
N ILE B 429 -45.86 16.04 7.91
CA ILE B 429 -45.07 17.11 7.33
C ILE B 429 -44.68 18.13 8.40
N ARG B 430 -45.64 18.53 9.24
CA ARG B 430 -45.34 19.50 10.28
C ARG B 430 -44.35 18.93 11.29
N LEU B 431 -44.49 17.65 11.63
CA LEU B 431 -43.54 17.00 12.52
C LEU B 431 -42.14 16.95 11.91
N TRP B 432 -42.05 16.65 10.62
CA TRP B 432 -40.76 16.64 9.94
C TRP B 432 -40.12 18.01 9.98
N ILE B 433 -40.89 19.06 9.72
CA ILE B 433 -40.35 20.41 9.75
C ILE B 433 -39.89 20.78 11.15
N ALA B 434 -40.67 20.42 12.17
CA ALA B 434 -40.32 20.77 13.55
C ALA B 434 -39.10 20.01 14.04
N GLU B 435 -38.93 18.76 13.62
CA GLU B 435 -37.78 17.97 14.06
C GLU B 435 -36.47 18.43 13.43
N GLY B 436 -36.52 19.32 12.45
CA GLY B 436 -35.32 19.79 11.79
C GLY B 436 -34.84 18.95 10.64
N PHE B 437 -35.62 17.94 10.22
CA PHE B 437 -35.23 17.12 9.08
C PHE B 437 -35.30 17.92 7.78
N ILE B 438 -36.28 18.81 7.65
CA ILE B 438 -36.45 19.59 6.44
C ILE B 438 -35.60 20.85 6.49
N SER B 445 -40.74 26.65 -0.19
CA SER B 445 -41.10 26.61 1.22
C SER B 445 -40.70 25.29 1.86
N LEU B 446 -40.78 25.24 3.19
CA LEU B 446 -40.47 24.00 3.90
C LEU B 446 -41.57 22.97 3.68
N GLU B 447 -42.82 23.41 3.60
CA GLU B 447 -43.93 22.49 3.35
C GLU B 447 -43.81 21.84 1.98
N CYS B 448 -43.39 22.61 0.97
CA CYS B 448 -43.20 22.04 -0.36
C CYS B 448 -42.11 20.97 -0.35
N LYS B 449 -41.00 21.24 0.34
CA LYS B 449 -39.93 20.25 0.42
C LYS B 449 -40.37 19.01 1.18
N ALA B 450 -41.15 19.18 2.25
CA ALA B 450 -41.63 18.03 3.00
C ALA B 450 -42.60 17.19 2.17
N GLU B 451 -43.49 17.85 1.43
CA GLU B 451 -44.39 17.12 0.53
C GLU B 451 -43.60 16.39 -0.56
N ASP B 452 -42.54 17.03 -1.06
CA ASP B 452 -41.68 16.36 -2.04
C ASP B 452 -41.01 15.13 -1.43
N ASN B 453 -40.56 15.24 -0.18
CA ASN B 453 -39.97 14.09 0.49
C ASN B 453 -40.97 12.95 0.66
N LEU B 454 -42.21 13.29 1.06
CA LEU B 454 -43.23 12.27 1.19
C LEU B 454 -43.53 11.60 -0.15
N ASN B 455 -43.64 12.40 -1.21
CA ASN B 455 -43.89 11.82 -2.53
C ASN B 455 -42.70 11.00 -3.02
N ASP B 456 -41.48 11.38 -2.65
CA ASP B 456 -40.31 10.58 -2.98
C ASP B 456 -40.34 9.24 -2.28
N LEU B 457 -40.72 9.23 -1.00
CA LEU B 457 -40.86 7.98 -0.27
C LEU B 457 -41.95 7.11 -0.86
N ILE B 458 -43.05 7.72 -1.31
CA ILE B 458 -44.16 6.97 -1.89
C ILE B 458 -43.74 6.38 -3.24
N ASN B 459 -43.04 7.16 -4.07
CA ASN B 459 -42.65 6.69 -5.39
C ASN B 459 -41.72 5.50 -5.30
N ARG B 460 -40.83 5.50 -4.31
CA ARG B 460 -39.94 4.37 -4.06
C ARG B 460 -40.65 3.18 -3.41
N ASN B 461 -41.97 3.27 -3.23
CA ASN B 461 -42.78 2.21 -2.63
C ASN B 461 -42.35 1.89 -1.21
N LEU B 462 -41.77 2.87 -0.51
CA LEU B 462 -41.47 2.70 0.90
C LEU B 462 -42.61 3.14 1.80
N VAL B 463 -43.58 3.88 1.27
CA VAL B 463 -44.74 4.35 2.02
C VAL B 463 -45.99 4.12 1.17
N MET B 464 -47.05 3.60 1.79
CA MET B 464 -48.28 3.25 1.09
C MET B 464 -49.31 4.36 1.28
N VAL B 465 -49.96 4.76 0.19
CA VAL B 465 -51.00 5.77 0.24
C VAL B 465 -52.36 5.08 0.26
N MET B 466 -53.22 5.51 1.18
CA MET B 466 -54.58 4.99 1.26
C MET B 466 -55.63 6.06 1.05
N GLN B 467 -55.55 7.19 1.75
CA GLN B 467 -56.52 8.26 1.58
C GLN B 467 -55.89 9.42 0.81
N ARG B 468 -56.59 9.85 -0.24
CA ARG B 468 -56.17 10.97 -1.06
C ARG B 468 -57.23 12.05 -1.02
N THR B 469 -56.79 13.31 -1.11
CA THR B 469 -57.72 14.42 -1.14
C THR B 469 -58.50 14.41 -2.45
N SER B 470 -59.64 15.11 -2.44
CA SER B 470 -60.50 15.13 -3.61
C SER B 470 -59.81 15.73 -4.84
N ASP B 471 -58.81 16.59 -4.62
CA ASP B 471 -58.07 17.23 -5.70
C ASP B 471 -56.82 16.44 -6.11
N GLY B 472 -56.61 15.26 -5.54
CA GLY B 472 -55.48 14.42 -5.90
C GLY B 472 -54.34 14.43 -4.90
N GLN B 473 -54.35 15.34 -3.94
CA GLN B 473 -53.30 15.36 -2.93
C GLN B 473 -53.45 14.17 -1.98
N ILE B 474 -52.35 13.83 -1.32
CA ILE B 474 -52.33 12.74 -0.35
C ILE B 474 -52.86 13.26 0.98
N LYS B 475 -53.73 12.46 1.62
CA LYS B 475 -54.31 12.81 2.90
C LYS B 475 -53.71 12.00 4.04
N THR B 476 -53.74 10.67 3.95
CA THR B 476 -53.17 9.80 4.96
C THR B 476 -52.31 8.73 4.30
N CYS B 477 -51.47 8.09 5.11
CA CYS B 477 -50.57 7.05 4.63
C CYS B 477 -50.17 6.17 5.81
N ARG B 478 -49.58 5.03 5.49
CA ARG B 478 -49.07 4.13 6.52
C ARG B 478 -47.87 3.37 5.98
N LEU B 479 -47.12 2.78 6.90
CA LEU B 479 -45.96 1.95 6.59
C LEU B 479 -46.39 0.48 6.58
N HIS B 480 -45.86 -0.27 5.62
CA HIS B 480 -46.07 -1.71 5.64
C HIS B 480 -45.37 -2.30 6.87
N ASP B 481 -45.92 -3.41 7.37
CA ASP B 481 -45.46 -3.93 8.66
C ASP B 481 -44.01 -4.37 8.61
N MET B 482 -43.54 -4.90 7.49
CA MET B 482 -42.11 -5.18 7.38
C MET B 482 -41.30 -3.89 7.31
N LEU B 483 -41.78 -2.91 6.56
CA LEU B 483 -41.12 -1.60 6.54
C LEU B 483 -41.20 -0.94 7.90
N HIS B 484 -42.34 -1.08 8.58
CA HIS B 484 -42.48 -0.51 9.93
C HIS B 484 -41.48 -1.16 10.89
N GLU B 485 -41.33 -2.48 10.82
CA GLU B 485 -40.37 -3.17 11.67
C GLU B 485 -38.94 -2.74 11.35
N PHE B 486 -38.62 -2.61 10.06
CA PHE B 486 -37.29 -2.15 9.67
C PHE B 486 -37.02 -0.75 10.22
N CYS B 487 -37.97 0.16 10.05
CA CYS B 487 -37.78 1.53 10.54
C CYS B 487 -37.63 1.55 12.05
N ARG B 488 -38.48 0.81 12.76
CA ARG B 488 -38.41 0.76 14.21
C ARG B 488 -37.06 0.22 14.68
N GLN B 489 -36.63 -0.92 14.13
CA GLN B 489 -35.38 -1.52 14.54
C GLN B 489 -34.21 -0.59 14.25
N GLU B 490 -34.16 -0.01 13.04
CA GLU B 490 -33.05 0.85 12.68
C GLU B 490 -33.00 2.07 13.58
N ALA B 491 -34.11 2.80 13.68
CA ALA B 491 -34.12 4.05 14.43
C ALA B 491 -34.03 3.84 15.94
N MET B 492 -34.29 2.64 16.42
CA MET B 492 -34.18 2.37 17.86
C MET B 492 -32.85 1.75 18.24
N LYS B 493 -32.14 1.11 17.32
CA LYS B 493 -30.87 0.46 17.63
C LYS B 493 -29.67 1.17 17.05
N GLU B 494 -29.66 1.45 15.74
CA GLU B 494 -28.45 1.91 15.09
C GLU B 494 -28.33 3.43 15.03
N GLU B 495 -29.46 4.15 15.06
CA GLU B 495 -29.43 5.60 14.96
C GLU B 495 -29.87 6.32 16.24
N ASN B 496 -30.63 5.65 17.11
CA ASN B 496 -31.19 6.27 18.31
C ASN B 496 -32.04 7.48 17.93
N LEU B 497 -32.73 7.39 16.79
CA LEU B 497 -33.62 8.47 16.38
C LEU B 497 -34.77 8.64 17.36
N PHE B 498 -35.38 7.54 17.77
CA PHE B 498 -36.43 7.57 18.78
C PHE B 498 -36.43 6.23 19.51
N GLN B 499 -37.04 6.24 20.70
CA GLN B 499 -37.17 5.04 21.51
C GLN B 499 -38.61 4.86 21.93
N GLU B 500 -39.15 3.67 21.70
CA GLU B 500 -40.52 3.36 22.07
C GLU B 500 -40.58 2.81 23.49
N ILE B 501 -41.55 3.28 24.26
CA ILE B 501 -41.69 2.90 25.65
C ILE B 501 -42.91 2.03 25.86
N PHE B 509 -40.32 -0.42 31.88
CA PHE B 509 -40.02 0.98 31.66
C PHE B 509 -38.53 1.24 31.77
N PRO B 510 -37.99 2.10 30.91
CA PRO B 510 -36.55 2.40 30.95
C PRO B 510 -36.16 3.02 32.28
N GLY B 511 -34.95 2.69 32.74
CA GLY B 511 -34.44 3.22 33.98
C GLY B 511 -33.92 4.64 33.84
N LYS B 512 -33.54 5.22 34.98
CA LYS B 512 -33.02 6.58 34.98
C LYS B 512 -31.72 6.69 34.20
N ARG B 513 -30.92 5.62 34.17
CA ARG B 513 -29.70 5.63 33.38
C ARG B 513 -29.99 5.50 31.89
N GLU B 514 -31.03 4.75 31.53
CA GLU B 514 -31.37 4.57 30.13
C GLU B 514 -32.03 5.80 29.54
N LEU B 515 -32.90 6.47 30.32
CA LEU B 515 -33.60 7.64 29.82
C LEU B 515 -32.67 8.83 29.64
N ALA B 516 -31.50 8.82 30.28
CA ALA B 516 -30.53 9.90 30.09
C ALA B 516 -29.89 9.89 28.71
N THR B 517 -30.03 8.80 27.96
CA THR B 517 -29.51 8.72 26.61
C THR B 517 -30.58 8.83 25.54
N TYR B 518 -31.85 8.74 25.91
CA TYR B 518 -32.92 8.81 24.93
C TYR B 518 -33.04 10.22 24.36
N ARG B 519 -33.30 10.29 23.05
CA ARG B 519 -33.47 11.57 22.36
C ARG B 519 -34.94 11.89 22.09
N ARG B 520 -35.72 10.89 21.69
CA ARG B 520 -37.14 11.07 21.45
C ARG B 520 -37.90 9.92 22.06
N LEU B 521 -39.11 10.20 22.56
CA LEU B 521 -39.95 9.21 23.20
C LEU B 521 -41.25 9.04 22.42
N CYS B 522 -41.62 7.79 22.16
CA CYS B 522 -42.91 7.45 21.57
C CYS B 522 -43.59 6.43 22.47
N ILE B 523 -44.65 6.85 23.16
CA ILE B 523 -45.41 5.96 24.03
C ILE B 523 -46.89 6.11 23.68
N HIS B 524 -47.53 4.98 23.37
CA HIS B 524 -48.95 4.96 23.07
C HIS B 524 -49.74 3.99 23.92
N SER B 525 -49.07 3.14 24.71
CA SER B 525 -49.74 2.20 25.60
C SER B 525 -49.22 2.42 27.02
N SER B 526 -50.14 2.36 27.99
CA SER B 526 -49.82 2.59 29.40
C SER B 526 -49.13 3.94 29.59
N VAL B 527 -49.75 4.99 29.05
CA VAL B 527 -49.19 6.34 29.18
C VAL B 527 -49.25 6.80 30.62
N LEU B 528 -50.38 6.56 31.29
CA LEU B 528 -50.52 7.00 32.69
C LEU B 528 -49.58 6.25 33.60
N GLU B 529 -49.38 4.94 33.37
CA GLU B 529 -48.46 4.18 34.20
C GLU B 529 -47.04 4.69 34.10
N PHE B 530 -46.58 5.01 32.89
CA PHE B 530 -45.25 5.59 32.71
C PHE B 530 -45.17 6.99 33.28
N ILE B 531 -46.24 7.77 33.16
CA ILE B 531 -46.24 9.14 33.68
C ILE B 531 -46.16 9.14 35.19
N SER B 532 -46.87 8.22 35.84
CA SER B 532 -46.87 8.13 37.31
C SER B 532 -45.51 7.79 37.88
N THR B 533 -44.62 7.20 37.08
CA THR B 533 -43.27 6.88 37.55
C THR B 533 -42.37 8.11 37.64
N LYS B 534 -42.86 9.27 37.21
CA LYS B 534 -42.12 10.53 37.22
C LYS B 534 -40.81 10.41 36.43
N PRO B 535 -40.88 10.22 35.12
CA PRO B 535 -39.64 10.12 34.34
C PRO B 535 -38.94 11.46 34.22
N SER B 536 -37.63 11.39 33.98
CA SER B 536 -36.82 12.60 33.85
C SER B 536 -35.76 12.35 32.79
N GLY B 537 -35.91 13.00 31.64
CA GLY B 537 -34.93 12.90 30.58
C GLY B 537 -34.36 14.26 30.22
N GLU B 538 -33.07 14.47 30.49
CA GLU B 538 -32.44 15.76 30.23
C GLU B 538 -32.05 15.96 28.78
N HIS B 539 -32.05 14.91 27.97
CA HIS B 539 -31.72 15.02 26.54
C HIS B 539 -32.89 14.67 25.64
N VAL B 540 -34.07 14.40 26.19
CA VAL B 540 -35.23 14.07 25.37
C VAL B 540 -35.72 15.33 24.68
N ARG B 541 -35.82 15.28 23.35
CA ARG B 541 -36.24 16.44 22.57
C ARG B 541 -37.67 16.34 22.04
N SER B 542 -38.23 15.13 21.96
CA SER B 542 -39.59 14.94 21.48
C SER B 542 -40.35 14.00 22.39
N PHE B 543 -41.64 14.26 22.55
CA PHE B 543 -42.55 13.40 23.31
C PHE B 543 -43.75 13.12 22.42
N LEU B 544 -43.78 11.92 21.85
CA LEU B 544 -44.83 11.54 20.90
C LEU B 544 -45.76 10.52 21.54
N SER B 545 -47.06 10.72 21.33
CA SER B 545 -48.07 9.79 21.85
C SER B 545 -49.18 9.71 20.80
N PHE B 546 -49.10 8.69 19.94
CA PHE B 546 -50.05 8.49 18.86
C PHE B 546 -50.95 7.32 19.24
N SER B 547 -52.07 7.63 19.89
CA SER B 547 -53.06 6.64 20.26
C SER B 547 -54.44 7.16 19.85
N LEU B 548 -55.28 6.24 19.35
CA LEU B 548 -56.62 6.62 18.91
C LEU B 548 -57.63 6.65 20.05
N LYS B 549 -57.26 6.17 21.24
CA LYS B 549 -58.12 6.21 22.41
C LYS B 549 -57.75 7.43 23.25
N LYS B 550 -58.75 8.23 23.59
CA LYS B 550 -58.51 9.45 24.35
C LYS B 550 -58.13 9.12 25.80
N ILE B 551 -57.24 9.91 26.36
CA ILE B 551 -56.71 9.69 27.70
C ILE B 551 -56.87 10.98 28.50
N GLU B 552 -57.46 10.86 29.69
CA GLU B 552 -57.58 12.00 30.60
C GLU B 552 -56.38 12.01 31.54
N MET B 553 -55.71 13.15 31.61
CA MET B 553 -54.44 13.25 32.32
C MET B 553 -54.68 13.72 33.74
N PRO B 554 -54.29 12.95 34.76
CA PRO B 554 -54.58 13.35 36.14
C PRO B 554 -53.99 14.70 36.49
N SER B 555 -54.72 15.45 37.32
CA SER B 555 -54.28 16.80 37.70
C SER B 555 -52.96 16.76 38.46
N VAL B 556 -52.78 15.75 39.33
CA VAL B 556 -51.55 15.65 40.09
C VAL B 556 -50.37 15.38 39.17
N ASP B 557 -50.61 14.80 38.00
CA ASP B 557 -49.56 14.46 37.05
C ASP B 557 -49.41 15.47 35.93
N ILE B 558 -50.09 16.62 36.02
CA ILE B 558 -50.06 17.59 34.92
C ILE B 558 -48.66 18.08 34.58
N PRO B 559 -47.83 18.53 35.54
CA PRO B 559 -46.55 19.14 35.15
C PRO B 559 -45.38 18.17 35.04
N THR B 560 -45.66 16.86 35.01
CA THR B 560 -44.56 15.89 35.03
C THR B 560 -43.75 15.92 33.74
N ILE B 561 -44.40 16.14 32.60
CA ILE B 561 -43.71 16.11 31.32
C ILE B 561 -42.88 17.38 31.12
N PRO B 562 -43.41 18.58 31.36
CA PRO B 562 -42.55 19.78 31.29
C PRO B 562 -41.44 19.79 32.34
N LYS B 563 -41.58 19.03 33.42
CA LYS B 563 -40.54 18.97 34.45
C LYS B 563 -39.43 18.00 34.05
N GLY B 564 -39.79 16.74 33.79
CA GLY B 564 -38.80 15.72 33.47
C GLY B 564 -38.14 15.91 32.12
N PHE B 565 -38.80 16.60 31.20
CA PHE B 565 -38.29 16.83 29.84
C PHE B 565 -38.32 18.33 29.56
N PRO B 566 -37.35 19.08 30.08
CA PRO B 566 -37.36 20.53 29.87
C PRO B 566 -36.84 20.99 28.52
N LEU B 567 -36.23 20.10 27.74
CA LEU B 567 -35.67 20.45 26.44
C LEU B 567 -36.60 20.08 25.28
N LEU B 568 -37.88 19.89 25.55
CA LEU B 568 -38.81 19.40 24.53
C LEU B 568 -38.87 20.37 23.35
N ARG B 569 -38.75 19.83 22.15
CA ARG B 569 -38.95 20.57 20.92
C ARG B 569 -40.28 20.21 20.24
N VAL B 570 -40.68 18.95 20.34
CA VAL B 570 -41.95 18.47 19.79
C VAL B 570 -42.74 17.85 20.91
N PHE B 571 -44.00 18.28 21.05
CA PHE B 571 -44.89 17.80 22.11
C PHE B 571 -46.23 17.45 21.46
N ASP B 572 -46.35 16.19 21.03
CA ASP B 572 -47.55 15.70 20.34
C ASP B 572 -48.31 14.79 21.31
N VAL B 573 -49.21 15.39 22.08
CA VAL B 573 -50.02 14.65 23.04
C VAL B 573 -51.50 14.88 22.76
N GLU B 574 -51.85 15.02 21.47
CA GLU B 574 -53.23 15.31 21.09
C GLU B 574 -54.19 14.18 21.47
N SER B 575 -53.70 13.06 21.97
CA SER B 575 -54.54 11.99 22.49
C SER B 575 -54.71 12.07 24.00
N ILE B 576 -54.16 13.10 24.64
CA ILE B 576 -54.20 13.25 26.09
C ILE B 576 -54.91 14.57 26.40
N ASN B 577 -55.94 14.50 27.24
CA ASN B 577 -56.69 15.68 27.65
C ASN B 577 -55.99 16.35 28.83
N PHE B 578 -55.73 17.65 28.69
CA PHE B 578 -55.11 18.44 29.74
C PHE B 578 -56.14 19.41 30.30
N SER B 579 -56.48 19.23 31.58
CA SER B 579 -57.48 20.09 32.20
C SER B 579 -57.00 21.53 32.32
N ARG B 580 -55.72 21.72 32.64
CA ARG B 580 -55.16 23.06 32.80
C ARG B 580 -53.67 23.02 32.50
N PHE B 581 -53.11 24.20 32.28
CA PHE B 581 -51.68 24.35 32.02
C PHE B 581 -50.96 24.73 33.30
N SER B 582 -49.94 23.95 33.65
CA SER B 582 -49.12 24.27 34.81
C SER B 582 -48.06 25.31 34.46
N LYS B 583 -47.46 25.88 35.49
CA LYS B 583 -46.44 26.91 35.29
C LYS B 583 -45.17 26.36 34.64
N GLU B 584 -45.00 25.04 34.60
CA GLU B 584 -43.84 24.44 33.96
C GLU B 584 -43.98 24.37 32.44
N PHE B 585 -45.21 24.40 31.92
CA PHE B 585 -45.41 24.37 30.47
C PHE B 585 -44.80 25.61 29.81
N PHE B 586 -44.96 26.77 30.44
CA PHE B 586 -44.44 28.01 29.87
C PHE B 586 -42.92 28.11 29.96
N GLN B 587 -42.27 27.19 30.65
CA GLN B 587 -40.81 27.14 30.71
C GLN B 587 -40.19 26.31 29.60
N LEU B 588 -41.01 25.76 28.70
CA LEU B 588 -40.51 24.98 27.57
C LEU B 588 -40.18 25.92 26.42
N TYR B 589 -39.06 26.65 26.59
CA TYR B 589 -38.66 27.65 25.61
C TYR B 589 -38.20 27.05 24.30
N HIS B 590 -37.88 25.76 24.28
CA HIS B 590 -37.40 25.08 23.08
C HIS B 590 -38.52 24.51 22.22
N LEU B 591 -39.78 24.67 22.64
CA LEU B 591 -40.89 24.06 21.92
C LEU B 591 -41.01 24.63 20.51
N ARG B 592 -41.11 23.73 19.53
CA ARG B 592 -41.39 24.09 18.15
C ARG B 592 -42.73 23.56 17.68
N TYR B 593 -43.12 22.37 18.14
CA TYR B 593 -44.37 21.74 17.75
C TYR B 593 -45.12 21.34 19.01
N ILE B 594 -46.23 22.01 19.28
CA ILE B 594 -47.09 21.70 20.41
C ILE B 594 -48.47 21.33 19.87
N ALA B 595 -48.95 20.16 20.27
CA ALA B 595 -50.25 19.65 19.83
C ALA B 595 -50.89 18.94 21.02
N PHE B 596 -51.88 19.59 21.62
CA PHE B 596 -52.56 19.07 22.80
C PHE B 596 -54.06 19.06 22.57
N SER B 597 -54.73 18.15 23.29
CA SER B 597 -56.18 18.08 23.29
C SER B 597 -56.70 18.50 24.66
N SER B 598 -57.92 19.03 24.68
CA SER B 598 -58.51 19.48 25.93
C SER B 598 -60.02 19.36 25.85
N ASP B 599 -60.65 19.42 27.02
CA ASP B 599 -62.10 19.36 27.15
C ASP B 599 -62.71 20.61 27.74
N THR B 600 -61.95 21.39 28.51
CA THR B 600 -62.50 22.55 29.21
C THR B 600 -61.64 23.80 29.05
N ILE B 601 -60.58 23.75 28.24
CA ILE B 601 -59.74 24.94 28.04
C ILE B 601 -60.47 25.87 27.08
N LYS B 602 -60.95 27.00 27.60
CA LYS B 602 -61.66 27.99 26.81
C LYS B 602 -60.81 29.22 26.54
N ILE B 603 -59.55 29.22 26.97
CA ILE B 603 -58.71 30.41 26.87
C ILE B 603 -57.25 29.99 26.88
N ILE B 604 -56.48 30.54 25.95
CA ILE B 604 -55.04 30.30 25.86
C ILE B 604 -54.34 31.43 26.60
N PRO B 605 -53.49 31.15 27.58
CA PRO B 605 -52.88 32.22 28.37
C PRO B 605 -51.89 33.03 27.55
N LYS B 606 -51.66 34.26 27.99
CA LYS B 606 -50.70 35.14 27.33
C LYS B 606 -49.26 34.68 27.51
N HIS B 607 -49.00 33.77 28.45
CA HIS B 607 -47.65 33.26 28.66
C HIS B 607 -47.23 32.28 27.59
N ILE B 608 -48.14 31.83 26.73
CA ILE B 608 -47.76 31.02 25.58
C ILE B 608 -46.89 31.84 24.62
N GLY B 609 -47.18 33.14 24.50
CA GLY B 609 -46.38 34.00 23.65
C GLY B 609 -44.95 34.15 24.10
N GLU B 610 -44.65 33.77 25.35
CA GLU B 610 -43.26 33.75 25.82
C GLU B 610 -42.44 32.68 25.10
N LEU B 611 -43.08 31.69 24.50
CA LEU B 611 -42.40 30.66 23.71
C LEU B 611 -42.31 31.15 22.28
N TRP B 612 -41.15 31.68 21.91
CA TRP B 612 -40.96 32.30 20.61
C TRP B 612 -40.49 31.32 19.53
N ASN B 613 -40.25 30.06 19.90
CA ASN B 613 -39.78 29.06 18.95
C ASN B 613 -40.93 28.25 18.33
N ILE B 614 -42.17 28.55 18.71
CA ILE B 614 -43.30 27.73 18.27
C ILE B 614 -43.49 27.86 16.77
N GLN B 615 -43.58 26.72 16.08
CA GLN B 615 -43.90 26.66 14.67
C GLN B 615 -45.34 26.25 14.42
N THR B 616 -45.79 25.16 15.05
CA THR B 616 -47.15 24.66 14.91
C THR B 616 -47.82 24.67 16.27
N LEU B 617 -49.02 25.27 16.33
CA LEU B 617 -49.80 25.35 17.56
C LEU B 617 -51.17 24.74 17.26
N ILE B 618 -51.36 23.50 17.68
CA ILE B 618 -52.60 22.76 17.45
C ILE B 618 -53.34 22.67 18.78
N ILE B 619 -54.55 23.23 18.81
CA ILE B 619 -55.40 23.22 20.00
C ILE B 619 -56.67 22.46 19.63
N ASN B 620 -56.78 21.22 20.11
CA ASN B 620 -57.92 20.36 19.81
C ASN B 620 -58.83 20.34 21.04
N THR B 621 -59.73 21.31 21.12
CA THR B 621 -60.65 21.46 22.24
C THR B 621 -62.08 21.19 21.80
N GLN B 622 -62.89 20.71 22.73
CA GLN B 622 -64.30 20.42 22.46
C GLN B 622 -65.21 21.56 22.87
N GLN B 623 -64.66 22.69 23.31
CA GLN B 623 -65.48 23.86 23.59
C GLN B 623 -65.93 24.51 22.28
N ARG B 624 -67.09 25.18 22.35
CA ARG B 624 -67.63 25.80 21.14
C ARG B 624 -66.80 27.00 20.71
N SER B 625 -66.29 27.78 21.67
CA SER B 625 -65.52 28.98 21.38
C SER B 625 -64.23 28.97 22.20
N LEU B 626 -63.19 29.57 21.62
CA LEU B 626 -61.89 29.66 22.26
C LEU B 626 -61.36 31.09 22.14
N ASP B 627 -60.71 31.57 23.18
CA ASP B 627 -60.13 32.92 23.21
C ASP B 627 -58.62 32.77 23.32
N ILE B 628 -57.91 33.14 22.26
CA ILE B 628 -56.45 33.08 22.24
C ILE B 628 -55.94 34.45 22.70
N GLN B 629 -55.48 34.53 23.94
CA GLN B 629 -54.92 35.77 24.46
C GLN B 629 -53.42 35.89 24.25
N ALA B 630 -52.75 34.82 23.82
CA ALA B 630 -51.32 34.88 23.60
C ALA B 630 -50.99 35.78 22.41
N ASN B 631 -49.79 36.36 22.44
CA ASN B 631 -49.36 37.23 21.35
C ASN B 631 -49.00 36.41 20.12
N ILE B 632 -50.01 36.07 19.32
CA ILE B 632 -49.77 35.28 18.12
C ILE B 632 -48.87 36.03 17.16
N TRP B 633 -49.09 37.34 17.00
CA TRP B 633 -48.32 38.13 16.05
C TRP B 633 -46.89 38.37 16.51
N ASN B 634 -46.60 38.18 17.81
CA ASN B 634 -45.25 38.32 18.32
C ASN B 634 -44.41 37.06 18.11
N MET B 635 -45.03 35.93 17.77
CA MET B 635 -44.31 34.71 17.44
C MET B 635 -43.76 34.85 16.03
N GLU B 636 -42.49 35.20 15.91
CA GLU B 636 -41.92 35.47 14.59
C GLU B 636 -41.76 34.22 13.75
N ARG B 637 -41.84 33.04 14.36
CA ARG B 637 -41.62 31.78 13.67
C ARG B 637 -42.88 30.94 13.52
N LEU B 638 -44.00 31.39 14.07
CA LEU B 638 -45.25 30.64 13.96
C LEU B 638 -45.70 30.58 12.51
N ARG B 639 -46.07 29.38 12.07
CA ARG B 639 -46.52 29.17 10.69
C ARG B 639 -47.93 28.61 10.60
N HIS B 640 -48.29 27.66 11.45
CA HIS B 640 -49.60 27.02 11.40
C HIS B 640 -50.29 27.14 12.76
N LEU B 641 -51.60 27.40 12.73
CA LEU B 641 -52.41 27.47 13.94
C LEU B 641 -53.73 26.74 13.65
N HIS B 642 -53.82 25.50 14.11
CA HIS B 642 -55.00 24.68 13.87
C HIS B 642 -55.82 24.56 15.14
N THR B 643 -57.08 25.00 15.06
CA THR B 643 -58.04 24.82 16.14
C THR B 643 -59.33 24.27 15.54
N ASN B 644 -60.04 23.47 16.32
CA ASN B 644 -61.34 22.94 15.93
C ASN B 644 -62.50 23.76 16.49
N SER B 645 -62.20 24.82 17.21
CA SER B 645 -63.20 25.73 17.78
C SER B 645 -63.05 27.11 17.16
N SER B 646 -63.94 28.02 17.54
CA SER B 646 -63.95 29.38 17.00
C SER B 646 -62.96 30.22 17.79
N ALA B 647 -61.68 30.06 17.47
CA ALA B 647 -60.62 30.81 18.14
C ALA B 647 -60.74 32.29 17.81
N LYS B 648 -60.54 33.14 18.82
CA LYS B 648 -60.58 34.59 18.66
C LYS B 648 -59.18 35.13 18.84
N LEU B 649 -58.57 35.57 17.74
CA LEU B 649 -57.22 36.09 17.78
C LEU B 649 -57.19 37.45 18.49
N PRO B 650 -56.09 37.79 19.14
CA PRO B 650 -55.98 39.11 19.78
C PRO B 650 -55.93 40.21 18.74
N VAL B 651 -56.38 41.40 19.15
CA VAL B 651 -56.41 42.56 18.28
C VAL B 651 -54.98 42.99 17.91
N GLN B 665 -45.45 37.22 9.18
CA GLN B 665 -45.05 36.97 7.80
C GLN B 665 -44.98 35.48 7.52
N SER B 666 -44.48 34.73 8.50
CA SER B 666 -44.32 33.28 8.35
C SER B 666 -45.62 32.52 8.55
N LEU B 667 -46.69 33.19 8.96
CA LEU B 667 -47.96 32.51 9.17
C LEU B 667 -48.55 32.04 7.85
N GLN B 668 -48.89 30.74 7.78
CA GLN B 668 -49.44 30.15 6.57
C GLN B 668 -50.84 29.58 6.73
N THR B 669 -51.27 29.26 7.95
CA THR B 669 -52.58 28.65 8.18
C THR B 669 -53.22 29.28 9.41
N LEU B 670 -54.50 29.65 9.27
CA LEU B 670 -55.32 30.15 10.37
C LEU B 670 -56.65 29.41 10.28
N SER B 671 -56.73 28.25 10.93
CA SER B 671 -57.88 27.36 10.81
C SER B 671 -58.93 27.70 11.86
N THR B 672 -60.16 27.94 11.40
CA THR B 672 -61.33 28.12 12.26
C THR B 672 -61.12 29.24 13.28
N ILE B 673 -60.95 30.45 12.75
CA ILE B 673 -60.92 31.64 13.57
C ILE B 673 -62.30 32.28 13.56
N ALA B 674 -62.55 33.13 14.53
CA ALA B 674 -63.85 33.80 14.61
C ALA B 674 -63.91 34.93 13.59
N PRO B 675 -65.08 35.19 12.99
CA PRO B 675 -65.19 36.29 12.03
C PRO B 675 -64.97 37.65 12.66
N GLU B 676 -65.14 37.78 13.98
CA GLU B 676 -64.76 39.02 14.64
C GLU B 676 -63.25 39.23 14.61
N SER B 677 -62.48 38.18 14.35
CA SER B 677 -61.04 38.26 14.17
C SER B 677 -60.65 38.33 12.70
N CYS B 678 -61.62 38.54 11.80
CA CYS B 678 -61.37 38.68 10.37
C CYS B 678 -61.23 40.14 9.97
N THR B 679 -60.74 40.98 10.87
CA THR B 679 -60.61 42.40 10.60
C THR B 679 -59.50 42.66 9.60
N GLU B 680 -59.49 43.90 9.07
CA GLU B 680 -58.42 44.30 8.16
C GLU B 680 -57.07 44.34 8.88
N GLU B 681 -57.07 44.78 10.14
CA GLU B 681 -55.82 44.88 10.89
C GLU B 681 -55.19 43.49 11.09
N VAL B 682 -56.00 42.50 11.44
CA VAL B 682 -55.47 41.15 11.65
C VAL B 682 -54.94 40.58 10.34
N PHE B 683 -55.70 40.72 9.26
CA PHE B 683 -55.29 40.18 7.98
C PHE B 683 -54.12 40.93 7.37
N ALA B 684 -53.84 42.15 7.85
CA ALA B 684 -52.67 42.88 7.39
C ALA B 684 -51.37 42.34 7.98
N ARG B 685 -51.45 41.62 9.10
CA ARG B 685 -50.26 41.04 9.72
C ARG B 685 -49.87 39.70 9.10
N THR B 686 -50.72 39.11 8.26
CA THR B 686 -50.47 37.80 7.67
C THR B 686 -50.60 37.92 6.15
N PRO B 687 -49.59 38.47 5.49
CA PRO B 687 -49.66 38.59 4.02
C PRO B 687 -49.42 37.28 3.28
N ASN B 688 -48.81 36.29 3.92
CA ASN B 688 -48.46 35.03 3.28
C ASN B 688 -49.44 33.91 3.57
N LEU B 689 -50.59 34.22 4.16
CA LEU B 689 -51.57 33.19 4.52
C LEU B 689 -52.07 32.48 3.27
N LYS B 690 -52.10 31.15 3.33
CA LYS B 690 -52.56 30.32 2.22
C LYS B 690 -53.83 29.55 2.53
N LYS B 691 -54.04 29.15 3.77
CA LYS B 691 -55.25 28.43 4.18
C LYS B 691 -55.91 29.19 5.32
N LEU B 692 -57.22 29.41 5.20
CA LEU B 692 -57.97 30.14 6.20
C LEU B 692 -59.31 29.47 6.43
N GLY B 693 -59.71 29.36 7.70
CA GLY B 693 -61.00 28.80 8.04
C GLY B 693 -61.69 29.65 9.09
N ILE B 694 -63.01 29.65 9.03
CA ILE B 694 -63.84 30.41 9.96
C ILE B 694 -65.01 29.54 10.41
N ARG B 695 -65.22 29.45 11.72
CA ARG B 695 -66.27 28.62 12.32
C ARG B 695 -67.01 29.43 13.38
N GLY B 696 -67.38 30.66 13.04
CA GLY B 696 -67.88 31.60 14.02
C GLY B 696 -69.22 32.23 13.76
N LYS B 697 -70.23 31.44 13.33
CA LYS B 697 -71.54 31.97 12.98
C LYS B 697 -71.43 32.95 11.81
N ILE B 698 -71.13 32.36 10.64
CA ILE B 698 -70.80 33.04 9.38
C ILE B 698 -71.73 34.22 9.11
N ALA B 699 -72.95 34.18 9.64
CA ALA B 699 -73.89 35.26 9.41
C ALA B 699 -73.36 36.62 9.87
N VAL B 700 -72.37 36.64 10.76
CA VAL B 700 -71.76 37.90 11.17
C VAL B 700 -71.10 38.58 9.98
N LEU B 701 -70.36 37.81 9.18
CA LEU B 701 -69.72 38.36 7.98
C LEU B 701 -70.36 37.81 6.71
N VAL B 712 -60.82 39.40 3.84
CA VAL B 712 -60.13 38.29 3.19
C VAL B 712 -59.69 38.69 1.79
N LYS B 713 -60.15 39.86 1.34
CA LYS B 713 -59.79 40.34 0.01
C LYS B 713 -58.30 40.65 -0.10
N LYS B 714 -57.70 41.16 0.97
CA LYS B 714 -56.29 41.51 0.95
C LYS B 714 -55.37 40.31 0.91
N LEU B 715 -55.89 39.11 1.16
CA LEU B 715 -55.08 37.88 1.14
C LEU B 715 -54.92 37.46 -0.32
N GLU B 716 -53.86 37.95 -0.95
CA GLU B 716 -53.63 37.69 -2.36
C GLU B 716 -52.95 36.35 -2.63
N SER B 717 -52.53 35.63 -1.59
CA SER B 717 -51.95 34.32 -1.74
C SER B 717 -52.85 33.21 -1.21
N LEU B 718 -54.07 33.53 -0.81
CA LEU B 718 -54.96 32.54 -0.24
C LEU B 718 -55.41 31.53 -1.29
N GLU B 719 -55.41 30.27 -0.91
CA GLU B 719 -55.86 29.18 -1.76
C GLU B 719 -57.02 28.39 -1.18
N ASN B 720 -57.01 28.15 0.13
CA ASN B 720 -58.06 27.39 0.80
C ASN B 720 -58.87 28.32 1.70
N LEU B 721 -60.19 28.26 1.57
CA LEU B 721 -61.10 29.03 2.41
C LEU B 721 -62.20 28.11 2.90
N LYS B 722 -62.48 28.15 4.20
CA LYS B 722 -63.51 27.33 4.82
C LYS B 722 -64.39 28.22 5.67
N LEU B 723 -65.70 28.17 5.43
CA LEU B 723 -66.69 28.88 6.23
C LEU B 723 -67.64 27.86 6.83
N ILE B 724 -67.67 27.79 8.17
CA ILE B 724 -68.50 26.84 8.89
C ILE B 724 -69.46 27.64 9.77
N ASN B 725 -70.76 27.35 9.64
CA ASN B 725 -71.77 28.06 10.40
C ASN B 725 -72.21 27.24 11.62
N ARG B 735 -76.99 34.97 2.76
CA ARG B 735 -76.92 35.31 1.34
C ARG B 735 -75.50 35.69 0.94
N LEU B 736 -75.01 35.08 -0.14
CA LEU B 736 -73.65 35.35 -0.58
C LEU B 736 -73.51 36.78 -1.09
N PRO B 737 -72.38 37.43 -0.85
CA PRO B 737 -72.17 38.78 -1.39
C PRO B 737 -71.80 38.72 -2.85
N PRO B 738 -71.70 39.86 -3.54
CA PRO B 738 -71.29 39.84 -4.94
C PRO B 738 -69.95 39.15 -5.13
N SER B 739 -69.77 38.55 -6.32
CA SER B 739 -68.62 37.71 -6.58
C SER B 739 -67.30 38.46 -6.58
N TYR B 740 -67.33 39.79 -6.71
CA TYR B 740 -66.09 40.56 -6.71
C TYR B 740 -65.55 40.81 -5.31
N ILE B 741 -66.28 40.42 -4.27
CA ILE B 741 -65.80 40.56 -2.90
C ILE B 741 -64.87 39.41 -2.54
N PHE B 742 -65.18 38.21 -3.00
CA PHE B 742 -64.36 37.04 -2.69
C PHE B 742 -62.99 37.16 -3.36
N PRO B 743 -61.96 36.54 -2.77
CA PRO B 743 -60.63 36.58 -3.39
C PRO B 743 -60.63 35.94 -4.76
N THR B 744 -59.85 36.52 -5.67
CA THR B 744 -59.78 36.02 -7.04
C THR B 744 -58.76 34.90 -7.20
N LYS B 745 -57.84 34.74 -6.25
CA LYS B 745 -56.82 33.71 -6.30
C LYS B 745 -57.32 32.39 -5.73
N LEU B 746 -58.46 32.39 -5.06
CA LEU B 746 -58.96 31.22 -4.36
C LEU B 746 -59.07 30.01 -5.28
N ARG B 747 -58.52 28.88 -4.84
CA ARG B 747 -58.55 27.64 -5.59
C ARG B 747 -59.51 26.61 -5.01
N LYS B 748 -59.58 26.50 -3.69
CA LYS B 748 -60.49 25.58 -3.02
C LYS B 748 -61.32 26.34 -2.01
N LEU B 749 -62.64 26.12 -2.05
CA LEU B 749 -63.57 26.76 -1.12
C LEU B 749 -64.54 25.71 -0.61
N SER B 750 -64.74 25.68 0.71
CA SER B 750 -65.65 24.74 1.34
C SER B 750 -66.62 25.50 2.23
N LEU B 751 -67.91 25.24 2.06
CA LEU B 751 -68.96 25.88 2.83
C LEU B 751 -69.70 24.81 3.63
N VAL B 752 -69.76 24.99 4.95
CA VAL B 752 -70.38 24.03 5.85
C VAL B 752 -71.46 24.74 6.66
N ASP B 753 -72.66 24.16 6.68
CA ASP B 753 -73.78 24.60 7.50
C ASP B 753 -74.27 26.00 7.16
N THR B 754 -73.85 26.56 6.02
CA THR B 754 -74.25 27.90 5.64
C THR B 754 -75.68 27.92 5.11
N TRP B 758 -80.08 27.71 -3.54
CA TRP B 758 -79.30 26.99 -4.53
C TRP B 758 -78.91 27.91 -5.69
N ASN B 759 -79.73 28.94 -5.93
CA ASN B 759 -79.43 29.90 -6.98
C ASN B 759 -78.24 30.78 -6.64
N ASP B 760 -77.76 30.75 -5.39
CA ASP B 760 -76.61 31.54 -5.00
C ASP B 760 -75.30 31.00 -5.55
N MET B 761 -75.31 29.78 -6.10
CA MET B 761 -74.09 29.22 -6.68
C MET B 761 -73.63 29.98 -7.93
N SER B 762 -74.49 30.80 -8.52
CA SER B 762 -74.05 31.66 -9.61
C SER B 762 -72.95 32.62 -9.18
N ILE B 763 -72.92 32.98 -7.89
CA ILE B 763 -71.85 33.81 -7.37
C ILE B 763 -70.52 33.04 -7.40
N LEU B 764 -70.53 31.78 -6.97
CA LEU B 764 -69.33 30.96 -7.01
C LEU B 764 -68.94 30.59 -8.44
N GLY B 765 -69.88 30.63 -9.38
CA GLY B 765 -69.55 30.33 -10.77
C GLY B 765 -68.60 31.34 -11.37
N GLN B 766 -68.75 32.62 -11.00
CA GLN B 766 -67.89 33.66 -11.55
C GLN B 766 -66.44 33.54 -11.09
N MET B 767 -66.16 32.69 -10.10
CA MET B 767 -64.80 32.46 -9.64
C MET B 767 -63.99 31.82 -10.76
N GLU B 768 -63.09 32.58 -11.37
CA GLU B 768 -62.36 32.10 -12.54
C GLU B 768 -61.24 31.14 -12.17
N HIS B 769 -60.84 31.08 -10.91
CA HIS B 769 -59.74 30.21 -10.48
C HIS B 769 -60.17 29.13 -9.49
N LEU B 770 -61.45 29.04 -9.16
CA LEU B 770 -61.91 28.01 -8.24
C LEU B 770 -61.86 26.65 -8.92
N GLU B 771 -61.24 25.68 -8.26
CA GLU B 771 -61.10 24.34 -8.80
C GLU B 771 -61.75 23.26 -7.97
N VAL B 772 -61.85 23.44 -6.65
CA VAL B 772 -62.49 22.48 -5.76
C VAL B 772 -63.55 23.22 -4.95
N LEU B 773 -64.77 22.68 -4.96
CA LEU B 773 -65.90 23.27 -4.23
C LEU B 773 -66.58 22.16 -3.44
N LYS B 774 -66.50 22.23 -2.11
CA LYS B 774 -67.04 21.21 -1.23
C LYS B 774 -68.21 21.80 -0.45
N LEU B 775 -69.34 21.12 -0.49
CA LEU B 775 -70.54 21.52 0.25
C LEU B 775 -70.89 20.40 1.21
N LYS B 776 -70.70 20.63 2.50
CA LYS B 776 -70.87 19.60 3.52
C LYS B 776 -71.85 20.07 4.58
N GLU B 777 -72.65 19.13 5.10
CA GLU B 777 -73.50 19.33 6.27
C GLU B 777 -74.42 20.55 6.08
N ASN B 778 -75.32 20.41 5.10
CA ASN B 778 -76.34 21.41 4.80
C ASN B 778 -75.70 22.70 4.29
N GLY B 779 -74.65 22.58 3.48
CA GLY B 779 -73.96 23.75 2.98
C GLY B 779 -74.83 24.59 2.05
N PHE B 780 -75.55 23.93 1.15
CA PHE B 780 -76.45 24.59 0.21
C PHE B 780 -77.81 23.91 0.27
N MET B 781 -78.80 24.61 0.82
CA MET B 781 -80.15 24.07 1.00
C MET B 781 -81.10 24.72 0.02
N GLY B 782 -81.89 23.90 -0.65
CA GLY B 782 -82.89 24.38 -1.60
C GLY B 782 -83.58 23.20 -2.24
N GLU B 783 -84.64 23.52 -3.00
CA GLU B 783 -85.42 22.51 -3.69
C GLU B 783 -85.03 22.39 -5.16
N CYS B 784 -85.04 23.50 -5.89
CA CYS B 784 -84.75 23.51 -7.31
C CYS B 784 -83.45 24.27 -7.57
N TRP B 785 -82.53 23.63 -8.28
CA TRP B 785 -81.28 24.26 -8.70
C TRP B 785 -81.17 24.12 -10.21
N GLU B 786 -81.02 25.26 -10.88
CA GLU B 786 -80.77 25.30 -12.32
C GLU B 786 -79.41 25.92 -12.55
N SER B 787 -78.54 25.21 -13.25
CA SER B 787 -77.17 25.68 -13.47
C SER B 787 -77.18 26.87 -14.42
N VAL B 788 -76.65 28.01 -13.95
CA VAL B 788 -76.56 29.24 -14.73
C VAL B 788 -75.12 29.71 -14.86
N GLY B 789 -74.40 29.79 -13.75
CA GLY B 789 -73.05 30.27 -13.78
C GLY B 789 -72.10 29.29 -14.46
N GLY B 790 -70.98 29.83 -14.93
CA GLY B 790 -70.00 29.04 -15.63
C GLY B 790 -68.75 28.77 -14.82
N PHE B 791 -68.58 27.53 -14.36
CA PHE B 791 -67.40 27.13 -13.59
C PHE B 791 -66.30 26.75 -14.57
N CYS B 792 -65.60 27.78 -15.05
CA CYS B 792 -64.58 27.59 -16.08
C CYS B 792 -63.35 26.84 -15.57
N SER B 793 -63.14 26.81 -14.25
CA SER B 793 -61.96 26.16 -13.69
C SER B 793 -62.26 25.04 -12.72
N LEU B 794 -63.54 24.78 -12.42
CA LEU B 794 -63.88 23.76 -11.43
C LEU B 794 -63.50 22.37 -11.92
N LEU B 795 -62.90 21.59 -11.04
CA LEU B 795 -62.53 20.20 -11.32
C LEU B 795 -63.23 19.21 -10.40
N VAL B 796 -63.48 19.58 -9.15
CA VAL B 796 -64.12 18.71 -8.18
C VAL B 796 -65.35 19.42 -7.63
N LEU B 797 -66.48 18.72 -7.65
CA LEU B 797 -67.72 19.20 -7.05
C LEU B 797 -68.14 18.23 -5.96
N TRP B 798 -68.21 18.72 -4.72
CA TRP B 798 -68.50 17.90 -3.56
C TRP B 798 -69.75 18.44 -2.89
N ILE B 799 -70.80 17.62 -2.82
CA ILE B 799 -72.06 18.00 -2.17
C ILE B 799 -72.39 16.93 -1.14
N GLU B 800 -72.66 17.35 0.09
CA GLU B 800 -72.92 16.43 1.19
C GLU B 800 -74.09 16.92 2.03
N ARG B 801 -75.02 16.01 2.32
CA ARG B 801 -76.13 16.27 3.23
C ARG B 801 -76.94 17.49 2.81
N THR B 802 -77.57 17.38 1.63
CA THR B 802 -78.39 18.44 1.09
C THR B 802 -79.77 17.90 0.75
N ASP B 803 -80.73 18.82 0.66
CA ASP B 803 -82.11 18.49 0.32
C ASP B 803 -82.44 18.81 -1.14
N LEU B 804 -81.43 18.85 -2.00
CA LEU B 804 -81.65 19.16 -3.40
C LEU B 804 -82.54 18.11 -4.06
N VAL B 805 -83.55 18.56 -4.78
CA VAL B 805 -84.51 17.66 -5.44
C VAL B 805 -84.30 17.71 -6.94
N SER B 806 -84.45 18.89 -7.53
CA SER B 806 -84.34 19.07 -8.97
C SER B 806 -83.03 19.78 -9.29
N TRP B 807 -82.20 19.16 -10.12
CA TRP B 807 -80.93 19.73 -10.54
C TRP B 807 -80.86 19.66 -12.06
N LYS B 808 -80.75 20.83 -12.69
CA LYS B 808 -80.67 20.94 -14.15
C LYS B 808 -79.33 21.56 -14.52
N ALA B 809 -78.60 20.89 -15.41
CA ALA B 809 -77.29 21.36 -15.80
C ALA B 809 -76.98 20.87 -17.21
N SER B 810 -75.99 21.50 -17.83
CA SER B 810 -75.51 21.14 -19.16
C SER B 810 -73.99 21.10 -19.14
N ALA B 811 -73.42 20.54 -20.21
CA ALA B 811 -71.97 20.40 -20.31
C ALA B 811 -71.25 21.74 -20.37
N ASP B 812 -71.94 22.81 -20.78
CA ASP B 812 -71.30 24.11 -20.89
C ASP B 812 -71.01 24.72 -19.52
N HIS B 813 -71.83 24.42 -18.51
CA HIS B 813 -71.65 25.02 -17.20
C HIS B 813 -70.52 24.40 -16.40
N PHE B 814 -70.08 23.19 -16.75
CA PHE B 814 -68.97 22.51 -16.10
C PHE B 814 -68.00 22.02 -17.16
N PRO B 815 -67.31 22.93 -17.85
CA PRO B 815 -66.39 22.50 -18.92
C PRO B 815 -65.24 21.64 -18.44
N ARG B 816 -64.74 21.87 -17.23
CA ARG B 816 -63.54 21.21 -16.74
C ARG B 816 -63.81 20.22 -15.62
N LEU B 817 -65.06 19.80 -15.41
CA LEU B 817 -65.37 18.92 -14.30
C LEU B 817 -64.74 17.54 -14.50
N LYS B 818 -64.11 17.05 -13.44
CA LYS B 818 -63.51 15.72 -13.43
C LYS B 818 -64.02 14.85 -12.30
N HIS B 819 -64.26 15.41 -11.12
CA HIS B 819 -64.65 14.66 -9.93
C HIS B 819 -65.99 15.18 -9.44
N LEU B 820 -66.90 14.26 -9.15
CA LEU B 820 -68.22 14.59 -8.64
C LEU B 820 -68.58 13.62 -7.52
N VAL B 821 -68.82 14.14 -6.32
CA VAL B 821 -69.12 13.34 -5.16
C VAL B 821 -70.44 13.81 -4.57
N LEU B 822 -71.38 12.89 -4.36
CA LEU B 822 -72.66 13.17 -3.76
C LEU B 822 -72.91 12.16 -2.65
N ILE B 823 -72.88 12.61 -1.40
CA ILE B 823 -73.03 11.75 -0.23
C ILE B 823 -74.25 12.22 0.55
N CYS B 824 -75.16 11.28 0.84
CA CYS B 824 -76.32 11.53 1.70
C CYS B 824 -77.14 12.73 1.21
N CYS B 825 -77.31 12.83 -0.10
CA CYS B 825 -78.08 13.90 -0.69
C CYS B 825 -79.57 13.74 -0.42
N ILE B 831 -80.09 13.55 -11.26
CA ILE B 831 -78.83 13.84 -11.91
C ILE B 831 -79.06 14.06 -13.40
N PRO B 832 -78.93 15.32 -13.84
CA PRO B 832 -79.18 15.62 -15.26
C PRO B 832 -78.16 14.92 -16.15
N ILE B 833 -78.65 14.44 -17.29
CA ILE B 833 -77.77 13.81 -18.29
C ILE B 833 -77.29 14.93 -19.21
N GLY B 834 -76.28 15.65 -18.74
CA GLY B 834 -75.60 16.65 -19.54
C GLY B 834 -74.11 16.59 -19.29
N LEU B 835 -73.72 15.77 -18.31
CA LEU B 835 -72.33 15.62 -17.91
C LEU B 835 -71.59 14.55 -18.72
N ALA B 836 -72.31 13.72 -19.48
CA ALA B 836 -71.65 12.77 -20.35
C ALA B 836 -70.95 13.44 -21.52
N ASP B 837 -71.32 14.69 -21.83
CA ASP B 837 -70.67 15.44 -22.90
C ASP B 837 -69.41 16.14 -22.43
N ILE B 838 -69.06 16.04 -21.16
CA ILE B 838 -67.86 16.68 -20.63
C ILE B 838 -66.66 15.80 -20.95
N ARG B 839 -65.65 16.38 -21.60
CA ARG B 839 -64.47 15.61 -22.00
C ARG B 839 -63.68 15.12 -20.79
N SER B 840 -63.56 15.96 -19.76
CA SER B 840 -62.71 15.67 -18.62
C SER B 840 -63.41 14.90 -17.52
N PHE B 841 -64.71 14.62 -17.65
CA PHE B 841 -65.45 13.90 -16.62
C PHE B 841 -65.06 12.42 -16.68
N GLN B 842 -64.27 11.98 -15.70
CA GLN B 842 -63.80 10.60 -15.66
C GLN B 842 -64.05 9.89 -14.35
N VAL B 843 -64.34 10.60 -13.26
CA VAL B 843 -64.56 9.98 -11.95
C VAL B 843 -65.84 10.55 -11.36
N MET B 844 -66.77 9.66 -11.00
CA MET B 844 -68.00 10.04 -10.33
C MET B 844 -68.20 9.12 -9.13
N GLU B 845 -68.45 9.72 -7.97
CA GLU B 845 -68.63 8.97 -6.73
C GLU B 845 -70.04 9.20 -6.20
N LEU B 846 -70.71 8.10 -5.85
CA LEU B 846 -72.06 8.15 -5.31
C LEU B 846 -72.13 7.37 -4.01
N GLN B 847 -73.12 7.69 -3.20
CA GLN B 847 -73.28 7.07 -1.89
C GLN B 847 -74.77 6.80 -1.69
N ASN B 848 -75.16 6.51 -0.45
CA ASN B 848 -76.54 6.13 -0.16
C ASN B 848 -77.51 7.23 -0.57
N SER B 849 -78.53 6.86 -1.34
CA SER B 849 -79.53 7.78 -1.86
C SER B 849 -80.64 6.94 -2.48
N THR B 850 -81.59 7.62 -3.12
CA THR B 850 -82.66 6.93 -3.82
C THR B 850 -82.12 6.18 -5.03
N LYS B 851 -82.78 5.08 -5.39
CA LYS B 851 -82.32 4.26 -6.50
C LYS B 851 -82.40 4.98 -7.83
N THR B 852 -83.20 6.05 -7.92
CA THR B 852 -83.25 6.83 -9.16
C THR B 852 -81.90 7.49 -9.46
N ALA B 853 -81.24 8.00 -8.41
CA ALA B 853 -79.91 8.56 -8.60
C ALA B 853 -78.91 7.50 -9.05
N ALA B 854 -79.02 6.29 -8.50
CA ALA B 854 -78.16 5.20 -8.94
C ALA B 854 -78.42 4.84 -10.40
N ILE B 855 -79.69 4.83 -10.81
CA ILE B 855 -80.02 4.56 -12.20
C ILE B 855 -79.44 5.63 -13.11
N SER B 856 -79.56 6.89 -12.71
CA SER B 856 -78.99 7.99 -13.50
C SER B 856 -77.47 7.85 -13.61
N ALA B 857 -76.81 7.51 -12.50
CA ALA B 857 -75.37 7.33 -12.53
C ALA B 857 -74.97 6.18 -13.46
N ARG B 858 -75.71 5.06 -13.39
CA ARG B 858 -75.42 3.93 -14.26
C ARG B 858 -75.62 4.29 -15.73
N GLY B 859 -76.68 5.04 -16.03
CA GLY B 859 -76.89 5.50 -17.39
C GLY B 859 -75.79 6.41 -17.88
N ILE B 860 -75.32 7.31 -17.01
CA ILE B 860 -74.21 8.18 -17.37
C ILE B 860 -72.95 7.36 -17.64
N ARG B 861 -72.70 6.35 -16.80
CA ARG B 861 -71.55 5.47 -17.01
C ARG B 861 -71.65 4.74 -18.34
N ASP B 862 -72.86 4.29 -18.69
CA ASP B 862 -73.06 3.62 -19.98
C ASP B 862 -72.75 4.57 -21.13
N LYS B 863 -73.18 5.82 -21.03
CA LYS B 863 -72.89 6.82 -22.05
C LYS B 863 -71.46 7.32 -21.95
N GLY B 876 -60.76 6.19 -18.58
CA GLY B 876 -61.97 5.42 -18.34
C GLY B 876 -62.82 5.97 -17.21
N PHE B 877 -64.14 5.91 -17.39
CA PHE B 877 -65.05 6.40 -16.37
C PHE B 877 -65.01 5.50 -15.14
N LYS B 878 -65.04 6.12 -13.96
CA LYS B 878 -65.02 5.40 -12.69
C LYS B 878 -66.26 5.80 -11.90
N LEU B 879 -67.20 4.87 -11.75
CA LEU B 879 -68.43 5.11 -11.02
C LEU B 879 -68.56 4.10 -9.89
N SER B 880 -68.85 4.58 -8.69
CA SER B 880 -69.06 3.73 -7.53
C SER B 880 -70.29 4.22 -6.80
N ILE B 881 -71.27 3.33 -6.60
CA ILE B 881 -72.52 3.65 -5.92
C ILE B 881 -72.68 2.73 -4.73
N PHE B 882 -72.97 3.30 -3.57
CA PHE B 882 -73.18 2.51 -2.36
C PHE B 882 -74.45 2.98 -1.63
N VAL C 27 5.17 43.54 15.63
CA VAL C 27 3.95 43.28 14.86
C VAL C 27 4.31 43.01 13.41
N LYS C 28 5.39 43.65 12.94
CA LYS C 28 5.83 43.46 11.56
C LYS C 28 6.26 42.02 11.30
N ASP C 29 7.07 41.46 12.21
CA ASP C 29 7.51 40.08 12.04
C ASP C 29 6.34 39.12 12.13
N SER C 30 5.39 39.42 13.02
CA SER C 30 4.16 38.63 13.07
C SER C 30 3.39 38.72 11.76
N ALA C 31 3.39 39.91 11.13
CA ALA C 31 2.76 40.06 9.83
C ALA C 31 3.44 39.19 8.78
N GLU C 32 4.78 39.15 8.79
CA GLU C 32 5.49 38.28 7.85
C GLU C 32 5.18 36.82 8.08
N SER C 33 5.12 36.39 9.33
CA SER C 33 4.81 34.99 9.62
C SER C 33 3.40 34.64 9.17
N LEU C 34 2.43 35.52 9.46
CA LEU C 34 1.06 35.29 9.00
C LEU C 34 0.98 35.31 7.48
N LEU C 35 1.78 36.14 6.82
CA LEU C 35 1.79 36.18 5.36
C LEU C 35 2.33 34.87 4.79
N GLN C 36 3.35 34.31 5.43
CA GLN C 36 3.87 33.00 5.02
C GLN C 36 2.82 31.91 5.21
N ASP C 37 2.12 31.93 6.36
CA ASP C 37 1.06 30.96 6.59
C ASP C 37 -0.05 31.09 5.54
N LEU C 38 -0.41 32.33 5.20
CA LEU C 38 -1.43 32.57 4.19
C LEU C 38 -0.96 32.08 2.82
N ASN C 39 0.33 32.25 2.51
CA ASN C 39 0.85 31.72 1.25
C ASN C 39 0.72 30.20 1.19
N ASP C 40 1.09 29.52 2.27
CA ASP C 40 0.97 28.06 2.28
C ASP C 40 -0.48 27.62 2.16
N PHE C 41 -1.39 28.31 2.86
CA PHE C 41 -2.80 27.94 2.77
C PHE C 41 -3.37 28.22 1.39
N ASN C 42 -2.94 29.32 0.76
CA ASN C 42 -3.38 29.61 -0.60
C ASN C 42 -2.87 28.56 -1.58
N ALA C 43 -1.63 28.11 -1.40
CA ALA C 43 -1.11 27.04 -2.25
C ALA C 43 -1.91 25.76 -2.06
N PHE C 44 -2.26 25.45 -0.81
CA PHE C 44 -3.10 24.27 -0.56
C PHE C 44 -4.45 24.40 -1.24
N LEU C 45 -5.07 25.57 -1.13
CA LEU C 45 -6.38 25.79 -1.76
C LEU C 45 -6.28 25.67 -3.28
N LYS C 46 -5.19 26.18 -3.86
CA LYS C 46 -4.99 26.05 -5.30
C LYS C 46 -4.81 24.60 -5.71
N GLN C 47 -4.12 23.81 -4.86
CA GLN C 47 -3.90 22.41 -5.20
C GLN C 47 -5.19 21.59 -5.14
N THR C 48 -6.00 21.81 -4.11
CA THR C 48 -7.24 21.05 -3.96
C THR C 48 -8.30 21.44 -4.99
N ALA C 49 -8.20 22.62 -5.58
CA ALA C 49 -9.14 23.03 -6.61
C ALA C 49 -8.99 22.25 -7.90
N LYS C 50 -7.91 21.47 -8.05
CA LYS C 50 -7.69 20.67 -9.24
C LYS C 50 -8.59 19.43 -9.29
N SER C 51 -9.20 19.05 -8.18
CA SER C 51 -10.05 17.87 -8.12
C SER C 51 -11.27 18.16 -7.27
N ARG C 52 -12.41 17.64 -7.69
CA ARG C 52 -13.65 17.78 -6.94
C ARG C 52 -13.75 16.63 -5.93
N THR C 53 -13.93 16.98 -4.66
CA THR C 53 -14.00 16.01 -3.58
C THR C 53 -15.43 15.86 -3.11
N GLU C 54 -15.88 14.61 -2.99
CA GLU C 54 -17.20 14.30 -2.46
C GLU C 54 -17.18 14.00 -0.97
N ASN C 55 -16.00 13.98 -0.35
CA ASN C 55 -15.91 13.72 1.09
C ASN C 55 -16.39 14.95 1.86
N ASP C 56 -17.37 14.74 2.74
CA ASP C 56 -17.93 15.87 3.50
C ASP C 56 -16.93 16.43 4.50
N VAL C 57 -16.10 15.58 5.11
CA VAL C 57 -15.07 16.06 6.02
C VAL C 57 -14.07 16.94 5.26
N HIS C 58 -13.68 16.51 4.06
CA HIS C 58 -12.76 17.31 3.26
C HIS C 58 -13.39 18.64 2.85
N LYS C 59 -14.68 18.63 2.50
CA LYS C 59 -15.36 19.87 2.15
C LYS C 59 -15.41 20.83 3.34
N GLU C 60 -15.71 20.31 4.53
CA GLU C 60 -15.74 21.15 5.72
C GLU C 60 -14.36 21.71 6.03
N LEU C 61 -13.32 20.89 5.86
CA LEU C 61 -11.96 21.37 6.10
C LEU C 61 -11.58 22.46 5.10
N VAL C 62 -11.98 22.29 3.83
CA VAL C 62 -11.69 23.31 2.83
C VAL C 62 -12.42 24.61 3.15
N LYS C 63 -13.67 24.51 3.60
CA LYS C 63 -14.41 25.71 4.01
C LYS C 63 -13.73 26.41 5.17
N LYS C 64 -13.28 25.65 6.17
CA LYS C 64 -12.59 26.23 7.32
C LYS C 64 -11.29 26.91 6.89
N ILE C 65 -10.54 26.27 5.99
CA ILE C 65 -9.29 26.85 5.52
C ILE C 65 -9.55 28.13 4.73
N LYS C 66 -10.61 28.15 3.91
CA LYS C 66 -10.96 29.36 3.19
C LYS C 66 -11.33 30.49 4.15
N THR C 67 -12.08 30.17 5.19
CA THR C 67 -12.44 31.19 6.19
C THR C 67 -11.19 31.75 6.86
N VAL C 68 -10.26 30.87 7.24
CA VAL C 68 -9.02 31.33 7.88
C VAL C 68 -8.20 32.18 6.91
N VAL C 69 -8.18 31.80 5.64
CA VAL C 69 -7.45 32.58 4.63
C VAL C 69 -8.05 33.98 4.50
N ASN C 70 -9.38 34.06 4.47
CA ASN C 70 -10.03 35.37 4.40
C ASN C 70 -9.71 36.21 5.63
N SER C 71 -9.74 35.60 6.82
CA SER C 71 -9.42 36.34 8.04
C SER C 71 -7.98 36.85 8.01
N ALA C 72 -7.05 36.01 7.56
CA ALA C 72 -5.65 36.42 7.47
C ALA C 72 -5.48 37.56 6.48
N GLU C 73 -6.15 37.48 5.34
CA GLU C 73 -6.06 38.56 4.35
C GLU C 73 -6.57 39.88 4.92
N ASP C 74 -7.71 39.85 5.60
CA ASP C 74 -8.23 41.07 6.21
C ASP C 74 -7.27 41.63 7.25
N ALA C 75 -6.70 40.76 8.09
CA ALA C 75 -5.76 41.23 9.10
C ALA C 75 -4.52 41.86 8.47
N ILE C 76 -4.00 41.23 7.41
CA ILE C 76 -2.79 41.74 6.77
C ILE C 76 -3.05 43.08 6.10
N ASP C 77 -4.19 43.22 5.41
CA ASP C 77 -4.53 44.50 4.80
C ASP C 77 -4.77 45.59 5.85
N LYS C 78 -5.38 45.23 6.98
CA LYS C 78 -5.54 46.21 8.05
C LYS C 78 -4.18 46.67 8.57
N PHE C 79 -3.25 45.73 8.78
CA PHE C 79 -1.92 46.09 9.24
C PHE C 79 -1.21 46.97 8.22
N VAL C 80 -1.37 46.66 6.93
CA VAL C 80 -0.74 47.46 5.88
C VAL C 80 -1.29 48.89 5.87
N ILE C 81 -2.61 49.03 6.02
CA ILE C 81 -3.22 50.36 6.05
C ILE C 81 -2.72 51.15 7.25
N GLU C 82 -2.66 50.51 8.43
CA GLU C 82 -2.15 51.19 9.62
C GLU C 82 -0.68 51.57 9.46
N ALA C 83 0.12 50.69 8.85
CA ALA C 83 1.53 51.01 8.62
C ALA C 83 1.68 52.20 7.67
N LYS C 84 0.86 52.26 6.63
CA LYS C 84 0.90 53.40 5.72
C LYS C 84 0.48 54.68 6.44
N LEU C 85 -0.52 54.58 7.31
CA LEU C 85 -0.98 55.74 8.07
C LEU C 85 -0.03 56.06 9.23
N VAL C 103 -3.82 49.26 15.92
CA VAL C 103 -2.51 48.61 16.00
C VAL C 103 -2.55 47.52 17.06
N TYR C 104 -3.12 47.85 18.22
CA TYR C 104 -3.28 46.86 19.27
C TYR C 104 -4.32 45.81 18.88
N ASP C 105 -5.47 46.25 18.37
CA ASP C 105 -6.50 45.33 17.93
C ASP C 105 -6.02 44.48 16.77
N VAL C 106 -5.29 45.09 15.82
CA VAL C 106 -4.76 44.32 14.69
C VAL C 106 -3.72 43.31 15.17
N ALA C 107 -2.96 43.67 16.21
CA ALA C 107 -2.01 42.72 16.78
C ALA C 107 -2.72 41.54 17.41
N GLY C 108 -3.78 41.79 18.18
CA GLY C 108 -4.54 40.69 18.74
C GLY C 108 -5.16 39.82 17.67
N GLU C 109 -5.68 40.43 16.61
CA GLU C 109 -6.27 39.68 15.51
C GLU C 109 -5.22 38.81 14.82
N ILE C 110 -4.02 39.35 14.60
CA ILE C 110 -2.95 38.58 13.97
C ILE C 110 -2.56 37.40 14.84
N LYS C 111 -2.42 37.63 16.15
CA LYS C 111 -2.08 36.54 17.06
C LYS C 111 -3.13 35.44 17.03
N THR C 112 -4.42 35.82 17.08
CA THR C 112 -5.46 34.81 17.12
C THR C 112 -5.56 34.07 15.78
N ILE C 113 -5.30 34.75 14.65
CA ILE C 113 -5.35 34.06 13.37
C ILE C 113 -4.17 33.10 13.23
N ARG C 114 -2.99 33.50 13.71
CA ARG C 114 -1.85 32.57 13.71
C ARG C 114 -2.13 31.35 14.59
N ASP C 115 -2.76 31.56 15.75
CA ASP C 115 -3.11 30.44 16.60
C ASP C 115 -4.12 29.51 15.91
N LYS C 116 -5.09 30.10 15.21
CA LYS C 116 -6.06 29.29 14.47
C LYS C 116 -5.38 28.49 13.37
N VAL C 117 -4.42 29.10 12.67
CA VAL C 117 -3.68 28.39 11.63
C VAL C 117 -2.92 27.21 12.23
N LYS C 118 -2.25 27.44 13.36
CA LYS C 118 -1.51 26.36 14.00
C LYS C 118 -2.44 25.23 14.44
N GLU C 119 -3.60 25.59 14.99
CA GLU C 119 -4.56 24.57 15.42
C GLU C 119 -5.06 23.76 14.24
N ILE C 120 -5.37 24.43 13.12
CA ILE C 120 -5.83 23.71 11.93
C ILE C 120 -4.74 22.78 11.41
N ARG C 121 -3.49 23.27 11.38
CA ARG C 121 -2.40 22.45 10.88
C ARG C 121 -2.20 21.22 11.76
N LEU C 122 -2.28 21.38 13.09
CA LEU C 122 -2.02 20.25 13.98
C LEU C 122 -3.19 19.26 13.96
N ASN C 123 -4.42 19.75 13.95
CA ASN C 123 -5.58 18.88 14.14
C ASN C 123 -5.83 18.03 12.90
N ASN C 124 -5.78 18.63 11.71
CA ASN C 124 -6.20 17.96 10.48
C ASN C 124 -5.05 17.64 9.55
N ALA C 125 -3.90 17.20 10.07
CA ALA C 125 -2.75 16.93 9.22
C ALA C 125 -3.03 15.80 8.23
N LEU C 126 -3.68 14.73 8.69
CA LEU C 126 -3.97 13.60 7.79
C LEU C 126 -4.94 13.99 6.69
N ASP C 127 -5.98 14.77 7.04
CA ASP C 127 -6.91 15.24 6.03
C ASP C 127 -6.23 16.19 5.05
N LEU C 128 -5.32 17.03 5.54
CA LEU C 128 -4.56 17.92 4.67
C LEU C 128 -3.71 17.12 3.69
N GLN C 129 -3.07 16.06 4.18
CA GLN C 129 -2.25 15.24 3.28
C GLN C 129 -3.11 14.47 2.28
N ALA C 130 -4.31 14.05 2.70
CA ALA C 130 -5.19 13.32 1.80
C ALA C 130 -5.88 14.21 0.79
N LEU C 131 -5.89 15.52 1.00
CA LEU C 131 -6.62 16.44 0.13
C LEU C 131 -5.79 16.95 -1.04
N GLN C 132 -4.49 16.65 -1.08
CA GLN C 132 -3.64 17.11 -2.18
C GLN C 132 -3.72 16.16 -3.36
N ARG C 144 -15.90 5.43 -19.19
CA ARG C 144 -16.33 6.15 -20.39
C ARG C 144 -17.76 5.76 -20.73
N LYS C 145 -18.64 6.76 -20.81
CA LYS C 145 -20.06 6.54 -21.07
C LYS C 145 -20.51 7.47 -22.19
N PRO C 146 -20.55 6.99 -23.43
CA PRO C 146 -21.05 7.82 -24.52
C PRO C 146 -22.49 8.23 -24.26
N PRO C 147 -22.86 9.44 -24.66
CA PRO C 147 -24.20 9.93 -24.34
C PRO C 147 -25.30 9.16 -25.06
N VAL C 148 -26.45 9.09 -24.42
CA VAL C 148 -27.67 8.55 -25.01
C VAL C 148 -28.60 9.72 -25.27
N VAL C 149 -28.89 9.99 -26.54
CA VAL C 149 -29.66 11.14 -26.94
C VAL C 149 -30.99 10.67 -27.53
N GLU C 150 -31.89 11.63 -27.72
CA GLU C 150 -33.21 11.32 -28.26
C GLU C 150 -33.11 10.97 -29.74
N GLU C 151 -33.81 9.89 -30.12
CA GLU C 151 -33.85 9.46 -31.50
C GLU C 151 -35.23 9.53 -32.13
N ASP C 152 -36.29 9.58 -31.34
CA ASP C 152 -37.67 9.53 -31.85
C ASP C 152 -38.31 10.92 -31.91
N ASP C 153 -38.35 11.62 -30.78
CA ASP C 153 -39.05 12.90 -30.66
C ASP C 153 -38.02 14.01 -30.55
N VAL C 154 -37.55 14.49 -31.70
CA VAL C 154 -36.60 15.59 -31.78
C VAL C 154 -37.32 16.77 -32.39
N VAL C 155 -37.46 17.86 -31.62
CA VAL C 155 -38.24 19.02 -32.01
C VAL C 155 -37.32 20.18 -32.35
N GLY C 156 -37.64 20.87 -33.45
CA GLY C 156 -36.94 22.08 -33.83
C GLY C 156 -35.75 21.88 -34.73
N PHE C 157 -35.22 20.67 -34.82
CA PHE C 157 -33.99 20.40 -35.57
C PHE C 157 -34.26 20.00 -37.01
N GLU C 158 -35.51 20.07 -37.47
CA GLU C 158 -35.83 19.63 -38.82
C GLU C 158 -35.20 20.53 -39.89
N GLU C 159 -35.00 21.81 -39.60
CA GLU C 159 -34.38 22.71 -40.57
C GLU C 159 -32.87 22.79 -40.41
N GLU C 160 -32.37 22.76 -39.17
CA GLU C 160 -30.92 22.74 -38.96
C GLU C 160 -30.31 21.46 -39.53
N ALA C 161 -31.03 20.35 -39.42
CA ALA C 161 -30.53 19.10 -39.98
C ALA C 161 -30.40 19.20 -41.50
N ASP C 162 -31.40 19.79 -42.17
CA ASP C 162 -31.31 19.95 -43.61
C ASP C 162 -30.20 20.92 -43.99
N LYS C 163 -30.01 21.98 -43.20
CA LYS C 163 -28.92 22.91 -43.47
C LYS C 163 -27.57 22.21 -43.39
N VAL C 164 -27.32 21.47 -42.31
CA VAL C 164 -26.05 20.79 -42.16
C VAL C 164 -25.90 19.68 -43.21
N ILE C 165 -26.99 19.00 -43.58
CA ILE C 165 -26.90 17.98 -44.60
C ILE C 165 -26.52 18.57 -45.95
N ASN C 166 -27.15 19.69 -46.33
CA ASN C 166 -26.80 20.35 -47.58
C ASN C 166 -25.38 20.91 -47.54
N ARG C 167 -24.89 21.26 -46.35
CA ARG C 167 -23.48 21.62 -46.22
C ARG C 167 -22.57 20.41 -46.40
N LEU C 168 -23.02 19.24 -45.95
CA LEU C 168 -22.23 18.03 -46.10
C LEU C 168 -22.25 17.51 -47.54
N LEU C 169 -23.41 17.55 -48.19
CA LEU C 169 -23.55 17.01 -49.52
C LEU C 169 -23.00 17.93 -50.60
N GLY C 170 -22.65 19.16 -50.26
CA GLY C 170 -22.11 20.11 -51.22
C GLY C 170 -20.76 20.62 -50.76
N GLY C 171 -19.88 20.88 -51.72
CA GLY C 171 -18.56 21.38 -51.42
C GLY C 171 -17.57 20.91 -52.46
N SER C 172 -16.30 20.96 -52.10
CA SER C 172 -15.22 20.53 -52.99
C SER C 172 -15.08 19.02 -52.93
N SER C 173 -14.02 18.50 -53.55
CA SER C 173 -13.73 17.07 -53.55
C SER C 173 -12.75 16.66 -52.46
N GLY C 174 -12.32 17.59 -51.62
CA GLY C 174 -11.43 17.27 -50.53
C GLY C 174 -12.17 16.93 -49.25
N LEU C 175 -11.40 16.47 -48.25
CA LEU C 175 -11.96 16.12 -46.96
C LEU C 175 -12.31 17.41 -46.21
N GLU C 176 -13.58 17.75 -46.19
CA GLU C 176 -14.07 18.94 -45.50
C GLU C 176 -14.71 18.56 -44.18
N VAL C 177 -14.74 19.53 -43.26
CA VAL C 177 -15.27 19.34 -41.92
C VAL C 177 -16.44 20.31 -41.73
N VAL C 178 -17.52 19.80 -41.12
CA VAL C 178 -18.65 20.64 -40.75
C VAL C 178 -18.70 20.68 -39.23
N PRO C 179 -18.17 21.72 -38.60
CA PRO C 179 -18.16 21.77 -37.14
C PRO C 179 -19.42 22.38 -36.56
N VAL C 180 -19.95 21.71 -35.55
CA VAL C 180 -21.15 22.15 -34.84
C VAL C 180 -20.71 22.59 -33.45
N VAL C 181 -20.82 23.88 -33.17
CA VAL C 181 -20.42 24.46 -31.89
C VAL C 181 -21.68 24.90 -31.16
N GLY C 182 -21.63 24.84 -29.84
CA GLY C 182 -22.80 25.26 -29.08
C GLY C 182 -22.57 25.21 -27.59
N MET C 183 -23.59 25.67 -26.88
CA MET C 183 -23.60 25.69 -25.42
C MET C 183 -23.69 24.28 -24.86
N PRO C 184 -23.19 24.06 -23.64
CA PRO C 184 -23.37 22.75 -22.99
C PRO C 184 -24.84 22.35 -22.89
N GLY C 185 -25.18 21.20 -23.48
CA GLY C 185 -26.54 20.75 -23.49
C GLY C 185 -27.42 21.35 -24.58
N LEU C 186 -26.82 22.03 -25.55
CA LEU C 186 -27.61 22.65 -26.62
C LEU C 186 -28.30 21.60 -27.48
N GLY C 187 -27.65 20.48 -27.74
CA GLY C 187 -28.22 19.45 -28.57
C GLY C 187 -27.37 19.12 -29.78
N LYS C 188 -26.07 19.35 -29.68
CA LYS C 188 -25.17 19.06 -30.79
C LYS C 188 -25.14 17.57 -31.10
N THR C 189 -25.10 16.73 -30.08
CA THR C 189 -25.10 15.29 -30.29
C THR C 189 -26.42 14.83 -30.90
N THR C 190 -27.53 15.41 -30.46
CA THR C 190 -28.83 15.04 -31.02
C THR C 190 -28.92 15.39 -32.50
N LEU C 191 -28.46 16.58 -32.87
CA LEU C 191 -28.46 16.97 -34.27
C LEU C 191 -27.51 16.10 -35.08
N ALA C 192 -26.34 15.78 -34.52
CA ALA C 192 -25.39 14.93 -35.22
C ALA C 192 -25.95 13.53 -35.44
N ASN C 193 -26.72 13.03 -34.46
CA ASN C 193 -27.34 11.71 -34.61
C ASN C 193 -28.47 11.75 -35.62
N LYS C 194 -29.23 12.86 -35.65
CA LYS C 194 -30.30 12.99 -36.63
C LYS C 194 -29.75 13.04 -38.05
N ILE C 195 -28.63 13.76 -38.24
CA ILE C 195 -27.99 13.79 -39.55
C ILE C 195 -27.38 12.43 -39.89
N TYR C 196 -26.76 11.78 -38.90
CA TYR C 196 -26.07 10.53 -39.12
C TYR C 196 -27.02 9.43 -39.58
N LYS C 197 -28.26 9.44 -39.08
CA LYS C 197 -29.25 8.45 -39.44
C LYS C 197 -30.25 8.95 -40.47
N HIS C 198 -29.98 10.09 -41.10
CA HIS C 198 -30.90 10.63 -42.09
C HIS C 198 -30.89 9.76 -43.35
N PRO C 199 -32.03 9.58 -44.00
CA PRO C 199 -32.06 8.76 -45.24
C PRO C 199 -31.16 9.30 -46.34
N ASP C 200 -31.13 10.63 -46.53
CA ASP C 200 -30.29 11.19 -47.58
C ASP C 200 -28.80 10.97 -47.29
N ILE C 201 -28.40 11.17 -46.03
CA ILE C 201 -27.00 10.94 -45.65
C ILE C 201 -26.65 9.47 -45.83
N GLY C 202 -27.54 8.57 -45.42
CA GLY C 202 -27.27 7.15 -45.59
C GLY C 202 -27.18 6.73 -47.04
N TYR C 203 -27.98 7.35 -47.90
CA TYR C 203 -27.94 7.01 -49.32
C TYR C 203 -26.69 7.56 -49.98
N GLN C 204 -26.30 8.79 -49.64
CA GLN C 204 -25.16 9.43 -50.30
C GLN C 204 -23.82 8.86 -49.82
N PHE C 205 -23.71 8.58 -48.53
CA PHE C 205 -22.46 8.11 -47.94
C PHE C 205 -22.51 6.60 -47.76
N PHE C 206 -21.60 5.89 -48.42
CA PHE C 206 -21.54 4.44 -48.30
C PHE C 206 -21.08 4.03 -46.90
N THR C 207 -20.08 4.71 -46.36
CA THR C 207 -19.52 4.39 -45.05
C THR C 207 -19.84 5.52 -44.08
N ARG C 208 -20.45 5.19 -42.96
CA ARG C 208 -20.74 6.15 -41.90
C ARG C 208 -20.20 5.61 -40.59
N ILE C 209 -19.35 6.39 -39.93
CA ILE C 209 -18.67 5.99 -38.71
C ILE C 209 -18.94 7.04 -37.64
N TRP C 210 -19.38 6.59 -36.47
CA TRP C 210 -19.61 7.45 -35.32
C TRP C 210 -18.51 7.20 -34.30
N VAL C 211 -17.65 8.19 -34.10
CA VAL C 211 -16.57 8.11 -33.13
C VAL C 211 -16.90 9.04 -31.97
N TYR C 212 -16.83 8.51 -30.75
CA TYR C 212 -17.10 9.29 -29.55
C TYR C 212 -15.78 9.69 -28.91
N VAL C 213 -15.31 10.88 -29.23
CA VAL C 213 -14.19 11.46 -28.51
C VAL C 213 -14.71 12.16 -27.26
N SER C 214 -13.83 12.32 -26.28
CA SER C 214 -14.21 13.03 -25.06
C SER C 214 -12.95 13.68 -24.49
N GLN C 215 -13.05 14.14 -23.24
CA GLN C 215 -11.86 14.65 -22.56
C GLN C 215 -10.82 13.55 -22.36
N SER C 216 -11.29 12.34 -22.02
CA SER C 216 -10.42 11.18 -21.82
C SER C 216 -10.71 10.18 -22.92
N TYR C 217 -9.68 9.88 -23.72
CA TYR C 217 -9.80 8.89 -24.78
C TYR C 217 -8.44 8.26 -25.03
N ARG C 218 -8.47 7.06 -25.60
CA ARG C 218 -7.26 6.35 -26.00
C ARG C 218 -7.27 6.17 -27.50
N ARG C 219 -6.19 6.62 -28.16
CA ARG C 219 -6.14 6.56 -29.62
C ARG C 219 -6.10 5.12 -30.11
N ARG C 220 -5.39 4.25 -29.40
CA ARG C 220 -5.36 2.84 -29.78
C ARG C 220 -6.75 2.21 -29.68
N GLU C 221 -7.48 2.50 -28.59
CA GLU C 221 -8.83 1.97 -28.44
C GLU C 221 -9.76 2.50 -29.53
N LEU C 222 -9.67 3.80 -29.83
CA LEU C 222 -10.51 4.37 -30.88
C LEU C 222 -10.20 3.74 -32.23
N PHE C 223 -8.92 3.57 -32.55
CA PHE C 223 -8.54 3.00 -33.83
C PHE C 223 -8.96 1.54 -33.95
N LEU C 224 -8.88 0.79 -32.85
CA LEU C 224 -9.33 -0.60 -32.88
C LEU C 224 -10.85 -0.68 -32.96
N ASN C 225 -11.55 0.29 -32.38
CA ASN C 225 -13.01 0.34 -32.54
C ASN C 225 -13.40 0.64 -33.98
N ILE C 226 -12.66 1.54 -34.63
CA ILE C 226 -12.95 1.85 -36.03
C ILE C 226 -12.61 0.66 -36.92
N ILE C 227 -11.54 -0.05 -36.60
CA ILE C 227 -11.13 -1.21 -37.40
C ILE C 227 -12.19 -2.31 -37.32
N SER C 228 -12.76 -2.51 -36.12
CA SER C 228 -13.75 -3.57 -35.95
C SER C 228 -14.98 -3.39 -36.82
N LYS C 229 -15.23 -2.17 -37.30
CA LYS C 229 -16.33 -1.94 -38.23
C LYS C 229 -16.07 -2.48 -39.62
N PHE C 230 -14.83 -2.85 -39.92
CA PHE C 230 -14.48 -3.39 -41.23
C PHE C 230 -14.02 -4.85 -41.19
N THR C 231 -13.39 -5.29 -40.11
CA THR C 231 -12.95 -6.67 -40.00
C THR C 231 -13.25 -7.18 -38.59
N ARG C 232 -13.42 -8.49 -38.49
CA ARG C 232 -13.66 -9.13 -37.20
C ARG C 232 -12.42 -9.76 -36.61
N ASN C 233 -11.39 -10.02 -37.42
CA ASN C 233 -10.12 -10.54 -36.93
C ASN C 233 -9.24 -9.36 -36.55
N THR C 234 -9.50 -8.83 -35.35
CA THR C 234 -8.73 -7.72 -34.81
C THR C 234 -7.57 -8.20 -33.95
N LYS C 235 -7.36 -9.50 -33.85
CA LYS C 235 -6.24 -10.05 -33.09
C LYS C 235 -4.94 -10.01 -33.90
N GLN C 236 -5.01 -9.66 -35.18
CA GLN C 236 -3.81 -9.48 -35.99
C GLN C 236 -3.16 -8.12 -35.79
N TYR C 237 -3.78 -7.23 -35.02
CA TYR C 237 -3.24 -5.90 -34.78
C TYR C 237 -2.70 -5.74 -33.36
N HIS C 238 -2.43 -6.85 -32.66
CA HIS C 238 -2.02 -6.76 -31.27
C HIS C 238 -0.61 -6.19 -31.13
N ASP C 239 0.21 -6.27 -32.18
CA ASP C 239 1.58 -5.77 -32.14
C ASP C 239 1.80 -4.58 -33.06
N MET C 240 0.81 -4.19 -33.87
CA MET C 240 0.94 -3.02 -34.73
C MET C 240 0.84 -1.75 -33.91
N CYS C 241 1.59 -0.74 -34.33
CA CYS C 241 1.57 0.55 -33.65
C CYS C 241 0.36 1.35 -34.07
N GLU C 242 0.09 2.43 -33.33
CA GLU C 242 -1.07 3.26 -33.59
C GLU C 242 -1.01 3.91 -34.97
N GLU C 243 0.20 4.23 -35.46
CA GLU C 243 0.33 4.79 -36.80
C GLU C 243 0.01 3.74 -37.86
N ASP C 244 0.44 2.49 -37.62
CA ASP C 244 0.06 1.42 -38.54
C ASP C 244 -1.44 1.15 -38.48
N LEU C 245 -2.04 1.28 -37.31
CA LEU C 245 -3.50 1.18 -37.20
C LEU C 245 -4.18 2.26 -38.00
N ALA C 246 -3.66 3.50 -37.93
CA ALA C 246 -4.21 4.59 -38.72
C ALA C 246 -4.06 4.33 -40.21
N ASP C 247 -2.92 3.77 -40.63
CA ASP C 247 -2.75 3.43 -42.03
C ASP C 247 -3.73 2.34 -42.46
N GLU C 248 -3.98 1.35 -41.60
CA GLU C 248 -4.97 0.33 -41.91
C GLU C 248 -6.36 0.94 -42.05
N ILE C 249 -6.71 1.87 -41.16
CA ILE C 249 -8.00 2.56 -41.26
C ILE C 249 -8.07 3.37 -42.54
N GLU C 250 -6.96 4.00 -42.93
CA GLU C 250 -6.93 4.75 -44.18
C GLU C 250 -7.19 3.83 -45.36
N ASP C 251 -6.56 2.66 -45.39
CA ASP C 251 -6.81 1.70 -46.46
C ASP C 251 -8.27 1.25 -46.47
N PHE C 252 -8.83 0.96 -45.28
CA PHE C 252 -10.22 0.52 -45.18
C PHE C 252 -11.17 1.58 -45.72
N LEU C 253 -10.94 2.84 -45.36
CA LEU C 253 -11.81 3.93 -45.80
C LEU C 253 -11.61 4.26 -47.27
N GLY C 254 -10.40 4.08 -47.80
CA GLY C 254 -10.17 4.33 -49.21
C GLY C 254 -10.61 3.21 -50.13
N LYS C 255 -10.82 2.01 -49.60
CA LYS C 255 -11.30 0.91 -50.43
C LYS C 255 -12.69 1.19 -50.99
N GLY C 256 -13.56 1.77 -50.18
CA GLY C 256 -14.94 2.05 -50.58
C GLY C 256 -15.08 3.37 -51.30
N GLY C 257 -16.24 4.00 -51.09
CA GLY C 257 -16.56 5.29 -51.69
C GLY C 257 -16.41 6.41 -50.69
N LYS C 258 -17.34 7.37 -50.75
CA LYS C 258 -17.35 8.47 -49.81
C LYS C 258 -17.68 7.98 -48.41
N TYR C 259 -17.09 8.62 -47.40
CA TYR C 259 -17.35 8.27 -46.02
C TYR C 259 -17.74 9.52 -45.24
N LEU C 260 -18.63 9.34 -44.28
CA LEU C 260 -18.99 10.36 -43.30
C LEU C 260 -18.58 9.89 -41.92
N ILE C 261 -17.89 10.75 -41.18
CA ILE C 261 -17.39 10.41 -39.85
C ILE C 261 -17.84 11.49 -38.88
N VAL C 262 -18.46 11.07 -37.79
CA VAL C 262 -18.96 11.98 -36.76
C VAL C 262 -18.03 11.87 -35.57
N LEU C 263 -17.23 12.91 -35.35
CA LEU C 263 -16.34 12.99 -34.20
C LEU C 263 -17.07 13.78 -33.11
N ASP C 264 -17.67 13.06 -32.17
CA ASP C 264 -18.49 13.66 -31.13
C ASP C 264 -17.63 14.12 -29.97
N ASP C 265 -17.92 15.32 -29.47
CA ASP C 265 -17.32 15.85 -28.24
C ASP C 265 -15.80 15.91 -28.33
N VAL C 266 -15.31 16.70 -29.26
CA VAL C 266 -13.89 17.02 -29.36
C VAL C 266 -13.62 18.24 -28.48
N TRP C 267 -12.60 18.14 -27.63
CA TRP C 267 -12.35 19.16 -26.63
C TRP C 267 -11.12 20.01 -26.88
N SER C 268 -10.15 19.52 -27.65
CA SER C 268 -8.94 20.28 -27.95
C SER C 268 -8.53 20.02 -29.39
N PRO C 269 -7.85 20.99 -30.02
CA PRO C 269 -7.32 20.74 -31.37
C PRO C 269 -6.27 19.64 -31.41
N ASP C 270 -5.60 19.36 -30.29
CA ASP C 270 -4.60 18.30 -30.27
C ASP C 270 -5.24 16.94 -30.54
N ALA C 271 -6.40 16.68 -29.92
CA ALA C 271 -7.12 15.45 -30.19
C ALA C 271 -7.57 15.36 -31.63
N TRP C 272 -8.04 16.48 -32.19
CA TRP C 272 -8.44 16.50 -33.59
C TRP C 272 -7.28 16.17 -34.51
N GLU C 273 -6.09 16.73 -34.23
CA GLU C 273 -4.93 16.44 -35.07
C GLU C 273 -4.46 15.00 -34.90
N ARG C 274 -4.51 14.46 -33.68
CA ARG C 274 -4.05 13.10 -33.46
C ARG C 274 -4.98 12.08 -34.11
N ILE C 275 -6.30 12.33 -34.06
CA ILE C 275 -7.24 11.37 -34.64
C ILE C 275 -7.33 11.52 -36.16
N ARG C 276 -7.07 12.72 -36.68
CA ARG C 276 -7.25 12.97 -38.11
C ARG C 276 -6.29 12.16 -38.99
N ILE C 277 -5.23 11.59 -38.41
CA ILE C 277 -4.26 10.86 -39.20
C ILE C 277 -4.78 9.54 -39.75
N ALA C 278 -5.96 9.12 -39.32
CA ALA C 278 -6.55 7.86 -39.77
C ALA C 278 -7.56 8.04 -40.91
N PHE C 279 -7.83 9.28 -41.32
CA PHE C 279 -8.85 9.54 -42.33
C PHE C 279 -8.20 9.98 -43.64
N PRO C 280 -8.30 9.19 -44.71
CA PRO C 280 -7.64 9.56 -45.96
C PRO C 280 -8.33 10.71 -46.67
N ASN C 281 -7.56 11.42 -47.48
CA ASN C 281 -8.06 12.48 -48.35
C ASN C 281 -7.76 12.04 -49.77
N ASN C 282 -8.67 11.26 -50.36
CA ASN C 282 -8.47 10.63 -51.65
C ASN C 282 -9.27 11.31 -52.77
N ASN C 283 -9.44 12.63 -52.67
CA ASN C 283 -10.11 13.44 -53.69
C ASN C 283 -11.54 12.97 -53.93
N LYS C 284 -12.16 12.36 -52.93
CA LYS C 284 -13.60 12.11 -52.93
C LYS C 284 -14.26 13.02 -51.90
N SER C 285 -15.55 13.28 -52.10
CA SER C 285 -16.26 14.19 -51.22
C SER C 285 -16.47 13.56 -49.85
N ASN C 286 -15.38 13.30 -49.15
CA ASN C 286 -15.44 12.74 -47.81
C ASN C 286 -15.66 13.86 -46.80
N ARG C 287 -16.52 13.60 -45.82
CA ARG C 287 -16.94 14.62 -44.89
C ARG C 287 -16.70 14.15 -43.45
N ILE C 288 -16.46 15.14 -42.57
CA ILE C 288 -16.33 14.91 -41.14
C ILE C 288 -17.31 15.84 -40.43
N LEU C 289 -18.15 15.28 -39.57
CA LEU C 289 -19.07 16.07 -38.77
C LEU C 289 -18.52 16.14 -37.35
N LEU C 290 -18.30 17.36 -36.86
CA LEU C 290 -17.62 17.56 -35.59
C LEU C 290 -18.51 18.39 -34.68
N THR C 291 -18.71 17.91 -33.45
CA THR C 291 -19.48 18.61 -32.44
C THR C 291 -18.55 18.93 -31.27
N THR C 292 -18.53 20.20 -30.86
CA THR C 292 -17.62 20.64 -29.81
C THR C 292 -18.23 21.81 -29.06
N ARG C 293 -17.78 22.00 -27.83
CA ARG C 293 -18.18 23.17 -27.04
C ARG C 293 -17.30 24.38 -27.31
N ASP C 294 -16.01 24.17 -27.55
CA ASP C 294 -15.06 25.26 -27.76
C ASP C 294 -15.06 25.68 -29.23
N SER C 295 -15.03 27.00 -29.44
CA SER C 295 -14.97 27.54 -30.80
C SER C 295 -13.60 27.39 -31.43
N LYS C 296 -12.55 27.26 -30.62
CA LYS C 296 -11.20 27.10 -31.17
C LYS C 296 -11.04 25.80 -31.94
N VAL C 297 -11.66 24.72 -31.45
CA VAL C 297 -11.57 23.43 -32.13
C VAL C 297 -12.25 23.46 -33.50
N ALA C 298 -13.19 24.38 -33.70
CA ALA C 298 -13.90 24.48 -34.97
C ALA C 298 -13.15 25.33 -35.99
N LYS C 299 -12.05 25.95 -35.62
CA LYS C 299 -11.31 26.82 -36.53
C LYS C 299 -9.98 26.20 -36.92
N PRO C 308 -17.96 27.86 -38.95
CA PRO C 308 -18.62 26.78 -38.22
C PRO C 308 -20.13 26.86 -38.27
N HIS C 309 -20.82 25.95 -37.58
CA HIS C 309 -22.27 25.94 -37.50
C HIS C 309 -22.66 26.13 -36.04
N ASP C 310 -23.17 27.32 -35.72
CA ASP C 310 -23.64 27.61 -34.36
C ASP C 310 -25.05 27.08 -34.23
N LEU C 311 -25.23 26.05 -33.40
CA LEU C 311 -26.54 25.42 -33.25
C LEU C 311 -27.53 26.38 -32.63
N LYS C 312 -28.78 26.31 -33.08
CA LYS C 312 -29.81 27.22 -32.63
C LYS C 312 -30.36 26.81 -31.27
N PHE C 313 -31.07 27.74 -30.64
CA PHE C 313 -31.84 27.47 -29.44
C PHE C 313 -33.30 27.19 -29.81
N LEU C 314 -33.94 26.34 -29.02
CA LEU C 314 -35.36 26.08 -29.22
C LEU C 314 -36.17 27.34 -28.92
N THR C 315 -37.23 27.55 -29.70
CA THR C 315 -38.12 28.67 -29.44
C THR C 315 -39.02 28.35 -28.26
N GLU C 316 -39.85 29.32 -27.88
CA GLU C 316 -40.77 29.12 -26.77
C GLU C 316 -41.79 28.03 -27.10
N ASP C 317 -42.36 28.09 -28.31
CA ASP C 317 -43.30 27.06 -28.73
C ASP C 317 -42.64 25.69 -28.80
N GLU C 318 -41.41 25.64 -29.34
CA GLU C 318 -40.69 24.37 -29.40
C GLU C 318 -40.34 23.86 -28.02
N SER C 319 -40.00 24.76 -27.09
CA SER C 319 -39.73 24.35 -25.72
C SER C 319 -40.98 23.75 -25.08
N TRP C 320 -42.14 24.39 -25.27
CA TRP C 320 -43.37 23.83 -24.72
C TRP C 320 -43.71 22.50 -25.37
N ILE C 321 -43.49 22.37 -26.68
CA ILE C 321 -43.75 21.11 -27.37
C ILE C 321 -42.87 20.00 -26.78
N LEU C 322 -41.58 20.30 -26.58
CA LEU C 322 -40.68 19.30 -26.01
C LEU C 322 -41.08 18.92 -24.60
N LEU C 323 -41.44 19.90 -23.77
CA LEU C 323 -41.83 19.59 -22.40
C LEU C 323 -43.10 18.75 -22.37
N GLU C 324 -44.08 19.09 -23.21
CA GLU C 324 -45.32 18.31 -23.25
C GLU C 324 -45.06 16.89 -23.74
N LYS C 325 -44.21 16.73 -24.75
CA LYS C 325 -43.89 15.39 -25.24
C LYS C 325 -43.16 14.57 -24.18
N LYS C 326 -42.28 15.22 -23.42
CA LYS C 326 -41.50 14.49 -22.42
C LYS C 326 -42.30 14.13 -21.18
N VAL C 327 -43.25 14.98 -20.78
CA VAL C 327 -44.06 14.69 -19.60
C VAL C 327 -45.28 13.84 -19.95
N PHE C 328 -46.05 14.27 -20.94
CA PHE C 328 -47.23 13.55 -21.40
C PHE C 328 -46.89 12.86 -22.72
N HIS C 329 -46.51 11.59 -22.63
CA HIS C 329 -46.12 10.82 -23.81
C HIS C 329 -47.31 10.64 -24.76
N GLU C 338 -51.53 24.05 -20.70
CA GLU C 338 -51.41 24.43 -19.30
C GLU C 338 -50.55 25.67 -19.14
N LEU C 339 -51.07 26.66 -18.41
CA LEU C 339 -50.30 27.89 -18.17
C LEU C 339 -49.05 27.60 -17.37
N SER C 340 -49.16 26.75 -16.34
CA SER C 340 -47.98 26.39 -15.55
C SER C 340 -46.92 25.69 -16.40
N GLY C 341 -47.36 24.77 -17.27
CA GLY C 341 -46.42 24.09 -18.14
C GLY C 341 -45.75 25.02 -19.12
N LYS C 342 -46.52 25.95 -19.70
CA LYS C 342 -45.94 26.91 -20.64
C LYS C 342 -44.96 27.84 -19.94
N SER C 343 -45.26 28.23 -18.69
CA SER C 343 -44.34 29.07 -17.94
C SER C 343 -43.07 28.31 -17.55
N ILE C 344 -43.20 27.02 -17.26
CA ILE C 344 -42.03 26.21 -16.95
C ILE C 344 -41.15 26.04 -18.18
N ALA C 345 -41.75 25.76 -19.33
CA ALA C 345 -40.98 25.58 -20.55
C ALA C 345 -40.35 26.89 -21.02
N LYS C 346 -41.01 28.02 -20.75
CA LYS C 346 -40.44 29.32 -21.14
C LYS C 346 -39.21 29.66 -20.31
N LYS C 347 -39.17 29.21 -19.06
CA LYS C 347 -38.05 29.52 -18.17
C LYS C 347 -36.81 28.68 -18.45
N CYS C 348 -36.89 27.72 -19.36
CA CYS C 348 -35.72 26.93 -19.75
C CYS C 348 -34.89 27.62 -20.82
N ASN C 349 -35.37 28.74 -21.38
CA ASN C 349 -34.61 29.57 -22.30
C ASN C 349 -34.14 28.79 -23.53
N GLY C 350 -35.00 27.89 -24.00
CA GLY C 350 -34.70 27.18 -25.23
C GLY C 350 -33.57 26.18 -25.15
N LEU C 351 -33.19 25.76 -23.95
CA LEU C 351 -32.14 24.77 -23.80
C LEU C 351 -32.79 23.41 -23.59
N PRO C 352 -32.63 22.46 -24.53
CA PRO C 352 -33.30 21.17 -24.38
C PRO C 352 -32.85 20.37 -23.16
N LEU C 353 -31.63 20.60 -22.69
CA LEU C 353 -31.17 19.90 -21.49
C LEU C 353 -31.97 20.30 -20.26
N ALA C 354 -32.22 21.60 -20.10
CA ALA C 354 -33.04 22.07 -18.99
C ALA C 354 -34.46 21.55 -19.10
N ILE C 355 -35.01 21.53 -20.31
CA ILE C 355 -36.35 20.99 -20.52
C ILE C 355 -36.41 19.52 -20.13
N VAL C 356 -35.39 18.75 -20.54
CA VAL C 356 -35.36 17.33 -20.22
C VAL C 356 -35.27 17.12 -18.71
N VAL C 357 -34.43 17.89 -18.03
CA VAL C 357 -34.27 17.73 -16.58
C VAL C 357 -35.56 18.10 -15.86
N ILE C 358 -36.18 19.21 -16.25
CA ILE C 358 -37.41 19.64 -15.60
C ILE C 358 -38.55 18.69 -15.91
N ALA C 359 -38.54 18.06 -17.09
CA ALA C 359 -39.58 17.08 -17.41
C ALA C 359 -39.41 15.81 -16.60
N GLY C 360 -38.15 15.38 -16.42
CA GLY C 360 -37.91 14.25 -15.53
C GLY C 360 -38.33 14.54 -14.11
N ALA C 361 -38.13 15.78 -13.66
CA ALA C 361 -38.62 16.18 -12.34
C ALA C 361 -40.14 16.19 -12.28
N LEU C 362 -40.79 16.67 -13.33
CA LEU C 362 -42.25 16.81 -13.32
C LEU C 362 -42.96 15.47 -13.47
N ILE C 363 -42.31 14.49 -14.10
CA ILE C 363 -42.95 13.19 -14.31
C ILE C 363 -43.20 12.47 -12.98
N GLY C 364 -42.45 12.82 -11.93
CA GLY C 364 -42.64 12.18 -10.64
C GLY C 364 -43.75 12.79 -9.81
N LYS C 365 -44.07 14.05 -10.09
CA LYS C 365 -45.11 14.74 -9.33
C LYS C 365 -46.49 14.42 -9.91
N GLY C 366 -47.51 14.61 -9.07
CA GLY C 366 -48.87 14.39 -9.51
C GLY C 366 -49.32 15.44 -10.50
N LYS C 367 -50.26 15.06 -11.37
CA LYS C 367 -50.77 15.94 -12.40
C LYS C 367 -51.84 16.87 -11.84
N THR C 368 -51.43 17.68 -10.86
CA THR C 368 -52.29 18.65 -10.21
C THR C 368 -51.71 20.04 -10.41
N SER C 369 -52.59 21.01 -10.68
CA SER C 369 -52.15 22.37 -10.96
C SER C 369 -51.44 23.01 -9.78
N ARG C 370 -51.70 22.55 -8.56
CA ARG C 370 -51.00 23.10 -7.40
C ARG C 370 -49.57 22.59 -7.29
N GLU C 371 -49.32 21.35 -7.72
CA GLU C 371 -47.97 20.79 -7.70
C GLU C 371 -47.14 21.24 -8.90
N TRP C 372 -47.78 21.75 -9.95
CA TRP C 372 -47.04 22.33 -11.07
C TRP C 372 -46.73 23.80 -10.87
N LYS C 373 -47.52 24.50 -10.05
CA LYS C 373 -47.20 25.87 -9.68
C LYS C 373 -46.08 25.93 -8.64
N GLN C 374 -45.87 24.85 -7.90
CA GLN C 374 -44.74 24.80 -6.97
C GLN C 374 -43.41 24.68 -7.71
N VAL C 375 -43.42 24.14 -8.93
CA VAL C 375 -42.23 24.14 -9.78
C VAL C 375 -42.06 25.46 -10.51
N ASP C 376 -42.98 26.40 -10.33
CA ASP C 376 -42.93 27.73 -10.94
C ASP C 376 -42.92 27.64 -12.46
N CYS C 392 -27.87 19.46 -16.64
CA CYS C 392 -27.72 19.26 -15.21
C CYS C 392 -26.48 19.97 -14.68
N ASN C 393 -25.88 19.41 -13.63
CA ASN C 393 -24.72 20.01 -12.99
C ASN C 393 -23.41 19.35 -13.40
N LYS C 394 -23.40 18.06 -13.66
CA LYS C 394 -22.16 17.38 -14.06
C LYS C 394 -21.74 17.70 -15.48
N LEU C 395 -22.68 18.05 -16.35
CA LEU C 395 -22.33 18.41 -17.72
C LEU C 395 -21.67 19.78 -17.79
N VAL C 396 -22.20 20.74 -17.04
CA VAL C 396 -21.58 22.06 -16.98
C VAL C 396 -20.22 21.99 -16.30
N GLN C 397 -20.08 21.11 -15.30
CA GLN C 397 -18.82 20.95 -14.60
C GLN C 397 -17.71 20.44 -15.51
N LEU C 398 -18.06 19.83 -16.64
CA LEU C 398 -17.03 19.38 -17.58
C LEU C 398 -16.25 20.55 -18.15
N SER C 399 -16.94 21.61 -18.55
CA SER C 399 -16.28 22.80 -19.08
C SER C 399 -15.80 23.75 -17.99
N TYR C 400 -16.42 23.70 -16.81
CA TYR C 400 -15.97 24.54 -15.70
C TYR C 400 -14.68 24.03 -15.08
N ASP C 401 -14.50 22.71 -15.04
CA ASP C 401 -13.28 22.14 -14.48
C ASP C 401 -12.07 22.29 -15.40
N ARG C 402 -12.29 22.62 -16.67
CA ARG C 402 -11.18 22.85 -17.59
C ARG C 402 -10.65 24.27 -17.51
N LEU C 403 -11.32 25.15 -16.76
CA LEU C 403 -10.84 26.52 -16.58
C LEU C 403 -9.67 26.54 -15.61
N SER C 404 -8.83 27.57 -15.74
CA SER C 404 -7.73 27.77 -14.81
C SER C 404 -8.28 28.27 -13.47
N TYR C 405 -7.39 28.35 -12.49
CA TYR C 405 -7.81 28.76 -11.14
C TYR C 405 -8.35 30.18 -11.15
N ASP C 406 -7.70 31.09 -11.88
CA ASP C 406 -8.16 32.47 -11.95
C ASP C 406 -9.39 32.61 -12.84
N LEU C 407 -9.44 31.86 -13.94
CA LEU C 407 -10.59 31.93 -14.84
C LEU C 407 -11.85 31.38 -14.20
N LYS C 408 -11.73 30.45 -13.24
CA LYS C 408 -12.90 29.98 -12.52
C LYS C 408 -13.51 31.10 -11.67
N ALA C 409 -12.67 31.87 -10.97
CA ALA C 409 -13.17 32.99 -10.19
C ALA C 409 -13.70 34.11 -11.07
N CYS C 410 -13.05 34.33 -12.23
CA CYS C 410 -13.57 35.31 -13.17
C CYS C 410 -14.94 34.89 -13.71
N PHE C 411 -15.12 33.59 -13.96
CA PHE C 411 -16.38 33.09 -14.50
C PHE C 411 -17.49 33.18 -13.46
N LEU C 412 -17.21 32.77 -12.22
CA LEU C 412 -18.21 32.81 -11.17
C LEU C 412 -18.64 34.23 -10.83
N TYR C 413 -17.73 35.19 -10.99
CA TYR C 413 -18.09 36.59 -10.73
C TYR C 413 -19.12 37.10 -11.70
N CYS C 414 -19.23 36.51 -12.89
CA CYS C 414 -20.29 36.88 -13.83
C CYS C 414 -21.66 36.49 -13.31
N GLY C 415 -21.74 35.57 -12.36
CA GLY C 415 -23.00 35.23 -11.75
C GLY C 415 -23.51 36.23 -10.73
N ALA C 416 -22.67 37.20 -10.36
CA ALA C 416 -23.13 38.26 -9.48
C ALA C 416 -24.18 39.12 -10.15
N PHE C 417 -24.00 39.41 -11.44
CA PHE C 417 -24.97 40.20 -12.17
C PHE C 417 -26.31 39.45 -12.23
N PRO C 418 -27.43 40.15 -12.04
CA PRO C 418 -28.73 39.47 -11.98
C PRO C 418 -29.04 38.72 -13.27
N GLY C 419 -30.04 37.85 -13.17
CA GLY C 419 -30.40 37.03 -14.32
C GLY C 419 -30.86 37.86 -15.49
N GLY C 420 -30.31 37.56 -16.67
CA GLY C 420 -30.65 38.28 -17.87
C GLY C 420 -30.01 39.64 -18.02
N PHE C 421 -29.15 40.03 -17.09
CA PHE C 421 -28.53 41.35 -17.13
C PHE C 421 -27.53 41.45 -18.27
N GLU C 422 -27.50 42.61 -18.92
CA GLU C 422 -26.53 42.89 -19.97
C GLU C 422 -25.26 43.41 -19.32
N ILE C 423 -24.29 42.53 -19.11
CA ILE C 423 -23.05 42.89 -18.43
C ILE C 423 -22.21 43.76 -19.34
N PRO C 424 -21.86 44.99 -18.94
CA PRO C 424 -20.93 45.79 -19.74
C PRO C 424 -19.52 45.23 -19.63
N ALA C 425 -18.89 45.02 -20.79
CA ALA C 425 -17.59 44.36 -20.81
C ALA C 425 -16.53 45.18 -20.08
N TRP C 426 -16.52 46.51 -20.30
CA TRP C 426 -15.55 47.35 -19.62
C TRP C 426 -15.72 47.31 -18.12
N LYS C 427 -16.96 47.38 -17.64
CA LYS C 427 -17.22 47.30 -16.21
C LYS C 427 -16.81 45.95 -15.65
N LEU C 428 -17.09 44.86 -16.39
CA LEU C 428 -16.69 43.53 -15.94
C LEU C 428 -15.18 43.41 -15.83
N ILE C 429 -14.45 43.94 -16.81
CA ILE C 429 -12.99 43.88 -16.79
C ILE C 429 -12.45 44.68 -15.61
N ARG C 430 -12.98 45.89 -15.39
CA ARG C 430 -12.51 46.71 -14.28
C ARG C 430 -12.82 46.05 -12.94
N LEU C 431 -14.00 45.44 -12.82
CA LEU C 431 -14.36 44.74 -11.60
C LEU C 431 -13.45 43.54 -11.35
N TRP C 432 -13.12 42.80 -12.42
CA TRP C 432 -12.20 41.67 -12.30
C TRP C 432 -10.84 42.14 -11.82
N ILE C 433 -10.34 43.24 -12.37
CA ILE C 433 -9.04 43.76 -11.97
C ILE C 433 -9.07 44.21 -10.51
N ALA C 434 -10.15 44.89 -10.11
CA ALA C 434 -10.24 45.39 -8.74
C ALA C 434 -10.38 44.27 -7.72
N GLU C 435 -11.08 43.19 -8.07
CA GLU C 435 -11.26 42.08 -7.14
C GLU C 435 -10.00 41.27 -6.93
N GLY C 436 -8.95 41.50 -7.71
CA GLY C 436 -7.72 40.76 -7.59
C GLY C 436 -7.67 39.46 -8.37
N PHE C 437 -8.68 39.17 -9.18
CA PHE C 437 -8.65 37.96 -10.00
C PHE C 437 -7.56 38.04 -11.06
N ILE C 438 -7.37 39.21 -11.66
CA ILE C 438 -6.37 39.38 -12.72
C ILE C 438 -5.00 39.62 -12.11
N SER C 445 -0.56 44.34 -20.11
CA SER C 445 -1.34 45.09 -19.12
C SER C 445 -2.39 44.20 -18.46
N LEU C 446 -2.99 44.72 -17.38
CA LEU C 446 -4.06 43.98 -16.70
C LEU C 446 -5.32 43.95 -17.54
N GLU C 447 -5.61 45.05 -18.26
CA GLU C 447 -6.78 45.09 -19.11
C GLU C 447 -6.67 44.09 -20.25
N CYS C 448 -5.47 43.93 -20.82
CA CYS C 448 -5.28 42.95 -21.87
C CYS C 448 -5.55 41.53 -21.36
N LYS C 449 -5.03 41.21 -20.17
CA LYS C 449 -5.27 39.88 -19.60
C LYS C 449 -6.74 39.67 -19.28
N ALA C 450 -7.42 40.70 -18.78
CA ALA C 450 -8.84 40.57 -18.48
C ALA C 450 -9.67 40.37 -19.74
N GLU C 451 -9.35 41.11 -20.81
CA GLU C 451 -10.03 40.91 -22.08
C GLU C 451 -9.74 39.52 -22.64
N ASP C 452 -8.52 39.03 -22.46
CA ASP C 452 -8.19 37.68 -22.87
C ASP C 452 -9.02 36.65 -22.09
N ASN C 453 -9.21 36.89 -20.79
CA ASN C 453 -10.04 35.99 -19.99
C ASN C 453 -11.48 36.00 -20.46
N LEU C 454 -12.01 37.19 -20.77
CA LEU C 454 -13.38 37.27 -21.28
C LEU C 454 -13.52 36.54 -22.61
N ASN C 455 -12.55 36.74 -23.52
CA ASN C 455 -12.59 36.05 -24.79
C ASN C 455 -12.42 34.53 -24.64
N ASP C 456 -11.65 34.10 -23.64
CA ASP C 456 -11.53 32.67 -23.35
C ASP C 456 -12.85 32.09 -22.87
N LEU C 457 -13.55 32.83 -22.00
CA LEU C 457 -14.87 32.39 -21.55
C LEU C 457 -15.86 32.34 -22.70
N ILE C 458 -15.77 33.31 -23.62
CA ILE C 458 -16.68 33.33 -24.76
C ILE C 458 -16.39 32.18 -25.71
N ASN C 459 -15.11 31.91 -25.97
CA ASN C 459 -14.75 30.86 -26.91
C ASN C 459 -15.21 29.48 -26.41
N ARG C 460 -15.16 29.27 -25.10
CA ARG C 460 -15.67 28.04 -24.49
C ARG C 460 -17.18 28.00 -24.42
N ASN C 461 -17.86 29.00 -24.97
CA ASN C 461 -19.33 29.09 -24.98
C ASN C 461 -19.91 29.13 -23.57
N LEU C 462 -19.14 29.61 -22.61
CA LEU C 462 -19.66 29.83 -21.27
C LEU C 462 -20.27 31.22 -21.09
N VAL C 463 -19.99 32.14 -22.01
CA VAL C 463 -20.53 33.50 -21.96
C VAL C 463 -21.02 33.88 -23.35
N MET C 464 -22.20 34.50 -23.41
CA MET C 464 -22.86 34.83 -24.67
C MET C 464 -22.63 36.30 -25.00
N VAL C 465 -22.25 36.59 -26.23
CA VAL C 465 -22.02 37.95 -26.68
C VAL C 465 -23.24 38.44 -27.43
N MET C 466 -23.72 39.64 -27.09
CA MET C 466 -24.82 40.27 -27.80
C MET C 466 -24.39 41.56 -28.50
N GLN C 467 -23.82 42.52 -27.78
CA GLN C 467 -23.43 43.79 -28.35
C GLN C 467 -21.94 43.83 -28.58
N ARG C 468 -21.55 44.15 -29.81
CA ARG C 468 -20.15 44.28 -30.20
C ARG C 468 -19.88 45.69 -30.68
N THR C 469 -18.67 46.17 -30.39
CA THR C 469 -18.27 47.49 -30.85
C THR C 469 -18.17 47.52 -32.37
N SER C 470 -18.24 48.73 -32.93
CA SER C 470 -18.22 48.88 -34.39
C SER C 470 -16.93 48.35 -34.99
N ASP C 471 -15.84 48.30 -34.22
CA ASP C 471 -14.56 47.81 -34.69
C ASP C 471 -14.35 46.33 -34.42
N GLY C 472 -15.37 45.63 -33.91
CA GLY C 472 -15.28 44.21 -33.66
C GLY C 472 -15.08 43.80 -32.22
N GLN C 473 -14.75 44.75 -31.34
CA GLN C 473 -14.59 44.44 -29.93
C GLN C 473 -15.95 44.11 -29.29
N ILE C 474 -15.91 43.45 -28.15
CA ILE C 474 -17.11 43.10 -27.40
C ILE C 474 -17.51 44.26 -26.52
N LYS C 475 -18.80 44.57 -26.51
CA LYS C 475 -19.34 45.68 -25.71
C LYS C 475 -20.11 45.17 -24.50
N THR C 476 -21.10 44.30 -24.70
CA THR C 476 -21.88 43.74 -23.61
C THR C 476 -21.98 42.22 -23.78
N CYS C 477 -22.37 41.55 -22.69
CA CYS C 477 -22.51 40.11 -22.68
C CYS C 477 -23.44 39.71 -21.53
N ARG C 478 -23.86 38.46 -21.53
CA ARG C 478 -24.65 37.92 -20.44
C ARG C 478 -24.39 36.43 -20.31
N LEU C 479 -24.82 35.88 -19.18
CA LEU C 479 -24.75 34.45 -18.91
C LEU C 479 -26.08 33.80 -19.26
N HIS C 480 -26.01 32.61 -19.85
CA HIS C 480 -27.22 31.82 -20.04
C HIS C 480 -27.79 31.44 -18.68
N ASP C 481 -29.12 31.31 -18.62
CA ASP C 481 -29.78 31.16 -17.33
C ASP C 481 -29.36 29.89 -16.62
N MET C 482 -29.05 28.82 -17.34
CA MET C 482 -28.50 27.63 -16.70
C MET C 482 -27.08 27.88 -16.22
N LEU C 483 -26.26 28.54 -17.04
CA LEU C 483 -24.93 28.93 -16.60
C LEU C 483 -25.01 29.94 -15.45
N HIS C 484 -25.99 30.85 -15.51
CA HIS C 484 -26.16 31.80 -14.41
C HIS C 484 -26.52 31.07 -13.12
N GLU C 485 -27.41 30.09 -13.19
CA GLU C 485 -27.78 29.33 -12.01
C GLU C 485 -26.59 28.53 -11.48
N PHE C 486 -25.82 27.92 -12.39
CA PHE C 486 -24.62 27.18 -11.97
C PHE C 486 -23.64 28.09 -11.26
N CYS C 487 -23.36 29.26 -11.84
CA CYS C 487 -22.42 30.19 -11.23
C CYS C 487 -22.92 30.67 -9.88
N ARG C 488 -24.21 31.03 -9.79
CA ARG C 488 -24.76 31.48 -8.53
C ARG C 488 -24.66 30.41 -7.46
N GLN C 489 -25.10 29.18 -7.78
CA GLN C 489 -25.06 28.11 -6.80
C GLN C 489 -23.64 27.81 -6.35
N GLU C 490 -22.71 27.70 -7.31
CA GLU C 490 -21.33 27.37 -6.96
C GLU C 490 -20.72 28.46 -6.09
N ALA C 491 -20.77 29.72 -6.55
CA ALA C 491 -20.12 30.81 -5.84
C ALA C 491 -20.81 31.15 -4.53
N MET C 492 -22.06 30.76 -4.35
CA MET C 492 -22.77 31.05 -3.11
C MET C 492 -22.73 29.92 -2.10
N LYS C 493 -22.48 28.68 -2.55
CA LYS C 493 -22.45 27.54 -1.65
C LYS C 493 -21.06 26.96 -1.44
N GLU C 494 -20.33 26.65 -2.51
CA GLU C 494 -19.09 25.89 -2.38
C GLU C 494 -17.86 26.77 -2.28
N GLU C 495 -17.91 28.00 -2.77
CA GLU C 495 -16.75 28.89 -2.75
C GLU C 495 -16.93 30.12 -1.86
N ASN C 496 -18.17 30.52 -1.58
CA ASN C 496 -18.46 31.75 -0.84
C ASN C 496 -17.82 32.95 -1.52
N LEU C 497 -17.80 32.92 -2.86
CA LEU C 497 -17.26 34.05 -3.61
C LEU C 497 -18.11 35.29 -3.40
N PHE C 498 -19.43 35.15 -3.45
CA PHE C 498 -20.34 36.25 -3.17
C PHE C 498 -21.65 35.66 -2.65
N GLN C 499 -22.43 36.51 -1.98
CA GLN C 499 -23.72 36.12 -1.45
C GLN C 499 -24.76 37.13 -1.88
N GLU C 500 -25.86 36.63 -2.45
CA GLU C 500 -26.94 37.49 -2.90
C GLU C 500 -27.96 37.70 -1.78
N ILE C 501 -28.40 38.94 -1.62
CA ILE C 501 -29.32 39.28 -0.55
C ILE C 501 -30.70 39.61 -1.11
N PHE C 509 -33.59 38.58 5.19
CA PHE C 509 -32.28 39.19 5.26
C PHE C 509 -31.36 38.39 6.17
N PRO C 510 -30.09 38.27 5.79
CA PRO C 510 -29.14 37.51 6.61
C PRO C 510 -28.98 38.13 7.99
N GLY C 511 -28.79 37.27 8.99
CA GLY C 511 -28.62 37.74 10.35
C GLY C 511 -27.22 38.27 10.62
N LYS C 512 -27.06 38.81 11.83
CA LYS C 512 -25.75 39.34 12.21
C LYS C 512 -24.69 38.25 12.27
N ARG C 513 -25.07 37.03 12.60
CA ARG C 513 -24.12 35.92 12.60
C ARG C 513 -23.78 35.48 11.18
N GLU C 514 -24.77 35.54 10.27
CA GLU C 514 -24.53 35.12 8.89
C GLU C 514 -23.71 36.15 8.12
N LEU C 515 -23.97 37.44 8.35
CA LEU C 515 -23.24 38.48 7.63
C LEU C 515 -21.78 38.57 8.05
N ALA C 516 -21.43 38.03 9.22
CA ALA C 516 -20.04 38.03 9.67
C ALA C 516 -19.16 37.10 8.85
N THR C 517 -19.75 36.19 8.08
CA THR C 517 -18.99 35.28 7.22
C THR C 517 -19.04 35.67 5.75
N TYR C 518 -19.92 36.59 5.36
CA TYR C 518 -20.03 36.99 3.97
C TYR C 518 -18.79 37.75 3.52
N ARG C 519 -18.35 37.48 2.30
CA ARG C 519 -17.19 38.16 1.72
C ARG C 519 -17.58 39.23 0.72
N ARG C 520 -18.59 38.98 -0.11
CA ARG C 520 -19.09 39.97 -1.05
C ARG C 520 -20.61 39.95 -1.03
N LEU C 521 -21.19 41.13 -1.24
CA LEU C 521 -22.64 41.29 -1.23
C LEU C 521 -23.12 41.77 -2.59
N CYS C 522 -24.18 41.12 -3.10
CA CYS C 522 -24.86 41.55 -4.31
C CYS C 522 -26.34 41.68 -3.98
N ILE C 523 -26.85 42.91 -3.94
CA ILE C 523 -28.25 43.17 -3.68
C ILE C 523 -28.77 44.13 -4.75
N HIS C 524 -29.83 43.71 -5.45
CA HIS C 524 -30.46 44.54 -6.46
C HIS C 524 -31.94 44.76 -6.23
N SER C 525 -32.55 44.07 -5.27
CA SER C 525 -33.97 44.24 -4.94
C SER C 525 -34.09 44.54 -3.46
N SER C 526 -34.98 45.48 -3.13
CA SER C 526 -35.20 45.92 -1.75
C SER C 526 -33.90 46.43 -1.13
N VAL C 527 -33.20 47.30 -1.86
CA VAL C 527 -31.95 47.85 -1.36
C VAL C 527 -32.19 48.73 -0.14
N LEU C 528 -33.22 49.58 -0.21
CA LEU C 528 -33.53 50.48 0.90
C LEU C 528 -33.96 49.71 2.14
N GLU C 529 -34.75 48.65 1.96
CA GLU C 529 -35.19 47.86 3.10
C GLU C 529 -34.02 47.20 3.82
N PHE C 530 -33.06 46.65 3.07
CA PHE C 530 -31.87 46.06 3.67
C PHE C 530 -30.98 47.12 4.30
N ILE C 531 -30.89 48.30 3.68
CA ILE C 531 -30.06 49.37 4.21
C ILE C 531 -30.62 49.87 5.53
N SER C 532 -31.95 50.01 5.62
CA SER C 532 -32.59 50.50 6.84
C SER C 532 -32.37 49.56 8.03
N THR C 533 -32.07 48.29 7.79
CA THR C 533 -31.80 47.36 8.88
C THR C 533 -30.44 47.58 9.52
N LYS C 534 -29.63 48.49 8.98
CA LYS C 534 -28.29 48.82 9.48
C LYS C 534 -27.42 47.57 9.51
N PRO C 535 -27.05 47.02 8.35
CA PRO C 535 -26.19 45.84 8.34
C PRO C 535 -24.76 46.19 8.72
N SER C 536 -24.04 45.18 9.21
CA SER C 536 -22.66 45.35 9.64
C SER C 536 -21.88 44.09 9.29
N GLY C 537 -21.01 44.18 8.30
CA GLY C 537 -20.16 43.07 7.93
C GLY C 537 -18.70 43.42 8.02
N GLU C 538 -17.98 42.80 8.95
CA GLU C 538 -16.58 43.13 9.17
C GLU C 538 -15.65 42.45 8.18
N HIS C 539 -16.12 41.47 7.42
CA HIS C 539 -15.31 40.79 6.42
C HIS C 539 -15.80 41.02 5.00
N VAL C 540 -16.84 41.83 4.80
CA VAL C 540 -17.36 42.08 3.47
C VAL C 540 -16.37 42.96 2.72
N ARG C 541 -15.94 42.50 1.53
CA ARG C 541 -14.97 43.23 0.75
C ARG C 541 -15.57 43.92 -0.47
N SER C 542 -16.76 43.51 -0.91
CA SER C 542 -17.41 44.09 -2.07
C SER C 542 -18.88 44.34 -1.78
N PHE C 543 -19.41 45.44 -2.31
CA PHE C 543 -20.82 45.78 -2.21
C PHE C 543 -21.31 46.06 -3.63
N LEU C 544 -22.01 45.10 -4.22
CA LEU C 544 -22.48 45.19 -5.60
C LEU C 544 -23.98 45.40 -5.63
N SER C 545 -24.42 46.33 -6.49
CA SER C 545 -25.84 46.61 -6.66
C SER C 545 -26.08 46.90 -8.14
N PHE C 546 -26.48 45.86 -8.89
CA PHE C 546 -26.71 45.96 -10.32
C PHE C 546 -28.21 45.96 -10.57
N SER C 547 -28.80 47.15 -10.63
CA SER C 547 -30.21 47.32 -10.92
C SER C 547 -30.38 48.41 -11.97
N LEU C 548 -31.31 48.19 -12.90
CA LEU C 548 -31.53 49.17 -13.96
C LEU C 548 -32.48 50.28 -13.53
N LYS C 549 -33.15 50.15 -12.39
CA LYS C 549 -34.01 51.20 -11.87
C LYS C 549 -33.23 52.05 -10.86
N LYS C 550 -33.27 53.36 -11.05
CA LYS C 550 -32.51 54.25 -10.19
C LYS C 550 -33.13 54.32 -8.80
N ILE C 551 -32.28 54.44 -7.80
CA ILE C 551 -32.70 54.45 -6.40
C ILE C 551 -32.12 55.68 -5.73
N GLU C 552 -32.98 56.45 -5.07
CA GLU C 552 -32.54 57.61 -4.31
C GLU C 552 -32.29 57.19 -2.86
N MET C 553 -31.09 57.46 -2.37
CA MET C 553 -30.65 56.95 -1.07
C MET C 553 -30.98 57.97 0.01
N PRO C 554 -31.76 57.62 1.02
CA PRO C 554 -32.15 58.61 2.03
C PRO C 554 -30.95 59.18 2.78
N SER C 555 -31.07 60.45 3.15
CA SER C 555 -29.96 61.15 3.80
C SER C 555 -29.63 60.53 5.16
N VAL C 556 -30.65 60.09 5.90
CA VAL C 556 -30.42 59.48 7.21
C VAL C 556 -29.65 58.18 7.07
N ASP C 557 -29.74 57.53 5.90
CA ASP C 557 -29.08 56.26 5.67
C ASP C 557 -27.78 56.40 4.88
N ILE C 558 -27.30 57.62 4.68
CA ILE C 558 -26.12 57.82 3.82
C ILE C 558 -24.89 57.08 4.32
N PRO C 559 -24.49 57.16 5.61
CA PRO C 559 -23.21 56.55 6.01
C PRO C 559 -23.30 55.10 6.45
N THR C 560 -24.42 54.43 6.19
CA THR C 560 -24.60 53.08 6.73
C THR C 560 -23.64 52.07 6.09
N ILE C 561 -23.36 52.22 4.80
CA ILE C 561 -22.52 51.27 4.08
C ILE C 561 -21.05 51.45 4.45
N PRO C 562 -20.50 52.67 4.45
CA PRO C 562 -19.12 52.83 4.94
C PRO C 562 -18.95 52.49 6.41
N LYS C 563 -20.03 52.50 7.19
CA LYS C 563 -19.93 52.16 8.60
C LYS C 563 -19.95 50.65 8.81
N GLY C 564 -20.98 49.98 8.29
CA GLY C 564 -21.12 48.55 8.48
C GLY C 564 -20.11 47.72 7.72
N PHE C 565 -19.55 48.26 6.63
CA PHE C 565 -18.59 47.55 5.79
C PHE C 565 -17.36 48.43 5.63
N PRO C 566 -16.48 48.46 6.64
CA PRO C 566 -15.30 49.33 6.57
C PRO C 566 -14.15 48.76 5.74
N LEU C 567 -14.20 47.49 5.36
CA LEU C 567 -13.13 46.86 4.59
C LEU C 567 -13.43 46.82 3.10
N LEU C 568 -14.35 47.66 2.62
CA LEU C 568 -14.79 47.59 1.23
C LEU C 568 -13.64 47.83 0.27
N ARG C 569 -13.51 46.95 -0.71
CA ARG C 569 -12.57 47.11 -1.82
C ARG C 569 -13.28 47.51 -3.11
N VAL C 570 -14.48 46.98 -3.34
CA VAL C 570 -15.28 47.30 -4.51
C VAL C 570 -16.61 47.86 -4.03
N PHE C 571 -16.99 49.03 -4.56
CA PHE C 571 -18.22 49.71 -4.17
C PHE C 571 -18.92 50.14 -5.46
N ASP C 572 -19.78 49.26 -5.98
CA ASP C 572 -20.48 49.50 -7.24
C ASP C 572 -21.95 49.78 -6.90
N VAL C 573 -22.27 51.06 -6.69
CA VAL C 573 -23.62 51.47 -6.37
C VAL C 573 -24.10 52.51 -7.39
N GLU C 574 -23.66 52.35 -8.64
CA GLU C 574 -24.01 53.31 -9.69
C GLU C 574 -25.51 53.37 -9.97
N SER C 575 -26.31 52.49 -9.37
CA SER C 575 -27.76 52.57 -9.45
C SER C 575 -28.38 53.29 -8.28
N ILE C 576 -27.56 53.82 -7.37
CA ILE C 576 -28.04 54.50 -6.17
C ILE C 576 -27.53 55.93 -6.19
N ASN C 577 -28.45 56.88 -6.03
CA ASN C 577 -28.09 58.30 -6.00
C ASN C 577 -27.68 58.71 -4.60
N PHE C 578 -26.51 59.32 -4.48
CA PHE C 578 -26.00 59.81 -3.21
C PHE C 578 -26.03 61.33 -3.22
N SER C 579 -26.85 61.91 -2.34
CA SER C 579 -26.97 63.36 -2.29
C SER C 579 -25.67 64.01 -1.84
N ARG C 580 -25.00 63.40 -0.86
CA ARG C 580 -23.75 63.95 -0.34
C ARG C 580 -22.90 62.82 0.22
N PHE C 581 -21.63 63.11 0.41
CA PHE C 581 -20.68 62.15 0.98
C PHE C 581 -20.52 62.40 2.46
N SER C 582 -20.72 61.34 3.25
CA SER C 582 -20.52 61.43 4.69
C SER C 582 -19.04 61.26 5.01
N LYS C 583 -18.69 61.63 6.25
CA LYS C 583 -17.30 61.55 6.69
C LYS C 583 -16.79 60.11 6.79
N GLU C 584 -17.69 59.13 6.80
CA GLU C 584 -17.28 57.72 6.84
C GLU C 584 -16.83 57.21 5.48
N PHE C 585 -17.23 57.87 4.38
CA PHE C 585 -16.81 57.43 3.06
C PHE C 585 -15.31 57.57 2.88
N PHE C 586 -14.73 58.65 3.40
CA PHE C 586 -13.29 58.88 3.27
C PHE C 586 -12.46 57.98 4.18
N GLN C 587 -13.10 57.20 5.04
CA GLN C 587 -12.40 56.24 5.89
C GLN C 587 -12.25 54.87 5.23
N LEU C 588 -12.75 54.70 4.00
CA LEU C 588 -12.64 53.44 3.28
C LEU C 588 -11.29 53.40 2.56
N TYR C 589 -10.24 53.17 3.35
CA TYR C 589 -8.88 53.19 2.82
C TYR C 589 -8.57 52.00 1.93
N HIS C 590 -9.39 50.96 1.97
CA HIS C 590 -9.18 49.76 1.17
C HIS C 590 -9.85 49.83 -0.19
N LEU C 591 -10.56 50.92 -0.51
CA LEU C 591 -11.31 51.01 -1.75
C LEU C 591 -10.38 50.96 -2.95
N ARG C 592 -10.72 50.10 -3.91
CA ARG C 592 -10.05 50.03 -5.20
C ARG C 592 -10.96 50.37 -6.35
N TYR C 593 -12.23 49.99 -6.27
CA TYR C 593 -13.22 50.27 -7.30
C TYR C 593 -14.38 50.99 -6.65
N ILE C 594 -14.55 52.27 -6.99
CA ILE C 594 -15.65 53.08 -6.49
C ILE C 594 -16.46 53.55 -7.71
N ALA C 595 -17.76 53.29 -7.68
CA ALA C 595 -18.65 53.65 -8.78
C ALA C 595 -19.98 54.07 -8.16
N PHE C 596 -20.27 55.37 -8.21
CA PHE C 596 -21.49 55.92 -7.62
C PHE C 596 -22.17 56.85 -8.62
N SER C 597 -23.48 56.97 -8.46
CA SER C 597 -24.28 57.90 -9.24
C SER C 597 -24.80 59.00 -8.34
N SER C 598 -25.00 60.18 -8.93
CA SER C 598 -25.45 61.33 -8.16
C SER C 598 -26.29 62.24 -9.04
N ASP C 599 -27.06 63.10 -8.40
CA ASP C 599 -27.91 64.07 -9.07
C ASP C 599 -27.50 65.51 -8.83
N THR C 600 -26.84 65.82 -7.71
CA THR C 600 -26.52 67.19 -7.36
C THR C 600 -25.07 67.38 -6.93
N ILE C 601 -24.22 66.35 -7.05
CA ILE C 601 -22.83 66.49 -6.66
C ILE C 601 -22.10 67.22 -7.79
N LYS C 602 -21.67 68.44 -7.52
CA LYS C 602 -20.95 69.25 -8.49
C LYS C 602 -19.47 69.38 -8.17
N ILE C 603 -19.01 68.77 -7.09
CA ILE C 603 -17.63 68.92 -6.64
C ILE C 603 -17.21 67.64 -5.93
N ILE C 604 -16.03 67.13 -6.28
CA ILE C 604 -15.44 65.98 -5.61
C ILE C 604 -14.51 66.50 -4.52
N PRO C 605 -14.68 66.10 -3.27
CA PRO C 605 -13.87 66.67 -2.19
C PRO C 605 -12.41 66.25 -2.30
N LYS C 606 -11.53 67.09 -1.73
CA LYS C 606 -10.11 66.80 -1.71
C LYS C 606 -9.77 65.60 -0.82
N HIS C 607 -10.68 65.18 0.05
CA HIS C 607 -10.43 64.04 0.92
C HIS C 607 -10.56 62.71 0.20
N ILE C 608 -11.04 62.71 -1.05
CA ILE C 608 -11.02 61.49 -1.84
C ILE C 608 -9.59 61.05 -2.13
N GLY C 609 -8.69 62.02 -2.31
CA GLY C 609 -7.29 61.71 -2.54
C GLY C 609 -6.61 61.01 -1.37
N GLU C 610 -7.24 61.04 -0.19
CA GLU C 610 -6.72 60.28 0.93
C GLU C 610 -6.81 58.79 0.70
N LEU C 611 -7.68 58.35 -0.21
CA LEU C 611 -7.80 56.93 -0.56
C LEU C 611 -6.80 56.66 -1.70
N TRP C 612 -5.65 56.09 -1.34
CA TRP C 612 -4.57 55.89 -2.29
C TRP C 612 -4.65 54.55 -3.02
N ASN C 613 -5.61 53.71 -2.68
CA ASN C 613 -5.76 52.40 -3.30
C ASN C 613 -6.72 52.41 -4.48
N ILE C 614 -7.28 53.57 -4.83
CA ILE C 614 -8.32 53.64 -5.85
C ILE C 614 -7.72 53.29 -7.21
N GLN C 615 -8.37 52.36 -7.91
CA GLN C 615 -8.02 52.01 -9.29
C GLN C 615 -8.99 52.62 -10.30
N THR C 616 -10.29 52.46 -10.07
CA THR C 616 -11.32 52.99 -10.95
C THR C 616 -12.18 53.95 -10.17
N LEU C 617 -12.39 55.15 -10.72
CA LEU C 617 -13.20 56.19 -10.11
C LEU C 617 -14.26 56.60 -11.12
N ILE C 618 -15.47 56.08 -10.97
CA ILE C 618 -16.58 56.36 -11.87
C ILE C 618 -17.55 57.29 -11.16
N ILE C 619 -17.78 58.46 -11.74
CA ILE C 619 -18.71 59.45 -11.22
C ILE C 619 -19.79 59.64 -12.28
N ASN C 620 -21.00 59.15 -12.00
CA ASN C 620 -22.12 59.25 -12.93
C ASN C 620 -23.09 60.29 -12.39
N THR C 621 -22.85 61.54 -12.76
CA THR C 621 -23.66 62.67 -12.30
C THR C 621 -24.41 63.29 -13.46
N GLN C 622 -25.60 63.83 -13.15
CA GLN C 622 -26.44 64.49 -14.14
C GLN C 622 -26.19 65.99 -14.22
N GLN C 623 -25.24 66.51 -13.46
CA GLN C 623 -24.87 67.91 -13.57
C GLN C 623 -24.08 68.15 -14.85
N ARG C 624 -24.19 69.38 -15.38
CA ARG C 624 -23.52 69.70 -16.64
C ARG C 624 -22.01 69.75 -16.47
N SER C 625 -21.53 70.29 -15.34
CA SER C 625 -20.10 70.44 -15.10
C SER C 625 -19.75 69.88 -13.72
N LEU C 626 -18.54 69.36 -13.60
CA LEU C 626 -18.04 68.80 -12.35
C LEU C 626 -16.64 69.32 -12.09
N ASP C 627 -16.35 69.60 -10.82
CA ASP C 627 -15.04 70.09 -10.40
C ASP C 627 -14.41 69.04 -9.50
N ILE C 628 -13.35 68.40 -9.99
CA ILE C 628 -12.63 67.39 -9.23
C ILE C 628 -11.52 68.09 -8.47
N GLN C 629 -11.70 68.24 -7.15
CA GLN C 629 -10.69 68.87 -6.31
C GLN C 629 -9.73 67.88 -5.67
N ALA C 630 -10.05 66.58 -5.73
CA ALA C 630 -9.17 65.58 -5.16
C ALA C 630 -7.85 65.51 -5.92
N ASN C 631 -6.79 65.13 -5.22
CA ASN C 631 -5.48 65.02 -5.84
C ASN C 631 -5.42 63.79 -6.73
N ILE C 632 -5.87 63.92 -7.98
CA ILE C 632 -5.88 62.79 -8.90
C ILE C 632 -4.46 62.31 -9.16
N TRP C 633 -3.53 63.24 -9.35
CA TRP C 633 -2.16 62.86 -9.68
C TRP C 633 -1.43 62.22 -8.50
N ASN C 634 -1.94 62.39 -7.28
CA ASN C 634 -1.33 61.76 -6.12
C ASN C 634 -1.76 60.32 -5.94
N MET C 635 -2.79 59.87 -6.64
CA MET C 635 -3.22 58.47 -6.60
C MET C 635 -2.30 57.67 -7.50
N GLU C 636 -1.36 56.94 -6.89
CA GLU C 636 -0.36 56.23 -7.66
C GLU C 636 -0.92 54.99 -8.35
N ARG C 637 -2.08 54.49 -7.91
CA ARG C 637 -2.68 53.29 -8.47
C ARG C 637 -3.87 53.58 -9.37
N LEU C 638 -4.27 54.85 -9.50
CA LEU C 638 -5.42 55.18 -10.34
C LEU C 638 -5.11 54.91 -11.80
N ARG C 639 -6.03 54.24 -12.48
CA ARG C 639 -5.90 53.91 -13.89
C ARG C 639 -7.00 54.47 -14.76
N HIS C 640 -8.26 54.40 -14.30
CA HIS C 640 -9.40 54.84 -15.08
C HIS C 640 -10.19 55.88 -14.30
N LEU C 641 -10.66 56.90 -15.02
CA LEU C 641 -11.50 57.96 -14.43
C LEU C 641 -12.62 58.26 -15.42
N HIS C 642 -13.80 57.71 -15.15
CA HIS C 642 -14.95 57.87 -16.04
C HIS C 642 -15.96 58.83 -15.42
N THR C 643 -16.25 59.92 -16.14
CA THR C 643 -17.31 60.83 -15.76
C THR C 643 -18.17 61.10 -16.99
N ASN C 644 -19.46 61.35 -16.75
CA ASN C 644 -20.38 61.70 -17.82
C ASN C 644 -20.59 63.21 -17.91
N SER C 645 -19.88 63.98 -17.10
CA SER C 645 -19.95 65.45 -17.10
C SER C 645 -18.56 66.00 -17.45
N SER C 646 -18.49 67.33 -17.55
CA SER C 646 -17.24 68.00 -17.91
C SER C 646 -16.40 68.18 -16.64
N ALA C 647 -15.74 67.10 -16.25
CA ALA C 647 -14.89 67.13 -15.06
C ALA C 647 -13.69 68.05 -15.29
N LYS C 648 -13.34 68.82 -14.27
CA LYS C 648 -12.22 69.74 -14.31
C LYS C 648 -11.13 69.24 -13.37
N LEU C 649 -10.05 68.70 -13.95
CA LEU C 649 -8.98 68.16 -13.15
C LEU C 649 -8.21 69.27 -12.43
N PRO C 650 -7.64 68.99 -11.27
CA PRO C 650 -6.83 70.00 -10.58
C PRO C 650 -5.55 70.29 -11.36
N VAL C 651 -5.05 71.51 -11.16
CA VAL C 651 -3.84 71.96 -11.83
C VAL C 651 -2.63 71.16 -11.34
N GLN C 665 1.36 57.84 -14.00
CA GLN C 665 1.92 56.89 -14.95
C GLN C 665 0.93 55.78 -15.26
N SER C 666 0.24 55.32 -14.22
CA SER C 666 -0.71 54.21 -14.37
C SER C 666 -2.05 54.66 -14.94
N LEU C 667 -2.26 55.96 -15.13
CA LEU C 667 -3.53 56.44 -15.68
C LEU C 667 -3.66 56.03 -17.13
N GLN C 668 -4.81 55.42 -17.46
CA GLN C 668 -5.07 54.94 -18.82
C GLN C 668 -6.29 55.56 -19.47
N THR C 669 -7.22 56.11 -18.71
CA THR C 669 -8.45 56.68 -19.27
C THR C 669 -8.79 57.97 -18.55
N LEU C 670 -9.11 59.01 -19.31
CA LEU C 670 -9.60 60.29 -18.78
C LEU C 670 -10.83 60.65 -19.62
N SER C 671 -11.99 60.21 -19.17
CA SER C 671 -13.22 60.34 -19.94
C SER C 671 -13.91 61.66 -19.61
N THR C 672 -14.18 62.46 -20.65
CA THR C 672 -14.97 63.68 -20.56
C THR C 672 -14.41 64.64 -19.51
N ILE C 673 -13.19 65.10 -19.77
CA ILE C 673 -12.60 66.16 -18.98
C ILE C 673 -12.82 67.49 -19.70
N ALA C 674 -12.69 68.57 -18.95
CA ALA C 674 -12.88 69.89 -19.54
C ALA C 674 -11.66 70.29 -20.36
N PRO C 675 -11.84 71.01 -21.47
CA PRO C 675 -10.67 71.44 -22.25
C PRO C 675 -9.77 72.41 -21.52
N GLU C 676 -10.28 73.10 -20.49
CA GLU C 676 -9.42 73.90 -19.63
C GLU C 676 -8.46 73.02 -18.83
N SER C 677 -8.77 71.72 -18.70
CA SER C 677 -7.89 70.76 -18.07
C SER C 677 -7.05 69.99 -19.09
N CYS C 678 -7.04 70.43 -20.35
CA CYS C 678 -6.24 69.82 -21.39
C CYS C 678 -4.90 70.52 -21.57
N THR C 679 -4.36 71.08 -20.49
CA THR C 679 -3.10 71.82 -20.55
C THR C 679 -1.93 70.87 -20.78
N GLU C 680 -0.79 71.45 -21.12
CA GLU C 680 0.43 70.66 -21.29
C GLU C 680 0.88 70.05 -19.96
N GLU C 681 0.71 70.81 -18.87
CA GLU C 681 1.12 70.31 -17.56
C GLU C 681 0.33 69.07 -17.16
N VAL C 682 -0.98 69.09 -17.37
CA VAL C 682 -1.82 67.95 -17.01
C VAL C 682 -1.46 66.74 -17.87
N PHE C 683 -1.32 66.94 -19.18
CA PHE C 683 -1.01 65.84 -20.08
C PHE C 683 0.41 65.32 -19.89
N ALA C 684 1.29 66.09 -19.26
CA ALA C 684 2.63 65.62 -18.97
C ALA C 684 2.67 64.62 -17.81
N ARG C 685 1.64 64.62 -16.95
CA ARG C 685 1.57 63.69 -15.84
C ARG C 685 1.02 62.33 -16.25
N THR C 686 0.45 62.20 -17.45
CA THR C 686 -0.19 60.97 -17.91
C THR C 686 0.42 60.56 -19.24
N PRO C 687 1.63 59.98 -19.23
CA PRO C 687 2.24 59.56 -20.50
C PRO C 687 1.66 58.29 -21.07
N ASN C 688 0.95 57.49 -20.29
CA ASN C 688 0.43 56.20 -20.73
C ASN C 688 -1.04 56.24 -21.09
N LEU C 689 -1.63 57.43 -21.20
CA LEU C 689 -3.05 57.54 -21.52
C LEU C 689 -3.35 56.94 -22.88
N LYS C 690 -4.39 56.12 -22.96
CA LYS C 690 -4.84 55.51 -24.20
C LYS C 690 -6.22 55.98 -24.66
N LYS C 691 -7.10 56.33 -23.73
CA LYS C 691 -8.44 56.82 -24.07
C LYS C 691 -8.64 58.17 -23.41
N LEU C 692 -9.11 59.14 -24.20
CA LEU C 692 -9.33 60.50 -23.70
C LEU C 692 -10.61 61.05 -24.29
N GLY C 693 -11.39 61.72 -23.45
CA GLY C 693 -12.62 62.35 -23.89
C GLY C 693 -12.75 63.75 -23.31
N ILE C 694 -13.42 64.61 -24.07
CA ILE C 694 -13.63 66.00 -23.68
C ILE C 694 -15.08 66.37 -23.99
N ARG C 695 -15.76 66.94 -22.99
CA ARG C 695 -17.17 67.33 -23.10
C ARG C 695 -17.37 68.74 -22.56
N GLY C 696 -16.49 69.65 -22.96
CA GLY C 696 -16.41 70.96 -22.35
C GLY C 696 -16.53 72.17 -23.25
N LYS C 697 -17.48 72.17 -24.20
CA LYS C 697 -17.62 73.25 -25.16
C LYS C 697 -16.37 73.38 -26.03
N ILE C 698 -16.21 72.37 -26.89
CA ILE C 698 -15.03 72.11 -27.73
C ILE C 698 -14.49 73.39 -28.37
N ALA C 699 -15.35 74.39 -28.57
CA ALA C 699 -14.93 75.64 -29.20
C ALA C 699 -13.80 76.32 -28.43
N VAL C 700 -13.63 76.00 -27.14
CA VAL C 700 -12.52 76.55 -26.38
C VAL C 700 -11.19 76.11 -26.98
N LEU C 701 -11.07 74.83 -27.31
CA LEU C 701 -9.86 74.31 -27.93
C LEU C 701 -10.11 73.90 -29.38
N VAL C 712 -2.85 67.49 -26.55
CA VAL C 712 -3.08 66.08 -26.81
C VAL C 712 -1.99 65.53 -27.73
N LYS C 713 -1.17 66.42 -28.26
CA LYS C 713 -0.09 66.00 -29.16
C LYS C 713 0.96 65.16 -28.44
N LYS C 714 1.24 65.48 -27.17
CA LYS C 714 2.25 64.76 -26.41
C LYS C 714 1.82 63.36 -26.03
N LEU C 715 0.54 63.02 -26.19
CA LEU C 715 0.03 61.68 -25.87
C LEU C 715 0.37 60.76 -27.03
N GLU C 716 1.54 60.13 -26.96
CA GLU C 716 2.02 59.29 -28.05
C GLU C 716 1.46 57.88 -28.01
N SER C 717 0.72 57.51 -26.96
CA SER C 717 0.08 56.21 -26.87
C SER C 717 -1.44 56.30 -27.00
N LEU C 718 -1.98 57.48 -27.29
CA LEU C 718 -3.42 57.65 -27.36
C LEU C 718 -4.01 56.91 -28.55
N GLU C 719 -5.13 56.24 -28.31
CA GLU C 719 -5.86 55.51 -29.34
C GLU C 719 -7.28 56.01 -29.53
N ASN C 720 -7.96 56.34 -28.44
CA ASN C 720 -9.35 56.79 -28.48
C ASN C 720 -9.40 58.27 -28.11
N LEU C 721 -10.07 59.07 -28.94
CA LEU C 721 -10.30 60.48 -28.67
C LEU C 721 -11.76 60.81 -28.90
N LYS C 722 -12.37 61.50 -27.95
CA LYS C 722 -13.77 61.89 -28.04
C LYS C 722 -13.89 63.38 -27.72
N LEU C 723 -14.52 64.12 -28.62
CA LEU C 723 -14.80 65.54 -28.42
C LEU C 723 -16.31 65.75 -28.50
N ILE C 724 -16.89 66.21 -27.41
CA ILE C 724 -18.33 66.42 -27.32
C ILE C 724 -18.58 67.90 -27.03
N ASN C 725 -19.40 68.53 -27.88
CA ASN C 725 -19.68 69.95 -27.73
C ASN C 725 -21.00 70.18 -26.99
N ARG C 735 -14.13 75.05 -36.47
CA ARG C 735 -13.27 74.69 -37.60
C ARG C 735 -12.10 73.84 -37.14
N LEU C 736 -11.89 72.72 -37.83
CA LEU C 736 -10.81 71.81 -37.46
C LEU C 736 -9.45 72.45 -37.71
N PRO C 737 -8.47 72.20 -36.85
CA PRO C 737 -7.12 72.72 -37.08
C PRO C 737 -6.40 71.89 -38.12
N PRO C 738 -5.21 72.31 -38.56
CA PRO C 738 -4.46 71.49 -39.52
C PRO C 738 -4.22 70.08 -39.02
N SER C 739 -4.09 69.15 -39.97
CA SER C 739 -4.04 67.73 -39.65
C SER C 739 -2.79 67.34 -38.87
N TYR C 740 -1.74 68.17 -38.89
CA TYR C 740 -0.52 67.84 -38.16
C TYR C 740 -0.62 68.16 -36.68
N ILE C 741 -1.71 68.78 -36.23
CA ILE C 741 -1.88 69.06 -34.80
C ILE C 741 -2.42 67.83 -34.07
N PHE C 742 -3.32 67.09 -34.71
CA PHE C 742 -3.89 65.91 -34.09
C PHE C 742 -2.83 64.82 -33.92
N PRO C 743 -2.99 63.94 -32.91
CA PRO C 743 -2.02 62.86 -32.72
C PRO C 743 -1.97 61.93 -33.93
N THR C 744 -0.77 61.45 -34.23
CA THR C 744 -0.57 60.57 -35.38
C THR C 744 -0.85 59.11 -35.05
N LYS C 745 -0.87 58.74 -33.77
CA LYS C 745 -1.12 57.37 -33.34
C LYS C 745 -2.60 57.06 -33.23
N LEU C 746 -3.45 58.09 -33.29
CA LEU C 746 -4.89 57.92 -33.04
C LEU C 746 -5.49 56.87 -33.97
N ARG C 747 -6.25 55.95 -33.38
CA ARG C 747 -6.92 54.88 -34.11
C ARG C 747 -8.43 55.08 -34.21
N LYS C 748 -9.06 55.55 -33.13
CA LYS C 748 -10.49 55.81 -33.12
C LYS C 748 -10.74 57.24 -32.68
N LEU C 749 -11.56 57.96 -33.43
CA LEU C 749 -11.92 59.35 -33.10
C LEU C 749 -13.41 59.51 -33.26
N SER C 750 -14.05 60.11 -32.26
CA SER C 750 -15.49 60.36 -32.29
C SER C 750 -15.75 61.84 -32.02
N LEU C 751 -16.57 62.46 -32.86
CA LEU C 751 -16.93 63.86 -32.71
C LEU C 751 -18.43 63.97 -32.52
N VAL C 752 -18.85 64.61 -31.43
CA VAL C 752 -20.25 64.73 -31.07
C VAL C 752 -20.59 66.22 -30.92
N ASP C 753 -21.66 66.64 -31.59
CA ASP C 753 -22.23 67.98 -31.48
C ASP C 753 -21.28 69.08 -31.94
N THR C 754 -20.19 68.74 -32.62
CA THR C 754 -19.22 69.73 -33.06
C THR C 754 -19.75 70.52 -34.26
N TRP C 758 -18.73 70.09 -43.87
CA TRP C 758 -18.53 68.74 -44.37
C TRP C 758 -17.19 68.62 -45.08
N ASN C 759 -16.73 69.73 -45.66
CA ASN C 759 -15.43 69.75 -46.32
C ASN C 759 -14.27 69.67 -45.33
N ASP C 760 -14.54 69.81 -44.04
CA ASP C 760 -13.50 69.72 -43.03
C ASP C 760 -13.00 68.29 -42.80
N MET C 761 -13.67 67.30 -43.37
CA MET C 761 -13.22 65.91 -43.22
C MET C 761 -11.92 65.64 -43.98
N SER C 762 -11.53 66.54 -44.89
CA SER C 762 -10.23 66.40 -45.54
C SER C 762 -9.10 66.45 -44.52
N ILE C 763 -9.32 67.11 -43.39
CA ILE C 763 -8.33 67.10 -42.31
C ILE C 763 -8.24 65.71 -41.70
N LEU C 764 -9.39 65.07 -41.44
CA LEU C 764 -9.38 63.72 -40.88
C LEU C 764 -8.89 62.69 -41.89
N GLY C 765 -8.97 63.00 -43.19
CA GLY C 765 -8.47 62.05 -44.19
C GLY C 765 -6.97 61.85 -44.11
N GLN C 766 -6.23 62.91 -43.81
CA GLN C 766 -4.78 62.81 -43.71
C GLN C 766 -4.31 61.92 -42.55
N MET C 767 -5.20 61.58 -41.63
CA MET C 767 -4.87 60.68 -40.53
C MET C 767 -4.50 59.31 -41.10
N GLU C 768 -3.22 58.98 -41.06
CA GLU C 768 -2.74 57.73 -41.67
C GLU C 768 -3.06 56.50 -40.84
N HIS C 769 -3.38 56.66 -39.56
CA HIS C 769 -3.66 55.52 -38.69
C HIS C 769 -5.07 55.48 -38.15
N LEU C 770 -5.94 56.41 -38.57
CA LEU C 770 -7.32 56.38 -38.11
C LEU C 770 -8.08 55.22 -38.75
N GLU C 771 -8.74 54.42 -37.93
CA GLU C 771 -9.48 53.26 -38.41
C GLU C 771 -10.98 53.32 -38.13
N VAL C 772 -11.39 53.97 -37.05
CA VAL C 772 -12.80 54.11 -36.70
C VAL C 772 -13.10 55.59 -36.54
N LEU C 773 -14.13 56.08 -37.23
CA LEU C 773 -14.54 57.47 -37.18
C LEU C 773 -16.04 57.52 -36.97
N LYS C 774 -16.47 58.01 -35.81
CA LYS C 774 -17.88 58.06 -35.44
C LYS C 774 -18.33 59.50 -35.37
N LEU C 775 -19.41 59.82 -36.08
CA LEU C 775 -20.01 61.15 -36.08
C LEU C 775 -21.43 61.01 -35.54
N LYS C 776 -21.66 61.51 -34.32
CA LYS C 776 -22.92 61.32 -33.63
C LYS C 776 -23.49 62.67 -33.21
N GLU C 777 -24.83 62.78 -33.26
CA GLU C 777 -25.57 63.91 -32.72
C GLU C 777 -25.06 65.24 -33.27
N ASN C 778 -25.28 65.40 -34.59
CA ASN C 778 -24.93 66.62 -35.31
C ASN C 778 -23.42 66.85 -35.31
N GLY C 779 -22.66 65.75 -35.46
CA GLY C 779 -21.21 65.87 -35.44
C GLY C 779 -20.67 66.66 -36.61
N PHE C 780 -21.19 66.39 -37.81
CA PHE C 780 -20.77 67.07 -39.03
C PHE C 780 -22.01 67.57 -39.75
N MET C 781 -22.19 68.87 -39.81
CA MET C 781 -23.34 69.48 -40.46
C MET C 781 -22.92 70.17 -41.75
N GLY C 782 -23.70 69.95 -42.80
CA GLY C 782 -23.46 70.56 -44.10
C GLY C 782 -24.44 69.99 -45.10
N GLU C 783 -24.52 70.66 -46.25
CA GLU C 783 -25.42 70.24 -47.31
C GLU C 783 -24.72 69.35 -48.34
N CYS C 784 -23.60 69.82 -48.87
CA CYS C 784 -22.87 69.11 -49.91
C CYS C 784 -21.52 68.64 -49.36
N TRP C 785 -21.24 67.35 -49.50
CA TRP C 785 -19.95 66.77 -49.13
C TRP C 785 -19.41 66.03 -50.34
N GLU C 786 -18.21 66.41 -50.78
CA GLU C 786 -17.49 65.73 -51.85
C GLU C 786 -16.22 65.14 -51.27
N SER C 787 -16.05 63.83 -51.45
CA SER C 787 -14.90 63.14 -50.87
C SER C 787 -13.62 63.56 -51.58
N VAL C 788 -12.67 64.10 -50.81
CA VAL C 788 -11.39 64.55 -51.34
C VAL C 788 -10.23 63.83 -50.66
N GLY C 789 -10.21 63.84 -49.32
CA GLY C 789 -9.12 63.22 -48.60
C GLY C 789 -9.12 61.70 -48.73
N GLY C 790 -7.94 61.12 -48.47
CA GLY C 790 -7.78 59.69 -48.59
C GLY C 790 -7.66 58.98 -47.26
N PHE C 791 -8.71 58.24 -46.89
CA PHE C 791 -8.72 57.48 -45.64
C PHE C 791 -8.05 56.13 -45.89
N CYS C 792 -6.71 56.15 -45.84
CA CYS C 792 -5.93 54.96 -46.17
C CYS C 792 -6.07 53.85 -45.14
N SER C 793 -6.51 54.17 -43.92
CA SER C 793 -6.62 53.19 -42.85
C SER C 793 -8.02 53.03 -42.29
N LEU C 794 -8.99 53.84 -42.72
CA LEU C 794 -10.32 53.79 -42.16
C LEU C 794 -11.00 52.46 -42.46
N LEU C 795 -11.60 51.86 -41.45
CA LEU C 795 -12.37 50.62 -41.58
C LEU C 795 -13.84 50.80 -41.27
N VAL C 796 -14.18 51.68 -40.33
CA VAL C 796 -15.55 51.90 -39.90
C VAL C 796 -15.86 53.39 -40.06
N LEU C 797 -16.98 53.69 -40.73
CA LEU C 797 -17.48 55.05 -40.86
C LEU C 797 -18.86 55.11 -40.23
N TRP C 798 -19.00 55.92 -39.19
CA TRP C 798 -20.24 56.03 -38.43
C TRP C 798 -20.73 57.47 -38.49
N ILE C 799 -21.92 57.67 -39.06
CA ILE C 799 -22.54 58.98 -39.17
C ILE C 799 -23.93 58.90 -38.55
N GLU C 800 -24.23 59.82 -37.63
CA GLU C 800 -25.50 59.79 -36.91
C GLU C 800 -26.06 61.20 -36.81
N ARG C 801 -27.35 61.35 -37.13
CA ARG C 801 -28.10 62.59 -36.94
C ARG C 801 -27.41 63.76 -37.64
N THR C 802 -27.35 63.67 -38.98
CA THR C 802 -26.74 64.71 -39.78
C THR C 802 -27.74 65.17 -40.85
N ASP C 803 -27.49 66.37 -41.39
CA ASP C 803 -28.32 66.94 -42.43
C ASP C 803 -27.69 66.80 -43.82
N LEU C 804 -26.80 65.83 -44.00
CA LEU C 804 -26.13 65.65 -45.28
C LEU C 804 -27.14 65.33 -46.37
N VAL C 805 -27.01 66.03 -47.50
CA VAL C 805 -27.93 65.84 -48.62
C VAL C 805 -27.19 65.18 -49.78
N SER C 806 -26.14 65.84 -50.27
CA SER C 806 -25.38 65.35 -51.41
C SER C 806 -24.03 64.82 -50.92
N TRP C 807 -23.76 63.55 -51.20
CA TRP C 807 -22.51 62.91 -50.83
C TRP C 807 -21.92 62.26 -52.07
N LYS C 808 -20.73 62.69 -52.46
CA LYS C 808 -20.04 62.16 -53.63
C LYS C 808 -18.73 61.53 -53.19
N ALA C 809 -18.51 60.28 -53.59
CA ALA C 809 -17.32 59.55 -53.19
C ALA C 809 -16.98 58.50 -54.24
N SER C 810 -15.74 58.02 -54.19
CA SER C 810 -15.26 56.98 -55.07
C SER C 810 -14.51 55.93 -54.25
N ALA C 811 -14.22 54.80 -54.89
CA ALA C 811 -13.54 53.71 -54.20
C ALA C 811 -12.13 54.07 -53.77
N ASP C 812 -11.50 55.07 -54.41
CA ASP C 812 -10.14 55.43 -54.05
C ASP C 812 -10.06 56.16 -52.71
N HIS C 813 -11.12 56.87 -52.31
CA HIS C 813 -11.09 57.62 -51.07
C HIS C 813 -11.29 56.76 -49.84
N PHE C 814 -11.87 55.57 -49.99
CA PHE C 814 -12.05 54.63 -48.88
C PHE C 814 -11.52 53.27 -49.31
N PRO C 815 -10.19 53.14 -49.44
CA PRO C 815 -9.63 51.85 -49.89
C PRO C 815 -9.88 50.71 -48.93
N ARG C 816 -9.93 50.97 -47.62
CA ARG C 816 -9.99 49.93 -46.61
C ARG C 816 -11.33 49.89 -45.88
N LEU C 817 -12.36 50.53 -46.41
CA LEU C 817 -13.64 50.60 -45.70
C LEU C 817 -14.28 49.22 -45.63
N LYS C 818 -14.76 48.86 -44.44
CA LYS C 818 -15.47 47.61 -44.22
C LYS C 818 -16.84 47.81 -43.60
N HIS C 819 -16.98 48.76 -42.68
CA HIS C 819 -18.22 48.98 -41.94
C HIS C 819 -18.72 50.40 -42.21
N LEU C 820 -20.00 50.52 -42.55
CA LEU C 820 -20.61 51.82 -42.80
C LEU C 820 -21.97 51.84 -42.11
N VAL C 821 -22.16 52.79 -41.20
CA VAL C 821 -23.38 52.92 -40.42
C VAL C 821 -23.93 54.32 -40.61
N LEU C 822 -25.21 54.42 -40.98
CA LEU C 822 -25.90 55.68 -41.15
C LEU C 822 -27.24 55.60 -40.43
N ILE C 823 -27.37 56.34 -39.33
CA ILE C 823 -28.58 56.32 -38.50
C ILE C 823 -29.16 57.73 -38.46
N CYS C 824 -30.44 57.85 -38.80
CA CYS C 824 -31.19 59.11 -38.67
C CYS C 824 -30.50 60.24 -39.44
N CYS C 825 -29.99 59.92 -40.62
CA CYS C 825 -29.32 60.92 -41.45
C CYS C 825 -30.33 61.90 -42.04
N ILE C 831 -26.51 58.10 -51.45
CA ILE C 831 -25.36 57.20 -51.29
C ILE C 831 -24.74 56.94 -52.66
N PRO C 832 -23.55 57.50 -52.88
CA PRO C 832 -22.88 57.33 -54.18
C PRO C 832 -22.54 55.87 -54.44
N ILE C 833 -22.69 55.45 -55.69
CA ILE C 833 -22.33 54.08 -56.09
C ILE C 833 -20.88 54.14 -56.53
N GLY C 834 -19.99 54.11 -55.53
CA GLY C 834 -18.56 54.00 -55.77
C GLY C 834 -17.94 53.07 -54.76
N LEU C 835 -18.74 52.64 -53.79
CA LEU C 835 -18.31 51.75 -52.71
C LEU C 835 -18.42 50.29 -53.08
N ALA C 836 -19.11 49.95 -54.17
CA ALA C 836 -19.17 48.57 -54.62
C ALA C 836 -17.83 48.10 -55.18
N ASP C 837 -16.94 49.02 -55.54
CA ASP C 837 -15.62 48.68 -56.03
C ASP C 837 -14.61 48.47 -54.91
N ILE C 838 -15.03 48.64 -53.65
CA ILE C 838 -14.13 48.45 -52.52
C ILE C 838 -14.05 46.95 -52.21
N ARG C 839 -12.84 46.42 -52.18
CA ARG C 839 -12.65 44.99 -51.93
C ARG C 839 -13.09 44.60 -50.53
N SER C 840 -12.80 45.44 -49.54
CA SER C 840 -13.03 45.12 -48.14
C SER C 840 -14.42 45.50 -47.65
N PHE C 841 -15.24 46.13 -48.47
CA PHE C 841 -16.58 46.54 -48.06
C PHE C 841 -17.47 45.31 -48.00
N GLN C 842 -17.80 44.86 -46.79
CA GLN C 842 -18.62 43.67 -46.59
C GLN C 842 -19.82 43.87 -45.68
N VAL C 843 -19.84 44.92 -44.87
CA VAL C 843 -20.94 45.16 -43.93
C VAL C 843 -21.40 46.60 -44.08
N MET C 844 -22.69 46.79 -44.34
CA MET C 844 -23.30 48.11 -44.42
C MET C 844 -24.57 48.10 -43.59
N GLU C 845 -24.71 49.08 -42.69
CA GLU C 845 -25.86 49.18 -41.81
C GLU C 845 -26.63 50.46 -42.11
N LEU C 846 -27.95 50.34 -42.25
CA LEU C 846 -28.82 51.47 -42.53
C LEU C 846 -29.96 51.48 -41.53
N GLN C 847 -30.55 52.66 -41.35
CA GLN C 847 -31.63 52.86 -40.40
C GLN C 847 -32.68 53.75 -41.06
N ASN C 848 -33.58 54.28 -40.25
CA ASN C 848 -34.69 55.07 -40.78
C ASN C 848 -34.19 56.27 -41.56
N SER C 849 -34.70 56.43 -42.78
CA SER C 849 -34.31 57.49 -43.69
C SER C 849 -35.26 57.46 -44.87
N THR C 850 -35.00 58.30 -45.87
CA THR C 850 -35.80 58.30 -47.08
C THR C 850 -35.61 57.00 -47.86
N LYS C 851 -36.65 56.61 -48.59
CA LYS C 851 -36.60 55.36 -49.34
C LYS C 851 -35.56 55.37 -50.45
N THR C 852 -35.12 56.57 -50.89
CA THR C 852 -34.06 56.63 -51.89
C THR C 852 -32.75 56.05 -51.37
N ALA C 853 -32.44 56.32 -50.09
CA ALA C 853 -31.25 55.73 -49.48
C ALA C 853 -31.37 54.21 -49.41
N ALA C 854 -32.56 53.71 -49.09
CA ALA C 854 -32.77 52.27 -49.07
C ALA C 854 -32.61 51.67 -50.45
N ILE C 855 -33.10 52.35 -51.49
CA ILE C 855 -32.94 51.88 -52.86
C ILE C 855 -31.46 51.85 -53.23
N SER C 856 -30.72 52.89 -52.87
CA SER C 856 -29.28 52.92 -53.15
C SER C 856 -28.56 51.78 -52.43
N ALA C 857 -28.91 51.53 -51.18
CA ALA C 857 -28.29 50.43 -50.43
C ALA C 857 -28.62 49.09 -51.07
N ARG C 858 -29.86 48.89 -51.50
CA ARG C 858 -30.23 47.64 -52.16
C ARG C 858 -29.48 47.46 -53.46
N GLY C 859 -29.33 48.53 -54.24
CA GLY C 859 -28.56 48.46 -55.46
C GLY C 859 -27.10 48.13 -55.21
N ILE C 860 -26.52 48.73 -54.17
CA ILE C 860 -25.14 48.42 -53.80
C ILE C 860 -25.01 46.95 -53.41
N ARG C 861 -25.99 46.44 -52.64
CA ARG C 861 -25.97 45.03 -52.27
C ARG C 861 -26.06 44.14 -53.49
N ASP C 862 -26.89 44.51 -54.47
CA ASP C 862 -26.98 43.73 -55.70
C ASP C 862 -25.65 43.72 -56.44
N LYS C 863 -24.96 44.85 -56.48
CA LYS C 863 -23.65 44.93 -57.12
C LYS C 863 -22.58 44.34 -56.22
N GLY C 876 -19.24 37.71 -47.76
CA GLY C 876 -20.55 38.10 -48.25
C GLY C 876 -21.01 39.44 -47.72
N PHE C 877 -21.67 40.22 -48.58
CA PHE C 877 -22.17 41.52 -48.17
C PHE C 877 -23.32 41.37 -47.19
N LYS C 878 -23.33 42.23 -46.17
CA LYS C 878 -24.37 42.23 -45.14
C LYS C 878 -25.01 43.61 -45.11
N LEU C 879 -26.25 43.70 -45.56
CA LEU C 879 -27.00 44.94 -45.59
C LEU C 879 -28.29 44.79 -44.79
N SER C 880 -28.55 45.75 -43.90
CA SER C 880 -29.76 45.78 -43.10
C SER C 880 -30.32 47.19 -43.10
N ILE C 881 -31.57 47.35 -43.52
CA ILE C 881 -32.22 48.65 -43.61
C ILE C 881 -33.49 48.59 -42.76
N PHE C 882 -33.66 49.58 -41.89
CA PHE C 882 -34.84 49.67 -41.06
C PHE C 882 -35.42 51.08 -41.08
N VAL D 27 29.60 30.41 18.98
CA VAL D 27 29.12 30.78 17.66
C VAL D 27 29.69 29.82 16.61
N LYS D 28 30.90 29.32 16.86
CA LYS D 28 31.53 28.39 15.92
C LYS D 28 30.77 27.09 15.83
N ASP D 29 30.40 26.52 16.98
CA ASP D 29 29.64 25.27 16.98
C ASP D 29 28.27 25.48 16.36
N SER D 30 27.67 26.65 16.59
CA SER D 30 26.43 27.00 15.91
C SER D 30 26.63 27.04 14.39
N ALA D 31 27.79 27.57 13.96
CA ALA D 31 28.10 27.59 12.54
C ALA D 31 28.20 26.18 11.98
N GLU D 32 28.83 25.25 12.72
CA GLU D 32 28.91 23.87 12.25
C GLU D 32 27.54 23.22 12.16
N SER D 33 26.69 23.46 13.17
CA SER D 33 25.34 22.89 13.12
C SER D 33 24.53 23.45 11.96
N LEU D 34 24.65 24.76 11.72
CA LEU D 34 23.97 25.36 10.57
C LEU D 34 24.53 24.83 9.26
N LEU D 35 25.83 24.56 9.20
CA LEU D 35 26.42 23.95 8.01
C LEU D 35 25.85 22.56 7.77
N GLN D 36 25.68 21.77 8.83
CA GLN D 36 25.08 20.45 8.67
C GLN D 36 23.64 20.57 8.17
N ASP D 37 22.87 21.48 8.75
CA ASP D 37 21.49 21.68 8.30
C ASP D 37 21.44 22.11 6.84
N LEU D 38 22.33 23.02 6.45
CA LEU D 38 22.38 23.48 5.06
C LEU D 38 22.79 22.35 4.13
N ASN D 39 23.70 21.48 4.57
CA ASN D 39 24.08 20.34 3.74
C ASN D 39 22.91 19.39 3.52
N ASP D 40 22.16 19.09 4.58
CA ASP D 40 20.98 18.22 4.41
C ASP D 40 19.94 18.88 3.50
N PHE D 41 19.71 20.18 3.66
CA PHE D 41 18.74 20.86 2.80
C PHE D 41 19.21 20.91 1.35
N ASN D 42 20.52 21.08 1.13
CA ASN D 42 21.06 21.07 -0.22
C ASN D 42 20.91 19.69 -0.86
N ALA D 43 21.13 18.63 -0.06
CA ALA D 43 20.91 17.28 -0.57
C ALA D 43 19.45 17.07 -0.94
N PHE D 44 18.54 17.57 -0.11
CA PHE D 44 17.11 17.46 -0.43
C PHE D 44 16.78 18.20 -1.72
N LEU D 45 17.32 19.41 -1.88
CA LEU D 45 17.07 20.18 -3.09
C LEU D 45 17.62 19.50 -4.32
N LYS D 46 18.80 18.88 -4.19
CA LYS D 46 19.37 18.13 -5.31
C LYS D 46 18.52 16.92 -5.65
N GLN D 47 17.94 16.26 -4.64
CA GLN D 47 17.11 15.08 -4.90
C GLN D 47 15.81 15.45 -5.59
N THR D 48 15.15 16.51 -5.14
CA THR D 48 13.86 16.90 -5.73
C THR D 48 14.02 17.49 -7.13
N ALA D 49 15.22 17.94 -7.50
CA ALA D 49 15.44 18.46 -8.84
C ALA D 49 15.42 17.37 -9.90
N LYS D 50 15.44 16.10 -9.51
CA LYS D 50 15.41 15.00 -10.45
C LYS D 50 14.01 14.77 -11.05
N SER D 51 12.98 15.36 -10.46
CA SER D 51 11.62 15.19 -10.95
C SER D 51 10.87 16.52 -10.87
N ARG D 52 10.08 16.80 -11.90
CA ARG D 52 9.24 18.00 -11.91
C ARG D 52 7.92 17.70 -11.23
N THR D 53 7.58 18.52 -10.23
CA THR D 53 6.38 18.33 -9.42
C THR D 53 5.34 19.37 -9.80
N GLU D 54 4.11 18.94 -10.04
CA GLU D 54 3.00 19.82 -10.32
C GLU D 54 2.19 20.16 -9.07
N ASN D 55 2.56 19.60 -7.92
CA ASN D 55 1.85 19.89 -6.68
C ASN D 55 2.22 21.28 -6.18
N ASP D 56 1.22 22.12 -5.97
CA ASP D 56 1.49 23.50 -5.56
C ASP D 56 2.04 23.57 -4.13
N VAL D 57 1.58 22.68 -3.25
CA VAL D 57 2.11 22.64 -1.89
C VAL D 57 3.59 22.26 -1.92
N HIS D 58 3.94 21.28 -2.75
CA HIS D 58 5.34 20.87 -2.88
C HIS D 58 6.18 22.00 -3.46
N LYS D 59 5.66 22.71 -4.46
CA LYS D 59 6.40 23.84 -5.03
C LYS D 59 6.63 24.92 -3.99
N GLU D 60 5.61 25.24 -3.20
CA GLU D 60 5.77 26.26 -2.16
C GLU D 60 6.79 25.82 -1.12
N LEU D 61 6.76 24.54 -0.74
CA LEU D 61 7.74 24.02 0.21
C LEU D 61 9.15 24.10 -0.35
N VAL D 62 9.31 23.79 -1.64
CA VAL D 62 10.63 23.87 -2.27
C VAL D 62 11.13 25.31 -2.29
N LYS D 63 10.25 26.26 -2.60
CA LYS D 63 10.64 27.66 -2.57
C LYS D 63 11.05 28.10 -1.18
N LYS D 64 10.30 27.68 -0.15
CA LYS D 64 10.64 28.03 1.22
C LYS D 64 11.99 27.45 1.61
N ILE D 65 12.25 26.20 1.22
CA ILE D 65 13.51 25.56 1.55
C ILE D 65 14.67 26.26 0.83
N LYS D 66 14.46 26.66 -0.42
CA LYS D 66 15.49 27.40 -1.14
C LYS D 66 15.79 28.73 -0.46
N THR D 67 14.75 29.44 0.00
CA THR D 67 14.96 30.69 0.71
C THR D 67 15.75 30.47 1.98
N VAL D 68 15.42 29.43 2.74
CA VAL D 68 16.15 29.15 3.98
C VAL D 68 17.60 28.76 3.67
N VAL D 69 17.82 28.04 2.58
CA VAL D 69 19.17 27.66 2.19
C VAL D 69 19.99 28.90 1.85
N ASN D 70 19.39 29.84 1.11
CA ASN D 70 20.09 31.08 0.79
C ASN D 70 20.42 31.87 2.06
N SER D 71 19.46 31.95 2.99
CA SER D 71 19.72 32.67 4.24
C SER D 71 20.85 32.02 5.02
N ALA D 72 20.86 30.69 5.10
CA ALA D 72 21.92 29.99 5.81
C ALA D 72 23.28 30.21 5.15
N GLU D 73 23.32 30.20 3.82
CA GLU D 73 24.57 30.45 3.11
C GLU D 73 25.10 31.85 3.42
N ASP D 74 24.21 32.85 3.38
CA ASP D 74 24.63 34.21 3.68
C ASP D 74 25.14 34.33 5.11
N ALA D 75 24.45 33.70 6.07
CA ALA D 75 24.90 33.78 7.46
C ALA D 75 26.25 33.11 7.64
N ILE D 76 26.45 31.95 7.02
CA ILE D 76 27.72 31.24 7.17
C ILE D 76 28.86 32.04 6.54
N ASP D 77 28.62 32.64 5.37
CA ASP D 77 29.66 33.46 4.74
C ASP D 77 29.97 34.69 5.58
N LYS D 78 28.94 35.32 6.18
CA LYS D 78 29.20 36.46 7.06
C LYS D 78 30.05 36.03 8.25
N PHE D 79 29.72 34.89 8.86
CA PHE D 79 30.51 34.42 9.99
C PHE D 79 31.94 34.12 9.58
N VAL D 80 32.13 33.54 8.39
CA VAL D 80 33.47 33.24 7.91
C VAL D 80 34.28 34.52 7.71
N ILE D 81 33.65 35.55 7.13
CA ILE D 81 34.35 36.82 6.92
C ILE D 81 34.72 37.46 8.26
N GLU D 82 33.79 37.45 9.22
CA GLU D 82 34.10 38.01 10.53
C GLU D 82 35.20 37.22 11.24
N ALA D 83 35.19 35.90 11.10
CA ALA D 83 36.25 35.08 11.70
C ALA D 83 37.61 35.39 11.07
N LYS D 84 37.64 35.56 9.75
CA LYS D 84 38.89 35.94 9.09
C LYS D 84 39.36 37.31 9.55
N LEU D 85 38.44 38.25 9.73
CA LEU D 85 38.79 39.58 10.19
C LEU D 85 39.09 39.61 11.68
N VAL D 103 29.24 40.32 14.78
CA VAL D 103 29.35 39.02 15.44
C VAL D 103 28.08 38.73 16.22
N TYR D 104 27.63 39.72 17.00
CA TYR D 104 26.38 39.59 17.73
C TYR D 104 25.19 39.46 16.79
N ASP D 105 25.14 40.31 15.76
CA ASP D 105 24.09 40.20 14.75
C ASP D 105 24.22 38.90 13.98
N VAL D 106 25.46 38.47 13.70
CA VAL D 106 25.68 37.19 13.02
C VAL D 106 25.15 36.04 13.88
N ALA D 107 25.41 36.09 15.18
CA ALA D 107 24.91 35.05 16.07
C ALA D 107 23.39 35.04 16.11
N GLY D 108 22.76 36.22 16.18
CA GLY D 108 21.31 36.26 16.15
C GLY D 108 20.73 35.70 14.87
N GLU D 109 21.33 36.06 13.74
CA GLU D 109 20.87 35.54 12.45
C GLU D 109 21.04 34.03 12.38
N ILE D 110 22.16 33.51 12.88
CA ILE D 110 22.38 32.06 12.86
C ILE D 110 21.34 31.35 13.72
N LYS D 111 21.06 31.89 14.92
CA LYS D 111 20.04 31.29 15.78
C LYS D 111 18.68 31.29 15.10
N THR D 112 18.30 32.41 14.48
CA THR D 112 16.98 32.48 13.86
C THR D 112 16.88 31.56 12.64
N ILE D 113 17.98 31.40 11.89
CA ILE D 113 17.95 30.50 10.74
C ILE D 113 17.86 29.04 11.20
N ARG D 114 18.58 28.70 12.27
CA ARG D 114 18.46 27.34 12.81
C ARG D 114 17.04 27.07 13.32
N ASP D 115 16.42 28.06 13.97
CA ASP D 115 15.04 27.90 14.40
C ASP D 115 14.10 27.72 13.21
N LYS D 116 14.32 28.48 12.14
CA LYS D 116 13.51 28.32 10.94
C LYS D 116 13.68 26.93 10.34
N VAL D 117 14.92 26.42 10.31
CA VAL D 117 15.16 25.08 9.78
C VAL D 117 14.42 24.05 10.62
N LYS D 118 14.49 24.17 11.94
CA LYS D 118 13.78 23.23 12.81
C LYS D 118 12.28 23.29 12.58
N GLU D 119 11.73 24.50 12.44
CA GLU D 119 10.30 24.65 12.20
C GLU D 119 9.89 24.02 10.88
N ILE D 120 10.69 24.23 9.83
CA ILE D 120 10.39 23.64 8.53
C ILE D 120 10.44 22.11 8.62
N ARG D 121 11.45 21.58 9.31
CA ARG D 121 11.57 20.14 9.43
C ARG D 121 10.39 19.54 10.19
N LEU D 122 9.94 20.21 11.24
CA LEU D 122 8.84 19.68 12.05
C LEU D 122 7.51 19.78 11.32
N ASN D 123 7.24 20.93 10.69
CA ASN D 123 5.91 21.19 10.15
C ASN D 123 5.62 20.34 8.91
N ASN D 124 6.58 20.25 7.99
CA ASN D 124 6.34 19.65 6.68
C ASN D 124 7.08 18.33 6.50
N ALA D 125 7.13 17.49 7.55
CA ALA D 125 7.85 16.22 7.44
C ALA D 125 7.24 15.30 6.40
N LEU D 126 5.91 15.21 6.36
CA LEU D 126 5.25 14.34 5.39
C LEU D 126 5.47 14.83 3.96
N ASP D 127 5.39 16.14 3.74
CA ASP D 127 5.67 16.69 2.42
C ASP D 127 7.13 16.49 2.04
N LEU D 128 8.05 16.61 3.01
CA LEU D 128 9.45 16.34 2.74
C LEU D 128 9.67 14.90 2.32
N GLN D 129 9.02 13.96 3.00
CA GLN D 129 9.16 12.55 2.62
C GLN D 129 8.54 12.28 1.26
N ALA D 130 7.42 12.94 0.95
CA ALA D 130 6.75 12.73 -0.32
C ALA D 130 7.47 13.38 -1.49
N LEU D 131 8.38 14.32 -1.23
CA LEU D 131 9.05 15.07 -2.28
C LEU D 131 10.31 14.41 -2.79
N GLN D 132 10.79 13.34 -2.16
CA GLN D 132 12.00 12.66 -2.60
C GLN D 132 11.68 11.66 -3.71
N ARG D 144 3.47 6.97 -24.31
CA ARG D 144 4.26 7.29 -25.49
C ARG D 144 3.36 7.87 -26.57
N LYS D 145 3.69 9.08 -27.03
CA LYS D 145 2.90 9.80 -28.02
C LYS D 145 3.81 10.29 -29.14
N PRO D 146 3.91 9.53 -30.23
CA PRO D 146 4.71 10.01 -31.36
C PRO D 146 4.18 11.33 -31.89
N PRO D 147 5.05 12.21 -32.34
CA PRO D 147 4.60 13.55 -32.75
C PRO D 147 3.74 13.50 -34.00
N VAL D 148 2.83 14.47 -34.09
CA VAL D 148 2.03 14.71 -35.29
C VAL D 148 2.55 15.99 -35.92
N VAL D 149 3.10 15.87 -37.12
CA VAL D 149 3.74 16.99 -37.79
C VAL D 149 2.94 17.36 -39.04
N GLU D 150 3.28 18.50 -39.62
CA GLU D 150 2.58 18.98 -40.80
C GLU D 150 2.95 18.15 -42.02
N GLU D 151 1.93 17.77 -42.80
CA GLU D 151 2.13 17.00 -44.02
C GLU D 151 1.74 17.74 -45.28
N ASP D 152 0.91 18.77 -45.18
CA ASP D 152 0.38 19.48 -46.35
C ASP D 152 1.12 20.79 -46.62
N ASP D 153 1.18 21.68 -45.64
CA ASP D 153 1.75 23.02 -45.83
C ASP D 153 3.08 23.09 -45.10
N VAL D 154 4.14 22.65 -45.77
CA VAL D 154 5.50 22.69 -45.25
C VAL D 154 6.27 23.72 -46.07
N VAL D 155 6.71 24.79 -45.42
CA VAL D 155 7.34 25.92 -46.10
C VAL D 155 8.83 25.91 -45.82
N GLY D 156 9.63 26.16 -46.86
CA GLY D 156 11.05 26.34 -46.73
C GLY D 156 11.87 25.06 -46.85
N PHE D 157 11.25 23.89 -46.73
CA PHE D 157 11.97 22.63 -46.71
C PHE D 157 12.07 22.00 -48.10
N GLU D 158 11.71 22.73 -49.16
CA GLU D 158 11.75 22.15 -50.50
C GLU D 158 13.17 21.89 -50.97
N GLU D 159 14.14 22.71 -50.55
CA GLU D 159 15.52 22.52 -50.96
C GLU D 159 16.29 21.61 -50.01
N GLU D 160 16.03 21.71 -48.71
CA GLU D 160 16.67 20.82 -47.75
C GLU D 160 16.24 19.37 -48.00
N ALA D 161 14.97 19.16 -48.36
CA ALA D 161 14.50 17.82 -48.67
C ALA D 161 15.24 17.24 -49.87
N ASP D 162 15.44 18.05 -50.92
CA ASP D 162 16.17 17.57 -52.08
C ASP D 162 17.63 17.30 -51.73
N LYS D 163 18.23 18.14 -50.89
CA LYS D 163 19.61 17.91 -50.46
C LYS D 163 19.74 16.58 -49.72
N VAL D 164 18.87 16.35 -48.75
CA VAL D 164 18.94 15.10 -47.98
C VAL D 164 18.60 13.90 -48.86
N ILE D 165 17.67 14.06 -49.81
CA ILE D 165 17.33 12.96 -50.70
C ILE D 165 18.51 12.58 -51.58
N ASN D 166 19.19 13.60 -52.15
CA ASN D 166 20.36 13.32 -52.97
C ASN D 166 21.49 12.74 -52.13
N ARG D 167 21.55 13.09 -50.84
CA ARG D 167 22.50 12.42 -49.96
C ARG D 167 22.11 10.96 -49.71
N LEU D 168 20.81 10.67 -49.66
CA LEU D 168 20.36 9.31 -49.44
C LEU D 168 20.55 8.45 -50.69
N LEU D 169 20.24 9.01 -51.86
CA LEU D 169 20.29 8.25 -53.11
C LEU D 169 21.70 8.08 -53.65
N GLY D 170 22.68 8.76 -53.06
CA GLY D 170 24.07 8.65 -53.50
C GLY D 170 24.96 8.25 -52.35
N GLY D 171 25.99 7.46 -52.66
CA GLY D 171 26.93 7.01 -51.67
C GLY D 171 27.48 5.65 -52.05
N SER D 172 28.05 4.97 -51.06
CA SER D 172 28.61 3.64 -51.26
C SER D 172 27.49 2.59 -51.24
N SER D 173 27.88 1.32 -51.26
CA SER D 173 26.93 0.22 -51.22
C SER D 173 26.68 -0.29 -49.80
N GLY D 174 27.28 0.33 -48.79
CA GLY D 174 27.06 -0.07 -47.42
C GLY D 174 25.92 0.68 -46.77
N LEU D 175 25.57 0.26 -45.56
CA LEU D 175 24.50 0.89 -44.79
C LEU D 175 25.02 2.23 -44.27
N GLU D 176 24.60 3.32 -44.91
CA GLU D 176 25.00 4.66 -44.51
C GLU D 176 23.87 5.35 -43.77
N VAL D 177 24.24 6.31 -42.94
CA VAL D 177 23.30 7.05 -42.09
C VAL D 177 23.36 8.52 -42.48
N VAL D 178 22.19 9.14 -42.59
CA VAL D 178 22.10 10.58 -42.83
C VAL D 178 21.49 11.21 -41.57
N PRO D 179 22.31 11.77 -40.68
CA PRO D 179 21.77 12.34 -39.45
C PRO D 179 21.35 13.79 -39.61
N VAL D 180 20.18 14.09 -39.07
CA VAL D 180 19.63 15.45 -39.07
C VAL D 180 19.64 15.95 -37.63
N VAL D 181 20.44 16.98 -37.38
CA VAL D 181 20.59 17.55 -36.05
C VAL D 181 20.01 18.96 -36.08
N GLY D 182 19.48 19.41 -34.94
CA GLY D 182 18.91 20.74 -34.91
C GLY D 182 18.39 21.10 -33.54
N MET D 183 17.88 22.32 -33.46
CA MET D 183 17.32 22.88 -32.24
C MET D 183 16.00 22.21 -31.90
N PRO D 184 15.62 22.18 -30.61
CA PRO D 184 14.29 21.69 -30.24
C PRO D 184 13.17 22.44 -30.95
N GLY D 185 12.41 21.74 -31.78
CA GLY D 185 11.35 22.37 -32.55
C GLY D 185 11.77 22.92 -33.88
N LEU D 186 12.98 22.61 -34.35
CA LEU D 186 13.46 23.14 -35.62
C LEU D 186 12.65 22.61 -36.79
N GLY D 187 12.22 21.35 -36.74
CA GLY D 187 11.47 20.76 -37.82
C GLY D 187 12.14 19.53 -38.40
N LYS D 188 12.94 18.85 -37.59
CA LYS D 188 13.63 17.65 -38.06
C LYS D 188 12.64 16.55 -38.41
N THR D 189 11.61 16.37 -37.58
CA THR D 189 10.61 15.35 -37.87
C THR D 189 9.80 15.71 -39.10
N THR D 190 9.49 16.99 -39.30
CA THR D 190 8.76 17.41 -40.48
C THR D 190 9.56 17.15 -41.75
N LEU D 191 10.84 17.48 -41.74
CA LEU D 191 11.68 17.22 -42.90
C LEU D 191 11.84 15.72 -43.13
N ALA D 192 11.99 14.94 -42.07
CA ALA D 192 12.10 13.49 -42.20
C ALA D 192 10.83 12.89 -42.78
N ASN D 193 9.67 13.44 -42.40
CA ASN D 193 8.40 12.95 -42.95
C ASN D 193 8.26 13.36 -44.41
N LYS D 194 8.70 14.57 -44.76
CA LYS D 194 8.64 15.00 -46.16
C LYS D 194 9.52 14.14 -47.04
N ILE D 195 10.72 13.79 -46.56
CA ILE D 195 11.59 12.89 -47.31
C ILE D 195 11.00 11.49 -47.37
N TYR D 196 10.44 11.03 -46.25
CA TYR D 196 9.92 9.66 -46.15
C TYR D 196 8.77 9.43 -47.14
N LYS D 197 7.97 10.45 -47.40
CA LYS D 197 6.83 10.34 -48.30
C LYS D 197 7.12 10.95 -49.67
N HIS D 198 8.37 11.27 -49.97
CA HIS D 198 8.69 11.86 -51.27
C HIS D 198 8.54 10.81 -52.37
N PRO D 199 8.06 11.22 -53.55
CA PRO D 199 7.91 10.25 -54.66
C PRO D 199 9.22 9.59 -55.06
N ASP D 200 10.32 10.34 -55.10
CA ASP D 200 11.60 9.75 -55.49
C ASP D 200 12.07 8.74 -54.46
N ILE D 201 11.93 9.06 -53.18
CA ILE D 201 12.31 8.12 -52.13
C ILE D 201 11.45 6.86 -52.19
N GLY D 202 10.13 7.03 -52.41
CA GLY D 202 9.26 5.88 -52.50
C GLY D 202 9.57 5.01 -53.70
N TYR D 203 9.97 5.62 -54.82
CA TYR D 203 10.30 4.84 -56.00
C TYR D 203 11.64 4.12 -55.83
N GLN D 204 12.63 4.79 -55.25
CA GLN D 204 13.96 4.18 -55.14
C GLN D 204 14.02 3.11 -54.06
N PHE D 205 13.36 3.32 -52.94
CA PHE D 205 13.42 2.41 -51.80
C PHE D 205 12.17 1.54 -51.78
N PHE D 206 12.37 0.22 -51.90
CA PHE D 206 11.23 -0.70 -51.88
C PHE D 206 10.60 -0.76 -50.50
N THR D 207 11.41 -0.78 -49.44
CA THR D 207 10.94 -0.86 -48.07
C THR D 207 11.25 0.44 -47.34
N ARG D 208 10.23 1.05 -46.75
CA ARG D 208 10.41 2.25 -45.95
C ARG D 208 9.77 2.01 -44.59
N ILE D 209 10.54 2.19 -43.53
CA ILE D 209 10.10 1.94 -42.17
C ILE D 209 10.35 3.18 -41.33
N TRP D 210 9.32 3.61 -40.61
CA TRP D 210 9.41 4.75 -39.70
C TRP D 210 9.37 4.23 -38.27
N VAL D 211 10.49 4.37 -37.57
CA VAL D 211 10.61 3.97 -36.17
C VAL D 211 10.70 5.22 -35.32
N TYR D 212 9.86 5.29 -34.29
CA TYR D 212 9.84 6.44 -33.39
C TYR D 212 10.57 6.05 -32.11
N VAL D 213 11.86 6.38 -32.05
CA VAL D 213 12.59 6.27 -30.79
C VAL D 213 12.36 7.53 -29.96
N SER D 214 12.55 7.41 -28.66
CA SER D 214 12.43 8.57 -27.78
C SER D 214 13.34 8.36 -26.58
N GLN D 215 13.16 9.17 -25.54
CA GLN D 215 13.90 8.96 -24.30
C GLN D 215 13.50 7.63 -23.67
N SER D 216 12.21 7.30 -23.72
CA SER D 216 11.69 6.06 -23.17
C SER D 216 11.22 5.18 -24.31
N TYR D 217 11.80 4.00 -24.45
CA TYR D 217 11.41 3.05 -25.48
C TYR D 217 11.73 1.65 -25.00
N ARG D 218 11.03 0.67 -25.59
CA ARG D 218 11.27 -0.73 -25.32
C ARG D 218 11.72 -1.40 -26.60
N ARG D 219 12.88 -2.07 -26.56
CA ARG D 219 13.43 -2.69 -27.75
C ARG D 219 12.55 -3.82 -28.26
N ARG D 220 11.97 -4.60 -27.33
CA ARG D 220 11.07 -5.67 -27.74
C ARG D 220 9.83 -5.11 -28.45
N GLU D 221 9.26 -4.03 -27.90
CA GLU D 221 8.09 -3.41 -28.53
C GLU D 221 8.44 -2.86 -29.91
N LEU D 222 9.60 -2.19 -30.02
CA LEU D 222 10.02 -1.66 -31.32
C LEU D 222 10.22 -2.77 -32.34
N PHE D 223 10.88 -3.86 -31.93
CA PHE D 223 11.14 -4.96 -32.84
C PHE D 223 9.85 -5.65 -33.27
N LEU D 224 8.88 -5.78 -32.36
CA LEU D 224 7.60 -6.38 -32.72
C LEU D 224 6.78 -5.45 -33.59
N ASN D 225 6.95 -4.13 -33.44
CA ASN D 225 6.30 -3.20 -34.34
C ASN D 225 6.89 -3.26 -35.74
N ILE D 226 8.22 -3.41 -35.83
CA ILE D 226 8.86 -3.53 -37.14
C ILE D 226 8.47 -4.86 -37.80
N ILE D 227 8.35 -5.93 -37.00
CA ILE D 227 7.99 -7.24 -37.54
C ILE D 227 6.57 -7.21 -38.10
N SER D 228 5.66 -6.50 -37.43
CA SER D 228 4.27 -6.47 -37.87
C SER D 228 4.11 -5.85 -39.25
N LYS D 229 5.10 -5.08 -39.71
CA LYS D 229 5.07 -4.53 -41.06
C LYS D 229 5.33 -5.58 -42.13
N PHE D 230 5.81 -6.76 -41.74
CA PHE D 230 6.09 -7.83 -42.69
C PHE D 230 5.21 -9.05 -42.53
N THR D 231 4.77 -9.36 -41.30
CA THR D 231 3.91 -10.51 -41.07
C THR D 231 2.81 -10.12 -40.08
N ARG D 232 1.68 -10.81 -40.18
CA ARG D 232 0.56 -10.58 -39.29
C ARG D 232 0.49 -11.60 -38.16
N ASN D 233 1.12 -12.77 -38.31
CA ASN D 233 1.20 -13.76 -37.25
C ASN D 233 2.40 -13.43 -36.38
N THR D 234 2.21 -12.44 -35.50
CA THR D 234 3.23 -12.04 -34.55
C THR D 234 3.13 -12.81 -33.24
N LYS D 235 2.19 -13.75 -33.16
CA LYS D 235 2.05 -14.59 -31.97
C LYS D 235 3.02 -15.75 -31.97
N GLN D 236 3.81 -15.93 -33.04
CA GLN D 236 4.87 -16.92 -33.06
C GLN D 236 6.16 -16.42 -32.43
N TYR D 237 6.22 -15.16 -32.01
CA TYR D 237 7.42 -14.58 -31.43
C TYR D 237 7.28 -14.31 -29.94
N HIS D 238 6.30 -14.94 -29.28
CA HIS D 238 6.06 -14.62 -27.87
C HIS D 238 7.18 -15.13 -26.97
N ASP D 239 7.99 -16.08 -27.44
CA ASP D 239 9.03 -16.68 -26.64
C ASP D 239 10.43 -16.42 -27.17
N MET D 240 10.58 -15.83 -28.35
CA MET D 240 11.90 -15.52 -28.85
C MET D 240 12.49 -14.31 -28.12
N CYS D 241 13.81 -14.30 -28.00
CA CYS D 241 14.50 -13.20 -27.36
C CYS D 241 14.59 -12.01 -28.32
N GLU D 242 14.97 -10.86 -27.76
CA GLU D 242 15.09 -9.65 -28.57
C GLU D 242 16.15 -9.80 -29.66
N GLU D 243 17.19 -10.57 -29.39
CA GLU D 243 18.20 -10.82 -30.43
C GLU D 243 17.64 -11.67 -31.56
N ASP D 244 16.81 -12.66 -31.23
CA ASP D 244 16.14 -13.43 -32.27
C ASP D 244 15.15 -12.58 -33.04
N LEU D 245 14.49 -11.64 -32.37
CA LEU D 245 13.61 -10.70 -33.05
C LEU D 245 14.40 -9.84 -34.04
N ALA D 246 15.56 -9.34 -33.61
CA ALA D 246 16.41 -8.56 -34.50
C ALA D 246 16.89 -9.39 -35.67
N ASP D 247 17.22 -10.66 -35.44
CA ASP D 247 17.61 -11.53 -36.54
C ASP D 247 16.46 -11.72 -37.53
N GLU D 248 15.24 -11.92 -37.03
CA GLU D 248 14.07 -12.05 -37.89
C GLU D 248 13.87 -10.78 -38.72
N ILE D 249 14.04 -9.62 -38.09
CA ILE D 249 13.97 -8.36 -38.84
C ILE D 249 15.07 -8.31 -39.90
N GLU D 250 16.25 -8.86 -39.58
CA GLU D 250 17.34 -8.85 -40.55
C GLU D 250 17.00 -9.68 -41.80
N ASP D 251 16.47 -10.89 -41.62
CA ASP D 251 16.00 -11.64 -42.79
C ASP D 251 14.87 -10.92 -43.51
N PHE D 252 13.93 -10.33 -42.76
CA PHE D 252 12.83 -9.62 -43.40
C PHE D 252 13.32 -8.49 -44.29
N LEU D 253 14.30 -7.72 -43.81
CA LEU D 253 14.83 -6.60 -44.58
C LEU D 253 15.75 -7.08 -45.71
N GLY D 254 16.44 -8.20 -45.52
CA GLY D 254 17.32 -8.71 -46.56
C GLY D 254 16.61 -9.45 -47.67
N LYS D 255 15.38 -9.91 -47.43
CA LYS D 255 14.64 -10.61 -48.48
C LYS D 255 14.36 -9.72 -49.67
N GLY D 256 14.01 -8.47 -49.43
CA GLY D 256 13.67 -7.52 -50.49
C GLY D 256 14.89 -6.83 -51.06
N GLY D 257 14.69 -5.58 -51.47
CA GLY D 257 15.73 -4.75 -52.03
C GLY D 257 16.28 -3.75 -51.03
N LYS D 258 16.55 -2.54 -51.49
CA LYS D 258 17.02 -1.49 -50.62
C LYS D 258 15.91 -1.06 -49.66
N TYR D 259 16.32 -0.67 -48.44
CA TYR D 259 15.38 -0.20 -47.45
C TYR D 259 15.82 1.15 -46.91
N LEU D 260 14.84 1.99 -46.59
CA LEU D 260 15.06 3.25 -45.90
C LEU D 260 14.38 3.19 -44.54
N ILE D 261 15.10 3.56 -43.50
CA ILE D 261 14.59 3.50 -42.13
C ILE D 261 14.79 4.87 -41.48
N VAL D 262 13.73 5.41 -40.91
CA VAL D 262 13.76 6.71 -40.26
C VAL D 262 13.69 6.47 -38.75
N LEU D 263 14.80 6.69 -38.07
CA LEU D 263 14.87 6.58 -36.61
C LEU D 263 14.66 7.97 -36.04
N ASP D 264 13.43 8.27 -35.62
CA ASP D 264 13.07 9.59 -35.15
C ASP D 264 13.41 9.74 -33.68
N ASP D 265 14.00 10.89 -33.33
CA ASP D 265 14.23 11.29 -31.94
C ASP D 265 15.09 10.26 -31.19
N VAL D 266 16.32 10.10 -31.67
CA VAL D 266 17.32 9.31 -30.96
C VAL D 266 18.04 10.23 -29.99
N TRP D 267 18.14 9.81 -28.73
CA TRP D 267 18.65 10.67 -27.68
C TRP D 267 20.04 10.29 -27.17
N SER D 268 20.46 9.05 -27.34
CA SER D 268 21.77 8.61 -26.88
C SER D 268 22.36 7.64 -27.89
N PRO D 269 23.69 7.58 -27.98
CA PRO D 269 24.31 6.55 -28.85
C PRO D 269 24.03 5.13 -28.41
N ASP D 270 23.73 4.92 -27.12
CA ASP D 270 23.41 3.57 -26.65
C ASP D 270 22.16 3.04 -27.31
N ALA D 271 21.12 3.88 -27.43
CA ALA D 271 19.91 3.46 -28.12
C ALA D 271 20.18 3.17 -29.59
N TRP D 272 21.01 4.00 -30.22
CA TRP D 272 21.36 3.77 -31.62
C TRP D 272 22.07 2.43 -31.80
N GLU D 273 22.99 2.10 -30.90
CA GLU D 273 23.70 0.83 -31.00
C GLU D 273 22.78 -0.36 -30.70
N ARG D 274 21.86 -0.20 -29.76
CA ARG D 274 20.97 -1.30 -29.42
C ARG D 274 19.97 -1.58 -30.54
N ILE D 275 19.46 -0.53 -31.18
CA ILE D 275 18.46 -0.73 -32.24
C ILE D 275 19.13 -1.14 -33.55
N ARG D 276 20.39 -0.73 -33.77
CA ARG D 276 21.04 -0.98 -35.05
C ARG D 276 21.27 -2.46 -35.34
N ILE D 277 21.17 -3.32 -34.32
CA ILE D 277 21.42 -4.74 -34.51
C ILE D 277 20.37 -5.44 -35.35
N ALA D 278 19.26 -4.77 -35.65
CA ALA D 278 18.18 -5.36 -36.44
C ALA D 278 18.27 -5.00 -37.92
N PHE D 279 19.22 -4.18 -38.33
CA PHE D 279 19.30 -3.71 -39.70
C PHE D 279 20.48 -4.35 -40.42
N PRO D 280 20.26 -5.18 -41.43
CA PRO D 280 21.37 -5.85 -42.10
C PRO D 280 22.17 -4.90 -42.98
N ASN D 281 23.44 -5.24 -43.18
CA ASN D 281 24.33 -4.55 -44.11
C ASN D 281 24.71 -5.58 -45.17
N ASN D 282 23.88 -5.68 -46.21
CA ASN D 282 24.01 -6.72 -47.23
C ASN D 282 24.54 -6.16 -48.55
N ASN D 283 25.41 -5.15 -48.47
CA ASN D 283 26.07 -4.57 -49.65
C ASN D 283 25.07 -4.01 -50.65
N LYS D 284 23.90 -3.60 -50.18
CA LYS D 284 22.96 -2.81 -50.96
C LYS D 284 22.92 -1.40 -50.40
N SER D 285 22.52 -0.46 -51.24
CA SER D 285 22.51 0.95 -50.83
C SER D 285 21.38 1.19 -49.85
N ASN D 286 21.46 0.57 -48.67
CA ASN D 286 20.48 0.75 -47.63
C ASN D 286 20.81 1.99 -46.82
N ARG D 287 19.79 2.77 -46.48
CA ARG D 287 19.99 4.06 -45.83
C ARG D 287 19.20 4.14 -44.54
N ILE D 288 19.73 4.91 -43.59
CA ILE D 288 19.06 5.21 -42.34
C ILE D 288 19.00 6.72 -42.19
N LEU D 289 17.80 7.24 -41.96
CA LEU D 289 17.60 8.67 -41.73
C LEU D 289 17.39 8.87 -40.23
N LEU D 290 18.21 9.71 -39.62
CA LEU D 290 18.23 9.86 -38.17
C LEU D 290 18.05 11.33 -37.81
N THR D 291 17.09 11.61 -36.93
CA THR D 291 16.84 12.94 -36.43
C THR D 291 17.10 12.95 -34.93
N THR D 292 17.92 13.91 -34.47
CA THR D 292 18.31 13.97 -33.08
C THR D 292 18.59 15.42 -32.69
N ARG D 293 18.50 15.69 -31.39
CA ARG D 293 18.87 16.99 -30.85
C ARG D 293 20.36 17.09 -30.52
N ASP D 294 20.96 15.99 -30.06
CA ASP D 294 22.35 15.98 -29.66
C ASP D 294 23.25 15.72 -30.85
N SER D 295 24.36 16.47 -30.93
CA SER D 295 25.32 16.28 -32.00
C SER D 295 26.18 15.05 -31.81
N LYS D 296 26.28 14.54 -30.58
CA LYS D 296 27.09 13.34 -30.34
C LYS D 296 26.49 12.11 -31.00
N VAL D 297 25.16 12.01 -31.02
CA VAL D 297 24.50 10.85 -31.63
C VAL D 297 24.71 10.83 -33.14
N ALA D 298 25.00 11.98 -33.75
CA ALA D 298 25.22 12.06 -35.19
C ALA D 298 26.65 11.72 -35.58
N LYS D 299 27.54 11.47 -34.62
CA LYS D 299 28.94 11.21 -34.93
C LYS D 299 29.30 9.76 -34.59
N PRO D 308 27.25 15.46 -40.44
CA PRO D 308 25.79 15.46 -40.27
C PRO D 308 25.10 16.50 -41.13
N HIS D 309 23.78 16.63 -40.96
CA HIS D 309 22.99 17.63 -41.68
C HIS D 309 22.36 18.56 -40.64
N ASP D 310 22.89 19.77 -40.55
CA ASP D 310 22.34 20.78 -39.65
C ASP D 310 21.16 21.45 -40.33
N LEU D 311 19.96 21.21 -39.80
CA LEU D 311 18.75 21.73 -40.41
C LEU D 311 18.73 23.25 -40.34
N LYS D 312 18.20 23.87 -41.39
CA LYS D 312 18.19 25.32 -41.51
C LYS D 312 17.06 25.93 -40.68
N PHE D 313 17.14 27.24 -40.49
CA PHE D 313 16.07 28.02 -39.92
C PHE D 313 15.26 28.69 -41.02
N LEU D 314 13.97 28.86 -40.77
CA LEU D 314 13.12 29.56 -41.73
C LEU D 314 13.53 31.02 -41.81
N THR D 315 13.47 31.58 -43.01
CA THR D 315 13.77 32.99 -43.19
C THR D 315 12.59 33.84 -42.69
N GLU D 316 12.76 35.16 -42.76
CA GLU D 316 11.69 36.05 -42.34
C GLU D 316 10.47 35.91 -43.24
N ASP D 317 10.69 35.87 -44.55
CA ASP D 317 9.59 35.67 -45.49
C ASP D 317 8.92 34.33 -45.29
N GLU D 318 9.72 33.27 -45.08
CA GLU D 318 9.15 31.95 -44.84
C GLU D 318 8.39 31.92 -43.52
N SER D 319 8.90 32.60 -42.49
CA SER D 319 8.17 32.68 -41.23
C SER D 319 6.83 33.36 -41.40
N TRP D 320 6.80 34.47 -42.15
CA TRP D 320 5.52 35.15 -42.38
C TRP D 320 4.58 34.28 -43.20
N ILE D 321 5.11 33.56 -44.19
CA ILE D 321 4.28 32.67 -45.00
C ILE D 321 3.65 31.59 -44.11
N LEU D 322 4.47 31.00 -43.23
CA LEU D 322 3.95 29.95 -42.35
C LEU D 322 2.89 30.50 -41.40
N LEU D 323 3.14 31.67 -40.81
CA LEU D 323 2.17 32.26 -39.90
C LEU D 323 0.86 32.58 -40.62
N GLU D 324 0.95 33.14 -41.82
CA GLU D 324 -0.26 33.47 -42.58
C GLU D 324 -1.03 32.21 -42.95
N LYS D 325 -0.33 31.15 -43.35
CA LYS D 325 -0.99 29.90 -43.69
C LYS D 325 -1.66 29.28 -42.46
N LYS D 326 -1.01 29.37 -41.30
CA LYS D 326 -1.55 28.75 -40.11
C LYS D 326 -2.72 29.53 -39.52
N VAL D 327 -2.72 30.86 -39.63
CA VAL D 327 -3.82 31.65 -39.07
C VAL D 327 -4.95 31.81 -40.08
N PHE D 328 -4.64 32.20 -41.31
CA PHE D 328 -5.62 32.35 -42.38
C PHE D 328 -5.44 31.18 -43.34
N HIS D 329 -6.27 30.15 -43.18
CA HIS D 329 -6.18 28.97 -44.03
C HIS D 329 -6.57 29.30 -45.47
N GLU D 338 -0.08 42.25 -43.36
CA GLU D 338 -0.29 42.94 -42.10
C GLU D 338 1.03 43.21 -41.40
N LEU D 339 1.24 44.46 -41.00
CA LEU D 339 2.47 44.83 -40.31
C LEU D 339 2.58 44.12 -38.96
N SER D 340 1.48 44.01 -38.22
CA SER D 340 1.51 43.30 -36.95
C SER D 340 1.84 41.82 -37.15
N GLY D 341 1.26 41.20 -38.18
CA GLY D 341 1.57 39.81 -38.45
C GLY D 341 3.02 39.60 -38.86
N LYS D 342 3.54 40.50 -39.69
CA LYS D 342 4.94 40.38 -40.10
C LYS D 342 5.88 40.60 -38.93
N SER D 343 5.52 41.49 -38.00
CA SER D 343 6.35 41.70 -36.82
C SER D 343 6.27 40.51 -35.87
N ILE D 344 5.10 39.86 -35.78
CA ILE D 344 4.98 38.67 -34.94
C ILE D 344 5.79 37.52 -35.53
N ALA D 345 5.71 37.33 -36.84
CA ALA D 345 6.46 36.24 -37.47
C ALA D 345 7.96 36.49 -37.44
N LYS D 346 8.39 37.76 -37.47
CA LYS D 346 9.81 38.07 -37.40
C LYS D 346 10.38 37.77 -36.03
N LYS D 347 9.57 37.90 -34.98
CA LYS D 347 10.03 37.69 -33.62
C LYS D 347 10.14 36.21 -33.24
N CYS D 348 9.73 35.30 -34.11
CA CYS D 348 9.89 33.88 -33.86
C CYS D 348 11.25 33.36 -34.29
N ASN D 349 12.06 34.19 -34.94
CA ASN D 349 13.46 33.87 -35.24
C ASN D 349 13.58 32.60 -36.08
N GLY D 350 12.64 32.40 -37.00
CA GLY D 350 12.72 31.29 -37.91
C GLY D 350 12.51 29.93 -37.29
N LEU D 351 11.93 29.87 -36.10
CA LEU D 351 11.64 28.59 -35.48
C LEU D 351 10.20 28.22 -35.76
N PRO D 352 9.93 27.16 -36.53
CA PRO D 352 8.54 26.83 -36.87
C PRO D 352 7.68 26.47 -35.66
N LEU D 353 8.29 25.97 -34.58
CA LEU D 353 7.52 25.65 -33.38
C LEU D 353 6.94 26.90 -32.75
N ALA D 354 7.74 27.97 -32.64
CA ALA D 354 7.24 29.23 -32.12
C ALA D 354 6.16 29.80 -33.02
N ILE D 355 6.35 29.71 -34.34
CA ILE D 355 5.35 30.20 -35.27
C ILE D 355 4.03 29.44 -35.09
N VAL D 356 4.12 28.13 -34.93
CA VAL D 356 2.92 27.31 -34.76
C VAL D 356 2.20 27.67 -33.46
N VAL D 357 2.97 27.85 -32.38
CA VAL D 357 2.37 28.18 -31.09
C VAL D 357 1.69 29.55 -31.16
N ILE D 358 2.37 30.53 -31.73
CA ILE D 358 1.81 31.88 -31.81
C ILE D 358 0.62 31.92 -32.76
N ALA D 359 0.62 31.07 -33.80
CA ALA D 359 -0.53 31.00 -34.69
C ALA D 359 -1.73 30.38 -34.00
N GLY D 360 -1.50 29.33 -33.21
CA GLY D 360 -2.58 28.77 -32.41
C GLY D 360 -3.13 29.77 -31.42
N ALA D 361 -2.26 30.60 -30.84
CA ALA D 361 -2.73 31.67 -29.96
C ALA D 361 -3.53 32.71 -30.72
N LEU D 362 -3.08 33.08 -31.93
CA LEU D 362 -3.73 34.15 -32.68
C LEU D 362 -5.06 33.70 -33.28
N ILE D 363 -5.21 32.40 -33.55
CA ILE D 363 -6.46 31.92 -34.15
C ILE D 363 -7.66 32.12 -33.22
N GLY D 364 -7.42 32.24 -31.91
CA GLY D 364 -8.52 32.42 -30.98
C GLY D 364 -8.95 33.86 -30.83
N LYS D 365 -8.07 34.80 -31.17
CA LYS D 365 -8.38 36.21 -31.07
C LYS D 365 -9.10 36.71 -32.31
N GLY D 366 -9.82 37.82 -32.16
CA GLY D 366 -10.50 38.41 -33.27
C GLY D 366 -9.54 39.05 -34.26
N LYS D 367 -9.97 39.08 -35.53
CA LYS D 367 -9.14 39.62 -36.61
C LYS D 367 -9.21 41.16 -36.62
N THR D 368 -8.75 41.75 -35.52
CA THR D 368 -8.69 43.19 -35.36
C THR D 368 -7.25 43.62 -35.13
N SER D 369 -6.86 44.73 -35.76
CA SER D 369 -5.48 45.20 -35.65
C SER D 369 -5.11 45.58 -34.23
N ARG D 370 -6.08 45.94 -33.40
CA ARG D 370 -5.78 46.27 -32.00
C ARG D 370 -5.49 45.03 -31.17
N GLU D 371 -6.09 43.89 -31.52
CA GLU D 371 -5.84 42.66 -30.80
C GLU D 371 -4.59 41.93 -31.28
N TRP D 372 -4.13 42.22 -32.50
CA TRP D 372 -2.86 41.67 -32.98
C TRP D 372 -1.66 42.50 -32.52
N LYS D 373 -1.86 43.78 -32.22
CA LYS D 373 -0.81 44.60 -31.64
C LYS D 373 -0.57 44.27 -30.17
N GLN D 374 -1.58 43.75 -29.48
CA GLN D 374 -1.39 43.30 -28.10
C GLN D 374 -0.50 42.07 -28.03
N VAL D 375 -0.44 41.27 -29.09
CA VAL D 375 0.49 40.16 -29.18
C VAL D 375 1.88 40.62 -29.56
N ASP D 376 2.04 41.89 -29.93
CA ASP D 376 3.32 42.50 -30.31
C ASP D 376 3.89 41.83 -31.55
N CYS D 392 6.90 24.72 -27.58
CA CYS D 392 6.36 25.34 -26.38
C CYS D 392 7.33 25.20 -25.21
N ASN D 393 6.82 24.75 -24.07
CA ASN D 393 7.61 24.63 -22.86
C ASN D 393 7.95 23.18 -22.50
N LYS D 394 7.08 22.23 -22.84
CA LYS D 394 7.35 20.83 -22.56
C LYS D 394 8.37 20.23 -23.52
N LEU D 395 8.46 20.76 -24.74
CA LEU D 395 9.46 20.26 -25.68
C LEU D 395 10.87 20.65 -25.24
N VAL D 396 11.05 21.89 -24.78
CA VAL D 396 12.36 22.33 -24.29
C VAL D 396 12.72 21.61 -23.01
N GLN D 397 11.73 21.32 -22.15
CA GLN D 397 12.01 20.63 -20.90
C GLN D 397 12.55 19.23 -21.12
N LEU D 398 12.34 18.64 -22.30
CA LEU D 398 12.88 17.31 -22.57
C LEU D 398 14.40 17.32 -22.56
N SER D 399 15.01 18.34 -23.19
CA SER D 399 16.45 18.46 -23.20
C SER D 399 17.00 19.16 -21.96
N TYR D 400 16.19 19.98 -21.28
CA TYR D 400 16.63 20.62 -20.06
C TYR D 400 16.66 19.66 -18.89
N ASP D 401 15.73 18.71 -18.84
CA ASP D 401 15.70 17.74 -17.75
C ASP D 401 16.80 16.68 -17.87
N ARG D 402 17.44 16.57 -19.03
CA ARG D 402 18.55 15.64 -19.20
C ARG D 402 19.88 16.23 -18.75
N LEU D 403 19.92 17.51 -18.42
CA LEU D 403 21.12 18.14 -17.91
C LEU D 403 21.38 17.73 -16.47
N SER D 404 22.64 17.80 -16.06
CA SER D 404 22.98 17.54 -14.67
C SER D 404 22.58 18.73 -13.80
N TYR D 405 22.71 18.55 -12.49
CA TYR D 405 22.28 19.59 -11.56
C TYR D 405 23.09 20.87 -11.74
N ASP D 406 24.40 20.74 -11.95
CA ASP D 406 25.25 21.92 -12.15
C ASP D 406 25.07 22.49 -13.55
N LEU D 407 24.92 21.63 -14.56
CA LEU D 407 24.72 22.10 -15.92
C LEU D 407 23.39 22.83 -16.10
N LYS D 408 22.39 22.51 -15.30
CA LYS D 408 21.14 23.26 -15.34
C LYS D 408 21.34 24.70 -14.89
N ALA D 409 22.08 24.90 -13.79
CA ALA D 409 22.37 26.26 -13.33
C ALA D 409 23.29 26.98 -14.29
N CYS D 410 24.24 26.27 -14.91
CA CYS D 410 25.08 26.89 -15.92
C CYS D 410 24.27 27.32 -17.13
N PHE D 411 23.27 26.53 -17.50
CA PHE D 411 22.44 26.85 -18.66
C PHE D 411 21.51 28.03 -18.37
N LEU D 412 20.89 28.04 -17.19
CA LEU D 412 19.98 29.12 -16.84
C LEU D 412 20.73 30.45 -16.68
N TYR D 413 22.00 30.40 -16.26
CA TYR D 413 22.77 31.62 -16.12
C TYR D 413 23.03 32.29 -17.47
N CYS D 414 22.98 31.53 -18.56
CA CYS D 414 23.10 32.12 -19.89
C CYS D 414 21.90 33.00 -20.23
N GLY D 415 20.78 32.82 -19.55
CA GLY D 415 19.63 33.67 -19.76
C GLY D 415 19.73 35.03 -19.08
N ALA D 416 20.76 35.24 -18.26
CA ALA D 416 20.98 36.55 -17.68
C ALA D 416 21.36 37.56 -18.76
N PHE D 417 22.17 37.15 -19.71
CA PHE D 417 22.56 38.04 -20.79
C PHE D 417 21.32 38.43 -21.61
N PRO D 418 21.21 39.70 -22.02
CA PRO D 418 20.00 40.16 -22.72
C PRO D 418 19.77 39.40 -24.01
N GLY D 419 18.57 39.58 -24.56
CA GLY D 419 18.21 38.87 -25.77
C GLY D 419 19.09 39.26 -26.94
N GLY D 420 19.57 38.25 -27.66
CA GLY D 420 20.43 38.47 -28.81
C GLY D 420 21.84 38.87 -28.48
N PHE D 421 22.21 38.89 -27.20
CA PHE D 421 23.55 39.31 -26.81
C PHE D 421 24.59 38.29 -27.22
N GLU D 422 25.76 38.77 -27.65
CA GLU D 422 26.89 37.92 -28.00
C GLU D 422 27.67 37.64 -26.73
N ILE D 423 27.42 36.51 -26.10
CA ILE D 423 28.06 36.15 -24.84
C ILE D 423 29.51 35.79 -25.09
N PRO D 424 30.48 36.49 -24.49
CA PRO D 424 31.87 36.07 -24.60
C PRO D 424 32.12 34.80 -23.78
N ALA D 425 32.72 33.80 -24.44
CA ALA D 425 32.89 32.51 -23.79
C ALA D 425 33.78 32.60 -22.56
N TRP D 426 34.87 33.38 -22.64
CA TRP D 426 35.75 33.53 -21.50
C TRP D 426 35.04 34.19 -20.32
N LYS D 427 34.27 35.24 -20.60
CA LYS D 427 33.52 35.91 -19.55
C LYS D 427 32.48 34.99 -18.94
N LEU D 428 31.78 34.21 -19.79
CA LEU D 428 30.81 33.26 -19.28
C LEU D 428 31.45 32.22 -18.39
N ILE D 429 32.63 31.71 -18.79
CA ILE D 429 33.31 30.70 -17.99
C ILE D 429 33.75 31.29 -16.65
N ARG D 430 34.32 32.49 -16.66
CA ARG D 430 34.76 33.10 -15.41
C ARG D 430 33.57 33.40 -14.51
N LEU D 431 32.45 33.83 -15.08
CA LEU D 431 31.24 34.07 -14.29
C LEU D 431 30.72 32.78 -13.69
N TRP D 432 30.74 31.69 -14.46
CA TRP D 432 30.31 30.39 -13.94
C TRP D 432 31.18 29.96 -12.77
N ILE D 433 32.50 30.13 -12.91
CA ILE D 433 33.40 29.74 -11.83
C ILE D 433 33.16 30.60 -10.59
N ALA D 434 32.97 31.91 -10.78
CA ALA D 434 32.76 32.80 -9.64
C ALA D 434 31.43 32.54 -8.94
N GLU D 435 30.38 32.19 -9.69
CA GLU D 435 29.08 31.95 -9.08
C GLU D 435 29.03 30.65 -8.29
N GLY D 436 30.06 29.81 -8.38
CA GLY D 436 30.08 28.56 -7.67
C GLY D 436 29.43 27.40 -8.39
N PHE D 437 29.02 27.58 -9.65
CA PHE D 437 28.43 26.48 -10.39
C PHE D 437 29.45 25.41 -10.71
N ILE D 438 30.68 25.80 -11.02
CA ILE D 438 31.73 24.85 -11.37
C ILE D 438 32.39 24.30 -10.11
N SER D 445 41.35 21.39 -14.11
CA SER D 445 41.14 22.76 -13.63
C SER D 445 39.68 23.15 -13.71
N LEU D 446 39.33 24.26 -13.06
CA LEU D 446 37.97 24.77 -13.12
C LEU D 446 37.64 25.30 -14.51
N GLU D 447 38.63 25.91 -15.18
CA GLU D 447 38.41 26.41 -16.53
C GLU D 447 38.12 25.27 -17.50
N CYS D 448 38.84 24.16 -17.36
CA CYS D 448 38.59 23.00 -18.24
C CYS D 448 37.17 22.47 -18.04
N LYS D 449 36.72 22.37 -16.79
CA LYS D 449 35.37 21.89 -16.53
C LYS D 449 34.33 22.87 -17.07
N ALA D 450 34.59 24.16 -16.96
CA ALA D 450 33.64 25.16 -17.47
C ALA D 450 33.55 25.10 -19.00
N GLU D 451 34.69 24.96 -19.68
CA GLU D 451 34.65 24.80 -21.14
C GLU D 451 33.97 23.50 -21.53
N ASP D 452 34.17 22.44 -20.73
CA ASP D 452 33.46 21.19 -20.98
C ASP D 452 31.96 21.38 -20.84
N ASN D 453 31.53 22.15 -19.83
CA ASN D 453 30.10 22.43 -19.67
C ASN D 453 29.56 23.22 -20.85
N LEU D 454 30.31 24.22 -21.31
CA LEU D 454 29.87 25.00 -22.46
C LEU D 454 29.76 24.13 -23.71
N ASN D 455 30.75 23.27 -23.94
CA ASN D 455 30.70 22.37 -25.09
C ASN D 455 29.58 21.35 -24.97
N ASP D 456 29.26 20.92 -23.74
CA ASP D 456 28.13 20.03 -23.53
C ASP D 456 26.82 20.72 -23.87
N LEU D 457 26.67 21.99 -23.46
CA LEU D 457 25.48 22.74 -23.82
C LEU D 457 25.38 22.95 -25.33
N ILE D 458 26.52 23.18 -25.98
CA ILE D 458 26.52 23.38 -27.43
C ILE D 458 26.16 22.09 -28.15
N ASN D 459 26.71 20.96 -27.71
CA ASN D 459 26.46 19.69 -28.38
C ASN D 459 24.99 19.31 -28.30
N ARG D 460 24.33 19.62 -27.19
CA ARG D 460 22.90 19.39 -27.02
C ARG D 460 22.06 20.41 -27.79
N ASN D 461 22.69 21.31 -28.54
CA ASN D 461 22.01 22.34 -29.33
C ASN D 461 21.18 23.28 -28.46
N LEU D 462 21.60 23.45 -27.21
CA LEU D 462 20.97 24.43 -26.33
C LEU D 462 21.63 25.80 -26.41
N VAL D 463 22.84 25.88 -26.99
CA VAL D 463 23.57 27.12 -27.14
C VAL D 463 24.14 27.18 -28.54
N MET D 464 24.02 28.33 -29.19
CA MET D 464 24.44 28.53 -30.57
C MET D 464 25.81 29.18 -30.60
N VAL D 465 26.70 28.64 -31.41
CA VAL D 465 28.05 29.20 -31.58
C VAL D 465 28.08 30.05 -32.84
N MET D 466 28.60 31.27 -32.71
CA MET D 466 28.80 32.14 -33.87
C MET D 466 30.27 32.44 -34.13
N GLN D 467 31.00 32.94 -33.15
CA GLN D 467 32.41 33.28 -33.33
C GLN D 467 33.30 32.20 -32.73
N ARG D 468 34.24 31.72 -33.52
CA ARG D 468 35.21 30.72 -33.09
C ARG D 468 36.62 31.27 -33.25
N THR D 469 37.50 30.87 -32.33
CA THR D 469 38.89 31.30 -32.40
C THR D 469 39.56 30.66 -33.62
N SER D 470 40.67 31.28 -34.04
CA SER D 470 41.38 30.81 -35.22
C SER D 470 41.86 29.38 -35.08
N ASP D 471 42.10 28.93 -33.84
CA ASP D 471 42.57 27.58 -33.59
C ASP D 471 41.44 26.58 -33.35
N GLY D 472 40.19 27.00 -33.52
CA GLY D 472 39.05 26.12 -33.37
C GLY D 472 38.28 26.27 -32.08
N GLN D 473 38.81 27.00 -31.10
CA GLN D 473 38.10 27.22 -29.85
C GLN D 473 36.92 28.15 -30.08
N ILE D 474 35.96 28.09 -29.16
CA ILE D 474 34.78 28.95 -29.21
C ILE D 474 35.13 30.30 -28.61
N LYS D 475 34.70 31.37 -29.26
CA LYS D 475 34.94 32.72 -28.80
C LYS D 475 33.70 33.37 -28.22
N THR D 476 32.60 33.41 -28.98
CA THR D 476 31.34 33.97 -28.51
C THR D 476 30.20 33.01 -28.82
N CYS D 477 29.07 33.24 -28.15
CA CYS D 477 27.89 32.40 -28.32
C CYS D 477 26.67 33.20 -27.89
N ARG D 478 25.49 32.67 -28.22
CA ARG D 478 24.24 33.27 -27.76
C ARG D 478 23.19 32.20 -27.61
N LEU D 479 22.10 32.56 -26.96
CA LEU D 479 20.94 31.70 -26.77
C LEU D 479 19.88 32.03 -27.82
N HIS D 480 19.25 31.00 -28.36
CA HIS D 480 18.10 31.24 -29.23
C HIS D 480 16.98 31.87 -28.42
N ASP D 481 16.18 32.70 -29.09
CA ASP D 481 15.20 33.51 -28.37
C ASP D 481 14.19 32.67 -27.63
N MET D 482 13.82 31.50 -28.17
CA MET D 482 12.95 30.61 -27.41
C MET D 482 13.69 30.00 -26.23
N LEU D 483 14.95 29.58 -26.43
CA LEU D 483 15.76 29.13 -25.30
C LEU D 483 16.01 30.26 -24.32
N HIS D 484 16.23 31.48 -24.82
CA HIS D 484 16.42 32.62 -23.92
C HIS D 484 15.18 32.87 -23.07
N GLU D 485 13.99 32.81 -23.70
CA GLU D 485 12.76 32.99 -22.93
C GLU D 485 12.56 31.88 -21.92
N PHE D 486 12.85 30.64 -22.31
CA PHE D 486 12.74 29.52 -21.38
C PHE D 486 13.67 29.71 -20.18
N CYS D 487 14.93 30.05 -20.44
CA CYS D 487 15.89 30.24 -19.36
C CYS D 487 15.47 31.39 -18.45
N ARG D 488 15.06 32.51 -19.05
CA ARG D 488 14.63 33.66 -18.26
C ARG D 488 13.44 33.30 -17.37
N GLN D 489 12.40 32.71 -17.96
CA GLN D 489 11.21 32.36 -17.20
C GLN D 489 11.54 31.38 -16.08
N GLU D 490 12.31 30.33 -16.39
CA GLU D 490 12.62 29.33 -15.39
C GLU D 490 13.43 29.92 -14.25
N ALA D 491 14.54 30.59 -14.57
CA ALA D 491 15.43 31.12 -13.55
C ALA D 491 14.82 32.29 -12.79
N MET D 492 13.80 32.94 -13.33
CA MET D 492 13.16 34.06 -12.66
C MET D 492 11.94 33.65 -11.85
N LYS D 493 11.29 32.55 -12.20
CA LYS D 493 10.08 32.13 -11.50
C LYS D 493 10.28 30.91 -10.62
N GLU D 494 10.84 29.82 -11.17
CA GLU D 494 10.85 28.55 -10.45
C GLU D 494 12.11 28.32 -9.63
N GLU D 495 13.22 28.98 -9.98
CA GLU D 495 14.47 28.78 -9.27
C GLU D 495 14.96 30.02 -8.53
N ASN D 496 14.52 31.22 -8.93
CA ASN D 496 15.02 32.47 -8.37
C ASN D 496 16.53 32.56 -8.52
N LEU D 497 17.05 32.03 -9.63
CA LEU D 497 18.47 32.12 -9.90
C LEU D 497 18.91 33.56 -10.08
N PHE D 498 18.15 34.34 -10.85
CA PHE D 498 18.41 35.76 -11.03
C PHE D 498 17.09 36.45 -11.34
N GLN D 499 17.08 37.77 -11.13
CA GLN D 499 15.91 38.58 -11.39
C GLN D 499 16.31 39.77 -12.26
N GLU D 500 15.58 39.97 -13.35
CA GLU D 500 15.85 41.07 -14.26
C GLU D 500 15.03 42.30 -13.84
N ILE D 501 15.69 43.45 -13.87
CA ILE D 501 15.06 44.69 -13.44
C ILE D 501 14.80 45.61 -14.63
N PHE D 509 10.09 49.24 -10.97
CA PHE D 509 11.22 48.78 -10.16
C PHE D 509 10.73 47.99 -8.95
N PRO D 510 11.44 46.92 -8.60
CA PRO D 510 11.02 46.11 -7.45
C PRO D 510 11.03 46.91 -6.16
N GLY D 511 10.07 46.60 -5.29
CA GLY D 511 9.97 47.28 -4.02
C GLY D 511 10.99 46.80 -3.01
N LYS D 512 11.00 47.46 -1.85
CA LYS D 512 11.92 47.09 -0.79
C LYS D 512 11.62 45.71 -0.24
N ARG D 513 10.34 45.29 -0.25
CA ARG D 513 10.00 43.94 0.17
C ARG D 513 10.40 42.91 -0.87
N GLU D 514 10.29 43.25 -2.15
CA GLU D 514 10.64 42.31 -3.21
C GLU D 514 12.15 42.15 -3.34
N LEU D 515 12.91 43.24 -3.21
CA LEU D 515 14.36 43.17 -3.36
C LEU D 515 15.02 42.41 -2.22
N ALA D 516 14.34 42.23 -1.09
CA ALA D 516 14.90 41.48 0.02
C ALA D 516 14.95 39.99 -0.26
N THR D 517 14.24 39.50 -1.27
CA THR D 517 14.26 38.11 -1.65
C THR D 517 15.11 37.83 -2.88
N TYR D 518 15.53 38.86 -3.61
CA TYR D 518 16.32 38.68 -4.81
C TYR D 518 17.71 38.17 -4.47
N ARG D 519 18.22 37.25 -5.28
CA ARG D 519 19.56 36.69 -5.09
C ARG D 519 20.58 37.27 -6.06
N ARG D 520 20.19 37.48 -7.33
CA ARG D 520 21.05 38.09 -8.31
C ARG D 520 20.25 39.12 -9.10
N LEU D 521 20.92 40.19 -9.51
CA LEU D 521 20.29 41.27 -10.26
C LEU D 521 20.95 41.40 -11.63
N CYS D 522 20.11 41.47 -12.66
CA CYS D 522 20.57 41.76 -14.02
C CYS D 522 19.77 42.94 -14.55
N ILE D 523 20.42 44.09 -14.69
CA ILE D 523 19.79 45.29 -15.21
C ILE D 523 20.68 45.86 -16.31
N HIS D 524 20.09 46.06 -17.49
CA HIS D 524 20.80 46.63 -18.63
C HIS D 524 20.11 47.86 -19.22
N SER D 525 18.88 48.16 -18.82
CA SER D 525 18.17 49.34 -19.27
C SER D 525 17.76 50.18 -18.07
N SER D 526 17.88 51.50 -18.21
CA SER D 526 17.57 52.45 -17.14
C SER D 526 18.37 52.12 -15.87
N VAL D 527 19.67 51.94 -16.04
CA VAL D 527 20.54 51.65 -14.90
C VAL D 527 20.60 52.83 -13.95
N LEU D 528 20.77 54.05 -14.51
CA LEU D 528 20.87 55.24 -13.68
C LEU D 528 19.57 55.51 -12.93
N GLU D 529 18.42 55.30 -13.59
CA GLU D 529 17.14 55.53 -12.93
C GLU D 529 16.95 54.58 -11.75
N PHE D 530 17.31 53.31 -11.91
CA PHE D 530 17.23 52.35 -10.81
C PHE D 530 18.23 52.69 -9.71
N ILE D 531 19.43 53.15 -10.09
CA ILE D 531 20.45 53.45 -9.11
C ILE D 531 20.05 54.66 -8.27
N SER D 532 19.45 55.66 -8.90
CA SER D 532 19.00 56.86 -8.19
C SER D 532 17.93 56.57 -7.14
N THR D 533 17.22 55.44 -7.26
CA THR D 533 16.23 55.06 -6.27
C THR D 533 16.84 54.53 -4.98
N LYS D 534 18.17 54.39 -4.94
CA LYS D 534 18.92 53.89 -3.79
C LYS D 534 18.42 52.50 -3.39
N PRO D 535 18.65 51.48 -4.21
CA PRO D 535 18.21 50.13 -3.84
C PRO D 535 19.05 49.55 -2.73
N SER D 536 18.47 48.58 -2.02
CA SER D 536 19.15 47.95 -0.89
C SER D 536 18.72 46.50 -0.84
N GLY D 537 19.62 45.59 -1.23
CA GLY D 537 19.35 44.17 -1.15
C GLY D 537 20.34 43.46 -0.25
N GLU D 538 19.87 42.95 0.88
CA GLU D 538 20.74 42.29 1.84
C GLU D 538 21.08 40.86 1.47
N HIS D 539 20.38 40.27 0.49
CA HIS D 539 20.66 38.92 0.04
C HIS D 539 21.18 38.85 -1.39
N VAL D 540 21.33 40.00 -2.06
CA VAL D 540 21.78 40.00 -3.45
C VAL D 540 23.25 39.63 -3.48
N ARG D 541 23.58 38.61 -4.27
CA ARG D 541 24.95 38.12 -4.37
C ARG D 541 25.65 38.52 -5.66
N SER D 542 24.90 38.89 -6.70
CA SER D 542 25.48 39.27 -7.98
C SER D 542 24.80 40.52 -8.51
N PHE D 543 25.57 41.37 -9.17
CA PHE D 543 25.07 42.57 -9.82
C PHE D 543 25.59 42.54 -11.26
N LEU D 544 24.72 42.18 -12.19
CA LEU D 544 25.07 42.03 -13.60
C LEU D 544 24.48 43.16 -14.42
N SER D 545 25.30 43.71 -15.32
CA SER D 545 24.84 44.78 -16.20
C SER D 545 25.52 44.58 -17.56
N PHE D 546 24.83 43.92 -18.47
CA PHE D 546 25.36 43.60 -19.79
C PHE D 546 24.67 44.51 -20.80
N SER D 547 25.30 45.65 -21.07
CA SER D 547 24.80 46.60 -22.06
C SER D 547 25.95 47.03 -22.96
N LEU D 548 25.68 47.14 -24.26
CA LEU D 548 26.71 47.53 -25.21
C LEU D 548 26.91 49.05 -25.28
N LYS D 549 26.02 49.83 -24.68
CA LYS D 549 26.17 51.28 -24.63
C LYS D 549 26.82 51.66 -23.31
N LYS D 550 27.88 52.47 -23.39
CA LYS D 550 28.62 52.86 -22.20
C LYS D 550 27.80 53.84 -21.35
N ILE D 551 27.91 53.70 -20.04
CA ILE D 551 27.17 54.51 -19.08
C ILE D 551 28.16 55.17 -18.14
N GLU D 552 28.05 56.49 -18.00
CA GLU D 552 28.87 57.23 -17.04
C GLU D 552 28.12 57.31 -15.71
N MET D 553 28.78 56.91 -14.63
CA MET D 553 28.11 56.74 -13.35
C MET D 553 28.28 58.00 -12.53
N PRO D 554 27.19 58.67 -12.14
CA PRO D 554 27.32 59.95 -11.43
C PRO D 554 28.08 59.81 -10.12
N SER D 555 28.84 60.85 -9.78
CA SER D 555 29.68 60.82 -8.59
C SER D 555 28.84 60.72 -7.32
N VAL D 556 27.70 61.42 -7.28
CA VAL D 556 26.84 61.36 -6.10
C VAL D 556 26.28 59.96 -5.91
N ASP D 557 26.21 59.17 -6.98
CA ASP D 557 25.69 57.82 -6.94
C ASP D 557 26.78 56.75 -6.95
N ILE D 558 28.02 57.13 -6.68
CA ILE D 558 29.12 56.16 -6.76
C ILE D 558 28.96 55.01 -5.76
N PRO D 559 28.72 55.24 -4.46
CA PRO D 559 28.80 54.13 -3.50
C PRO D 559 27.50 53.39 -3.25
N THR D 560 26.46 53.64 -4.05
CA THR D 560 25.15 53.06 -3.73
C THR D 560 25.15 51.54 -3.86
N ILE D 561 25.82 51.01 -4.88
CA ILE D 561 25.84 49.56 -5.10
C ILE D 561 26.59 48.85 -3.96
N PRO D 562 27.80 49.28 -3.57
CA PRO D 562 28.45 48.63 -2.43
C PRO D 562 27.72 48.83 -1.11
N LYS D 563 26.85 49.85 -1.02
CA LYS D 563 26.11 50.08 0.22
C LYS D 563 24.88 49.19 0.31
N GLY D 564 24.01 49.25 -0.70
CA GLY D 564 22.79 48.48 -0.68
C GLY D 564 22.99 46.99 -0.89
N PHE D 565 24.10 46.58 -1.49
CA PHE D 565 24.40 45.18 -1.76
C PHE D 565 25.78 44.86 -1.17
N PRO D 566 25.86 44.67 0.14
CA PRO D 566 27.16 44.41 0.78
C PRO D 566 27.65 42.98 0.66
N LEU D 567 26.81 42.05 0.22
CA LEU D 567 27.18 40.64 0.11
C LEU D 567 27.58 40.25 -1.31
N LEU D 568 27.93 41.23 -2.15
CA LEU D 568 28.20 40.95 -3.55
C LEU D 568 29.35 39.97 -3.73
N ARG D 569 29.12 38.95 -4.55
CA ARG D 569 30.16 38.02 -4.97
C ARG D 569 30.61 38.27 -6.40
N VAL D 570 29.67 38.65 -7.28
CA VAL D 570 29.95 38.96 -8.66
C VAL D 570 29.50 40.39 -8.92
N PHE D 571 30.39 41.20 -9.48
CA PHE D 571 30.11 42.61 -9.78
C PHE D 571 30.61 42.88 -11.20
N ASP D 572 29.71 42.69 -12.18
CA ASP D 572 30.03 42.85 -13.59
C ASP D 572 29.36 44.15 -14.08
N VAL D 573 30.10 45.25 -13.98
CA VAL D 573 29.59 46.55 -14.42
C VAL D 573 30.54 47.15 -15.45
N GLU D 574 31.13 46.29 -16.29
CA GLU D 574 32.10 46.75 -17.29
C GLU D 574 31.47 47.68 -18.33
N SER D 575 30.15 47.88 -18.30
CA SER D 575 29.50 48.86 -19.14
C SER D 575 29.27 50.19 -18.43
N ILE D 576 29.75 50.33 -17.20
CA ILE D 576 29.55 51.52 -16.39
C ILE D 576 30.91 52.09 -16.03
N ASN D 577 31.12 53.37 -16.34
CA ASN D 577 32.36 54.06 -16.04
C ASN D 577 32.33 54.58 -14.60
N PHE D 578 33.34 54.22 -13.82
CA PHE D 578 33.47 54.68 -12.44
C PHE D 578 34.61 55.68 -12.36
N SER D 579 34.29 56.93 -12.05
CA SER D 579 35.30 57.97 -11.95
C SER D 579 36.29 57.69 -10.82
N ARG D 580 35.79 57.25 -9.68
CA ARG D 580 36.62 56.96 -8.53
C ARG D 580 35.98 55.86 -7.70
N PHE D 581 36.79 55.25 -6.83
CA PHE D 581 36.34 54.19 -5.94
C PHE D 581 36.03 54.78 -4.57
N SER D 582 34.80 54.53 -4.10
CA SER D 582 34.40 55.00 -2.79
C SER D 582 34.87 54.02 -1.71
N LYS D 583 34.86 54.49 -0.46
CA LYS D 583 35.33 53.69 0.66
C LYS D 583 34.45 52.45 0.90
N GLU D 584 33.23 52.43 0.38
CA GLU D 584 32.37 51.26 0.53
C GLU D 584 32.73 50.13 -0.41
N PHE D 585 33.45 50.43 -1.50
CA PHE D 585 33.85 49.37 -2.43
C PHE D 585 34.80 48.38 -1.77
N PHE D 586 35.71 48.88 -0.93
CA PHE D 586 36.69 48.01 -0.29
C PHE D 586 36.11 47.22 0.86
N GLN D 587 34.85 47.46 1.22
CA GLN D 587 34.15 46.67 2.24
C GLN D 587 33.47 45.44 1.67
N LEU D 588 33.56 45.23 0.36
CA LEU D 588 32.95 44.06 -0.29
C LEU D 588 33.90 42.87 -0.17
N TYR D 589 33.96 42.32 1.04
CA TYR D 589 34.89 41.23 1.34
C TYR D 589 34.50 39.93 0.67
N HIS D 590 33.25 39.80 0.21
CA HIS D 590 32.77 38.59 -0.43
C HIS D 590 33.02 38.56 -1.94
N LEU D 591 33.60 39.63 -2.49
CA LEU D 591 33.76 39.73 -3.93
C LEU D 591 34.67 38.62 -4.46
N ARG D 592 34.21 37.94 -5.51
CA ARG D 592 34.99 36.96 -6.25
C ARG D 592 35.24 37.37 -7.69
N TYR D 593 34.27 38.03 -8.32
CA TYR D 593 34.38 38.47 -9.71
C TYR D 593 34.13 39.96 -9.75
N ILE D 594 35.16 40.73 -10.04
CA ILE D 594 35.06 42.18 -10.16
C ILE D 594 35.45 42.55 -11.59
N ALA D 595 34.57 43.29 -12.27
CA ALA D 595 34.80 43.70 -13.65
C ALA D 595 34.18 45.10 -13.81
N PHE D 596 35.03 46.11 -13.90
CA PHE D 596 34.58 47.48 -14.03
C PHE D 596 35.31 48.18 -15.15
N SER D 597 34.65 49.18 -15.73
CA SER D 597 35.26 50.03 -16.75
C SER D 597 35.50 51.42 -16.16
N SER D 598 36.51 52.11 -16.70
CA SER D 598 36.85 53.42 -16.21
C SER D 598 37.45 54.25 -17.33
N ASP D 599 37.46 55.56 -17.12
CA ASP D 599 38.01 56.52 -18.08
C ASP D 599 39.23 57.26 -17.55
N THR D 600 39.35 57.44 -16.24
CA THR D 600 40.43 58.24 -15.66
C THR D 600 41.14 57.55 -14.50
N ILE D 601 40.85 56.28 -14.24
CA ILE D 601 41.52 55.56 -13.16
C ILE D 601 42.90 55.12 -13.67
N LYS D 602 43.95 55.77 -13.17
CA LYS D 602 45.32 55.45 -13.55
C LYS D 602 46.05 54.67 -12.46
N ILE D 603 45.38 54.30 -11.39
CA ILE D 603 46.01 53.62 -10.27
C ILE D 603 44.98 52.77 -9.55
N ILE D 604 45.39 51.59 -9.10
CA ILE D 604 44.55 50.70 -8.32
C ILE D 604 44.99 50.81 -6.86
N PRO D 605 44.09 51.14 -5.94
CA PRO D 605 44.51 51.35 -4.55
C PRO D 605 44.99 50.06 -3.89
N LYS D 606 45.88 50.24 -2.90
CA LYS D 606 46.38 49.11 -2.14
C LYS D 606 45.32 48.43 -1.30
N HIS D 607 44.19 49.11 -1.04
CA HIS D 607 43.12 48.53 -0.26
C HIS D 607 42.31 47.49 -1.02
N ILE D 608 42.54 47.37 -2.33
CA ILE D 608 41.93 46.28 -3.08
C ILE D 608 42.44 44.93 -2.59
N GLY D 609 43.72 44.88 -2.18
CA GLY D 609 44.27 43.65 -1.63
C GLY D 609 43.62 43.19 -0.34
N GLU D 610 42.84 44.07 0.30
CA GLU D 610 42.07 43.66 1.46
C GLU D 610 40.98 42.66 1.09
N LEU D 611 40.57 42.61 -0.17
CA LEU D 611 39.60 41.64 -0.66
C LEU D 611 40.35 40.39 -1.08
N TRP D 612 40.37 39.39 -0.21
CA TRP D 612 41.15 38.18 -0.44
C TRP D 612 40.39 37.10 -1.17
N ASN D 613 39.11 37.32 -1.48
CA ASN D 613 38.29 36.34 -2.18
C ASN D 613 38.27 36.55 -3.69
N ILE D 614 38.99 37.55 -4.19
CA ILE D 614 38.92 37.89 -5.61
C ILE D 614 39.48 36.75 -6.46
N GLN D 615 38.71 36.33 -7.46
CA GLN D 615 39.17 35.36 -8.45
C GLN D 615 39.53 36.01 -9.77
N THR D 616 38.65 36.89 -10.28
CA THR D 616 38.87 37.58 -11.54
C THR D 616 38.86 39.07 -11.30
N LEU D 617 39.90 39.76 -11.78
CA LEU D 617 40.05 41.20 -11.65
C LEU D 617 40.19 41.78 -13.05
N ILE D 618 39.11 42.34 -13.59
CA ILE D 618 39.09 42.91 -14.93
C ILE D 618 39.02 44.42 -14.79
N ILE D 619 40.02 45.12 -15.36
CA ILE D 619 40.09 46.57 -15.32
C ILE D 619 40.10 47.05 -16.76
N ASN D 620 38.98 47.61 -17.21
CA ASN D 620 38.83 48.08 -18.59
C ASN D 620 38.92 49.60 -18.56
N THR D 621 40.15 50.12 -18.64
CA THR D 621 40.41 51.54 -18.60
C THR D 621 40.95 52.02 -19.93
N GLN D 622 40.65 53.27 -20.27
CA GLN D 622 41.12 53.88 -21.51
C GLN D 622 42.40 54.67 -21.33
N GLN D 623 42.98 54.65 -20.13
CA GLN D 623 44.29 55.26 -19.93
C GLN D 623 45.38 54.41 -20.58
N ARG D 624 46.46 55.08 -20.99
CA ARG D 624 47.55 54.38 -21.67
C ARG D 624 48.30 53.46 -20.73
N SER D 625 48.52 53.90 -19.49
CA SER D 625 49.26 53.13 -18.51
C SER D 625 48.48 53.06 -17.20
N LEU D 626 48.66 51.95 -16.49
CA LEU D 626 47.99 51.72 -15.22
C LEU D 626 49.01 51.22 -14.20
N ASP D 627 48.88 51.68 -12.96
CA ASP D 627 49.75 51.28 -11.87
C ASP D 627 48.93 50.50 -10.85
N ILE D 628 49.19 49.21 -10.73
CA ILE D 628 48.49 48.35 -9.79
C ILE D 628 49.29 48.35 -8.50
N GLN D 629 48.80 49.07 -7.49
CA GLN D 629 49.46 49.11 -6.19
C GLN D 629 48.94 48.07 -5.21
N ALA D 630 47.82 47.42 -5.53
CA ALA D 630 47.28 46.40 -4.64
C ALA D 630 48.21 45.19 -4.59
N ASN D 631 48.20 44.51 -3.44
CA ASN D 631 49.04 43.33 -3.27
C ASN D 631 48.48 42.16 -4.06
N ILE D 632 48.86 42.09 -5.34
CA ILE D 632 48.36 41.03 -6.22
C ILE D 632 48.80 39.67 -5.70
N TRP D 633 50.06 39.57 -5.27
CA TRP D 633 50.59 38.28 -4.84
C TRP D 633 50.01 37.82 -3.51
N ASN D 634 49.39 38.72 -2.75
CA ASN D 634 48.76 38.34 -1.49
C ASN D 634 47.36 37.76 -1.68
N MET D 635 46.77 37.90 -2.86
CA MET D 635 45.47 37.29 -3.14
C MET D 635 45.71 35.83 -3.47
N GLU D 636 45.40 34.96 -2.51
CA GLU D 636 45.68 33.54 -2.68
C GLU D 636 44.72 32.87 -3.65
N ARG D 637 43.57 33.49 -3.93
CA ARG D 637 42.57 32.90 -4.81
C ARG D 637 42.53 33.55 -6.20
N LEU D 638 43.34 34.58 -6.43
CA LEU D 638 43.33 35.26 -7.71
C LEU D 638 43.85 34.34 -8.81
N ARG D 639 43.12 34.28 -9.92
CA ARG D 639 43.48 33.44 -11.06
C ARG D 639 43.69 34.22 -12.34
N HIS D 640 42.82 35.18 -12.63
CA HIS D 640 42.88 35.95 -13.87
C HIS D 640 42.96 37.44 -13.57
N LEU D 641 43.78 38.15 -14.35
CA LEU D 641 43.93 39.59 -14.24
C LEU D 641 43.96 40.17 -15.65
N HIS D 642 42.83 40.70 -16.10
CA HIS D 642 42.71 41.24 -17.46
C HIS D 642 42.68 42.76 -17.41
N THR D 643 43.63 43.38 -18.10
CA THR D 643 43.65 44.83 -18.28
C THR D 643 43.90 45.13 -19.74
N ASN D 644 43.33 46.22 -20.22
CA ASN D 644 43.56 46.69 -21.59
C ASN D 644 44.65 47.75 -21.66
N SER D 645 45.25 48.10 -20.52
CA SER D 645 46.33 49.07 -20.44
C SER D 645 47.60 48.37 -19.95
N SER D 646 48.70 49.12 -19.92
CA SER D 646 49.99 48.59 -19.50
C SER D 646 50.06 48.62 -17.97
N ALA D 647 49.44 47.61 -17.36
CA ALA D 647 49.44 47.50 -15.91
C ALA D 647 50.84 47.23 -15.39
N LYS D 648 51.19 47.88 -14.28
CA LYS D 648 52.49 47.72 -13.64
C LYS D 648 52.28 47.01 -12.31
N LEU D 649 52.65 45.73 -12.26
CA LEU D 649 52.47 44.94 -11.06
C LEU D 649 53.43 45.41 -9.97
N PRO D 650 53.04 45.27 -8.69
CA PRO D 650 53.95 45.63 -7.61
C PRO D 650 55.15 44.68 -7.55
N VAL D 651 56.26 45.20 -7.03
CA VAL D 651 57.49 44.44 -6.91
C VAL D 651 57.32 43.31 -5.91
N GLN D 665 50.27 31.10 -6.99
CA GLN D 665 50.21 29.75 -7.53
C GLN D 665 48.98 29.57 -8.40
N SER D 666 47.85 30.13 -7.96
CA SER D 666 46.60 30.00 -8.68
C SER D 666 46.47 30.96 -9.85
N LEU D 667 47.44 31.87 -10.03
CA LEU D 667 47.36 32.81 -11.13
C LEU D 667 47.55 32.10 -12.46
N GLN D 668 46.63 32.33 -13.39
CA GLN D 668 46.67 31.71 -14.71
C GLN D 668 46.77 32.68 -15.86
N THR D 669 46.40 33.94 -15.68
CA THR D 669 46.41 34.93 -16.76
C THR D 669 46.94 36.25 -16.23
N LEU D 670 47.86 36.86 -16.99
CA LEU D 670 48.38 38.20 -16.72
C LEU D 670 48.36 38.94 -18.05
N SER D 671 47.25 39.61 -18.34
CA SER D 671 47.03 40.23 -19.64
C SER D 671 47.55 41.67 -19.64
N THR D 672 48.43 41.98 -20.59
CA THR D 672 48.91 43.32 -20.85
C THR D 672 49.52 43.95 -19.60
N ILE D 673 50.60 43.33 -19.13
CA ILE D 673 51.40 43.91 -18.06
C ILE D 673 52.58 44.64 -18.69
N ALA D 674 53.18 45.53 -17.92
CA ALA D 674 54.32 46.29 -18.42
C ALA D 674 55.58 45.42 -18.41
N PRO D 675 56.48 45.58 -19.38
CA PRO D 675 57.72 44.79 -19.38
C PRO D 675 58.62 45.10 -18.20
N GLU D 676 58.47 46.26 -17.57
CA GLU D 676 59.17 46.52 -16.31
C GLU D 676 58.68 45.60 -15.20
N SER D 677 57.48 45.02 -15.36
CA SER D 677 56.95 44.04 -14.43
C SER D 677 57.20 42.61 -14.89
N CYS D 678 58.05 42.42 -15.90
CA CYS D 678 58.40 41.10 -16.41
C CYS D 678 59.70 40.60 -15.77
N THR D 679 59.97 41.00 -14.53
CA THR D 679 61.20 40.63 -13.86
C THR D 679 61.16 39.14 -13.48
N GLU D 680 62.34 38.63 -13.11
CA GLU D 680 62.43 37.24 -12.65
C GLU D 680 61.67 37.05 -11.35
N GLU D 681 61.71 38.04 -10.45
CA GLU D 681 61.03 37.93 -9.17
C GLU D 681 59.52 37.80 -9.37
N VAL D 682 58.94 38.62 -10.25
CA VAL D 682 57.50 38.57 -10.49
C VAL D 682 57.11 37.24 -11.11
N PHE D 683 57.87 36.79 -12.11
CA PHE D 683 57.54 35.54 -12.78
C PHE D 683 57.81 34.32 -11.90
N ALA D 684 58.59 34.47 -10.83
CA ALA D 684 58.80 33.37 -9.90
C ALA D 684 57.61 33.15 -8.98
N ARG D 685 56.75 34.16 -8.83
CA ARG D 685 55.55 34.01 -8.00
C ARG D 685 54.39 33.36 -8.73
N THR D 686 54.48 33.21 -10.06
CA THR D 686 53.40 32.68 -10.88
C THR D 686 53.93 31.51 -11.70
N PRO D 687 54.10 30.33 -11.08
CA PRO D 687 54.60 29.18 -11.83
C PRO D 687 53.56 28.54 -12.73
N ASN D 688 52.27 28.77 -12.49
CA ASN D 688 51.20 28.12 -13.23
C ASN D 688 50.62 29.00 -14.34
N LEU D 689 51.27 30.13 -14.64
CA LEU D 689 50.74 31.04 -15.64
C LEU D 689 50.67 30.36 -17.01
N LYS D 690 49.54 30.53 -17.68
CA LYS D 690 49.32 29.95 -19.01
C LYS D 690 49.16 30.98 -20.11
N LYS D 691 48.60 32.14 -19.80
CA LYS D 691 48.42 33.21 -20.78
C LYS D 691 49.07 34.48 -20.25
N LEU D 692 49.89 35.11 -21.09
CA LEU D 692 50.61 36.31 -20.70
C LEU D 692 50.60 37.32 -21.84
N GLY D 693 50.36 38.58 -21.51
CA GLY D 693 50.39 39.65 -22.49
C GLY D 693 51.16 40.84 -21.97
N ILE D 694 51.78 41.55 -22.90
CA ILE D 694 52.58 42.74 -22.58
C ILE D 694 52.25 43.83 -23.58
N ARG D 695 51.94 45.03 -23.08
CA ARG D 695 51.55 46.18 -23.90
C ARG D 695 52.32 47.42 -23.43
N GLY D 696 53.62 47.27 -23.24
CA GLY D 696 54.40 48.29 -22.57
C GLY D 696 55.62 48.81 -23.30
N LYS D 697 55.51 49.09 -24.61
CA LYS D 697 56.66 49.53 -25.42
C LYS D 697 57.73 48.44 -25.46
N ILE D 698 57.38 47.37 -26.17
CA ILE D 698 58.13 46.10 -26.25
C ILE D 698 59.63 46.33 -26.41
N ALA D 699 60.02 47.47 -26.97
CA ALA D 699 61.44 47.74 -27.16
C ALA D 699 62.23 47.73 -25.86
N VAL D 700 61.57 47.89 -24.72
CA VAL D 700 62.25 47.79 -23.43
C VAL D 700 62.83 46.39 -23.24
N LEU D 701 62.05 45.36 -23.55
CA LEU D 701 62.52 43.99 -23.45
C LEU D 701 62.67 43.35 -24.82
N VAL D 712 60.39 35.43 -19.11
CA VAL D 712 59.29 34.57 -19.53
C VAL D 712 59.79 33.15 -19.74
N LYS D 713 61.12 32.97 -19.67
CA LYS D 713 61.69 31.65 -19.87
C LYS D 713 61.30 30.69 -18.76
N LYS D 714 61.19 31.18 -17.52
CA LYS D 714 60.85 30.34 -16.39
C LYS D 714 59.40 29.85 -16.42
N LEU D 715 58.56 30.44 -17.24
CA LEU D 715 57.15 30.03 -17.36
C LEU D 715 57.09 28.78 -18.22
N GLU D 716 57.20 27.62 -17.57
CA GLU D 716 57.24 26.36 -18.29
C GLU D 716 55.86 25.83 -18.67
N SER D 717 54.78 26.47 -18.22
CA SER D 717 53.43 26.09 -18.59
C SER D 717 52.77 27.11 -19.51
N LEU D 718 53.50 28.12 -19.97
CA LEU D 718 52.92 29.16 -20.81
C LEU D 718 52.54 28.61 -22.17
N GLU D 719 51.37 29.01 -22.65
CA GLU D 719 50.89 28.64 -23.98
C GLU D 719 50.57 29.85 -24.86
N ASN D 720 50.04 30.91 -24.27
CA ASN D 720 49.67 32.12 -25.00
C ASN D 720 50.61 33.25 -24.61
N LEU D 721 51.20 33.92 -25.60
CA LEU D 721 52.05 35.07 -25.39
C LEU D 721 51.63 36.18 -26.34
N LYS D 722 51.48 37.40 -25.82
CA LYS D 722 51.09 38.55 -26.61
C LYS D 722 52.03 39.71 -26.31
N LEU D 723 52.62 40.28 -27.36
CA LEU D 723 53.47 41.45 -27.23
C LEU D 723 52.89 42.56 -28.09
N ILE D 724 52.51 43.66 -27.45
CA ILE D 724 51.90 44.80 -28.14
C ILE D 724 52.79 46.01 -27.92
N ASN D 725 53.18 46.66 -29.02
CA ASN D 725 54.06 47.82 -28.95
C ASN D 725 53.26 49.12 -29.02
N ARG D 735 64.27 44.10 -32.87
CA ARG D 735 64.87 42.88 -33.40
C ARG D 735 64.64 41.72 -32.44
N LEU D 736 64.17 40.59 -32.98
CA LEU D 736 63.87 39.44 -32.16
C LEU D 736 65.16 38.84 -31.60
N PRO D 737 65.13 38.33 -30.37
CA PRO D 737 66.32 37.68 -29.80
C PRO D 737 66.46 36.28 -30.36
N PRO D 738 67.57 35.59 -30.05
CA PRO D 738 67.73 34.21 -30.51
C PRO D 738 66.56 33.32 -30.06
N SER D 739 66.30 32.28 -30.86
CA SER D 739 65.12 31.46 -30.66
C SER D 739 65.16 30.66 -29.35
N TYR D 740 66.33 30.51 -28.73
CA TYR D 740 66.41 29.76 -27.49
C TYR D 740 66.01 30.58 -26.27
N ILE D 741 65.73 31.87 -26.46
CA ILE D 741 65.29 32.71 -25.33
C ILE D 741 63.79 32.54 -25.10
N PHE D 742 63.02 32.42 -26.18
CA PHE D 742 61.58 32.28 -26.05
C PHE D 742 61.22 30.94 -25.40
N PRO D 743 60.08 30.88 -24.73
CA PRO D 743 59.67 29.60 -24.10
C PRO D 743 59.50 28.51 -25.14
N THR D 744 59.89 27.29 -24.76
CA THR D 744 59.85 26.15 -25.67
C THR D 744 58.47 25.49 -25.74
N LYS D 745 57.59 25.78 -24.79
CA LYS D 745 56.26 25.19 -24.77
C LYS D 745 55.18 26.13 -25.30
N LEU D 746 55.58 27.23 -25.94
CA LEU D 746 54.61 28.18 -26.45
C LEU D 746 53.80 27.58 -27.60
N ARG D 747 52.48 27.71 -27.52
CA ARG D 747 51.58 27.21 -28.55
C ARG D 747 51.00 28.31 -29.42
N LYS D 748 50.64 29.44 -28.84
CA LYS D 748 50.10 30.57 -29.58
C LYS D 748 50.90 31.83 -29.23
N LEU D 749 51.34 32.55 -30.25
CA LEU D 749 52.08 33.79 -30.07
C LEU D 749 51.50 34.85 -31.00
N SER D 750 51.23 36.03 -30.46
CA SER D 750 50.69 37.14 -31.23
C SER D 750 51.57 38.38 -31.03
N LEU D 751 51.98 38.99 -32.14
CA LEU D 751 52.79 40.20 -32.10
C LEU D 751 52.02 41.34 -32.73
N VAL D 752 51.88 42.44 -31.99
CA VAL D 752 51.12 43.60 -32.43
C VAL D 752 52.02 44.83 -32.38
N ASP D 753 52.05 45.58 -33.49
CA ASP D 753 52.75 46.86 -33.60
C ASP D 753 54.26 46.76 -33.39
N THR D 754 54.81 45.55 -33.41
CA THR D 754 56.24 45.38 -33.19
C THR D 754 57.05 45.75 -34.43
N TRP D 758 61.09 41.28 -42.07
CA TRP D 758 60.34 40.08 -42.40
C TRP D 758 61.21 38.83 -42.25
N ASN D 759 62.53 39.02 -42.38
CA ASN D 759 63.46 37.90 -42.23
C ASN D 759 63.58 37.43 -40.79
N ASP D 760 63.02 38.17 -39.83
CA ASP D 760 63.07 37.76 -38.43
C ASP D 760 62.16 36.59 -38.13
N MET D 761 61.27 36.23 -39.05
CA MET D 761 60.39 35.09 -38.84
C MET D 761 61.15 33.77 -38.79
N SER D 762 62.40 33.73 -39.24
CA SER D 762 63.22 32.53 -39.07
C SER D 762 63.41 32.19 -37.60
N ILE D 763 63.36 33.20 -36.72
CA ILE D 763 63.44 32.93 -35.28
C ILE D 763 62.18 32.22 -34.80
N LEU D 764 61.00 32.68 -35.25
CA LEU D 764 59.76 32.02 -34.88
C LEU D 764 59.61 30.65 -35.52
N GLY D 765 60.30 30.40 -36.64
CA GLY D 765 60.22 29.10 -37.27
C GLY D 765 60.82 28.00 -36.40
N GLN D 766 61.90 28.31 -35.68
CA GLN D 766 62.56 27.31 -34.84
C GLN D 766 61.68 26.86 -33.68
N MET D 767 60.59 27.56 -33.39
CA MET D 767 59.65 27.15 -32.34
C MET D 767 59.01 25.83 -32.74
N GLU D 768 59.40 24.76 -32.06
CA GLU D 768 58.93 23.42 -32.43
C GLU D 768 57.50 23.15 -32.01
N HIS D 769 56.95 23.95 -31.09
CA HIS D 769 55.60 23.73 -30.59
C HIS D 769 54.63 24.86 -30.92
N LEU D 770 55.06 25.88 -31.66
CA LEU D 770 54.15 26.96 -32.03
C LEU D 770 53.14 26.49 -33.06
N GLU D 771 51.86 26.74 -32.79
CA GLU D 771 50.79 26.31 -33.67
C GLU D 771 49.95 27.44 -34.22
N VAL D 772 49.82 28.56 -33.50
CA VAL D 772 49.08 29.72 -33.97
C VAL D 772 50.00 30.93 -33.89
N LEU D 773 50.10 31.66 -35.00
CA LEU D 773 50.93 32.87 -35.08
C LEU D 773 50.10 33.98 -35.70
N LYS D 774 49.80 35.00 -34.91
CA LYS D 774 48.94 36.10 -35.33
C LYS D 774 49.77 37.37 -35.41
N LEU D 775 49.74 38.03 -36.57
CA LEU D 775 50.43 39.30 -36.79
C LEU D 775 49.39 40.36 -37.10
N LYS D 776 49.19 41.28 -36.16
CA LYS D 776 48.14 42.28 -36.27
C LYS D 776 48.72 43.68 -36.14
N GLU D 777 48.14 44.62 -36.88
CA GLU D 777 48.41 46.05 -36.74
C GLU D 777 49.91 46.34 -36.84
N ASN D 778 50.45 46.05 -38.04
CA ASN D 778 51.84 46.32 -38.38
C ASN D 778 52.79 45.45 -37.55
N GLY D 779 52.41 44.20 -37.34
CA GLY D 779 53.23 43.31 -36.52
C GLY D 779 54.57 43.00 -37.17
N PHE D 780 54.56 42.72 -38.47
CA PHE D 780 55.77 42.42 -39.22
C PHE D 780 55.82 43.31 -40.45
N MET D 781 56.74 44.26 -40.47
CA MET D 781 56.85 45.23 -41.55
C MET D 781 58.09 44.94 -42.39
N GLY D 782 57.91 44.90 -43.70
CA GLY D 782 59.02 44.66 -44.62
C GLY D 782 58.49 44.59 -46.04
N GLU D 783 59.44 44.56 -46.98
CA GLU D 783 59.10 44.51 -48.40
C GLU D 783 59.20 43.10 -48.96
N CYS D 784 60.35 42.44 -48.76
CA CYS D 784 60.58 41.11 -49.30
C CYS D 784 60.71 40.11 -48.16
N TRP D 785 59.92 39.04 -48.23
CA TRP D 785 59.99 37.95 -47.28
C TRP D 785 60.21 36.65 -48.03
N GLU D 786 61.27 35.93 -47.68
CA GLU D 786 61.57 34.62 -48.24
C GLU D 786 61.49 33.60 -47.11
N SER D 787 60.66 32.58 -47.30
CA SER D 787 60.46 31.56 -46.27
C SER D 787 61.72 30.70 -46.14
N VAL D 788 62.34 30.73 -44.97
CA VAL D 788 63.54 29.96 -44.67
C VAL D 788 63.31 29.00 -43.51
N GLY D 789 62.78 29.52 -42.39
CA GLY D 789 62.57 28.68 -41.23
C GLY D 789 61.48 27.64 -41.44
N GLY D 790 61.54 26.58 -40.64
CA GLY D 790 60.59 25.50 -40.75
C GLY D 790 59.57 25.47 -39.63
N PHE D 791 58.33 25.83 -39.95
CA PHE D 791 57.23 25.81 -38.98
C PHE D 791 56.65 24.40 -38.94
N CYS D 792 57.33 23.53 -38.19
CA CYS D 792 56.96 22.12 -38.15
C CYS D 792 55.64 21.88 -37.43
N SER D 793 55.17 22.84 -36.61
CA SER D 793 53.94 22.66 -35.85
C SER D 793 52.89 23.71 -36.15
N LEU D 794 53.17 24.71 -36.98
CA LEU D 794 52.22 25.79 -37.21
C LEU D 794 50.98 25.27 -37.93
N LEU D 795 49.81 25.66 -37.44
CA LEU D 795 48.53 25.33 -38.05
C LEU D 795 47.79 26.55 -38.57
N VAL D 796 47.89 27.69 -37.89
CA VAL D 796 47.20 28.91 -38.26
C VAL D 796 48.22 30.02 -38.43
N LEU D 797 48.15 30.70 -39.57
CA LEU D 797 49.00 31.87 -39.85
C LEU D 797 48.08 33.07 -40.06
N TRP D 798 48.22 34.08 -39.21
CA TRP D 798 47.36 35.26 -39.23
C TRP D 798 48.23 36.48 -39.45
N ILE D 799 48.00 37.20 -40.55
CA ILE D 799 48.72 38.42 -40.89
C ILE D 799 47.71 39.52 -41.12
N GLU D 800 47.91 40.66 -40.45
CA GLU D 800 46.96 41.76 -40.53
C GLU D 800 47.71 43.09 -40.64
N ARG D 801 47.29 43.93 -41.59
CA ARG D 801 47.79 45.30 -41.73
C ARG D 801 49.31 45.32 -41.88
N THR D 802 49.78 44.73 -42.96
CA THR D 802 51.21 44.69 -43.26
C THR D 802 51.46 45.24 -44.66
N ASP D 803 52.70 45.67 -44.88
CA ASP D 803 53.13 46.19 -46.17
C ASP D 803 53.89 45.16 -47.00
N LEU D 804 53.69 43.87 -46.72
CA LEU D 804 54.40 42.83 -47.43
C LEU D 804 54.05 42.86 -48.91
N VAL D 805 55.08 42.84 -49.76
CA VAL D 805 54.89 42.91 -51.21
C VAL D 805 55.24 41.56 -51.83
N SER D 806 56.46 41.10 -51.61
CA SER D 806 56.96 39.87 -52.20
C SER D 806 57.07 38.80 -51.12
N TRP D 807 56.39 37.67 -51.34
CA TRP D 807 56.40 36.55 -50.41
C TRP D 807 56.63 35.28 -51.20
N LYS D 808 57.72 34.58 -50.91
CA LYS D 808 58.05 33.31 -51.55
C LYS D 808 58.09 32.22 -50.48
N ALA D 809 57.39 31.12 -50.73
CA ALA D 809 57.33 30.02 -49.79
C ALA D 809 57.12 28.72 -50.53
N SER D 810 57.43 27.62 -49.86
CA SER D 810 57.25 26.27 -50.41
C SER D 810 56.51 25.43 -49.38
N ALA D 811 56.04 24.25 -49.85
CA ALA D 811 55.28 23.36 -48.98
C ALA D 811 56.12 22.81 -47.83
N ASP D 812 57.44 22.83 -47.95
CA ASP D 812 58.29 22.28 -46.89
C ASP D 812 58.36 23.19 -45.68
N HIS D 813 58.19 24.51 -45.87
CA HIS D 813 58.29 25.44 -44.75
C HIS D 813 57.03 25.48 -43.89
N PHE D 814 55.89 25.04 -44.42
CA PHE D 814 54.64 24.97 -43.67
C PHE D 814 54.03 23.59 -43.85
N PRO D 815 54.67 22.56 -43.28
CA PRO D 815 54.15 21.19 -43.46
C PRO D 815 52.78 20.98 -42.86
N ARG D 816 52.44 21.66 -41.77
CA ARG D 816 51.21 21.40 -41.03
C ARG D 816 50.20 22.54 -41.14
N LEU D 817 50.37 23.46 -42.09
CA LEU D 817 49.48 24.61 -42.18
C LEU D 817 48.07 24.17 -42.54
N LYS D 818 47.09 24.73 -41.83
CA LYS D 818 45.68 24.47 -42.08
C LYS D 818 44.88 25.75 -42.29
N HIS D 819 45.20 26.82 -41.58
CA HIS D 819 44.43 28.06 -41.61
C HIS D 819 45.34 29.21 -42.00
N LEU D 820 44.90 30.01 -42.96
CA LEU D 820 45.67 31.17 -43.41
C LEU D 820 44.71 32.35 -43.55
N VAL D 821 45.00 33.44 -42.84
CA VAL D 821 44.15 34.62 -42.82
C VAL D 821 45.00 35.83 -43.16
N LEU D 822 44.58 36.59 -44.17
CA LEU D 822 45.26 37.82 -44.57
C LEU D 822 44.22 38.92 -44.69
N ILE D 823 44.28 39.90 -43.79
CA ILE D 823 43.33 41.01 -43.75
C ILE D 823 44.10 42.32 -43.94
N CYS D 824 43.66 43.12 -44.91
CA CYS D 824 44.20 44.46 -45.13
C CYS D 824 45.72 44.45 -45.30
N CYS D 825 46.21 43.45 -46.04
CA CYS D 825 47.64 43.35 -46.30
C CYS D 825 48.11 44.43 -47.25
N ILE D 831 50.89 35.88 -53.36
CA ILE D 831 50.72 34.59 -52.69
C ILE D 831 51.39 33.50 -53.50
N PRO D 832 52.52 32.99 -52.99
CA PRO D 832 53.25 31.95 -53.73
C PRO D 832 52.42 30.68 -53.87
N ILE D 833 52.53 30.05 -55.05
CA ILE D 833 51.83 28.78 -55.29
C ILE D 833 52.79 27.69 -54.86
N GLY D 834 52.83 27.44 -53.54
CA GLY D 834 53.55 26.33 -52.99
C GLY D 834 52.76 25.70 -51.87
N LEU D 835 51.62 26.32 -51.54
CA LEU D 835 50.75 25.86 -50.47
C LEU D 835 49.72 24.86 -50.95
N ALA D 836 49.55 24.69 -52.26
CA ALA D 836 48.66 23.67 -52.77
C ALA D 836 49.19 22.27 -52.55
N ASP D 837 50.50 22.13 -52.30
CA ASP D 837 51.11 20.84 -52.01
C ASP D 837 51.01 20.46 -50.54
N ILE D 838 50.43 21.32 -49.70
CA ILE D 838 50.27 21.02 -48.28
C ILE D 838 49.06 20.13 -48.10
N ARG D 839 49.26 18.98 -47.44
CA ARG D 839 48.16 18.04 -47.26
C ARG D 839 47.08 18.60 -46.34
N SER D 840 47.49 19.31 -45.29
CA SER D 840 46.57 19.78 -44.27
C SER D 840 45.95 21.14 -44.58
N PHE D 841 46.34 21.79 -45.67
CA PHE D 841 45.81 23.10 -46.02
C PHE D 841 44.38 22.93 -46.54
N GLN D 842 43.39 23.31 -45.73
CA GLN D 842 41.99 23.16 -46.09
C GLN D 842 41.17 24.43 -45.95
N VAL D 843 41.63 25.42 -45.21
CA VAL D 843 40.88 26.66 -45.00
C VAL D 843 41.80 27.84 -45.27
N MET D 844 41.39 28.72 -46.18
CA MET D 844 42.12 29.95 -46.46
C MET D 844 41.14 31.11 -46.46
N GLU D 845 41.46 32.16 -45.72
CA GLU D 845 40.60 33.32 -45.59
C GLU D 845 41.31 34.55 -46.16
N LEU D 846 40.59 35.30 -46.99
CA LEU D 846 41.12 36.51 -47.61
C LEU D 846 40.16 37.66 -47.38
N GLN D 847 40.69 38.88 -47.46
CA GLN D 847 39.91 40.09 -47.22
C GLN D 847 40.32 41.11 -48.26
N ASN D 848 39.95 42.37 -48.03
CA ASN D 848 40.20 43.42 -49.01
C ASN D 848 41.68 43.55 -49.31
N SER D 849 42.02 43.54 -50.59
CA SER D 849 43.40 43.62 -51.08
C SER D 849 43.34 43.80 -52.59
N THR D 850 44.52 43.78 -53.21
CA THR D 850 44.60 43.86 -54.66
C THR D 850 43.99 42.62 -55.30
N LYS D 851 43.47 42.78 -56.52
CA LYS D 851 42.82 41.67 -57.21
C LYS D 851 43.81 40.57 -57.58
N THR D 852 45.11 40.87 -57.61
CA THR D 852 46.09 39.84 -57.89
C THR D 852 46.12 38.79 -56.77
N ALA D 853 45.97 39.23 -55.52
CA ALA D 853 45.89 38.29 -54.41
C ALA D 853 44.65 37.42 -54.53
N ALA D 854 43.52 38.01 -54.94
CA ALA D 854 42.30 37.22 -55.14
C ALA D 854 42.49 36.20 -56.26
N ILE D 855 43.16 36.59 -57.35
CA ILE D 855 43.43 35.67 -58.43
C ILE D 855 44.32 34.52 -57.96
N SER D 856 45.34 34.83 -57.16
CA SER D 856 46.21 33.78 -56.63
C SER D 856 45.44 32.84 -55.72
N ALA D 857 44.56 33.39 -54.87
CA ALA D 857 43.75 32.55 -53.99
C ALA D 857 42.81 31.65 -54.79
N ARG D 858 42.19 32.20 -55.85
CA ARG D 858 41.31 31.40 -56.68
C ARG D 858 42.08 30.29 -57.39
N GLY D 859 43.28 30.59 -57.88
CA GLY D 859 44.10 29.58 -58.49
C GLY D 859 44.50 28.48 -57.52
N ILE D 860 44.83 28.87 -56.28
CA ILE D 860 45.16 27.88 -55.25
C ILE D 860 43.95 27.00 -54.96
N ARG D 861 42.76 27.61 -54.88
CA ARG D 861 41.55 26.83 -54.66
C ARG D 861 41.30 25.85 -55.81
N ASP D 862 41.56 26.29 -57.05
CA ASP D 862 41.41 25.39 -58.19
C ASP D 862 42.37 24.21 -58.09
N LYS D 863 43.60 24.46 -57.67
CA LYS D 863 44.58 23.40 -57.50
C LYS D 863 44.34 22.63 -56.20
N GLY D 876 37.62 19.31 -47.83
CA GLY D 876 37.43 20.25 -48.92
C GLY D 876 37.99 21.62 -48.63
N PHE D 877 38.59 22.24 -49.66
CA PHE D 877 39.16 23.57 -49.49
C PHE D 877 38.06 24.61 -49.29
N LYS D 878 38.31 25.54 -48.37
CA LYS D 878 37.37 26.63 -48.08
C LYS D 878 38.09 27.96 -48.30
N LEU D 879 37.69 28.67 -49.34
CA LEU D 879 38.27 29.96 -49.69
C LEU D 879 37.18 31.02 -49.71
N SER D 880 37.43 32.14 -49.02
CA SER D 880 36.51 33.27 -49.00
C SER D 880 37.32 34.54 -49.21
N ILE D 881 36.96 35.33 -50.22
CA ILE D 881 37.64 36.57 -50.55
C ILE D 881 36.62 37.69 -50.52
N PHE D 882 36.96 38.77 -49.83
CA PHE D 882 36.09 39.94 -49.75
C PHE D 882 36.88 41.23 -49.97
N VAL E 27 30.95 6.73 33.99
CA VAL E 27 31.49 6.82 32.65
C VAL E 27 31.46 5.43 31.99
N LYS E 28 31.62 4.39 32.81
CA LYS E 28 31.61 3.03 32.28
C LYS E 28 30.25 2.67 31.70
N ASP E 29 29.17 2.98 32.43
CA ASP E 29 27.83 2.70 31.92
C ASP E 29 27.55 3.53 30.68
N SER E 30 28.06 4.76 30.63
CA SER E 30 27.97 5.56 29.42
C SER E 30 28.70 4.89 28.27
N ALA E 31 29.85 4.28 28.56
CA ALA E 31 30.57 3.55 27.53
C ALA E 31 29.77 2.37 27.01
N GLU E 32 29.09 1.65 27.91
CA GLU E 32 28.25 0.54 27.46
C GLU E 32 27.09 1.02 26.60
N SER E 33 26.44 2.12 27.00
CA SER E 33 25.34 2.65 26.20
C SER E 33 25.82 3.12 24.83
N LEU E 34 26.98 3.78 24.79
CA LEU E 34 27.54 4.20 23.50
C LEU E 34 27.93 2.99 22.65
N LEU E 35 28.42 1.92 23.29
CA LEU E 35 28.72 0.69 22.56
C LEU E 35 27.46 0.10 21.95
N GLN E 36 26.35 0.10 22.69
CA GLN E 36 25.09 -0.40 22.14
C GLN E 36 24.64 0.45 20.96
N ASP E 37 24.72 1.77 21.10
CA ASP E 37 24.34 2.66 19.99
C ASP E 37 25.22 2.42 18.77
N LEU E 38 26.53 2.25 18.98
CA LEU E 38 27.45 2.00 17.89
C LEU E 38 27.16 0.66 17.23
N ASN E 39 26.80 -0.36 18.03
CA ASN E 39 26.46 -1.65 17.45
C ASN E 39 25.21 -1.56 16.58
N ASP E 40 24.18 -0.84 17.04
CA ASP E 40 22.99 -0.67 16.22
C ASP E 40 23.30 0.09 14.93
N PHE E 41 24.12 1.14 15.03
CA PHE E 41 24.47 1.91 13.83
C PHE E 41 25.31 1.08 12.87
N ASN E 42 26.21 0.26 13.40
CA ASN E 42 27.00 -0.63 12.55
C ASN E 42 26.12 -1.65 11.85
N ALA E 43 25.13 -2.19 12.55
CA ALA E 43 24.17 -3.10 11.91
C ALA E 43 23.41 -2.40 10.81
N PHE E 44 23.00 -1.15 11.05
CA PHE E 44 22.31 -0.38 10.01
C PHE E 44 23.21 -0.17 8.81
N LEU E 45 24.47 0.18 9.04
CA LEU E 45 25.41 0.40 7.93
C LEU E 45 25.64 -0.88 7.16
N LYS E 46 25.72 -2.02 7.85
CA LYS E 46 25.88 -3.30 7.17
C LYS E 46 24.65 -3.64 6.35
N GLN E 47 23.46 -3.27 6.82
CA GLN E 47 22.25 -3.57 6.08
C GLN E 47 22.12 -2.72 4.83
N THR E 48 22.41 -1.41 4.93
CA THR E 48 22.28 -0.54 3.77
C THR E 48 23.36 -0.79 2.72
N ALA E 49 24.46 -1.43 3.09
CA ALA E 49 25.50 -1.74 2.12
C ALA E 49 25.08 -2.84 1.14
N LYS E 50 23.96 -3.52 1.39
CA LYS E 50 23.47 -4.56 0.51
C LYS E 50 22.82 -4.01 -0.76
N SER E 51 22.51 -2.71 -0.80
CA SER E 51 21.88 -2.11 -1.95
C SER E 51 22.47 -0.72 -2.19
N ARG E 52 22.67 -0.38 -3.46
CA ARG E 52 23.16 0.94 -3.83
C ARG E 52 21.98 1.90 -3.97
N THR E 53 22.04 3.01 -3.25
CA THR E 53 20.96 3.99 -3.23
C THR E 53 21.37 5.22 -4.04
N GLU E 54 20.48 5.66 -4.93
CA GLU E 54 20.68 6.87 -5.70
C GLU E 54 20.05 8.10 -5.05
N ASN E 55 19.37 7.93 -3.93
CA ASN E 55 18.74 9.05 -3.24
C ASN E 55 19.79 9.88 -2.53
N ASP E 56 19.85 11.17 -2.85
CA ASP E 56 20.88 12.03 -2.26
C ASP E 56 20.66 12.23 -0.77
N VAL E 57 19.40 12.32 -0.33
CA VAL E 57 19.12 12.45 1.10
C VAL E 57 19.59 11.20 1.85
N HIS E 58 19.33 10.02 1.27
CA HIS E 58 19.79 8.78 1.89
C HIS E 58 21.31 8.71 1.93
N LYS E 59 21.97 9.15 0.87
CA LYS E 59 23.44 9.16 0.85
C LYS E 59 23.99 10.09 1.92
N GLU E 60 23.41 11.28 2.07
CA GLU E 60 23.86 12.20 3.09
C GLU E 60 23.62 11.63 4.49
N LEU E 61 22.48 10.97 4.70
CA LEU E 61 22.22 10.34 5.99
C LEU E 61 23.23 9.23 6.28
N VAL E 62 23.58 8.45 5.27
CA VAL E 62 24.56 7.38 5.45
C VAL E 62 25.93 7.96 5.80
N LYS E 63 26.32 9.05 5.13
CA LYS E 63 27.58 9.70 5.46
C LYS E 63 27.58 10.22 6.89
N LYS E 64 26.48 10.84 7.31
CA LYS E 64 26.38 11.35 8.68
C LYS E 64 26.48 10.22 9.69
N ILE E 65 25.81 9.10 9.41
CA ILE E 65 25.85 7.96 10.32
C ILE E 65 27.25 7.37 10.39
N LYS E 66 27.94 7.30 9.25
CA LYS E 66 29.31 6.82 9.25
C LYS E 66 30.23 7.73 10.07
N THR E 67 30.05 9.04 9.94
CA THR E 67 30.84 9.98 10.74
C THR E 67 30.59 9.78 12.23
N VAL E 68 29.32 9.63 12.62
CA VAL E 68 28.99 9.42 14.02
C VAL E 68 29.56 8.09 14.52
N VAL E 69 29.54 7.07 13.67
CA VAL E 69 30.11 5.77 14.04
C VAL E 69 31.60 5.89 14.29
N ASN E 70 32.30 6.62 13.42
CA ASN E 70 33.73 6.82 13.60
C ASN E 70 34.01 7.58 14.89
N SER E 71 33.23 8.63 15.16
CA SER E 71 33.43 9.39 16.40
C SER E 71 33.20 8.51 17.63
N ALA E 72 32.16 7.69 17.59
CA ALA E 72 31.89 6.79 18.73
C ALA E 72 33.02 5.79 18.91
N GLU E 73 33.55 5.24 17.82
CA GLU E 73 34.65 4.30 17.92
C GLU E 73 35.87 4.96 18.55
N ASP E 74 36.20 6.18 18.11
CA ASP E 74 37.35 6.88 18.68
C ASP E 74 37.14 7.15 20.17
N ALA E 75 35.93 7.57 20.55
CA ALA E 75 35.66 7.84 21.97
C ALA E 75 35.78 6.57 22.80
N ILE E 76 35.25 5.46 22.29
CA ILE E 76 35.30 4.21 23.05
C ILE E 76 36.73 3.72 23.19
N ASP E 77 37.53 3.80 22.13
CA ASP E 77 38.93 3.40 22.23
C ASP E 77 39.71 4.31 23.19
N LYS E 78 39.42 5.62 23.17
CA LYS E 78 40.07 6.51 24.13
C LYS E 78 39.71 6.13 25.57
N PHE E 79 38.44 5.83 25.81
CA PHE E 79 38.03 5.42 27.15
C PHE E 79 38.70 4.12 27.56
N VAL E 80 38.82 3.18 26.62
CA VAL E 80 39.47 1.90 26.91
C VAL E 80 40.94 2.12 27.27
N ILE E 81 41.63 2.99 26.53
CA ILE E 81 43.03 3.25 26.81
C ILE E 81 43.20 3.91 28.18
N GLU E 82 42.32 4.88 28.50
CA GLU E 82 42.39 5.52 29.81
C GLU E 82 42.08 4.53 30.94
N ALA E 83 41.12 3.64 30.71
CA ALA E 83 40.81 2.63 31.73
C ALA E 83 41.99 1.69 31.95
N LYS E 84 42.66 1.28 30.87
CA LYS E 84 43.84 0.45 31.01
C LYS E 84 44.95 1.18 31.74
N LEU E 85 45.12 2.47 31.46
CA LEU E 85 46.15 3.27 32.13
C LEU E 85 45.76 3.60 33.57
N VAL E 103 39.97 11.89 30.96
CA VAL E 103 38.77 11.23 31.46
C VAL E 103 37.60 12.19 31.40
N TYR E 104 37.80 13.41 31.89
CA TYR E 104 36.76 14.43 31.82
C TYR E 104 36.43 14.77 30.37
N ASP E 105 37.46 14.97 29.55
CA ASP E 105 37.23 15.20 28.13
C ASP E 105 36.61 13.99 27.46
N VAL E 106 37.02 12.79 27.88
CA VAL E 106 36.43 11.57 27.34
C VAL E 106 34.95 11.50 27.69
N ALA E 107 34.60 11.85 28.93
CA ALA E 107 33.20 11.86 29.32
C ALA E 107 32.40 12.88 28.52
N GLY E 108 32.96 14.08 28.32
CA GLY E 108 32.26 15.07 27.52
C GLY E 108 32.05 14.60 26.08
N GLU E 109 33.07 13.99 25.49
CA GLU E 109 32.95 13.47 24.13
C GLU E 109 31.90 12.37 24.06
N ILE E 110 31.87 11.48 25.06
CA ILE E 110 30.89 10.41 25.07
C ILE E 110 29.47 10.98 25.16
N LYS E 111 29.28 11.97 26.05
CA LYS E 111 27.96 12.59 26.17
C LYS E 111 27.53 13.25 24.87
N THR E 112 28.44 13.98 24.22
CA THR E 112 28.05 14.67 23.00
C THR E 112 27.79 13.69 21.85
N ILE E 113 28.51 12.57 21.81
CA ILE E 113 28.28 11.59 20.76
C ILE E 113 26.94 10.88 21.00
N ARG E 114 26.62 10.58 22.26
CA ARG E 114 25.31 9.99 22.55
C ARG E 114 24.18 10.95 22.19
N ASP E 115 24.36 12.24 22.48
CA ASP E 115 23.35 13.22 22.09
C ASP E 115 23.20 13.29 20.57
N LYS E 116 24.32 13.23 19.85
CA LYS E 116 24.26 13.21 18.38
C LYS E 116 23.52 11.98 17.87
N VAL E 117 23.77 10.82 18.49
CA VAL E 117 23.07 9.59 18.09
C VAL E 117 21.58 9.74 18.31
N LYS E 118 21.17 10.27 19.47
CA LYS E 118 19.75 10.47 19.74
C LYS E 118 19.13 11.44 18.74
N GLU E 119 19.85 12.52 18.43
CA GLU E 119 19.33 13.49 17.45
C GLU E 119 19.15 12.85 16.08
N ILE E 120 20.12 12.06 15.64
CA ILE E 120 20.02 11.39 14.35
C ILE E 120 18.84 10.42 14.35
N ARG E 121 18.68 9.66 15.43
CA ARG E 121 17.59 8.69 15.50
C ARG E 121 16.23 9.38 15.48
N LEU E 122 16.11 10.52 16.17
CA LEU E 122 14.83 11.21 16.23
C LEU E 122 14.49 11.90 14.91
N ASN E 123 15.48 12.58 14.31
CA ASN E 123 15.19 13.42 13.15
C ASN E 123 14.88 12.59 11.92
N ASN E 124 15.67 11.56 11.66
CA ASN E 124 15.61 10.83 10.39
C ASN E 124 15.06 9.41 10.55
N ALA E 125 14.03 9.24 11.39
CA ALA E 125 13.47 7.90 11.60
C ALA E 125 12.87 7.32 10.33
N LEU E 126 12.13 8.14 9.57
CA LEU E 126 11.52 7.67 8.34
C LEU E 126 12.58 7.31 7.29
N ASP E 127 13.62 8.13 7.16
CA ASP E 127 14.71 7.81 6.24
C ASP E 127 15.44 6.55 6.68
N LEU E 128 15.62 6.38 8.00
CA LEU E 128 16.26 5.17 8.51
C LEU E 128 15.44 3.93 8.16
N GLN E 129 14.11 4.02 8.31
CA GLN E 129 13.26 2.89 7.97
C GLN E 129 13.27 2.62 6.47
N ALA E 130 13.31 3.67 5.66
CA ALA E 130 13.30 3.50 4.21
C ALA E 130 14.63 3.02 3.66
N LEU E 131 15.71 3.10 4.45
CA LEU E 131 17.04 2.74 3.96
C LEU E 131 17.39 1.27 4.17
N GLN E 132 16.56 0.51 4.87
CA GLN E 132 16.85 -0.90 5.09
C GLN E 132 16.34 -1.75 3.93
N ARG E 144 16.62 -6.89 -18.14
CA ARG E 144 17.73 -7.67 -18.68
C ARG E 144 18.14 -7.09 -20.04
N LYS E 145 19.41 -6.70 -20.15
CA LYS E 145 19.95 -6.07 -21.35
C LYS E 145 21.23 -6.78 -21.77
N PRO E 146 21.14 -7.74 -22.69
CA PRO E 146 22.35 -8.39 -23.18
C PRO E 146 23.28 -7.39 -23.81
N PRO E 147 24.59 -7.57 -23.67
CA PRO E 147 25.54 -6.57 -24.16
C PRO E 147 25.55 -6.48 -25.67
N VAL E 148 25.85 -5.29 -26.16
CA VAL E 148 26.09 -5.04 -27.58
C VAL E 148 27.58 -4.79 -27.75
N VAL E 149 28.25 -5.68 -28.48
CA VAL E 149 29.70 -5.64 -28.63
C VAL E 149 30.04 -5.33 -30.08
N GLU E 150 31.32 -5.03 -30.31
CA GLU E 150 31.78 -4.70 -31.65
C GLU E 150 31.81 -5.94 -32.52
N GLU E 151 31.31 -5.80 -33.76
CA GLU E 151 31.31 -6.88 -34.73
C GLU E 151 32.16 -6.60 -35.95
N ASP E 152 32.50 -5.34 -36.22
CA ASP E 152 33.22 -4.98 -37.45
C ASP E 152 34.71 -4.74 -37.19
N ASP E 153 35.03 -3.84 -36.27
CA ASP E 153 36.42 -3.43 -36.03
C ASP E 153 36.87 -4.02 -34.69
N VAL E 154 37.35 -5.26 -34.73
CA VAL E 154 37.87 -5.94 -33.54
C VAL E 154 39.37 -6.10 -33.76
N VAL E 155 40.16 -5.47 -32.89
CA VAL E 155 41.61 -5.42 -33.05
C VAL E 155 42.26 -6.32 -32.01
N GLY E 156 43.27 -7.08 -32.45
CA GLY E 156 44.09 -7.87 -31.56
C GLY E 156 43.57 -9.28 -31.33
N PHE E 157 42.32 -9.57 -31.63
CA PHE E 157 41.72 -10.86 -31.33
C PHE E 157 41.84 -11.85 -32.48
N GLU E 158 42.62 -11.54 -33.51
CA GLU E 158 42.73 -12.44 -34.66
C GLU E 158 43.44 -13.73 -34.30
N GLU E 159 44.43 -13.68 -33.40
CA GLU E 159 45.15 -14.89 -33.00
C GLU E 159 44.47 -15.62 -31.84
N GLU E 160 43.89 -14.87 -30.90
CA GLU E 160 43.15 -15.51 -29.81
C GLU E 160 41.94 -16.25 -30.35
N ALA E 161 41.26 -15.68 -31.36
CA ALA E 161 40.12 -16.36 -31.95
C ALA E 161 40.54 -17.67 -32.60
N ASP E 162 41.66 -17.67 -33.33
CA ASP E 162 42.14 -18.90 -33.94
C ASP E 162 42.53 -19.92 -32.88
N LYS E 163 43.16 -19.47 -31.79
CA LYS E 163 43.52 -20.38 -30.71
C LYS E 163 42.29 -21.05 -30.12
N VAL E 164 41.27 -20.25 -29.78
CA VAL E 164 40.06 -20.80 -29.18
C VAL E 164 39.31 -21.68 -30.17
N ILE E 165 39.33 -21.32 -31.46
CA ILE E 165 38.66 -22.13 -32.47
C ILE E 165 39.34 -23.48 -32.61
N ASN E 166 40.68 -23.50 -32.67
CA ASN E 166 41.39 -24.77 -32.74
C ASN E 166 41.21 -25.59 -31.47
N ARG E 167 40.99 -24.92 -30.34
CA ARG E 167 40.62 -25.65 -29.13
C ARG E 167 39.22 -26.24 -29.24
N LEU E 168 38.30 -25.54 -29.91
CA LEU E 168 36.94 -26.03 -30.07
C LEU E 168 36.87 -27.15 -31.09
N LEU E 169 37.60 -27.02 -32.20
CA LEU E 169 37.53 -28.01 -33.28
C LEU E 169 38.34 -29.27 -32.99
N GLY E 170 39.14 -29.28 -31.93
CA GLY E 170 39.94 -30.43 -31.57
C GLY E 170 39.64 -30.87 -30.14
N GLY E 171 39.70 -32.17 -29.92
CA GLY E 171 39.46 -32.73 -28.61
C GLY E 171 38.85 -34.12 -28.73
N SER E 172 38.23 -34.56 -27.64
CA SER E 172 37.60 -35.87 -27.59
C SER E 172 36.22 -35.79 -28.25
N SER E 173 35.46 -36.87 -28.15
CA SER E 173 34.11 -36.92 -28.70
C SER E 173 33.04 -36.58 -27.68
N GLY E 174 33.42 -36.20 -26.46
CA GLY E 174 32.45 -35.81 -25.46
C GLY E 174 32.19 -34.31 -25.46
N LEU E 175 31.22 -33.91 -24.65
CA LEU E 175 30.86 -32.50 -24.53
C LEU E 175 31.93 -31.79 -23.72
N GLU E 176 32.80 -31.06 -24.40
CA GLU E 176 33.87 -30.30 -23.75
C GLU E 176 33.51 -28.82 -23.70
N VAL E 177 34.11 -28.14 -22.73
CA VAL E 177 33.87 -26.73 -22.48
C VAL E 177 35.17 -25.96 -22.68
N VAL E 178 35.09 -24.82 -23.34
CA VAL E 178 36.22 -23.92 -23.48
C VAL E 178 35.90 -22.65 -22.71
N PRO E 179 36.38 -22.50 -21.48
CA PRO E 179 36.06 -21.32 -20.68
C PRO E 179 37.01 -20.17 -20.92
N VAL E 180 36.44 -18.98 -21.10
CA VAL E 180 37.19 -17.75 -21.30
C VAL E 180 37.02 -16.90 -20.05
N VAL E 181 38.12 -16.68 -19.34
CA VAL E 181 38.12 -15.92 -18.10
C VAL E 181 38.90 -14.63 -18.34
N GLY E 182 38.54 -13.58 -17.62
CA GLY E 182 39.23 -12.33 -17.82
C GLY E 182 38.70 -11.23 -16.93
N MET E 183 39.34 -10.08 -17.07
CA MET E 183 38.99 -8.88 -16.32
C MET E 183 37.65 -8.31 -16.77
N PRO E 184 36.96 -7.57 -15.90
CA PRO E 184 35.76 -6.84 -16.33
C PRO E 184 36.04 -5.89 -17.49
N GLY E 185 35.40 -6.13 -18.63
CA GLY E 185 35.63 -5.32 -19.80
C GLY E 185 36.82 -5.74 -20.64
N LEU E 186 37.38 -6.93 -20.39
CA LEU E 186 38.53 -7.38 -21.17
C LEU E 186 38.17 -7.63 -22.62
N GLY E 187 36.97 -8.11 -22.89
CA GLY E 187 36.56 -8.40 -24.25
C GLY E 187 36.18 -9.85 -24.46
N LYS E 188 35.75 -10.52 -23.39
CA LYS E 188 35.38 -11.93 -23.51
C LYS E 188 34.16 -12.10 -24.41
N THR E 189 33.17 -11.22 -24.28
CA THR E 189 31.99 -11.30 -25.14
C THR E 189 32.34 -11.00 -26.58
N THR E 190 33.24 -10.05 -26.81
CA THR E 190 33.65 -9.73 -28.17
C THR E 190 34.36 -10.91 -28.83
N LEU E 191 35.27 -11.56 -28.10
CA LEU E 191 35.95 -12.73 -28.64
C LEU E 191 34.97 -13.87 -28.87
N ALA E 192 34.03 -14.08 -27.94
CA ALA E 192 33.04 -15.13 -28.10
C ALA E 192 32.16 -14.88 -29.31
N ASN E 193 31.82 -13.62 -29.56
CA ASN E 193 31.02 -13.28 -30.75
C ASN E 193 31.82 -13.45 -32.03
N LYS E 194 33.11 -13.11 -31.99
CA LYS E 194 33.95 -13.30 -33.17
C LYS E 194 34.09 -14.78 -33.51
N ILE E 195 34.26 -15.63 -32.49
CA ILE E 195 34.32 -17.07 -32.72
C ILE E 195 32.97 -17.60 -33.18
N TYR E 196 31.89 -17.10 -32.57
CA TYR E 196 30.55 -17.59 -32.87
C TYR E 196 30.16 -17.35 -34.32
N LYS E 197 30.63 -16.25 -34.90
CA LYS E 197 30.32 -15.90 -36.29
C LYS E 197 31.47 -16.20 -37.24
N HIS E 198 32.47 -16.94 -36.80
CA HIS E 198 33.60 -17.27 -37.67
C HIS E 198 33.16 -18.25 -38.76
N PRO E 199 33.68 -18.10 -39.98
CA PRO E 199 33.30 -19.05 -41.05
C PRO E 199 33.62 -20.50 -40.74
N ASP E 200 34.79 -20.77 -40.13
CA ASP E 200 35.15 -22.15 -39.80
C ASP E 200 34.20 -22.73 -38.76
N ILE E 201 33.86 -21.94 -37.74
CA ILE E 201 32.92 -22.41 -36.72
C ILE E 201 31.55 -22.66 -37.33
N GLY E 202 31.11 -21.77 -38.21
CA GLY E 202 29.81 -21.95 -38.85
C GLY E 202 29.78 -23.17 -39.75
N TYR E 203 30.90 -23.46 -40.42
CA TYR E 203 30.94 -24.63 -41.29
C TYR E 203 31.01 -25.92 -40.49
N GLN E 204 31.80 -25.94 -39.41
CA GLN E 204 31.97 -27.18 -38.65
C GLN E 204 30.77 -27.51 -37.78
N PHE E 205 30.15 -26.50 -37.17
CA PHE E 205 29.05 -26.70 -36.25
C PHE E 205 27.73 -26.42 -36.96
N PHE E 206 26.88 -27.45 -37.03
CA PHE E 206 25.58 -27.28 -37.69
C PHE E 206 24.66 -26.37 -36.88
N THR E 207 24.64 -26.55 -35.56
CA THR E 207 23.78 -25.77 -34.67
C THR E 207 24.65 -24.88 -33.80
N ARG E 208 24.36 -23.58 -33.81
CA ARG E 208 25.05 -22.63 -32.95
C ARG E 208 24.00 -21.84 -32.16
N ILE E 209 24.12 -21.87 -30.84
CA ILE E 209 23.17 -21.23 -29.94
C ILE E 209 23.93 -20.27 -29.03
N TRP E 210 23.45 -19.04 -28.94
CA TRP E 210 24.02 -18.02 -28.05
C TRP E 210 23.05 -17.80 -26.90
N VAL E 211 23.46 -18.19 -25.71
CA VAL E 211 22.67 -18.02 -24.49
C VAL E 211 23.33 -16.95 -23.64
N TYR E 212 22.55 -15.96 -23.22
CA TYR E 212 23.05 -14.88 -22.38
C TYR E 212 22.62 -15.14 -20.95
N VAL E 213 23.51 -15.79 -20.19
CA VAL E 213 23.32 -15.89 -18.75
C VAL E 213 23.83 -14.61 -18.09
N SER E 214 23.34 -14.33 -16.90
CA SER E 214 23.81 -13.17 -16.15
C SER E 214 23.67 -13.47 -14.67
N GLN E 215 23.79 -12.44 -13.84
CA GLN E 215 23.52 -12.60 -12.42
C GLN E 215 22.05 -12.95 -12.19
N SER E 216 21.16 -12.33 -12.94
CA SER E 216 19.72 -12.55 -12.85
C SER E 216 19.26 -13.23 -14.12
N TYR E 217 18.75 -14.46 -13.99
CA TYR E 217 18.23 -15.19 -15.14
C TYR E 217 17.13 -16.12 -14.66
N ARG E 218 16.26 -16.49 -15.59
CA ARG E 218 15.19 -17.45 -15.34
C ARG E 218 15.40 -18.66 -16.23
N ARG E 219 15.45 -19.85 -15.61
CA ARG E 219 15.73 -21.06 -16.36
C ARG E 219 14.61 -21.38 -17.34
N ARG E 220 13.35 -21.16 -16.93
CA ARG E 220 12.23 -21.38 -17.83
C ARG E 220 12.30 -20.46 -19.03
N GLU E 221 12.60 -19.18 -18.80
CA GLU E 221 12.72 -18.23 -19.91
C GLU E 221 13.86 -18.62 -20.84
N LEU E 222 15.02 -19.00 -20.28
CA LEU E 222 16.14 -19.41 -21.12
C LEU E 222 15.81 -20.65 -21.94
N PHE E 223 15.17 -21.64 -21.32
CA PHE E 223 14.81 -22.86 -22.04
C PHE E 223 13.79 -22.60 -23.13
N LEU E 224 12.82 -21.71 -22.88
CA LEU E 224 11.85 -21.37 -23.91
C LEU E 224 12.48 -20.54 -25.03
N ASN E 225 13.50 -19.75 -24.71
CA ASN E 225 14.24 -19.04 -25.74
C ASN E 225 15.03 -20.01 -26.62
N ILE E 226 15.64 -21.02 -26.00
CA ILE E 226 16.38 -22.02 -26.78
C ILE E 226 15.42 -22.85 -27.63
N ILE E 227 14.24 -23.17 -27.09
CA ILE E 227 13.27 -23.96 -27.84
C ILE E 227 12.78 -23.21 -29.07
N SER E 228 12.58 -21.89 -28.95
CA SER E 228 12.08 -21.09 -30.06
C SER E 228 13.01 -21.12 -31.26
N LYS E 229 14.28 -21.45 -31.05
CA LYS E 229 15.22 -21.58 -32.17
C LYS E 229 14.98 -22.85 -32.99
N PHE E 230 14.16 -23.77 -32.50
CA PHE E 230 13.87 -25.01 -33.21
C PHE E 230 12.41 -25.14 -33.64
N THR E 231 11.48 -24.59 -32.87
CA THR E 231 10.06 -24.67 -33.21
C THR E 231 9.42 -23.32 -32.94
N ARG E 232 8.36 -23.02 -33.70
CA ARG E 232 7.61 -21.79 -33.52
C ARG E 232 6.36 -21.97 -32.68
N ASN E 233 5.87 -23.20 -32.54
CA ASN E 233 4.71 -23.49 -31.68
C ASN E 233 5.23 -23.76 -30.29
N THR E 234 5.53 -22.69 -29.57
CA THR E 234 6.00 -22.78 -28.20
C THR E 234 4.88 -22.74 -27.18
N LYS E 235 3.63 -22.69 -27.64
CA LYS E 235 2.48 -22.71 -26.75
C LYS E 235 2.12 -24.11 -26.29
N GLN E 236 2.76 -25.14 -26.86
CA GLN E 236 2.57 -26.50 -26.39
C GLN E 236 3.38 -26.82 -25.15
N TYR E 237 4.24 -25.89 -24.72
CA TYR E 237 5.09 -26.09 -23.55
C TYR E 237 4.64 -25.27 -22.35
N HIS E 238 3.39 -24.78 -22.37
CA HIS E 238 2.94 -23.88 -21.32
C HIS E 238 2.74 -24.60 -19.99
N ASP E 239 2.62 -25.93 -20.01
CA ASP E 239 2.37 -26.69 -18.80
C ASP E 239 3.49 -27.67 -18.45
N MET E 240 4.46 -27.87 -19.32
CA MET E 240 5.59 -28.74 -19.00
C MET E 240 6.53 -28.07 -18.01
N CYS E 241 7.17 -28.88 -17.17
CA CYS E 241 8.11 -28.38 -16.21
C CYS E 241 9.45 -28.05 -16.88
N GLU E 242 10.31 -27.37 -16.14
CA GLU E 242 11.61 -26.98 -16.69
C GLU E 242 12.46 -28.20 -17.05
N GLU E 243 12.30 -29.31 -16.33
CA GLU E 243 13.04 -30.51 -16.67
C GLU E 243 12.54 -31.11 -17.98
N ASP E 244 11.23 -31.06 -18.22
CA ASP E 244 10.69 -31.51 -19.50
C ASP E 244 11.14 -30.59 -20.63
N LEU E 245 11.25 -29.28 -20.35
CA LEU E 245 11.80 -28.36 -21.33
C LEU E 245 13.25 -28.70 -21.66
N ALA E 246 14.03 -29.03 -20.63
CA ALA E 246 15.42 -29.44 -20.85
C ALA E 246 15.50 -30.72 -21.67
N ASP E 247 14.60 -31.67 -21.41
CA ASP E 247 14.58 -32.90 -22.20
C ASP E 247 14.21 -32.62 -23.65
N GLU E 248 13.27 -31.70 -23.88
CA GLU E 248 12.92 -31.30 -25.24
C GLU E 248 14.11 -30.66 -25.94
N ILE E 249 14.84 -29.81 -25.23
CA ILE E 249 16.04 -29.19 -25.80
C ILE E 249 17.09 -30.25 -26.11
N GLU E 250 17.22 -31.25 -25.23
CA GLU E 250 18.14 -32.35 -25.48
C GLU E 250 17.78 -33.10 -26.75
N ASP E 251 16.49 -33.38 -26.94
CA ASP E 251 16.06 -34.04 -28.17
C ASP E 251 16.34 -33.17 -29.39
N PHE E 252 16.05 -31.87 -29.29
CA PHE E 252 16.29 -30.97 -30.41
C PHE E 252 17.76 -30.92 -30.79
N LEU E 253 18.64 -30.86 -29.79
CA LEU E 253 20.08 -30.80 -30.06
C LEU E 253 20.64 -32.13 -30.52
N GLY E 254 20.07 -33.25 -30.07
CA GLY E 254 20.53 -34.55 -30.52
C GLY E 254 20.01 -34.98 -31.88
N LYS E 255 18.94 -34.33 -32.36
CA LYS E 255 18.42 -34.68 -33.68
C LYS E 255 19.44 -34.36 -34.77
N GLY E 256 20.13 -33.24 -34.66
CA GLY E 256 21.08 -32.79 -35.66
C GLY E 256 22.47 -33.36 -35.46
N GLY E 257 23.46 -32.57 -35.83
CA GLY E 257 24.87 -32.94 -35.69
C GLY E 257 25.51 -32.30 -34.49
N LYS E 258 26.76 -31.88 -34.66
CA LYS E 258 27.47 -31.18 -33.59
C LYS E 258 26.85 -29.81 -33.35
N TYR E 259 26.87 -29.39 -32.09
CA TYR E 259 26.34 -28.08 -31.71
C TYR E 259 27.39 -27.32 -30.91
N LEU E 260 27.42 -26.00 -31.13
CA LEU E 260 28.22 -25.08 -30.33
C LEU E 260 27.28 -24.16 -29.57
N ILE E 261 27.53 -24.00 -28.28
CA ILE E 261 26.69 -23.18 -27.42
C ILE E 261 27.57 -22.21 -26.66
N VAL E 262 27.23 -20.93 -26.72
CA VAL E 262 27.98 -19.87 -26.06
C VAL E 262 27.16 -19.42 -24.85
N LEU E 263 27.62 -19.80 -23.66
CA LEU E 263 27.01 -19.37 -22.41
C LEU E 263 27.74 -18.12 -21.93
N ASP E 264 27.17 -16.96 -22.22
CA ASP E 264 27.80 -15.69 -21.93
C ASP E 264 27.52 -15.26 -20.49
N ASP E 265 28.55 -14.77 -19.81
CA ASP E 265 28.43 -14.15 -18.49
C ASP E 265 27.81 -15.11 -17.47
N VAL E 266 28.51 -16.21 -17.22
CA VAL E 266 28.16 -17.12 -16.14
C VAL E 266 28.85 -16.65 -14.87
N TRP E 267 28.09 -16.54 -13.78
CA TRP E 267 28.61 -15.94 -12.56
C TRP E 267 28.83 -16.92 -11.43
N SER E 268 28.14 -18.05 -11.41
CA SER E 268 28.31 -19.04 -10.37
C SER E 268 28.28 -20.44 -10.97
N PRO E 269 28.95 -21.41 -10.35
CA PRO E 269 28.84 -22.80 -10.82
C PRO E 269 27.44 -23.37 -10.70
N ASP E 270 26.62 -22.83 -9.79
CA ASP E 270 25.25 -23.31 -9.66
C ASP E 270 24.45 -23.06 -10.92
N ALA E 271 24.59 -21.88 -11.51
CA ALA E 271 23.91 -21.58 -12.77
C ALA E 271 24.41 -22.50 -13.89
N TRP E 272 25.71 -22.76 -13.93
CA TRP E 272 26.27 -23.67 -14.92
C TRP E 272 25.68 -25.06 -14.79
N GLU E 273 25.55 -25.55 -13.55
CA GLU E 273 24.99 -26.89 -13.35
C GLU E 273 23.50 -26.93 -13.68
N ARG E 274 22.77 -25.85 -13.36
CA ARG E 274 21.34 -25.84 -13.63
C ARG E 274 21.06 -25.77 -15.13
N ILE E 275 21.84 -24.98 -15.87
CA ILE E 275 21.60 -24.84 -17.30
C ILE E 275 22.14 -26.03 -18.08
N ARG E 276 23.18 -26.70 -17.56
CA ARG E 276 23.83 -27.79 -18.29
C ARG E 276 22.93 -28.98 -18.53
N ILE E 277 21.81 -29.09 -17.79
CA ILE E 277 20.93 -30.25 -17.90
C ILE E 277 20.19 -30.31 -19.22
N ALA E 278 20.26 -29.25 -20.04
CA ALA E 278 19.57 -29.21 -21.31
C ALA E 278 20.47 -29.57 -22.49
N PHE E 279 21.74 -29.85 -22.26
CA PHE E 279 22.68 -30.10 -23.36
C PHE E 279 23.09 -31.56 -23.38
N PRO E 280 22.72 -32.32 -24.40
CA PRO E 280 23.06 -33.74 -24.42
C PRO E 280 24.53 -34.00 -24.67
N ASN E 281 25.00 -35.15 -24.18
CA ASN E 281 26.36 -35.64 -24.44
C ASN E 281 26.19 -36.95 -25.20
N ASN E 282 26.08 -36.85 -26.53
CA ASN E 282 25.77 -37.99 -27.39
C ASN E 282 26.97 -38.48 -28.17
N ASN E 283 28.16 -38.40 -27.57
CA ASN E 283 29.40 -38.88 -28.17
C ASN E 283 29.70 -38.21 -29.51
N LYS E 284 29.22 -37.00 -29.70
CA LYS E 284 29.64 -36.15 -30.80
C LYS E 284 30.47 -34.99 -30.26
N SER E 285 31.32 -34.44 -31.11
CA SER E 285 32.21 -33.38 -30.67
C SER E 285 31.43 -32.09 -30.42
N ASN E 286 30.54 -32.13 -29.44
CA ASN E 286 29.77 -30.95 -29.08
C ASN E 286 30.56 -30.08 -28.12
N ARG E 287 30.50 -28.77 -28.32
CA ARG E 287 31.34 -27.84 -27.58
C ARG E 287 30.49 -26.78 -26.92
N ILE E 288 30.98 -26.27 -25.79
CA ILE E 288 30.37 -25.16 -25.08
C ILE E 288 31.44 -24.09 -24.88
N LEU E 289 31.13 -22.86 -25.30
CA LEU E 289 32.02 -21.73 -25.10
C LEU E 289 31.48 -20.90 -23.94
N LEU E 290 32.30 -20.69 -22.92
CA LEU E 290 31.85 -20.07 -21.68
C LEU E 290 32.74 -18.87 -21.37
N THR E 291 32.11 -17.72 -21.12
CA THR E 291 32.81 -16.50 -20.74
C THR E 291 32.37 -16.11 -19.34
N THR E 292 33.34 -15.88 -18.46
CA THR E 292 33.05 -15.58 -17.07
C THR E 292 34.15 -14.70 -16.49
N ARG E 293 33.79 -13.97 -15.42
CA ARG E 293 34.77 -13.19 -14.69
C ARG E 293 35.47 -13.99 -13.61
N ASP E 294 34.77 -14.94 -12.98
CA ASP E 294 35.33 -15.72 -11.89
C ASP E 294 36.06 -16.95 -12.43
N SER E 295 37.23 -17.22 -11.86
CA SER E 295 38.01 -18.40 -12.25
C SER E 295 37.41 -19.70 -11.71
N LYS E 296 36.61 -19.63 -10.65
CA LYS E 296 36.01 -20.84 -10.10
C LYS E 296 35.01 -21.47 -11.07
N VAL E 297 34.25 -20.65 -11.79
CA VAL E 297 33.27 -21.18 -12.73
C VAL E 297 33.95 -21.89 -13.90
N ALA E 298 35.20 -21.57 -14.18
CA ALA E 298 35.93 -22.20 -15.27
C ALA E 298 36.58 -23.52 -14.87
N LYS E 299 36.51 -23.90 -13.60
CA LYS E 299 37.15 -25.13 -13.13
C LYS E 299 36.10 -26.18 -12.75
N PRO E 308 41.63 -23.33 -18.37
CA PRO E 308 40.82 -22.29 -19.00
C PRO E 308 41.60 -21.47 -20.02
N HIS E 309 40.95 -20.44 -20.57
CA HIS E 309 41.59 -19.54 -21.52
C HIS E 309 41.56 -18.14 -20.92
N ASP E 310 42.73 -17.67 -20.48
CA ASP E 310 42.86 -16.31 -19.95
C ASP E 310 43.04 -15.35 -21.11
N LEU E 311 42.03 -14.50 -21.34
CA LEU E 311 42.06 -13.60 -22.48
C LEU E 311 43.18 -12.57 -22.33
N LYS E 312 43.82 -12.24 -23.44
CA LYS E 312 44.95 -11.34 -23.44
C LYS E 312 44.50 -9.88 -23.31
N PHE E 313 45.46 -9.02 -23.00
CA PHE E 313 45.28 -7.59 -23.03
C PHE E 313 45.79 -7.02 -24.35
N LEU E 314 45.15 -5.96 -24.82
CA LEU E 314 45.62 -5.29 -26.02
C LEU E 314 46.98 -4.65 -25.77
N THR E 315 47.84 -4.70 -26.78
CA THR E 315 49.15 -4.06 -26.66
C THR E 315 48.99 -2.55 -26.83
N GLU E 316 50.12 -1.83 -26.70
CA GLU E 316 50.08 -0.38 -26.85
C GLU E 316 49.72 0.01 -28.28
N ASP E 317 50.31 -0.65 -29.27
CA ASP E 317 49.97 -0.39 -30.65
C ASP E 317 48.51 -0.74 -30.94
N GLU E 318 48.04 -1.88 -30.41
CA GLU E 318 46.64 -2.26 -30.60
C GLU E 318 45.71 -1.29 -29.90
N SER E 319 46.09 -0.80 -28.72
CA SER E 319 45.29 0.20 -28.04
C SER E 319 45.17 1.48 -28.86
N TRP E 320 46.29 1.95 -29.42
CA TRP E 320 46.24 3.14 -30.25
C TRP E 320 45.42 2.91 -31.51
N ILE E 321 45.53 1.72 -32.11
CA ILE E 321 44.73 1.39 -33.29
C ILE E 321 43.25 1.45 -32.96
N LEU E 322 42.86 0.85 -31.82
CA LEU E 322 41.45 0.86 -31.43
C LEU E 322 40.96 2.27 -31.16
N LEU E 323 41.75 3.07 -30.45
CA LEU E 323 41.34 4.45 -30.16
C LEU E 323 41.18 5.26 -31.44
N GLU E 324 42.13 5.12 -32.37
CA GLU E 324 42.05 5.84 -33.63
C GLU E 324 40.84 5.41 -34.44
N LYS E 325 40.55 4.11 -34.48
CA LYS E 325 39.39 3.62 -35.21
C LYS E 325 38.10 4.12 -34.58
N LYS E 326 38.05 4.18 -33.24
CA LYS E 326 36.82 4.59 -32.57
C LYS E 326 36.57 6.09 -32.65
N VAL E 327 37.63 6.91 -32.64
CA VAL E 327 37.45 8.36 -32.72
C VAL E 327 37.37 8.83 -34.16
N PHE E 328 38.34 8.43 -34.99
CA PHE E 328 38.36 8.79 -36.40
C PHE E 328 37.95 7.57 -37.21
N HIS E 329 36.67 7.50 -37.57
CA HIS E 329 36.14 6.38 -38.33
C HIS E 329 36.76 6.31 -39.72
N GLU E 338 49.18 11.07 -33.58
CA GLU E 338 49.10 12.12 -32.57
C GLU E 338 49.72 11.67 -31.25
N LEU E 339 50.62 12.50 -30.70
CA LEU E 339 51.25 12.17 -29.44
C LEU E 339 50.23 12.12 -28.31
N SER E 340 49.30 13.08 -28.28
CA SER E 340 48.26 13.08 -27.25
C SER E 340 47.40 11.83 -27.35
N GLY E 341 47.02 11.44 -28.57
CA GLY E 341 46.22 10.23 -28.73
C GLY E 341 46.97 8.97 -28.31
N LYS E 342 48.25 8.89 -28.67
CA LYS E 342 49.04 7.73 -28.28
C LYS E 342 49.23 7.68 -26.77
N SER E 343 49.35 8.83 -26.11
CA SER E 343 49.47 8.85 -24.66
C SER E 343 48.16 8.50 -23.99
N ILE E 344 47.02 8.90 -24.59
CA ILE E 344 45.73 8.54 -24.03
C ILE E 344 45.49 7.04 -24.17
N ALA E 345 45.81 6.47 -25.34
CA ALA E 345 45.62 5.03 -25.54
C ALA E 345 46.56 4.20 -24.68
N LYS E 346 47.76 4.73 -24.40
CA LYS E 346 48.71 4.00 -23.56
C LYS E 346 48.25 3.95 -22.11
N LYS E 347 47.52 4.96 -21.66
CA LYS E 347 47.06 5.02 -20.27
C LYS E 347 45.86 4.14 -20.00
N CYS E 348 45.28 3.51 -21.03
CA CYS E 348 44.19 2.58 -20.83
C CYS E 348 44.66 1.17 -20.49
N ASN E 349 45.96 0.92 -20.56
CA ASN E 349 46.57 -0.33 -20.10
C ASN E 349 45.99 -1.54 -20.83
N GLY E 350 45.69 -1.36 -22.12
CA GLY E 350 45.24 -2.47 -22.94
C GLY E 350 43.86 -3.00 -22.60
N LEU E 351 43.05 -2.22 -21.91
CA LEU E 351 41.69 -2.64 -21.62
C LEU E 351 40.75 -2.01 -22.63
N PRO E 352 40.11 -2.79 -23.50
CA PRO E 352 39.29 -2.19 -24.55
C PRO E 352 38.10 -1.40 -24.02
N LEU E 353 37.60 -1.73 -22.83
CA LEU E 353 36.49 -0.96 -22.27
C LEU E 353 36.91 0.47 -21.96
N ALA E 354 38.09 0.65 -21.37
CA ALA E 354 38.59 1.99 -21.11
C ALA E 354 38.83 2.76 -22.39
N ILE E 355 39.36 2.08 -23.42
CA ILE E 355 39.59 2.73 -24.71
C ILE E 355 38.26 3.18 -25.32
N VAL E 356 37.24 2.32 -25.23
CA VAL E 356 35.94 2.67 -25.78
C VAL E 356 35.33 3.86 -25.03
N VAL E 357 35.44 3.87 -23.71
CA VAL E 357 34.88 4.97 -22.92
C VAL E 357 35.60 6.28 -23.24
N ILE E 358 36.93 6.24 -23.30
CA ILE E 358 37.70 7.45 -23.57
C ILE E 358 37.49 7.91 -25.01
N ALA E 359 37.24 6.99 -25.95
CA ALA E 359 36.95 7.38 -27.32
C ALA E 359 35.57 8.03 -27.42
N GLY E 360 34.59 7.50 -26.70
CA GLY E 360 33.29 8.16 -26.65
C GLY E 360 33.38 9.54 -26.04
N ALA E 361 34.24 9.71 -25.03
CA ALA E 361 34.46 11.04 -24.46
C ALA E 361 35.16 11.97 -25.47
N LEU E 362 36.13 11.45 -26.21
CA LEU E 362 36.92 12.29 -27.12
C LEU E 362 36.13 12.67 -28.36
N ILE E 363 35.15 11.84 -28.76
CA ILE E 363 34.38 12.14 -29.96
C ILE E 363 33.56 13.41 -29.81
N GLY E 364 33.24 13.82 -28.58
CA GLY E 364 32.46 15.02 -28.37
C GLY E 364 33.28 16.29 -28.38
N LYS E 365 34.58 16.18 -28.10
CA LYS E 365 35.45 17.33 -28.08
C LYS E 365 35.94 17.67 -29.49
N GLY E 366 36.36 18.92 -29.67
CA GLY E 366 36.89 19.35 -30.94
C GLY E 366 38.24 18.73 -31.22
N LYS E 367 38.57 18.61 -32.50
CA LYS E 367 39.82 18.00 -32.93
C LYS E 367 40.96 19.02 -32.87
N THR E 368 41.23 19.49 -31.66
CA THR E 368 42.29 20.44 -31.41
C THR E 368 43.27 19.84 -30.41
N SER E 369 44.56 20.05 -30.65
CA SER E 369 45.59 19.48 -29.79
C SER E 369 45.53 20.00 -28.36
N ARG E 370 44.96 21.18 -28.15
CA ARG E 370 44.84 21.71 -26.80
C ARG E 370 43.72 21.02 -26.02
N GLU E 371 42.67 20.59 -26.70
CA GLU E 371 41.57 19.88 -26.05
C GLU E 371 41.88 18.40 -25.83
N TRP E 372 42.79 17.82 -26.61
CA TRP E 372 43.24 16.46 -26.37
C TRP E 372 44.30 16.36 -25.30
N LYS E 373 45.06 17.44 -25.05
CA LYS E 373 45.99 17.48 -23.93
C LYS E 373 45.27 17.65 -22.60
N GLN E 374 44.07 18.22 -22.60
CA GLN E 374 43.30 18.32 -21.37
C GLN E 374 42.78 16.96 -20.91
N VAL E 375 42.62 16.01 -21.84
CA VAL E 375 42.29 14.63 -21.49
C VAL E 375 43.51 13.85 -21.05
N ASP E 376 44.70 14.46 -21.14
CA ASP E 376 45.96 13.85 -20.75
C ASP E 376 46.26 12.60 -21.57
N CYS E 392 33.06 0.99 -17.82
CA CYS E 392 32.89 2.22 -17.04
C CYS E 392 32.85 1.92 -15.56
N ASN E 393 31.80 2.41 -14.89
CA ASN E 393 31.64 2.25 -13.45
C ASN E 393 30.58 1.23 -13.07
N LYS E 394 29.54 1.08 -13.89
CA LYS E 394 28.51 0.08 -13.60
C LYS E 394 28.96 -1.33 -13.89
N LEU E 395 29.89 -1.52 -14.84
CA LEU E 395 30.40 -2.86 -15.13
C LEU E 395 31.24 -3.39 -13.97
N VAL E 396 32.10 -2.54 -13.41
CA VAL E 396 32.91 -2.96 -12.27
C VAL E 396 32.04 -3.19 -11.04
N GLN E 397 30.98 -2.41 -10.86
CA GLN E 397 30.10 -2.56 -9.72
C GLN E 397 29.40 -3.93 -9.72
N LEU E 398 29.32 -4.59 -10.87
CA LEU E 398 28.70 -5.92 -10.90
C LEU E 398 29.49 -6.92 -10.07
N SER E 399 30.81 -6.91 -10.20
CA SER E 399 31.66 -7.80 -9.41
C SER E 399 31.97 -7.25 -8.03
N TYR E 400 31.93 -5.93 -7.85
CA TYR E 400 32.17 -5.35 -6.54
C TYR E 400 30.99 -5.55 -5.60
N ASP E 401 29.77 -5.51 -6.13
CA ASP E 401 28.59 -5.71 -5.30
C ASP E 401 28.39 -7.16 -4.88
N ARG E 402 29.06 -8.11 -5.53
CA ARG E 402 29.00 -9.51 -5.15
C ARG E 402 29.94 -9.85 -4.01
N LEU E 403 30.81 -8.92 -3.62
CA LEU E 403 31.71 -9.14 -2.50
C LEU E 403 30.96 -9.02 -1.17
N SER E 404 31.50 -9.66 -0.15
CA SER E 404 30.94 -9.54 1.18
C SER E 404 31.29 -8.18 1.77
N TYR E 405 30.71 -7.90 2.95
CA TYR E 405 30.93 -6.60 3.57
C TYR E 405 32.40 -6.39 3.94
N ASP E 406 33.04 -7.44 4.46
CA ASP E 406 34.45 -7.33 4.83
C ASP E 406 35.36 -7.37 3.60
N LEU E 407 35.01 -8.19 2.61
CA LEU E 407 35.81 -8.27 1.39
C LEU E 407 35.76 -6.97 0.58
N LYS E 408 34.68 -6.21 0.70
CA LYS E 408 34.63 -4.90 0.04
C LYS E 408 35.66 -3.94 0.64
N ALA E 409 35.75 -3.90 1.97
CA ALA E 409 36.75 -3.05 2.61
C ALA E 409 38.16 -3.56 2.35
N CYS E 410 38.35 -4.88 2.31
CA CYS E 410 39.66 -5.42 1.96
C CYS E 410 40.05 -5.05 0.54
N PHE E 411 39.07 -5.03 -0.38
CA PHE E 411 39.35 -4.71 -1.77
C PHE E 411 39.67 -3.23 -1.95
N LEU E 412 38.88 -2.37 -1.30
CA LEU E 412 39.10 -0.93 -1.42
C LEU E 412 40.43 -0.51 -0.80
N TYR E 413 40.88 -1.22 0.23
CA TYR E 413 42.17 -0.91 0.84
C TYR E 413 43.33 -1.15 -0.10
N CYS E 414 43.16 -2.01 -1.11
CA CYS E 414 44.19 -2.20 -2.12
C CYS E 414 44.38 -0.96 -2.99
N GLY E 415 43.39 -0.07 -3.03
CA GLY E 415 43.54 1.18 -3.76
C GLY E 415 44.36 2.23 -3.05
N ALA E 416 44.71 1.98 -1.78
CA ALA E 416 45.61 2.90 -1.09
C ALA E 416 46.99 2.90 -1.73
N PHE E 417 47.48 1.73 -2.13
CA PHE E 417 48.78 1.65 -2.77
C PHE E 417 48.76 2.42 -4.09
N PRO E 418 49.83 3.15 -4.41
CA PRO E 418 49.82 3.99 -5.62
C PRO E 418 49.63 3.17 -6.89
N GLY E 419 49.36 3.88 -7.98
CA GLY E 419 49.10 3.21 -9.24
C GLY E 419 50.32 2.43 -9.71
N GLY E 420 50.08 1.19 -10.14
CA GLY E 420 51.14 0.34 -10.62
C GLY E 420 52.05 -0.23 -9.55
N PHE E 421 51.76 0.01 -8.28
CA PHE E 421 52.62 -0.45 -7.21
C PHE E 421 52.54 -1.97 -7.07
N GLU E 422 53.68 -2.59 -6.76
CA GLU E 422 53.76 -4.02 -6.50
C GLU E 422 53.44 -4.25 -5.03
N ILE E 423 52.19 -4.57 -4.73
CA ILE E 423 51.75 -4.76 -3.35
C ILE E 423 52.34 -6.07 -2.81
N PRO E 424 53.12 -6.02 -1.73
CA PRO E 424 53.58 -7.27 -1.11
C PRO E 424 52.43 -7.95 -0.38
N ALA E 425 52.23 -9.23 -0.68
CA ALA E 425 51.06 -9.95 -0.14
C ALA E 425 51.12 -10.03 1.38
N TRP E 426 52.29 -10.29 1.94
CA TRP E 426 52.42 -10.36 3.40
C TRP E 426 52.10 -9.02 4.05
N LYS E 427 52.61 -7.93 3.48
CA LYS E 427 52.32 -6.61 4.02
C LYS E 427 50.84 -6.28 3.90
N LEU E 428 50.22 -6.64 2.77
CA LEU E 428 48.80 -6.41 2.60
C LEU E 428 47.98 -7.19 3.62
N ILE E 429 48.36 -8.43 3.88
CA ILE E 429 47.64 -9.25 4.85
C ILE E 429 47.78 -8.67 6.25
N ARG E 430 48.99 -8.29 6.63
CA ARG E 430 49.20 -7.71 7.95
C ARG E 430 48.45 -6.39 8.11
N LEU E 431 48.44 -5.57 7.06
CA LEU E 431 47.69 -4.33 7.08
C LEU E 431 46.19 -4.59 7.22
N TRP E 432 45.67 -5.59 6.50
CA TRP E 432 44.26 -5.93 6.62
C TRP E 432 43.92 -6.37 8.04
N ILE E 433 44.79 -7.18 8.65
CA ILE E 433 44.52 -7.64 10.02
C ILE E 433 44.57 -6.47 10.98
N ALA E 434 45.54 -5.56 10.80
CA ALA E 434 45.66 -4.42 11.71
C ALA E 434 44.51 -3.44 11.58
N GLU E 435 43.99 -3.24 10.37
CA GLU E 435 42.90 -2.30 10.16
C GLU E 435 41.57 -2.80 10.72
N GLY E 436 41.50 -4.06 11.13
CA GLY E 436 40.27 -4.62 11.65
C GLY E 436 39.34 -5.20 10.62
N PHE E 437 39.77 -5.27 9.35
CA PHE E 437 38.92 -5.87 8.32
C PHE E 437 38.75 -7.37 8.53
N ILE E 438 39.80 -8.05 8.98
CA ILE E 438 39.76 -9.49 9.17
C ILE E 438 39.20 -9.81 10.55
N SER E 445 43.18 -19.18 11.77
CA SER E 445 43.92 -17.98 12.15
C SER E 445 43.48 -16.78 11.34
N LEU E 446 43.92 -15.59 11.76
CA LEU E 446 43.61 -14.38 11.02
C LEU E 446 44.37 -14.32 9.69
N GLU E 447 45.62 -14.81 9.70
CA GLU E 447 46.41 -14.83 8.47
C GLU E 447 45.79 -15.75 7.43
N CYS E 448 45.26 -16.90 7.86
CA CYS E 448 44.59 -17.80 6.93
C CYS E 448 43.37 -17.13 6.29
N LYS E 449 42.58 -16.43 7.10
CA LYS E 449 41.40 -15.74 6.56
C LYS E 449 41.81 -14.63 5.61
N ALA E 450 42.89 -13.91 5.93
CA ALA E 450 43.35 -12.84 5.05
C ALA E 450 43.86 -13.39 3.73
N GLU E 451 44.60 -14.50 3.77
CA GLU E 451 45.05 -15.13 2.52
C GLU E 451 43.86 -15.65 1.72
N ASP E 452 42.84 -16.17 2.42
CA ASP E 452 41.63 -16.59 1.72
C ASP E 452 40.94 -15.40 1.05
N ASN E 453 40.90 -14.25 1.72
CA ASN E 453 40.32 -13.06 1.13
C ASN E 453 41.10 -12.61 -0.10
N LEU E 454 42.43 -12.64 -0.02
CA LEU E 454 43.24 -12.27 -1.17
C LEU E 454 43.02 -13.22 -2.34
N ASN E 455 42.97 -14.53 -2.06
CA ASN E 455 42.71 -15.50 -3.12
C ASN E 455 41.30 -15.35 -3.68
N ASP E 456 40.33 -14.97 -2.85
CA ASP E 456 38.98 -14.71 -3.35
C ASP E 456 38.97 -13.51 -4.28
N LEU E 457 39.69 -12.45 -3.92
CA LEU E 457 39.80 -11.29 -4.82
C LEU E 457 40.49 -11.65 -6.12
N ILE E 458 41.51 -12.51 -6.05
CA ILE E 458 42.24 -12.92 -7.26
C ILE E 458 41.36 -13.77 -8.15
N ASN E 459 40.61 -14.70 -7.56
CA ASN E 459 39.77 -15.60 -8.36
C ASN E 459 38.69 -14.84 -9.11
N ARG E 460 38.15 -13.79 -8.49
CA ARG E 460 37.17 -12.92 -9.13
C ARG E 460 37.80 -11.99 -10.15
N ASN E 461 39.11 -12.10 -10.38
CA ASN E 461 39.84 -11.27 -11.35
C ASN E 461 39.79 -9.80 -10.98
N LEU E 462 39.63 -9.50 -9.69
CA LEU E 462 39.72 -8.12 -9.23
C LEU E 462 41.14 -7.72 -8.84
N VAL E 463 42.03 -8.69 -8.65
CA VAL E 463 43.43 -8.44 -8.30
C VAL E 463 44.30 -9.32 -9.17
N MET E 464 45.38 -8.74 -9.72
CA MET E 464 46.27 -9.43 -10.63
C MET E 464 47.51 -9.92 -9.90
N VAL E 465 47.90 -11.17 -10.14
CA VAL E 465 49.08 -11.75 -9.53
C VAL E 465 50.24 -11.70 -10.51
N MET E 466 51.39 -11.25 -10.04
CA MET E 466 52.61 -11.23 -10.87
C MET E 466 53.71 -12.10 -10.28
N GLN E 467 54.05 -11.92 -9.01
CA GLN E 467 55.11 -12.71 -8.38
C GLN E 467 54.50 -13.76 -7.48
N ARG E 468 54.94 -15.00 -7.66
CA ARG E 468 54.51 -16.13 -6.85
C ARG E 468 55.71 -16.77 -6.18
N THR E 469 55.51 -17.27 -4.97
CA THR E 469 56.58 -17.95 -4.25
C THR E 469 56.94 -19.26 -4.95
N SER E 470 58.13 -19.76 -4.67
CA SER E 470 58.61 -20.97 -5.31
C SER E 470 57.71 -22.17 -5.02
N ASP E 471 57.02 -22.16 -3.89
CA ASP E 471 56.12 -23.24 -3.50
C ASP E 471 54.69 -23.05 -3.99
N GLY E 472 54.43 -22.00 -4.78
CA GLY E 472 53.12 -21.75 -5.33
C GLY E 472 52.33 -20.66 -4.65
N GLN E 473 52.77 -20.19 -3.49
CA GLN E 473 52.08 -19.10 -2.81
C GLN E 473 52.28 -17.79 -3.56
N ILE E 474 51.36 -16.85 -3.32
CA ILE E 474 51.43 -15.53 -3.93
C ILE E 474 52.41 -14.67 -3.15
N LYS E 475 53.25 -13.94 -3.86
CA LYS E 475 54.24 -13.06 -3.25
C LYS E 475 53.86 -11.59 -3.38
N THR E 476 53.62 -11.12 -4.60
CA THR E 476 53.21 -9.73 -4.83
C THR E 476 52.01 -9.71 -5.78
N CYS E 477 51.33 -8.56 -5.80
CA CYS E 477 50.15 -8.37 -6.63
C CYS E 477 49.96 -6.88 -6.87
N ARG E 478 49.08 -6.55 -7.81
CA ARG E 478 48.73 -5.16 -8.07
C ARG E 478 47.31 -5.09 -8.60
N LEU E 479 46.76 -3.88 -8.58
CA LEU E 479 45.44 -3.60 -9.10
C LEU E 479 45.56 -3.06 -10.52
N HIS E 480 44.65 -3.51 -11.40
CA HIS E 480 44.58 -2.92 -12.72
C HIS E 480 44.18 -1.45 -12.61
N ASP E 481 44.64 -0.64 -13.56
CA ASP E 481 44.49 0.81 -13.42
C ASP E 481 43.03 1.24 -13.39
N MET E 482 42.16 0.57 -14.16
CA MET E 482 40.74 0.87 -14.03
C MET E 482 40.20 0.43 -12.68
N LEU E 483 40.60 -0.76 -12.22
CA LEU E 483 40.21 -1.20 -10.88
C LEU E 483 40.83 -0.30 -9.81
N HIS E 484 42.06 0.15 -10.03
CA HIS E 484 42.67 1.07 -9.07
C HIS E 484 41.90 2.38 -8.99
N GLU E 485 41.50 2.91 -10.15
CA GLU E 485 40.72 4.15 -10.15
C GLU E 485 39.36 3.94 -9.49
N PHE E 486 38.72 2.80 -9.76
CA PHE E 486 37.44 2.50 -9.11
C PHE E 486 37.59 2.45 -7.60
N CYS E 487 38.61 1.72 -7.12
CA CYS E 487 38.82 1.60 -5.67
C CYS E 487 39.13 2.96 -5.06
N ARG E 488 40.00 3.75 -5.70
CA ARG E 488 40.34 5.06 -5.17
C ARG E 488 39.11 5.95 -5.09
N GLN E 489 38.36 6.05 -6.18
CA GLN E 489 37.18 6.92 -6.21
C GLN E 489 36.16 6.48 -5.16
N GLU E 490 35.88 5.18 -5.10
CA GLU E 490 34.88 4.70 -4.15
C GLU E 490 35.32 4.95 -2.71
N ALA E 491 36.53 4.53 -2.34
CA ALA E 491 36.97 4.64 -0.96
C ALA E 491 37.28 6.08 -0.57
N MET E 492 37.44 6.99 -1.53
CA MET E 492 37.70 8.38 -1.20
C MET E 492 36.45 9.25 -1.22
N LYS E 493 35.40 8.84 -1.93
CA LYS E 493 34.20 9.64 -2.04
C LYS E 493 33.01 9.04 -1.28
N GLU E 494 32.68 7.77 -1.52
CA GLU E 494 31.44 7.21 -1.00
C GLU E 494 31.59 6.52 0.34
N GLU E 495 32.80 6.05 0.68
CA GLU E 495 33.01 5.34 1.94
C GLU E 495 33.92 6.08 2.91
N ASN E 496 34.76 7.00 2.42
CA ASN E 496 35.76 7.68 3.25
C ASN E 496 36.66 6.67 3.95
N LEU E 497 36.97 5.57 3.25
CA LEU E 497 37.88 4.58 3.80
C LEU E 497 39.28 5.15 3.98
N PHE E 498 39.77 5.89 2.99
CA PHE E 498 41.05 6.56 3.08
C PHE E 498 41.03 7.78 2.17
N GLN E 499 41.94 8.71 2.42
CA GLN E 499 42.07 9.92 1.63
C GLN E 499 43.52 10.09 1.21
N GLU E 500 43.74 10.30 -0.09
CA GLU E 500 45.07 10.49 -0.62
C GLU E 500 45.43 11.97 -0.62
N ILE E 501 46.66 12.26 -0.21
CA ILE E 501 47.10 13.65 -0.08
C ILE E 501 48.15 13.96 -1.15
N PHE E 509 47.03 20.84 -0.37
CA PHE E 509 46.94 20.09 0.87
C PHE E 509 45.60 20.36 1.56
N PRO E 510 45.02 19.33 2.17
CA PRO E 510 43.73 19.51 2.85
C PRO E 510 43.84 20.50 4.00
N GLY E 511 42.76 21.26 4.20
CA GLY E 511 42.75 22.25 5.26
C GLY E 511 42.50 21.63 6.63
N LYS E 512 42.55 22.49 7.65
CA LYS E 512 42.33 22.03 9.01
C LYS E 512 40.90 21.52 9.20
N ARG E 513 39.93 22.11 8.49
CA ARG E 513 38.57 21.62 8.58
C ARG E 513 38.39 20.29 7.85
N GLU E 514 39.11 20.11 6.73
CA GLU E 514 39.00 18.88 5.96
C GLU E 514 39.70 17.71 6.65
N LEU E 515 40.86 17.96 7.26
CA LEU E 515 41.61 16.89 7.92
C LEU E 515 40.91 16.38 9.18
N ALA E 516 39.99 17.17 9.74
CA ALA E 516 39.25 16.72 10.91
C ALA E 516 38.25 15.63 10.59
N THR E 517 37.94 15.40 9.31
CA THR E 517 37.04 14.34 8.91
C THR E 517 37.76 13.14 8.30
N TYR E 518 39.04 13.26 8.00
CA TYR E 518 39.78 12.17 7.39
C TYR E 518 39.99 11.04 8.39
N ARG E 519 39.86 9.80 7.91
CA ARG E 519 40.05 8.62 8.75
C ARG E 519 41.40 7.95 8.52
N ARG E 520 41.85 7.87 7.27
CA ARG E 520 43.16 7.31 6.94
C ARG E 520 43.83 8.21 5.92
N LEU E 521 45.16 8.30 6.01
CA LEU E 521 45.94 9.13 5.12
C LEU E 521 46.93 8.27 4.33
N CYS E 522 46.96 8.49 3.01
CA CYS E 522 47.95 7.87 2.14
C CYS E 522 48.64 8.97 1.36
N ILE E 523 49.91 9.21 1.66
CA ILE E 523 50.72 10.21 0.98
C ILE E 523 52.03 9.57 0.55
N HIS E 524 52.33 9.67 -0.74
CA HIS E 524 53.58 9.15 -1.28
C HIS E 524 54.39 10.17 -2.06
N SER E 525 53.83 11.34 -2.34
CA SER E 525 54.53 12.41 -3.03
C SER E 525 54.48 13.68 -2.19
N SER E 526 55.60 14.39 -2.14
CA SER E 526 55.74 15.61 -1.34
C SER E 526 55.41 15.34 0.13
N VAL E 527 56.03 14.28 0.67
CA VAL E 527 55.80 13.93 2.07
C VAL E 527 56.37 15.01 2.99
N LEU E 528 57.58 15.48 2.69
CA LEU E 528 58.20 16.49 3.54
C LEU E 528 57.44 17.81 3.49
N GLU E 529 56.94 18.19 2.32
CA GLU E 529 56.18 19.44 2.21
C GLU E 529 54.90 19.38 3.05
N PHE E 530 54.19 18.25 3.02
CA PHE E 530 53.00 18.09 3.85
C PHE E 530 53.35 18.03 5.33
N ILE E 531 54.49 17.40 5.66
CA ILE E 531 54.88 17.26 7.05
C ILE E 531 55.26 18.61 7.64
N SER E 532 55.93 19.46 6.85
CA SER E 532 56.32 20.78 7.30
C SER E 532 55.13 21.68 7.60
N THR E 533 53.97 21.40 7.02
CA THR E 533 52.77 22.19 7.29
C THR E 533 52.19 21.93 8.66
N LYS E 534 52.72 20.95 9.40
CA LYS E 534 52.27 20.57 10.74
C LYS E 534 50.80 20.16 10.72
N PRO E 535 50.45 19.04 10.08
CA PRO E 535 49.06 18.62 10.05
C PRO E 535 48.61 18.09 11.41
N SER E 536 47.30 18.14 11.63
CA SER E 536 46.72 17.70 12.89
C SER E 536 45.38 17.05 12.59
N GLY E 537 45.32 15.72 12.70
CA GLY E 537 44.07 15.01 12.52
C GLY E 537 43.67 14.24 13.75
N GLU E 538 42.57 14.63 14.38
CA GLU E 538 42.14 14.00 15.62
C GLU E 538 41.39 12.68 15.39
N HIS E 539 40.96 12.39 14.17
CA HIS E 539 40.28 11.15 13.86
C HIS E 539 41.05 10.26 12.89
N VAL E 540 42.27 10.66 12.51
CA VAL E 540 43.05 9.85 11.58
C VAL E 540 43.55 8.61 12.31
N ARG E 541 43.25 7.44 11.75
CA ARG E 541 43.64 6.17 12.37
C ARG E 541 44.80 5.49 11.68
N SER E 542 45.10 5.83 10.43
CA SER E 542 46.19 5.23 9.69
C SER E 542 46.99 6.29 8.96
N PHE E 543 48.30 6.08 8.88
CA PHE E 543 49.21 6.94 8.14
C PHE E 543 50.02 6.05 7.22
N LEU E 544 49.67 6.04 5.93
CA LEU E 544 50.29 5.18 4.94
C LEU E 544 51.17 6.00 4.01
N SER E 545 52.36 5.48 3.72
CA SER E 545 53.29 6.15 2.80
C SER E 545 54.01 5.06 2.03
N PHE E 546 53.50 4.76 0.82
CA PHE E 546 54.04 3.71 -0.03
C PHE E 546 54.79 4.38 -1.18
N SER E 547 56.08 4.62 -0.98
CA SER E 547 56.94 5.19 -2.02
C SER E 547 58.20 4.35 -2.11
N LEU E 548 58.66 4.12 -3.35
CA LEU E 548 59.86 3.33 -3.56
C LEU E 548 61.15 4.15 -3.42
N LYS E 549 61.05 5.47 -3.32
CA LYS E 549 62.20 6.32 -3.10
C LYS E 549 62.32 6.62 -1.61
N LYS E 550 63.51 6.40 -1.06
CA LYS E 550 63.73 6.61 0.36
C LYS E 550 63.71 8.09 0.71
N ILE E 551 63.17 8.40 1.88
CA ILE E 551 63.01 9.78 2.34
C ILE E 551 63.64 9.90 3.72
N GLU E 552 64.53 10.89 3.88
CA GLU E 552 65.11 11.18 5.18
C GLU E 552 64.28 12.25 5.88
N MET E 553 63.87 11.96 7.12
CA MET E 553 62.90 12.80 7.82
C MET E 553 63.64 13.82 8.67
N PRO E 554 63.43 15.12 8.46
CA PRO E 554 64.17 16.12 9.24
C PRO E 554 63.94 15.95 10.75
N SER E 555 65.01 16.23 11.51
CA SER E 555 64.96 16.07 12.96
C SER E 555 63.95 17.04 13.58
N VAL E 556 63.86 18.26 13.05
CA VAL E 556 62.90 19.23 13.58
C VAL E 556 61.48 18.77 13.36
N ASP E 557 61.25 17.93 12.36
CA ASP E 557 59.92 17.44 12.01
C ASP E 557 59.65 16.03 12.54
N ILE E 558 60.52 15.51 13.40
CA ILE E 558 60.38 14.11 13.84
C ILE E 558 59.05 13.84 14.55
N PRO E 559 58.63 14.64 15.56
CA PRO E 559 57.45 14.23 16.32
C PRO E 559 56.13 14.76 15.78
N THR E 560 56.12 15.25 14.53
CA THR E 560 54.91 15.89 14.02
C THR E 560 53.78 14.88 13.80
N ILE E 561 54.11 13.66 13.40
CA ILE E 561 53.09 12.67 13.10
C ILE E 561 52.49 12.10 14.39
N PRO E 562 53.29 11.70 15.39
CA PRO E 562 52.68 11.30 16.67
C PRO E 562 51.95 12.42 17.38
N LYS E 563 52.24 13.69 17.05
CA LYS E 563 51.55 14.81 17.68
C LYS E 563 50.22 15.08 17.00
N GLY E 564 50.24 15.33 15.69
CA GLY E 564 49.03 15.65 14.95
C GLY E 564 48.06 14.50 14.81
N PHE E 565 48.54 13.27 14.90
CA PHE E 565 47.71 12.07 14.75
C PHE E 565 47.94 11.17 15.95
N PRO E 566 47.32 11.48 17.10
CA PRO E 566 47.55 10.69 18.31
C PRO E 566 46.77 9.39 18.37
N LEU E 567 45.79 9.18 17.48
CA LEU E 567 44.96 7.99 17.49
C LEU E 567 45.42 6.95 16.49
N LEU E 568 46.67 7.02 16.03
CA LEU E 568 47.15 6.14 14.97
C LEU E 568 47.06 4.68 15.38
N ARG E 569 46.48 3.87 14.50
CA ARG E 569 46.47 2.42 14.64
C ARG E 569 47.45 1.73 13.70
N VAL E 570 47.62 2.29 12.51
CA VAL E 570 48.55 1.77 11.51
C VAL E 570 49.52 2.89 11.15
N PHE E 571 50.82 2.59 11.20
CA PHE E 571 51.88 3.56 10.92
C PHE E 571 52.87 2.89 9.97
N ASP E 572 52.62 3.01 8.67
CA ASP E 572 53.46 2.41 7.64
C ASP E 572 54.28 3.51 6.97
N VAL E 573 55.47 3.77 7.52
CA VAL E 573 56.36 4.78 7.00
C VAL E 573 57.71 4.15 6.66
N GLU E 574 57.70 2.90 6.21
CA GLU E 574 58.93 2.19 5.92
C GLU E 574 59.73 2.82 4.79
N SER E 575 59.19 3.83 4.11
CA SER E 575 59.94 4.59 3.12
C SER E 575 60.54 5.86 3.70
N ILE E 576 60.40 6.09 4.99
CA ILE E 576 60.90 7.29 5.66
C ILE E 576 61.90 6.89 6.72
N ASN E 577 63.10 7.46 6.67
CA ASN E 577 64.14 7.18 7.65
C ASN E 577 63.95 8.06 8.87
N PHE E 578 63.91 7.44 10.04
CA PHE E 578 63.77 8.15 11.31
C PHE E 578 65.09 8.06 12.07
N SER E 579 65.74 9.20 12.26
CA SER E 579 67.03 9.22 12.95
C SER E 579 66.87 8.81 14.42
N ARG E 580 65.80 9.27 15.07
CA ARG E 580 65.58 8.94 16.47
C ARG E 580 64.08 8.98 16.75
N PHE E 581 63.70 8.36 17.86
CA PHE E 581 62.31 8.34 18.31
C PHE E 581 62.08 9.44 19.33
N SER E 582 61.05 10.25 19.10
CA SER E 582 60.68 11.31 20.03
C SER E 582 59.82 10.74 21.15
N LYS E 583 59.63 11.56 22.18
CA LYS E 583 58.80 11.16 23.32
C LYS E 583 57.33 11.01 22.95
N GLU E 584 56.90 11.58 21.82
CA GLU E 584 55.51 11.47 21.40
C GLU E 584 55.20 10.13 20.73
N PHE E 585 56.22 9.44 20.21
CA PHE E 585 55.98 8.14 19.60
C PHE E 585 55.47 7.13 20.61
N PHE E 586 56.01 7.18 21.84
CA PHE E 586 55.60 6.25 22.88
C PHE E 586 54.21 6.55 23.43
N GLN E 587 53.61 7.68 23.05
CA GLN E 587 52.26 8.01 23.46
C GLN E 587 51.20 7.46 22.50
N LEU E 588 51.61 6.77 21.45
CA LEU E 588 50.67 6.18 20.49
C LEU E 588 50.21 4.81 21.01
N TYR E 589 49.34 4.88 22.02
CA TYR E 589 48.87 3.67 22.70
C TYR E 589 47.95 2.82 21.83
N HIS E 590 47.40 3.40 20.76
CA HIS E 590 46.47 2.70 19.88
C HIS E 590 47.17 1.97 18.74
N LEU E 591 48.50 2.04 18.66
CA LEU E 591 49.23 1.45 17.55
C LEU E 591 49.06 -0.06 17.51
N ARG E 592 48.70 -0.58 16.34
CA ARG E 592 48.66 -2.01 16.07
C ARG E 592 49.67 -2.44 15.03
N TYR E 593 49.94 -1.60 14.04
CA TYR E 593 50.88 -1.90 12.96
C TYR E 593 51.86 -0.75 12.86
N ILE E 594 53.11 -1.00 13.21
CA ILE E 594 54.18 -0.01 13.11
C ILE E 594 55.25 -0.58 12.19
N ALA E 595 55.58 0.16 11.14
CA ALA E 595 56.59 -0.25 10.16
C ALA E 595 57.40 0.99 9.80
N PHE E 596 58.63 1.05 10.28
CA PHE E 596 59.50 2.20 10.05
C PHE E 596 60.85 1.72 9.53
N SER E 597 61.52 2.60 8.79
CA SER E 597 62.87 2.36 8.32
C SER E 597 63.83 3.31 9.01
N SER E 598 65.07 2.87 9.17
CA SER E 598 66.07 3.67 9.85
C SER E 598 67.45 3.37 9.28
N ASP E 599 68.37 4.28 9.54
CA ASP E 599 69.77 4.15 9.12
C ASP E 599 70.74 4.04 10.27
N THR E 600 70.40 4.54 11.46
CA THR E 600 71.32 4.58 12.58
C THR E 600 70.71 4.09 13.89
N ILE E 601 69.48 3.57 13.87
CA ILE E 601 68.86 3.07 15.09
C ILE E 601 69.44 1.68 15.37
N LYS E 602 70.26 1.58 16.40
CA LYS E 602 70.88 0.33 16.80
C LYS E 602 70.24 -0.28 18.04
N ILE E 603 69.18 0.32 18.55
CA ILE E 603 68.54 -0.13 19.79
C ILE E 603 67.08 0.28 19.77
N ILE E 604 66.23 -0.59 20.29
CA ILE E 604 64.80 -0.32 20.43
C ILE E 604 64.55 0.00 21.90
N PRO E 605 63.98 1.16 22.22
CA PRO E 605 63.82 1.53 23.63
C PRO E 605 62.79 0.66 24.34
N LYS E 606 62.96 0.55 25.65
CA LYS E 606 62.03 -0.22 26.48
C LYS E 606 60.65 0.42 26.55
N HIS E 607 60.51 1.69 26.17
CA HIS E 607 59.22 2.34 26.17
C HIS E 607 58.32 1.87 25.03
N ILE E 608 58.85 1.11 24.08
CA ILE E 608 58.01 0.48 23.06
C ILE E 608 57.07 -0.52 23.71
N GLY E 609 57.54 -1.22 24.75
CA GLY E 609 56.70 -2.16 25.45
C GLY E 609 55.51 -1.54 26.14
N GLU E 610 55.53 -0.21 26.32
CA GLU E 610 54.36 0.49 26.83
C GLU E 610 53.18 0.44 25.87
N LEU E 611 53.44 0.16 24.59
CA LEU E 611 52.39 0.02 23.58
C LEU E 611 51.99 -1.46 23.54
N TRP E 612 50.89 -1.78 24.20
CA TRP E 612 50.45 -3.17 24.35
C TRP E 612 49.53 -3.62 23.23
N ASN E 613 49.17 -2.74 22.31
CA ASN E 613 48.27 -3.08 21.20
C ASN E 613 49.01 -3.48 19.94
N ILE E 614 50.35 -3.53 19.98
CA ILE E 614 51.13 -3.77 18.77
C ILE E 614 50.90 -5.19 18.28
N GLN E 615 50.56 -5.33 17.00
CA GLN E 615 50.44 -6.62 16.34
C GLN E 615 51.64 -6.93 15.46
N THR E 616 52.05 -5.99 14.61
CA THR E 616 53.19 -6.16 13.72
C THR E 616 54.22 -5.09 14.02
N LEU E 617 55.47 -5.51 14.22
CA LEU E 617 56.58 -4.61 14.50
C LEU E 617 57.66 -4.86 13.46
N ILE E 618 57.73 -4.00 12.46
CA ILE E 618 58.69 -4.11 11.37
C ILE E 618 59.76 -3.04 11.56
N ILE E 619 61.01 -3.47 11.68
CA ILE E 619 62.15 -2.58 11.87
C ILE E 619 63.09 -2.82 10.70
N ASN E 620 63.10 -1.89 9.75
CA ASN E 620 63.93 -1.99 8.55
C ASN E 620 65.13 -1.07 8.73
N THR E 621 66.17 -1.58 9.37
CA THR E 621 67.37 -0.81 9.66
C THR E 621 68.55 -1.35 8.85
N GLN E 622 69.46 -0.43 8.50
CA GLN E 622 70.65 -0.79 7.74
C GLN E 622 71.84 -1.10 8.64
N GLN E 623 71.67 -1.09 9.95
CA GLN E 623 72.73 -1.49 10.86
C GLN E 623 72.90 -3.01 10.84
N ARG E 624 74.13 -3.45 11.11
CA ARG E 624 74.42 -4.88 11.07
C ARG E 624 73.72 -5.62 12.20
N SER E 625 73.68 -5.04 13.39
CA SER E 625 73.09 -5.67 14.55
C SER E 625 72.13 -4.71 15.24
N LEU E 626 71.09 -5.28 15.85
CA LEU E 626 70.06 -4.52 16.55
C LEU E 626 69.82 -5.14 17.91
N ASP E 627 69.62 -4.29 18.92
CA ASP E 627 69.33 -4.73 20.28
C ASP E 627 67.91 -4.29 20.63
N ILE E 628 67.02 -5.27 20.79
CA ILE E 628 65.63 -5.00 21.15
C ILE E 628 65.54 -5.05 22.66
N GLN E 629 65.46 -3.89 23.31
CA GLN E 629 65.33 -3.81 24.75
C GLN E 629 63.88 -3.77 25.22
N ALA E 630 62.93 -3.59 24.31
CA ALA E 630 61.53 -3.54 24.69
C ALA E 630 61.05 -4.92 25.14
N ASN E 631 60.05 -4.92 26.02
CA ASN E 631 59.49 -6.16 26.52
C ASN E 631 58.66 -6.83 25.45
N ILE E 632 59.30 -7.63 24.60
CA ILE E 632 58.59 -8.32 23.52
C ILE E 632 57.57 -9.28 24.10
N TRP E 633 57.94 -10.02 25.14
CA TRP E 633 57.07 -11.03 25.71
C TRP E 633 55.90 -10.43 26.48
N ASN E 634 55.97 -9.15 26.85
CA ASN E 634 54.87 -8.49 27.55
C ASN E 634 53.78 -8.01 26.61
N MET E 635 54.05 -7.93 25.31
CA MET E 635 53.03 -7.59 24.32
C MET E 635 52.18 -8.82 24.07
N GLU E 636 50.98 -8.83 24.64
CA GLU E 636 50.11 -10.00 24.54
C GLU E 636 49.51 -10.15 23.15
N ARG E 637 49.51 -9.10 22.35
CA ARG E 637 48.88 -9.13 21.02
C ARG E 637 49.89 -9.20 19.89
N LEU E 638 51.19 -9.16 20.20
CA LEU E 638 52.22 -9.20 19.16
C LEU E 638 52.22 -10.56 18.46
N ARG E 639 52.25 -10.53 17.13
CA ARG E 639 52.26 -11.74 16.32
C ARG E 639 53.45 -11.84 15.39
N HIS E 640 53.86 -10.73 14.76
CA HIS E 640 54.94 -10.74 13.79
C HIS E 640 56.00 -9.71 14.20
N LEU E 641 57.27 -10.09 14.04
CA LEU E 641 58.40 -9.21 14.32
C LEU E 641 59.41 -9.40 13.19
N HIS E 642 59.39 -8.48 12.22
CA HIS E 642 60.27 -8.56 11.06
C HIS E 642 61.40 -7.54 11.19
N THR E 643 62.63 -8.03 11.18
CA THR E 643 63.81 -7.17 11.14
C THR E 643 64.74 -7.71 10.07
N ASN E 644 65.48 -6.79 9.44
CA ASN E 644 66.48 -7.15 8.45
C ASN E 644 67.88 -7.23 9.04
N SER E 645 68.02 -6.98 10.34
CA SER E 645 69.28 -7.06 11.05
C SER E 645 69.21 -8.17 12.09
N SER E 646 70.33 -8.40 12.78
CA SER E 646 70.43 -9.46 13.78
C SER E 646 69.88 -8.92 15.11
N ALA E 647 68.55 -8.92 15.22
CA ALA E 647 67.90 -8.44 16.42
C ALA E 647 68.20 -9.37 17.59
N LYS E 648 68.45 -8.78 18.77
CA LYS E 648 68.73 -9.53 19.99
C LYS E 648 67.56 -9.34 20.94
N LEU E 649 66.75 -10.40 21.09
CA LEU E 649 65.59 -10.34 21.96
C LEU E 649 66.01 -10.26 23.43
N PRO E 650 65.23 -9.62 24.28
CA PRO E 650 65.54 -9.59 25.71
C PRO E 650 65.41 -10.96 26.34
N VAL E 651 66.17 -11.17 27.41
CA VAL E 651 66.16 -12.44 28.12
C VAL E 651 64.81 -12.68 28.78
N GLN E 665 52.31 -16.24 23.21
CA GLN E 665 51.47 -17.28 22.62
C GLN E 665 51.03 -16.89 21.22
N SER E 666 50.72 -15.60 21.03
CA SER E 666 50.25 -15.11 19.75
C SER E 666 51.39 -14.85 18.77
N LEU E 667 52.65 -14.98 19.19
CA LEU E 667 53.77 -14.73 18.30
C LEU E 667 53.84 -15.81 17.23
N GLN E 668 53.91 -15.40 15.97
CA GLN E 668 53.97 -16.32 14.84
C GLN E 668 55.22 -16.19 13.99
N THR E 669 55.91 -15.05 14.03
CA THR E 669 57.08 -14.84 13.20
C THR E 669 58.17 -14.14 14.00
N LEU E 670 59.39 -14.65 13.92
CA LEU E 670 60.58 -14.04 14.52
C LEU E 670 61.67 -14.06 13.44
N SER E 671 61.72 -12.99 12.64
CA SER E 671 62.58 -12.95 11.47
C SER E 671 63.94 -12.36 11.86
N THR E 672 65.01 -13.09 11.55
CA THR E 672 66.39 -12.63 11.69
C THR E 672 66.68 -12.15 13.12
N ILE E 673 66.59 -13.11 14.05
CA ILE E 673 67.01 -12.88 15.41
C ILE E 673 68.44 -13.42 15.56
N ALA E 674 69.11 -12.96 16.61
CA ALA E 674 70.47 -13.42 16.87
C ALA E 674 70.45 -14.82 17.49
N PRO E 675 71.43 -15.67 17.16
CA PRO E 675 71.45 -17.01 17.78
C PRO E 675 71.68 -16.97 19.28
N GLU E 676 72.24 -15.88 19.82
CA GLU E 676 72.29 -15.72 21.26
C GLU E 676 70.91 -15.56 21.86
N SER E 677 69.92 -15.21 21.05
CA SER E 677 68.53 -15.14 21.46
C SER E 677 67.76 -16.40 21.11
N CYS E 678 68.45 -17.46 20.69
CA CYS E 678 67.83 -18.74 20.37
C CYS E 678 67.85 -19.70 21.57
N THR E 679 67.81 -19.16 22.78
CA THR E 679 67.88 -19.97 23.98
C THR E 679 66.59 -20.76 24.18
N GLU E 680 66.66 -21.74 25.09
CA GLU E 680 65.49 -22.51 25.43
C GLU E 680 64.43 -21.65 26.09
N GLU E 681 64.85 -20.71 26.94
CA GLU E 681 63.91 -19.84 27.63
C GLU E 681 63.11 -18.99 26.65
N VAL E 682 63.79 -18.41 25.66
CA VAL E 682 63.09 -17.56 24.69
C VAL E 682 62.13 -18.39 23.85
N PHE E 683 62.57 -19.56 23.38
CA PHE E 683 61.72 -20.41 22.56
C PHE E 683 60.59 -21.04 23.37
N ALA E 684 60.68 -21.04 24.69
CA ALA E 684 59.59 -21.54 25.52
C ALA E 684 58.43 -20.55 25.62
N ARG E 685 58.68 -19.26 25.37
CA ARG E 685 57.63 -18.27 25.41
C ARG E 685 56.84 -18.18 24.10
N THR E 686 57.31 -18.83 23.04
CA THR E 686 56.68 -18.75 21.71
C THR E 686 56.39 -20.18 21.23
N PRO E 687 55.34 -20.81 21.76
CA PRO E 687 55.02 -22.17 21.31
C PRO E 687 54.33 -22.23 19.96
N ASN E 688 53.77 -21.12 19.48
CA ASN E 688 53.01 -21.09 18.23
C ASN E 688 53.81 -20.56 17.07
N LEU E 689 55.13 -20.39 17.22
CA LEU E 689 55.95 -19.84 16.15
C LEU E 689 55.91 -20.74 14.92
N LYS E 690 55.70 -20.12 13.76
CA LYS E 690 55.65 -20.83 12.49
C LYS E 690 56.80 -20.48 11.55
N LYS E 691 57.29 -19.25 11.60
CA LYS E 691 58.40 -18.81 10.77
C LYS E 691 59.50 -18.24 11.65
N LEU E 692 60.73 -18.68 11.43
CA LEU E 692 61.87 -18.25 12.24
C LEU E 692 63.06 -18.01 11.34
N GLY E 693 63.77 -16.91 11.59
CA GLY E 693 64.98 -16.61 10.86
C GLY E 693 66.09 -16.15 11.79
N ILE E 694 67.31 -16.46 11.41
CA ILE E 694 68.50 -16.11 12.18
C ILE E 694 69.56 -15.57 11.23
N ARG E 695 70.11 -14.40 11.56
CA ARG E 695 71.12 -13.71 10.75
C ARG E 695 72.26 -13.23 11.64
N GLY E 696 72.74 -14.12 12.50
CA GLY E 696 73.65 -13.72 13.56
C GLY E 696 74.97 -14.47 13.65
N LYS E 697 75.64 -14.71 12.52
CA LYS E 697 76.87 -15.49 12.48
C LYS E 697 76.61 -16.93 12.96
N ILE E 698 75.88 -17.65 12.10
CA ILE E 698 75.34 -18.98 12.34
C ILE E 698 76.34 -19.91 13.02
N ALA E 699 77.64 -19.65 12.84
CA ALA E 699 78.65 -20.49 13.45
C ALA E 699 78.54 -20.54 14.97
N VAL E 700 77.87 -19.55 15.59
CA VAL E 700 77.66 -19.59 17.02
C VAL E 700 76.82 -20.81 17.41
N LEU E 701 75.75 -21.06 16.66
CA LEU E 701 74.90 -22.22 16.93
C LEU E 701 75.04 -23.26 15.82
N VAL E 712 65.59 -24.75 18.78
CA VAL E 712 64.54 -24.71 17.77
C VAL E 712 63.80 -26.04 17.75
N LYS E 713 64.30 -27.01 18.51
CA LYS E 713 63.66 -28.32 18.56
C LYS E 713 62.29 -28.25 19.22
N LYS E 714 62.12 -27.39 20.22
CA LYS E 714 60.85 -27.28 20.93
C LYS E 714 59.75 -26.65 20.10
N LEU E 715 60.10 -26.00 18.97
CA LEU E 715 59.12 -25.36 18.11
C LEU E 715 58.46 -26.43 17.25
N GLU E 716 57.36 -26.99 17.76
CA GLU E 716 56.69 -28.09 17.07
C GLU E 716 55.74 -27.61 15.97
N SER E 717 55.48 -26.31 15.88
CA SER E 717 54.64 -25.75 14.82
C SER E 717 55.46 -25.06 13.74
N LEU E 718 56.79 -25.10 13.83
CA LEU E 718 57.64 -24.39 12.88
C LEU E 718 57.55 -25.01 11.49
N GLU E 719 57.46 -24.15 10.48
CA GLU E 719 57.45 -24.57 9.08
C GLU E 719 58.55 -23.91 8.26
N ASN E 720 58.84 -22.64 8.52
CA ASN E 720 59.86 -21.90 7.80
C ASN E 720 61.05 -21.66 8.72
N LEU E 721 62.24 -21.98 8.23
CA LEU E 721 63.49 -21.73 8.95
C LEU E 721 64.49 -21.10 8.00
N LYS E 722 65.13 -20.03 8.45
CA LYS E 722 66.12 -19.32 7.65
C LYS E 722 67.37 -19.10 8.50
N LEU E 723 68.52 -19.51 7.97
CA LEU E 723 69.81 -19.29 8.61
C LEU E 723 70.69 -18.50 7.66
N ILE E 724 71.08 -17.29 8.08
CA ILE E 724 71.89 -16.40 7.27
C ILE E 724 73.19 -16.13 8.02
N ASN E 725 74.31 -16.36 7.35
CA ASN E 725 75.62 -16.17 7.97
C ASN E 725 76.23 -14.83 7.56
N ARG E 735 79.55 -26.83 9.86
CA ARG E 735 79.15 -28.22 9.69
C ARG E 735 77.78 -28.47 10.29
N LEU E 736 76.89 -29.08 9.50
CA LEU E 736 75.54 -29.33 9.96
C LEU E 736 75.54 -30.36 11.09
N PRO E 737 74.66 -30.22 12.07
CA PRO E 737 74.55 -31.22 13.14
C PRO E 737 73.78 -32.43 12.65
N PRO E 738 73.70 -33.50 13.45
CA PRO E 738 72.91 -34.67 13.05
C PRO E 738 71.46 -34.29 12.74
N SER E 739 70.85 -35.08 11.85
CA SER E 739 69.52 -34.76 11.33
C SER E 739 68.43 -34.80 12.39
N TYR E 740 68.67 -35.44 13.52
CA TYR E 740 67.65 -35.51 14.57
C TYR E 740 67.59 -34.25 15.43
N ILE E 741 68.50 -33.30 15.21
CA ILE E 741 68.45 -32.05 15.98
C ILE E 741 67.47 -31.06 15.34
N PHE E 742 67.42 -31.04 14.01
CA PHE E 742 66.52 -30.12 13.32
C PHE E 742 65.06 -30.50 13.58
N PRO E 743 64.15 -29.53 13.54
CA PRO E 743 62.72 -29.84 13.76
C PRO E 743 62.20 -30.82 12.72
N THR E 744 61.34 -31.73 13.17
CA THR E 744 60.80 -32.77 12.31
C THR E 744 59.62 -32.31 11.47
N LYS E 745 59.02 -31.16 11.80
CA LYS E 745 57.87 -30.64 11.06
C LYS E 745 58.25 -29.52 10.10
N LEU E 746 59.53 -29.34 9.84
CA LEU E 746 59.97 -28.26 8.96
C LEU E 746 59.54 -28.54 7.53
N ARG E 747 58.94 -27.55 6.89
CA ARG E 747 58.49 -27.66 5.50
C ARG E 747 59.37 -26.89 4.53
N LYS E 748 59.83 -25.70 4.91
CA LYS E 748 60.71 -24.89 4.08
C LYS E 748 61.92 -24.48 4.89
N LEU E 749 63.11 -24.68 4.32
CA LEU E 749 64.37 -24.30 4.94
C LEU E 749 65.24 -23.59 3.93
N SER E 750 65.79 -22.44 4.32
CA SER E 750 66.66 -21.65 3.46
C SER E 750 67.96 -21.37 4.18
N LEU E 751 69.08 -21.66 3.52
CA LEU E 751 70.41 -21.43 4.08
C LEU E 751 71.13 -20.41 3.22
N VAL E 752 71.60 -19.33 3.84
CA VAL E 752 72.27 -18.24 3.14
C VAL E 752 73.64 -18.02 3.77
N ASP E 753 74.67 -17.97 2.92
CA ASP E 753 76.05 -17.64 3.29
C ASP E 753 76.66 -18.63 4.28
N THR E 754 76.05 -19.80 4.46
CA THR E 754 76.56 -20.79 5.39
C THR E 754 77.73 -21.56 4.79
N TRP E 758 79.47 -30.00 0.23
CA TRP E 758 78.29 -30.39 -0.53
C TRP E 758 77.72 -31.70 -0.02
N ASN E 759 78.57 -32.52 0.57
CA ASN E 759 78.14 -33.79 1.14
C ASN E 759 77.28 -33.62 2.38
N ASP E 760 77.22 -32.42 2.94
CA ASP E 760 76.41 -32.17 4.13
C ASP E 760 74.92 -32.19 3.84
N MET E 761 74.51 -32.19 2.57
CA MET E 761 73.10 -32.24 2.22
C MET E 761 72.47 -33.60 2.58
N SER E 762 73.27 -34.62 2.84
CA SER E 762 72.72 -35.88 3.30
C SER E 762 71.98 -35.72 4.62
N ILE E 763 72.36 -34.71 5.42
CA ILE E 763 71.62 -34.41 6.64
C ILE E 763 70.24 -33.85 6.30
N LEU E 764 70.18 -32.94 5.31
CA LEU E 764 68.89 -32.39 4.89
C LEU E 764 68.02 -33.43 4.18
N GLY E 765 68.64 -34.46 3.61
CA GLY E 765 67.85 -35.50 2.96
C GLY E 765 66.97 -36.28 3.91
N GLN E 766 67.47 -36.52 5.13
CA GLN E 766 66.71 -37.28 6.12
C GLN E 766 65.46 -36.54 6.58
N MET E 767 65.33 -35.25 6.28
CA MET E 767 64.14 -34.48 6.64
C MET E 767 62.94 -35.06 5.87
N GLU E 768 62.06 -35.74 6.58
CA GLU E 768 60.94 -36.43 5.92
C GLU E 768 59.83 -35.49 5.49
N HIS E 769 59.78 -34.27 6.03
CA HIS E 769 58.72 -33.32 5.70
C HIS E 769 59.21 -32.07 4.98
N LEU E 770 60.49 -31.99 4.66
CA LEU E 770 61.00 -30.83 3.94
C LEU E 770 60.51 -30.85 2.50
N GLU E 771 59.95 -29.73 2.05
CA GLU E 771 59.40 -29.61 0.70
C GLU E 771 60.06 -28.53 -0.13
N VAL E 772 60.54 -27.45 0.49
CA VAL E 772 61.22 -26.38 -0.23
C VAL E 772 62.58 -26.17 0.41
N LEU E 773 63.63 -26.16 -0.41
CA LEU E 773 65.00 -25.98 0.06
C LEU E 773 65.67 -24.94 -0.84
N LYS E 774 65.99 -23.78 -0.27
CA LYS E 774 66.57 -22.67 -1.00
C LYS E 774 68.00 -22.44 -0.52
N LEU E 775 68.94 -22.40 -1.46
CA LEU E 775 70.35 -22.15 -1.17
C LEU E 775 70.74 -20.88 -1.92
N LYS E 776 70.98 -19.80 -1.18
CA LYS E 776 71.24 -18.50 -1.77
C LYS E 776 72.55 -17.93 -1.24
N GLU E 777 73.27 -17.22 -2.11
CA GLU E 777 74.44 -16.42 -1.74
C GLU E 777 75.47 -17.28 -1.00
N ASN E 778 76.02 -18.24 -1.74
CA ASN E 778 77.08 -19.13 -1.24
C ASN E 778 76.57 -20.03 -0.13
N GLY E 779 75.33 -20.49 -0.26
CA GLY E 779 74.73 -21.32 0.78
C GLY E 779 75.44 -22.64 0.95
N PHE E 780 75.73 -23.32 -0.16
CA PHE E 780 76.42 -24.61 -0.15
C PHE E 780 77.61 -24.52 -1.09
N MET E 781 78.81 -24.53 -0.53
CA MET E 781 80.05 -24.41 -1.30
C MET E 781 80.78 -25.75 -1.34
N GLY E 782 81.17 -26.16 -2.54
CA GLY E 782 81.92 -27.39 -2.72
C GLY E 782 82.13 -27.61 -4.19
N GLU E 783 83.01 -28.56 -4.49
CA GLU E 783 83.37 -28.89 -5.86
C GLU E 783 82.56 -30.06 -6.40
N CYS E 784 82.56 -31.19 -5.69
CA CYS E 784 81.88 -32.40 -6.13
C CYS E 784 80.74 -32.71 -5.18
N TRP E 785 79.54 -32.90 -5.74
CA TRP E 785 78.36 -33.30 -4.97
C TRP E 785 77.79 -34.57 -5.60
N GLU E 786 77.68 -35.61 -4.79
CA GLU E 786 77.04 -36.86 -5.19
C GLU E 786 75.79 -37.06 -4.36
N SER E 787 74.65 -37.23 -5.02
CA SER E 787 73.38 -37.37 -4.32
C SER E 787 73.31 -38.71 -3.61
N VAL E 788 73.18 -38.66 -2.28
CA VAL E 788 73.09 -39.85 -1.44
C VAL E 788 71.79 -39.88 -0.64
N GLY E 789 71.48 -38.77 0.02
CA GLY E 789 70.28 -38.71 0.84
C GLY E 789 69.01 -38.74 0.00
N GLY E 790 67.93 -39.19 0.63
CA GLY E 790 66.66 -39.31 -0.05
C GLY E 790 65.65 -38.25 0.35
N PHE E 791 65.40 -37.31 -0.56
CA PHE E 791 64.44 -36.23 -0.31
C PHE E 791 63.05 -36.74 -0.67
N CYS E 792 62.44 -37.45 0.28
CA CYS E 792 61.15 -38.09 0.03
C CYS E 792 60.02 -37.08 -0.14
N SER E 793 60.17 -35.86 0.37
CA SER E 793 59.11 -34.88 0.31
C SER E 793 59.47 -33.59 -0.43
N LEU E 794 60.70 -33.46 -0.91
CA LEU E 794 61.13 -32.21 -1.54
C LEU E 794 60.38 -31.99 -2.85
N LEU E 795 59.93 -30.76 -3.05
CA LEU E 795 59.25 -30.35 -4.27
C LEU E 795 59.98 -29.25 -5.02
N VAL E 796 60.63 -28.33 -4.31
CA VAL E 796 61.36 -27.22 -4.90
C VAL E 796 62.79 -27.26 -4.41
N LEU E 797 63.74 -27.19 -5.35
CA LEU E 797 65.15 -27.09 -5.04
C LEU E 797 65.68 -25.79 -5.64
N TRP E 798 66.20 -24.92 -4.79
CA TRP E 798 66.67 -23.60 -5.19
C TRP E 798 68.14 -23.47 -4.82
N ILE E 799 68.99 -23.26 -5.82
CA ILE E 799 70.41 -23.08 -5.62
C ILE E 799 70.84 -21.78 -6.28
N GLU E 800 71.53 -20.93 -5.52
CA GLU E 800 71.92 -19.61 -6.01
C GLU E 800 73.35 -19.31 -5.60
N ARG E 801 74.15 -18.83 -6.56
CA ARG E 801 75.50 -18.33 -6.31
C ARG E 801 76.36 -19.38 -5.62
N THR E 802 76.59 -20.50 -6.32
CA THR E 802 77.41 -21.58 -5.81
C THR E 802 78.51 -21.91 -6.81
N ASP E 803 79.56 -22.55 -6.30
CA ASP E 803 80.70 -22.98 -7.10
C ASP E 803 80.63 -24.46 -7.46
N LEU E 804 79.44 -25.06 -7.42
CA LEU E 804 79.30 -26.47 -7.72
C LEU E 804 79.74 -26.77 -9.15
N VAL E 805 80.56 -27.80 -9.32
CA VAL E 805 81.10 -28.16 -10.63
C VAL E 805 80.49 -29.47 -11.07
N SER E 806 80.68 -30.52 -10.28
CA SER E 806 80.22 -31.86 -10.62
C SER E 806 79.04 -32.22 -9.71
N TRP E 807 77.91 -32.55 -10.33
CA TRP E 807 76.70 -32.94 -9.61
C TRP E 807 76.16 -34.21 -10.25
N LYS E 808 76.08 -35.29 -9.46
CA LYS E 808 75.54 -36.56 -9.90
C LYS E 808 74.32 -36.90 -9.07
N ALA E 809 73.22 -37.26 -9.74
CA ALA E 809 71.98 -37.57 -9.06
C ALA E 809 71.18 -38.56 -9.88
N SER E 810 70.21 -39.20 -9.23
CA SER E 810 69.31 -40.14 -9.87
C SER E 810 67.88 -39.82 -9.47
N ALA E 811 66.93 -40.43 -10.20
CA ALA E 811 65.52 -40.16 -9.94
C ALA E 811 65.08 -40.65 -8.56
N ASP E 812 65.80 -41.60 -7.97
CA ASP E 812 65.41 -42.11 -6.66
C ASP E 812 65.66 -41.10 -5.55
N HIS E 813 66.66 -40.24 -5.69
CA HIS E 813 66.99 -39.27 -4.64
C HIS E 813 66.03 -38.09 -4.61
N PHE E 814 65.31 -37.83 -5.69
CA PHE E 814 64.32 -36.76 -5.75
C PHE E 814 63.01 -37.32 -6.31
N PRO E 815 62.33 -38.19 -5.56
CA PRO E 815 61.09 -38.78 -6.09
C PRO E 815 59.98 -37.78 -6.35
N ARG E 816 59.91 -36.70 -5.57
CA ARG E 816 58.79 -35.76 -5.63
C ARG E 816 59.18 -34.41 -6.18
N LEU E 817 60.34 -34.29 -6.82
CA LEU E 817 60.80 -32.98 -7.29
C LEU E 817 59.89 -32.44 -8.38
N LYS E 818 59.52 -31.17 -8.26
CA LYS E 818 58.70 -30.48 -9.25
C LYS E 818 59.34 -29.21 -9.77
N HIS E 819 60.05 -28.46 -8.92
CA HIS E 819 60.60 -27.16 -9.27
C HIS E 819 62.10 -27.18 -9.03
N LEU E 820 62.87 -26.72 -10.01
CA LEU E 820 64.32 -26.65 -9.90
C LEU E 820 64.79 -25.31 -10.46
N VAL E 821 65.44 -24.52 -9.62
CA VAL E 821 65.93 -23.19 -10.00
C VAL E 821 67.42 -23.12 -9.73
N LEU E 822 68.18 -22.73 -10.75
CA LEU E 822 69.64 -22.55 -10.63
C LEU E 822 69.99 -21.19 -11.20
N ILE E 823 70.40 -20.27 -10.32
CA ILE E 823 70.72 -18.90 -10.70
C ILE E 823 72.19 -18.63 -10.34
N CYS E 824 72.96 -18.16 -11.33
CA CYS E 824 74.33 -17.72 -11.11
C CYS E 824 75.18 -18.82 -10.48
N CYS E 825 74.97 -20.05 -10.91
CA CYS E 825 75.73 -21.19 -10.39
C CYS E 825 77.18 -21.15 -10.87
N ILE E 831 74.51 -30.78 -15.06
CA ILE E 831 73.17 -31.24 -14.72
C ILE E 831 73.00 -32.70 -15.11
N PRO E 832 72.99 -33.59 -14.11
CA PRO E 832 72.88 -35.02 -14.40
C PRO E 832 71.55 -35.35 -15.07
N ILE E 833 71.58 -36.26 -16.03
CA ILE E 833 70.37 -36.71 -16.70
C ILE E 833 69.85 -37.90 -15.89
N GLY E 834 69.16 -37.59 -14.80
CA GLY E 834 68.47 -38.59 -14.02
C GLY E 834 67.14 -38.04 -13.56
N LEU E 835 66.90 -36.77 -13.84
CA LEU E 835 65.68 -36.08 -13.45
C LEU E 835 64.57 -36.22 -14.48
N ALA E 836 64.87 -36.69 -15.69
CA ALA E 836 63.84 -36.94 -16.68
C ALA E 836 62.95 -38.13 -16.29
N ASP E 837 63.43 -38.99 -15.39
CA ASP E 837 62.65 -40.13 -14.92
C ASP E 837 61.72 -39.76 -13.77
N ILE E 838 61.74 -38.51 -13.32
CA ILE E 838 60.88 -38.07 -12.22
C ILE E 838 59.50 -37.77 -12.78
N ARG E 839 58.47 -38.40 -12.22
CA ARG E 839 57.11 -38.21 -12.71
C ARG E 839 56.62 -36.78 -12.47
N SER E 840 56.96 -36.19 -11.33
CA SER E 840 56.44 -34.90 -10.93
C SER E 840 57.28 -33.73 -11.43
N PHE E 841 58.40 -33.98 -12.10
CA PHE E 841 59.26 -32.90 -12.59
C PHE E 841 58.60 -32.26 -13.80
N GLN E 842 58.07 -31.06 -13.62
CA GLN E 842 57.37 -30.34 -14.69
C GLN E 842 57.86 -28.92 -14.92
N VAL E 843 58.57 -28.31 -13.98
CA VAL E 843 59.03 -26.93 -14.12
C VAL E 843 60.51 -26.89 -13.76
N MET E 844 61.33 -26.37 -14.68
CA MET E 844 62.76 -26.17 -14.44
C MET E 844 63.13 -24.76 -14.88
N GLU E 845 63.80 -24.03 -14.00
CA GLU E 845 64.19 -22.65 -14.27
C GLU E 845 65.71 -22.55 -14.28
N LEU E 846 66.25 -21.89 -15.30
CA LEU E 846 67.68 -21.70 -15.45
C LEU E 846 67.96 -20.22 -15.69
N GLN E 847 69.20 -19.83 -15.38
CA GLN E 847 69.62 -18.45 -15.51
C GLN E 847 71.03 -18.44 -16.10
N ASN E 848 71.71 -17.29 -16.01
CA ASN E 848 73.01 -17.15 -16.63
C ASN E 848 74.01 -18.16 -16.06
N SER E 849 74.67 -18.87 -16.96
CA SER E 849 75.64 -19.91 -16.62
C SER E 849 76.35 -20.33 -17.90
N THR E 850 77.19 -21.35 -17.80
CA THR E 850 77.87 -21.89 -18.96
C THR E 850 76.85 -22.54 -19.91
N LYS E 851 77.19 -22.53 -21.20
CA LYS E 851 76.29 -23.08 -22.21
C LYS E 851 76.11 -24.59 -22.07
N THR E 852 77.02 -25.27 -21.38
CA THR E 852 76.85 -26.70 -21.15
C THR E 852 75.62 -26.97 -20.28
N ALA E 853 75.39 -26.12 -19.28
CA ALA E 853 74.19 -26.26 -18.47
C ALA E 853 72.94 -26.04 -19.30
N ALA E 854 72.97 -25.06 -20.20
CA ALA E 854 71.83 -24.84 -21.09
C ALA E 854 71.59 -26.04 -22.01
N ILE E 855 72.67 -26.64 -22.51
CA ILE E 855 72.53 -27.83 -23.35
C ILE E 855 71.92 -28.98 -22.56
N SER E 856 72.38 -29.16 -21.31
CA SER E 856 71.81 -30.21 -20.46
C SER E 856 70.33 -29.96 -20.20
N ALA E 857 69.96 -28.70 -19.92
CA ALA E 857 68.56 -28.37 -19.70
C ALA E 857 67.71 -28.63 -20.94
N ARG E 858 68.22 -28.27 -22.12
CA ARG E 858 67.49 -28.52 -23.35
C ARG E 858 67.33 -30.01 -23.61
N GLY E 859 68.38 -30.79 -23.34
CA GLY E 859 68.28 -32.23 -23.48
C GLY E 859 67.27 -32.84 -22.52
N ILE E 860 67.24 -32.35 -21.29
CA ILE E 860 66.25 -32.82 -20.31
C ILE E 860 64.84 -32.48 -20.79
N ARG E 861 64.66 -31.26 -21.32
CA ARG E 861 63.35 -30.87 -21.84
C ARG E 861 62.93 -31.77 -23.00
N ASP E 862 63.87 -32.12 -23.88
CA ASP E 862 63.56 -33.02 -24.99
C ASP E 862 63.12 -34.38 -24.48
N LYS E 863 63.78 -34.89 -23.45
CA LYS E 863 63.42 -36.17 -22.86
C LYS E 863 62.20 -36.02 -21.96
N GLY E 876 52.92 -30.55 -18.74
CA GLY E 876 53.95 -30.20 -19.71
C GLY E 876 55.17 -29.58 -19.07
N PHE E 877 56.35 -29.96 -19.56
CA PHE E 877 57.60 -29.43 -19.03
C PHE E 877 57.75 -27.95 -19.37
N LYS E 878 58.21 -27.17 -18.40
CA LYS E 878 58.42 -25.74 -18.58
C LYS E 878 59.89 -25.44 -18.28
N LEU E 879 60.66 -25.13 -19.32
CA LEU E 879 62.07 -24.81 -19.20
C LEU E 879 62.33 -23.41 -19.71
N SER E 880 63.03 -22.60 -18.92
CA SER E 880 63.41 -21.24 -19.31
C SER E 880 64.88 -21.05 -18.97
N ILE E 881 65.67 -20.65 -19.96
CA ILE E 881 67.10 -20.44 -19.80
C ILE E 881 67.43 -19.02 -20.23
N PHE E 882 68.16 -18.30 -19.38
CA PHE E 882 68.57 -16.93 -19.69
C PHE E 882 70.05 -16.72 -19.39
N VAL F 27 7.59 -3.82 45.66
CA VAL F 27 8.46 -4.60 44.79
C VAL F 27 7.68 -5.71 44.13
N LYS F 28 6.66 -6.22 44.83
CA LYS F 28 5.83 -7.28 44.28
C LYS F 28 5.08 -6.81 43.05
N ASP F 29 4.47 -5.62 43.11
CA ASP F 29 3.78 -5.08 41.94
C ASP F 29 4.77 -4.81 40.81
N SER F 30 5.97 -4.38 41.15
CA SER F 30 7.02 -4.24 40.15
C SER F 30 7.34 -5.59 39.51
N ALA F 31 7.35 -6.65 40.32
CA ALA F 31 7.58 -7.99 39.78
C ALA F 31 6.47 -8.39 38.82
N GLU F 32 5.21 -8.06 39.15
CA GLU F 32 4.11 -8.37 38.24
C GLU F 32 4.25 -7.60 36.93
N SER F 33 4.60 -6.32 37.01
CA SER F 33 4.76 -5.53 35.79
C SER F 33 5.90 -6.06 34.93
N LEU F 34 7.02 -6.42 35.56
CA LEU F 34 8.13 -7.00 34.82
C LEU F 34 7.75 -8.36 34.23
N LEU F 35 6.93 -9.14 34.94
CA LEU F 35 6.46 -10.40 34.39
C LEU F 35 5.60 -10.17 33.16
N GLN F 36 4.74 -9.16 33.19
CA GLN F 36 3.93 -8.83 32.02
C GLN F 36 4.81 -8.42 30.85
N ASP F 37 5.81 -7.57 31.10
CA ASP F 37 6.72 -7.16 30.04
C ASP F 37 7.47 -8.35 29.46
N LEU F 38 7.93 -9.25 30.33
CA LEU F 38 8.65 -10.44 29.88
C LEU F 38 7.74 -11.35 29.08
N ASN F 39 6.47 -11.47 29.47
CA ASN F 39 5.53 -12.29 28.72
C ASN F 39 5.30 -11.73 27.32
N ASP F 40 5.13 -10.41 27.20
CA ASP F 40 4.98 -9.81 25.88
C ASP F 40 6.22 -10.01 25.03
N PHE F 41 7.41 -9.83 25.64
CA PHE F 41 8.65 -10.02 24.88
C PHE F 41 8.83 -11.47 24.46
N ASN F 42 8.44 -12.42 25.33
CA ASN F 42 8.52 -13.83 24.97
C ASN F 42 7.56 -14.16 23.82
N ALA F 43 6.36 -13.58 23.86
CA ALA F 43 5.44 -13.76 22.74
C ALA F 43 6.01 -13.21 21.44
N PHE F 44 6.65 -12.04 21.52
CA PHE F 44 7.29 -11.47 20.33
C PHE F 44 8.38 -12.39 19.81
N LEU F 45 9.21 -12.92 20.72
CA LEU F 45 10.29 -13.82 20.30
C LEU F 45 9.75 -15.08 19.68
N LYS F 46 8.64 -15.60 20.22
CA LYS F 46 8.01 -16.78 19.63
C LYS F 46 7.45 -16.47 18.24
N GLN F 47 6.92 -15.26 18.05
CA GLN F 47 6.35 -14.92 16.75
C GLN F 47 7.44 -14.75 15.69
N THR F 48 8.55 -14.10 16.04
CA THR F 48 9.61 -13.87 15.07
C THR F 48 10.37 -15.14 14.73
N ALA F 49 10.32 -16.16 15.58
CA ALA F 49 10.99 -17.43 15.31
C ALA F 49 10.32 -18.20 14.18
N LYS F 50 9.13 -17.80 13.75
CA LYS F 50 8.42 -18.48 12.67
C LYS F 50 9.01 -18.16 11.31
N SER F 51 9.82 -17.10 11.18
CA SER F 51 10.40 -16.72 9.91
C SER F 51 11.85 -16.31 10.13
N ARG F 52 12.72 -16.69 9.20
CA ARG F 52 14.12 -16.30 9.24
C ARG F 52 14.30 -14.96 8.55
N THR F 53 14.90 -14.02 9.26
CA THR F 53 15.09 -12.65 8.77
C THR F 53 16.55 -12.43 8.41
N GLU F 54 16.77 -11.88 7.21
CA GLU F 54 18.11 -11.53 6.76
C GLU F 54 18.47 -10.08 7.04
N ASN F 55 17.55 -9.30 7.61
CA ASN F 55 17.82 -7.91 7.94
C ASN F 55 18.72 -7.84 9.17
N ASP F 56 19.86 -7.15 9.03
CA ASP F 56 20.81 -7.07 10.13
C ASP F 56 20.27 -6.24 11.29
N VAL F 57 19.52 -5.18 10.99
CA VAL F 57 18.90 -4.39 12.04
C VAL F 57 17.91 -5.24 12.84
N HIS F 58 17.11 -6.04 12.13
CA HIS F 58 16.16 -6.91 12.80
C HIS F 58 16.88 -7.96 13.66
N LYS F 59 17.99 -8.51 13.15
CA LYS F 59 18.75 -9.49 13.93
C LYS F 59 19.32 -8.86 15.19
N GLU F 60 19.85 -7.64 15.07
CA GLU F 60 20.38 -6.95 16.24
C GLU F 60 19.28 -6.66 17.26
N LEU F 61 18.10 -6.25 16.77
CA LEU F 61 16.98 -5.99 17.67
C LEU F 61 16.53 -7.27 18.38
N VAL F 62 16.51 -8.40 17.66
CA VAL F 62 16.13 -9.67 18.27
C VAL F 62 17.15 -10.06 19.33
N LYS F 63 18.44 -9.86 19.05
CA LYS F 63 19.47 -10.16 20.04
C LYS F 63 19.30 -9.30 21.29
N LYS F 64 19.02 -8.00 21.09
CA LYS F 64 18.81 -7.11 22.23
C LYS F 64 17.61 -7.54 23.05
N ILE F 65 16.52 -7.92 22.38
CA ILE F 65 15.32 -8.35 23.07
C ILE F 65 15.58 -9.64 23.85
N LYS F 66 16.34 -10.56 23.26
CA LYS F 66 16.68 -11.80 23.96
C LYS F 66 17.52 -11.50 25.20
N THR F 67 18.47 -10.57 25.09
CA THR F 67 19.28 -10.20 26.25
C THR F 67 18.41 -9.61 27.36
N VAL F 68 17.48 -8.73 26.99
CA VAL F 68 16.60 -8.13 27.99
C VAL F 68 15.69 -9.19 28.61
N VAL F 69 15.24 -10.15 27.82
CA VAL F 69 14.40 -11.23 28.35
C VAL F 69 15.18 -12.06 29.37
N ASN F 70 16.44 -12.37 29.05
CA ASN F 70 17.28 -13.11 30.00
C ASN F 70 17.48 -12.33 31.29
N SER F 71 17.76 -11.03 31.17
CA SER F 71 17.95 -10.21 32.37
C SER F 71 16.69 -10.18 33.22
N ALA F 72 15.52 -10.02 32.58
CA ALA F 72 14.27 -10.01 33.31
C ALA F 72 14.01 -11.34 34.00
N GLU F 73 14.30 -12.44 33.33
CA GLU F 73 14.11 -13.76 33.94
C GLU F 73 14.99 -13.92 35.17
N ASP F 74 16.27 -13.53 35.07
CA ASP F 74 17.16 -13.63 36.21
C ASP F 74 16.67 -12.75 37.37
N ALA F 75 16.23 -11.53 37.07
CA ALA F 75 15.73 -10.66 38.14
C ALA F 75 14.50 -11.25 38.80
N ILE F 76 13.57 -11.81 38.02
CA ILE F 76 12.34 -12.35 38.58
C ILE F 76 12.64 -13.58 39.44
N ASP F 77 13.54 -14.45 38.99
CA ASP F 77 13.91 -15.61 39.80
C ASP F 77 14.64 -15.18 41.08
N LYS F 78 15.49 -14.16 41.01
CA LYS F 78 16.12 -13.66 42.22
C LYS F 78 15.08 -13.14 43.20
N PHE F 79 14.10 -12.38 42.72
CA PHE F 79 13.05 -11.88 43.59
C PHE F 79 12.23 -13.02 44.19
N VAL F 80 11.96 -14.06 43.40
CA VAL F 80 11.20 -15.20 43.89
C VAL F 80 11.96 -15.92 45.00
N ILE F 81 13.27 -16.11 44.80
CA ILE F 81 14.08 -16.76 45.83
C ILE F 81 14.10 -15.91 47.10
N GLU F 82 14.23 -14.59 46.95
CA GLU F 82 14.24 -13.71 48.12
C GLU F 82 12.91 -13.76 48.85
N ALA F 83 11.80 -13.77 48.11
CA ALA F 83 10.48 -13.84 48.74
C ALA F 83 10.29 -15.17 49.47
N LYS F 84 10.77 -16.26 48.88
CA LYS F 84 10.70 -17.55 49.56
C LYS F 84 11.53 -17.54 50.83
N LEU F 85 12.70 -16.91 50.79
CA LEU F 85 13.56 -16.82 51.97
C LEU F 85 13.04 -15.80 52.98
N VAL F 103 17.43 -7.61 48.30
CA VAL F 103 16.10 -7.04 48.06
C VAL F 103 16.24 -5.65 47.44
N TYR F 104 17.09 -4.82 48.04
CA TYR F 104 17.35 -3.49 47.50
C TYR F 104 18.01 -3.58 46.13
N ASP F 105 19.01 -4.45 45.99
CA ASP F 105 19.65 -4.67 44.71
C ASP F 105 18.67 -5.27 43.70
N VAL F 106 17.80 -6.17 44.18
CA VAL F 106 16.77 -6.75 43.31
C VAL F 106 15.84 -5.67 42.82
N ALA F 107 15.43 -4.75 43.71
CA ALA F 107 14.55 -3.66 43.31
C ALA F 107 15.23 -2.76 42.27
N GLY F 108 16.51 -2.44 42.49
CA GLY F 108 17.21 -1.63 41.50
C GLY F 108 17.34 -2.31 40.15
N GLU F 109 17.63 -3.62 40.17
CA GLU F 109 17.72 -4.37 38.92
C GLU F 109 16.38 -4.41 38.20
N ILE F 110 15.29 -4.58 38.95
CA ILE F 110 13.96 -4.57 38.33
C ILE F 110 13.66 -3.20 37.73
N LYS F 111 14.02 -2.13 38.44
CA LYS F 111 13.85 -0.77 37.90
C LYS F 111 14.59 -0.62 36.58
N THR F 112 15.87 -1.00 36.55
CA THR F 112 16.66 -0.79 35.35
C THR F 112 16.17 -1.67 34.20
N ILE F 113 15.72 -2.90 34.48
CA ILE F 113 15.23 -3.76 33.41
C ILE F 113 13.91 -3.24 32.86
N ARG F 114 13.02 -2.75 33.73
CA ARG F 114 11.78 -2.14 33.24
C ARG F 114 12.06 -0.90 32.40
N ASP F 115 13.03 -0.08 32.82
CA ASP F 115 13.39 1.09 32.03
C ASP F 115 13.95 0.68 30.68
N LYS F 116 14.78 -0.38 30.64
CA LYS F 116 15.30 -0.87 29.37
C LYS F 116 14.18 -1.38 28.47
N VAL F 117 13.18 -2.06 29.05
CA VAL F 117 12.05 -2.55 28.27
C VAL F 117 11.28 -1.39 27.65
N LYS F 118 11.02 -0.35 28.45
CA LYS F 118 10.31 0.82 27.92
C LYS F 118 11.13 1.49 26.82
N GLU F 119 12.45 1.60 27.01
CA GLU F 119 13.29 2.21 26.00
C GLU F 119 13.25 1.42 24.69
N ILE F 120 13.33 0.10 24.78
CA ILE F 120 13.29 -0.74 23.58
C ILE F 120 11.94 -0.60 22.89
N ARG F 121 10.84 -0.58 23.67
CA ARG F 121 9.52 -0.44 23.07
C ARG F 121 9.37 0.90 22.37
N LEU F 122 9.89 1.97 22.97
CA LEU F 122 9.71 3.29 22.39
C LEU F 122 10.58 3.48 21.15
N ASN F 123 11.85 3.05 21.21
CA ASN F 123 12.78 3.37 20.15
C ASN F 123 12.49 2.57 18.87
N ASN F 124 12.23 1.27 19.00
CA ASN F 124 12.14 0.37 17.85
C ASN F 124 10.72 -0.10 17.58
N ALA F 125 9.73 0.78 17.72
CA ALA F 125 8.34 0.36 17.50
C ALA F 125 8.11 -0.08 16.07
N LEU F 126 8.65 0.66 15.09
CA LEU F 126 8.46 0.30 13.69
C LEU F 126 9.15 -1.03 13.35
N ASP F 127 10.36 -1.24 13.88
CA ASP F 127 11.04 -2.51 13.66
C ASP F 127 10.31 -3.66 14.35
N LEU F 128 9.75 -3.40 15.54
CA LEU F 128 8.95 -4.42 16.22
C LEU F 128 7.72 -4.80 15.41
N GLN F 129 7.05 -3.80 14.82
CA GLN F 129 5.89 -4.10 13.99
C GLN F 129 6.28 -4.83 12.71
N ALA F 130 7.44 -4.49 12.14
CA ALA F 130 7.88 -5.12 10.91
C ALA F 130 8.41 -6.53 11.13
N LEU F 131 8.73 -6.90 12.37
CA LEU F 131 9.33 -8.20 12.66
C LEU F 131 8.30 -9.30 12.91
N GLN F 132 7.02 -8.97 13.00
CA GLN F 132 5.99 -9.97 13.24
C GLN F 132 5.54 -10.63 11.93
N ARG F 144 10.40 -22.34 -6.86
CA ARG F 144 10.60 -23.79 -6.78
C ARG F 144 11.78 -24.20 -7.66
N LYS F 145 12.77 -24.83 -7.04
CA LYS F 145 14.00 -25.23 -7.73
C LYS F 145 14.28 -26.70 -7.44
N PRO F 146 13.86 -27.60 -8.33
CA PRO F 146 14.18 -29.02 -8.13
C PRO F 146 15.68 -29.22 -8.10
N PRO F 147 16.16 -30.16 -7.27
CA PRO F 147 17.60 -30.33 -7.12
C PRO F 147 18.27 -30.85 -8.38
N VAL F 148 19.53 -30.45 -8.54
CA VAL F 148 20.40 -30.97 -9.59
C VAL F 148 21.42 -31.88 -8.92
N VAL F 149 21.38 -33.17 -9.25
CA VAL F 149 22.20 -34.17 -8.60
C VAL F 149 23.19 -34.74 -9.62
N GLU F 150 24.16 -35.49 -9.10
CA GLU F 150 25.18 -36.07 -9.95
C GLU F 150 24.61 -37.22 -10.76
N GLU F 151 24.93 -37.25 -12.05
CA GLU F 151 24.50 -38.30 -12.95
C GLU F 151 25.64 -39.15 -13.50
N ASP F 152 26.87 -38.66 -13.48
CA ASP F 152 28.00 -39.36 -14.09
C ASP F 152 28.84 -40.10 -13.06
N ASP F 153 29.34 -39.40 -12.05
CA ASP F 153 30.26 -39.98 -11.07
C ASP F 153 29.53 -40.15 -9.75
N VAL F 154 28.85 -41.29 -9.61
CA VAL F 154 28.12 -41.64 -8.39
C VAL F 154 28.85 -42.83 -7.78
N VAL F 155 29.40 -42.62 -6.57
CA VAL F 155 30.25 -43.62 -5.93
C VAL F 155 29.50 -44.25 -4.76
N GLY F 156 29.60 -45.57 -4.65
CA GLY F 156 29.07 -46.30 -3.52
C GLY F 156 27.64 -46.79 -3.69
N PHE F 157 26.89 -46.24 -4.63
CA PHE F 157 25.49 -46.56 -4.80
C PHE F 157 25.24 -47.71 -5.77
N GLU F 158 26.29 -48.39 -6.21
CA GLU F 158 26.12 -49.47 -7.19
C GLU F 158 25.37 -50.66 -6.60
N GLU F 159 25.53 -50.93 -5.29
CA GLU F 159 24.84 -52.04 -4.67
C GLU F 159 23.49 -51.63 -4.10
N GLU F 160 23.38 -50.42 -3.56
CA GLU F 160 22.08 -49.93 -3.08
C GLU F 160 21.10 -49.80 -4.23
N ALA F 161 21.58 -49.35 -5.40
CA ALA F 161 20.71 -49.24 -6.56
C ALA F 161 20.19 -50.62 -6.98
N ASP F 162 21.05 -51.63 -6.99
CA ASP F 162 20.60 -52.97 -7.33
C ASP F 162 19.61 -53.50 -6.31
N LYS F 163 19.85 -53.23 -5.02
CA LYS F 163 18.92 -53.66 -3.98
C LYS F 163 17.54 -53.04 -4.19
N VAL F 164 17.50 -51.72 -4.40
CA VAL F 164 16.21 -51.05 -4.58
C VAL F 164 15.55 -51.49 -5.88
N ILE F 165 16.34 -51.75 -6.93
CA ILE F 165 15.77 -52.20 -8.19
C ILE F 165 15.14 -53.58 -8.04
N ASN F 166 15.85 -54.50 -7.37
CA ASN F 166 15.29 -55.81 -7.12
C ASN F 166 14.05 -55.74 -6.23
N ARG F 167 14.00 -54.75 -5.33
CA ARG F 167 12.77 -54.53 -4.58
C ARG F 167 11.65 -54.00 -5.46
N LEU F 168 11.98 -53.19 -6.47
CA LEU F 168 10.97 -52.65 -7.36
C LEU F 168 10.48 -53.71 -8.34
N LEU F 169 11.39 -54.51 -8.90
CA LEU F 169 11.03 -55.50 -9.91
C LEU F 169 10.37 -56.73 -9.32
N GLY F 170 10.39 -56.90 -8.01
CA GLY F 170 9.78 -58.05 -7.36
C GLY F 170 8.74 -57.61 -6.34
N GLY F 171 7.69 -58.40 -6.22
CA GLY F 171 6.62 -58.11 -5.28
C GLY F 171 5.31 -58.64 -5.81
N SER F 172 4.22 -58.12 -5.24
CA SER F 172 2.88 -58.52 -5.63
C SER F 172 2.47 -57.80 -6.91
N SER F 173 1.22 -57.95 -7.31
CA SER F 173 0.68 -57.30 -8.50
C SER F 173 -0.01 -55.97 -8.19
N GLY F 174 0.00 -55.55 -6.93
CA GLY F 174 -0.60 -54.28 -6.57
C GLY F 174 0.40 -53.14 -6.61
N LEU F 175 -0.11 -51.93 -6.41
CA LEU F 175 0.72 -50.73 -6.41
C LEU F 175 1.50 -50.67 -5.10
N GLU F 176 2.77 -51.03 -5.16
CA GLU F 176 3.64 -51.01 -3.98
C GLU F 176 4.55 -49.79 -4.02
N VAL F 177 5.04 -49.42 -2.85
CA VAL F 177 5.89 -48.24 -2.68
C VAL F 177 7.22 -48.69 -2.08
N VAL F 178 8.31 -48.15 -2.62
CA VAL F 178 9.63 -48.38 -2.07
C VAL F 178 10.12 -47.06 -1.49
N PRO F 179 9.99 -46.85 -0.18
CA PRO F 179 10.41 -45.57 0.40
C PRO F 179 11.88 -45.56 0.79
N VAL F 180 12.56 -44.49 0.38
CA VAL F 180 13.96 -44.26 0.72
C VAL F 180 14.00 -43.14 1.74
N VAL F 181 14.38 -43.47 2.97
CA VAL F 181 14.47 -42.51 4.06
C VAL F 181 15.94 -42.27 4.34
N GLY F 182 16.27 -41.07 4.82
CA GLY F 182 17.67 -40.79 5.07
C GLY F 182 17.89 -39.42 5.68
N MET F 183 19.16 -39.21 6.06
CA MET F 183 19.65 -37.94 6.56
C MET F 183 19.60 -36.85 5.49
N PRO F 184 19.46 -35.59 5.89
CA PRO F 184 19.58 -34.48 4.93
C PRO F 184 20.91 -34.51 4.19
N GLY F 185 20.87 -34.55 2.86
CA GLY F 185 22.07 -34.62 2.07
C GLY F 185 22.68 -36.01 1.96
N LEU F 186 21.97 -37.05 2.38
CA LEU F 186 22.50 -38.40 2.31
C LEU F 186 22.70 -38.85 0.88
N GLY F 187 21.81 -38.46 -0.03
CA GLY F 187 21.92 -38.88 -1.42
C GLY F 187 20.71 -39.66 -1.90
N LYS F 188 19.55 -39.41 -1.28
CA LYS F 188 18.33 -40.11 -1.68
C LYS F 188 17.94 -39.74 -3.11
N THR F 189 18.03 -38.46 -3.46
CA THR F 189 17.70 -38.03 -4.82
C THR F 189 18.68 -38.62 -5.83
N THR F 190 19.97 -38.68 -5.48
CA THR F 190 20.95 -39.26 -6.39
C THR F 190 20.68 -40.74 -6.63
N LEU F 191 20.37 -41.49 -5.58
CA LEU F 191 20.04 -42.91 -5.75
C LEU F 191 18.75 -43.07 -6.55
N ALA F 192 17.75 -42.22 -6.29
CA ALA F 192 16.50 -42.30 -7.03
C ALA F 192 16.71 -42.00 -8.50
N ASN F 193 17.60 -41.05 -8.81
CA ASN F 193 17.90 -40.75 -10.21
C ASN F 193 18.68 -41.87 -10.87
N LYS F 194 19.60 -42.51 -10.12
CA LYS F 194 20.35 -43.63 -10.68
C LYS F 194 19.42 -44.80 -10.98
N ILE F 195 18.47 -45.08 -10.10
CA ILE F 195 17.49 -46.14 -10.35
C ILE F 195 16.56 -45.75 -11.50
N TYR F 196 16.14 -44.48 -11.53
CA TYR F 196 15.19 -44.02 -12.53
C TYR F 196 15.75 -44.13 -13.95
N LYS F 197 17.05 -43.97 -14.11
CA LYS F 197 17.70 -44.05 -15.41
C LYS F 197 18.45 -45.36 -15.63
N HIS F 198 18.21 -46.35 -14.77
CA HIS F 198 18.90 -47.63 -14.92
C HIS F 198 18.36 -48.38 -16.14
N PRO F 199 19.22 -49.09 -16.88
CA PRO F 199 18.73 -49.84 -18.05
C PRO F 199 17.67 -50.87 -17.73
N ASP F 200 17.82 -51.60 -16.63
CA ASP F 200 16.82 -52.61 -16.27
C ASP F 200 15.48 -51.97 -15.93
N ILE F 201 15.51 -50.86 -15.19
CA ILE F 201 14.28 -50.15 -14.84
C ILE F 201 13.60 -49.61 -16.10
N GLY F 202 14.39 -49.05 -17.02
CA GLY F 202 13.83 -48.54 -18.26
C GLY F 202 13.24 -49.64 -19.13
N TYR F 203 13.87 -50.81 -19.13
CA TYR F 203 13.34 -51.92 -19.93
C TYR F 203 12.07 -52.49 -19.31
N GLN F 204 12.04 -52.64 -17.99
CA GLN F 204 10.90 -53.29 -17.34
C GLN F 204 9.69 -52.36 -17.26
N PHE F 205 9.91 -51.08 -17.00
CA PHE F 205 8.83 -50.12 -16.83
C PHE F 205 8.63 -49.32 -18.11
N PHE F 206 7.45 -49.43 -18.71
CA PHE F 206 7.17 -48.71 -19.94
C PHE F 206 7.05 -47.21 -19.70
N THR F 207 6.38 -46.82 -18.61
CA THR F 207 6.18 -45.42 -18.27
C THR F 207 6.96 -45.10 -17.01
N ARG F 208 7.80 -44.07 -17.08
CA ARG F 208 8.55 -43.60 -15.92
C ARG F 208 8.30 -42.10 -15.76
N ILE F 209 7.85 -41.70 -14.58
CA ILE F 209 7.50 -40.31 -14.30
C ILE F 209 8.25 -39.87 -13.06
N TRP F 210 8.92 -38.71 -13.15
CA TRP F 210 9.63 -38.12 -12.02
C TRP F 210 8.85 -36.90 -11.56
N VAL F 211 8.28 -36.98 -10.36
CA VAL F 211 7.52 -35.89 -9.75
C VAL F 211 8.34 -35.33 -8.61
N TYR F 212 8.53 -34.01 -8.61
CA TYR F 212 9.29 -33.34 -7.56
C TYR F 212 8.30 -32.68 -6.59
N VAL F 213 7.99 -33.40 -5.51
CA VAL F 213 7.25 -32.79 -4.41
C VAL F 213 8.23 -32.08 -3.49
N SER F 214 7.72 -31.12 -2.74
CA SER F 214 8.55 -30.41 -1.77
C SER F 214 7.67 -29.95 -0.62
N GLN F 215 8.20 -29.06 0.22
CA GLN F 215 7.38 -28.45 1.26
C GLN F 215 6.26 -27.61 0.64
N SER F 216 6.58 -26.89 -0.43
CA SER F 216 5.61 -26.05 -1.13
C SER F 216 5.36 -26.65 -2.51
N TYR F 217 4.12 -27.04 -2.76
CA TYR F 217 3.74 -27.60 -4.06
C TYR F 217 2.27 -27.27 -4.32
N ARG F 218 1.90 -27.30 -5.59
CA ARG F 218 0.52 -27.10 -6.02
C ARG F 218 0.05 -28.35 -6.73
N ARG F 219 -1.07 -28.92 -6.26
CA ARG F 219 -1.55 -30.17 -6.84
C ARG F 219 -2.00 -29.99 -8.28
N ARG F 220 -2.62 -28.85 -8.60
CA ARG F 220 -3.01 -28.57 -9.98
C ARG F 220 -1.79 -28.48 -10.88
N GLU F 221 -0.75 -27.78 -10.44
CA GLU F 221 0.48 -27.67 -11.23
C GLU F 221 1.13 -29.03 -11.42
N LEU F 222 1.19 -29.84 -10.37
CA LEU F 222 1.78 -31.17 -10.49
C LEU F 222 1.00 -32.04 -11.45
N PHE F 223 -0.34 -32.01 -11.35
CA PHE F 223 -1.17 -32.83 -12.23
C PHE F 223 -1.08 -32.38 -13.67
N LEU F 224 -0.96 -31.08 -13.91
CA LEU F 224 -0.81 -30.60 -15.28
C LEU F 224 0.58 -30.90 -15.83
N ASN F 225 1.59 -30.94 -14.95
CA ASN F 225 2.92 -31.37 -15.39
C ASN F 225 2.92 -32.85 -15.76
N ILE F 226 2.22 -33.68 -14.99
CA ILE F 226 2.14 -35.10 -15.32
C ILE F 226 1.35 -35.32 -16.59
N ILE F 227 0.30 -34.52 -16.80
CA ILE F 227 -0.52 -34.67 -18.00
C ILE F 227 0.28 -34.32 -19.24
N SER F 228 1.14 -33.28 -19.16
CA SER F 228 1.92 -32.86 -20.31
C SER F 228 2.85 -33.95 -20.82
N LYS F 229 3.17 -34.94 -19.99
CA LYS F 229 3.98 -36.07 -20.43
C LYS F 229 3.22 -37.01 -21.34
N PHE F 230 1.90 -36.88 -21.44
CA PHE F 230 1.09 -37.74 -22.28
C PHE F 230 0.40 -37.01 -23.42
N THR F 231 0.03 -35.75 -23.25
CA THR F 231 -0.60 -34.98 -24.30
C THR F 231 0.00 -33.58 -24.33
N ARG F 232 -0.03 -32.97 -25.51
CA ARG F 232 0.45 -31.60 -25.68
C ARG F 232 -0.66 -30.57 -25.66
N ASN F 233 -1.91 -30.98 -25.90
CA ASN F 233 -3.05 -30.09 -25.81
C ASN F 233 -3.55 -30.09 -24.37
N THR F 234 -2.88 -29.32 -23.54
CA THR F 234 -3.23 -29.18 -22.14
C THR F 234 -4.17 -28.01 -21.90
N LYS F 235 -4.59 -27.33 -22.97
CA LYS F 235 -5.52 -26.21 -22.84
C LYS F 235 -6.96 -26.69 -22.72
N GLN F 236 -7.21 -27.99 -22.91
CA GLN F 236 -8.54 -28.56 -22.71
C GLN F 236 -8.85 -28.83 -21.25
N TYR F 237 -7.88 -28.67 -20.35
CA TYR F 237 -8.05 -28.93 -18.93
C TYR F 237 -8.13 -27.64 -18.11
N HIS F 238 -8.40 -26.51 -18.76
CA HIS F 238 -8.37 -25.23 -18.05
C HIS F 238 -9.54 -25.07 -17.09
N ASP F 239 -10.61 -25.84 -17.28
CA ASP F 239 -11.79 -25.75 -16.44
C ASP F 239 -12.08 -27.01 -15.63
N MET F 240 -11.35 -28.10 -15.87
CA MET F 240 -11.53 -29.31 -15.08
C MET F 240 -10.94 -29.14 -13.69
N CYS F 241 -11.59 -29.78 -12.71
CA CYS F 241 -11.11 -29.73 -11.34
C CYS F 241 -9.92 -30.66 -11.16
N GLU F 242 -9.25 -30.52 -10.01
CA GLU F 242 -8.07 -31.33 -9.73
C GLU F 242 -8.41 -32.82 -9.67
N GLU F 243 -9.62 -33.16 -9.21
CA GLU F 243 -10.02 -34.56 -9.19
C GLU F 243 -10.22 -35.10 -10.60
N ASP F 244 -10.77 -34.29 -11.50
CA ASP F 244 -10.88 -34.70 -12.89
C ASP F 244 -9.51 -34.81 -13.54
N LEU F 245 -8.58 -33.94 -13.16
CA LEU F 245 -7.20 -34.07 -13.63
C LEU F 245 -6.58 -35.38 -13.15
N ALA F 246 -6.82 -35.74 -11.88
CA ALA F 246 -6.31 -37.01 -11.37
C ALA F 246 -6.94 -38.19 -12.09
N ASP F 247 -8.23 -38.10 -12.42
CA ASP F 247 -8.86 -39.17 -13.19
C ASP F 247 -8.26 -39.28 -14.59
N GLU F 248 -7.98 -38.14 -15.23
CA GLU F 248 -7.33 -38.16 -16.54
C GLU F 248 -5.96 -38.81 -16.45
N ILE F 249 -5.21 -38.49 -15.41
CA ILE F 249 -3.90 -39.12 -15.20
C ILE F 249 -4.07 -40.62 -14.97
N GLU F 250 -5.14 -41.01 -14.27
CA GLU F 250 -5.39 -42.43 -14.03
C GLU F 250 -5.62 -43.18 -15.33
N ASP F 251 -6.45 -42.62 -16.22
CA ASP F 251 -6.63 -43.24 -17.53
C ASP F 251 -5.34 -43.26 -18.33
N PHE F 252 -4.57 -42.17 -18.29
CA PHE F 252 -3.31 -42.10 -19.03
C PHE F 252 -2.35 -43.19 -18.57
N LEU F 253 -2.25 -43.40 -17.26
CA LEU F 253 -1.35 -44.41 -16.72
C LEU F 253 -1.88 -45.82 -16.92
N GLY F 254 -3.21 -45.99 -16.92
CA GLY F 254 -3.77 -47.31 -17.13
C GLY F 254 -3.82 -47.77 -18.57
N LYS F 255 -3.69 -46.83 -19.52
CA LYS F 255 -3.70 -47.21 -20.93
C LYS F 255 -2.51 -48.10 -21.27
N GLY F 256 -1.33 -47.77 -20.74
CA GLY F 256 -0.11 -48.50 -21.03
C GLY F 256 0.07 -49.72 -20.15
N GLY F 257 1.33 -50.04 -19.88
CA GLY F 257 1.70 -51.16 -19.03
C GLY F 257 2.05 -50.72 -17.63
N LYS F 258 3.08 -51.36 -17.06
CA LYS F 258 3.55 -50.97 -15.74
C LYS F 258 4.18 -49.58 -15.78
N TYR F 259 4.02 -48.86 -14.68
CA TYR F 259 4.60 -47.52 -14.57
C TYR F 259 5.40 -47.42 -13.27
N LEU F 260 6.49 -46.65 -13.35
CA LEU F 260 7.30 -46.31 -12.19
C LEU F 260 7.22 -44.80 -11.99
N ILE F 261 6.95 -44.38 -10.76
CA ILE F 261 6.80 -42.97 -10.43
C ILE F 261 7.70 -42.66 -9.25
N VAL F 262 8.53 -41.62 -9.39
CA VAL F 262 9.45 -41.19 -8.36
C VAL F 262 8.89 -39.92 -7.74
N LEU F 263 8.42 -40.01 -6.50
CA LEU F 263 7.92 -38.87 -5.75
C LEU F 263 9.07 -38.37 -4.87
N ASP F 264 9.78 -37.36 -5.36
CA ASP F 264 10.96 -36.85 -4.68
C ASP F 264 10.57 -35.86 -3.60
N ASP F 265 11.21 -35.98 -2.43
CA ASP F 265 11.09 -35.01 -1.34
C ASP F 265 9.64 -34.82 -0.89
N VAL F 266 9.08 -35.91 -0.37
CA VAL F 266 7.77 -35.86 0.27
C VAL F 266 7.99 -35.55 1.76
N TRP F 267 7.26 -34.57 2.27
CA TRP F 267 7.51 -34.07 3.62
C TRP F 267 6.43 -34.43 4.63
N SER F 268 5.21 -34.72 4.19
CA SER F 268 4.13 -35.08 5.10
C SER F 268 3.29 -36.17 4.47
N PRO F 269 2.64 -37.01 5.28
CA PRO F 269 1.70 -38.01 4.72
C PRO F 269 0.51 -37.38 4.04
N ASP F 270 0.15 -36.15 4.39
CA ASP F 270 -0.98 -35.48 3.73
C ASP F 270 -0.70 -35.27 2.26
N ALA F 271 0.51 -34.83 1.91
CA ALA F 271 0.88 -34.67 0.51
C ALA F 271 0.86 -36.01 -0.22
N TRP F 272 1.35 -37.07 0.44
CA TRP F 272 1.32 -38.39 -0.16
C TRP F 272 -0.11 -38.83 -0.46
N GLU F 273 -1.03 -38.60 0.48
CA GLU F 273 -2.41 -39.00 0.27
C GLU F 273 -3.08 -38.15 -0.82
N ARG F 274 -2.76 -36.86 -0.87
CA ARG F 274 -3.37 -35.99 -1.87
C ARG F 274 -2.89 -36.31 -3.27
N ILE F 275 -1.60 -36.63 -3.42
CA ILE F 275 -1.06 -36.90 -4.75
C ILE F 275 -1.39 -38.32 -5.20
N ARG F 276 -1.56 -39.26 -4.26
CA ARG F 276 -1.76 -40.66 -4.60
C ARG F 276 -3.06 -40.90 -5.36
N ILE F 277 -3.99 -39.94 -5.35
CA ILE F 277 -5.28 -40.14 -6.00
C ILE F 277 -5.18 -40.17 -7.51
N ALA F 278 -4.02 -39.84 -8.08
CA ALA F 278 -3.84 -39.82 -9.52
C ALA F 278 -3.18 -41.08 -10.07
N PHE F 279 -2.85 -42.04 -9.20
CA PHE F 279 -2.13 -43.23 -9.64
C PHE F 279 -3.02 -44.45 -9.54
N PRO F 280 -3.38 -45.08 -10.65
CA PRO F 280 -4.29 -46.23 -10.59
C PRO F 280 -3.62 -47.48 -10.03
N ASN F 281 -4.45 -48.37 -9.52
CA ASN F 281 -4.03 -49.70 -9.05
C ASN F 281 -4.81 -50.72 -9.87
N ASN F 282 -4.26 -51.08 -11.04
CA ASN F 282 -4.93 -51.92 -12.01
C ASN F 282 -4.38 -53.34 -12.03
N ASN F 283 -3.94 -53.84 -10.87
CA ASN F 283 -3.43 -55.21 -10.72
C ASN F 283 -2.24 -55.48 -11.63
N LYS F 284 -1.49 -54.43 -11.98
CA LYS F 284 -0.20 -54.57 -12.61
C LYS F 284 0.89 -54.18 -11.61
N SER F 285 2.09 -54.70 -11.85
CA SER F 285 3.18 -54.45 -10.91
C SER F 285 3.65 -53.00 -11.03
N ASN F 286 2.77 -52.06 -10.69
CA ASN F 286 3.11 -50.65 -10.71
C ASN F 286 3.81 -50.27 -9.42
N ARG F 287 4.85 -49.45 -9.54
CA ARG F 287 5.71 -49.14 -8.41
C ARG F 287 5.81 -47.63 -8.22
N ILE F 288 6.02 -47.23 -6.98
CA ILE F 288 6.27 -45.84 -6.62
C ILE F 288 7.56 -45.79 -5.81
N LEU F 289 8.50 -44.95 -6.24
CA LEU F 289 9.74 -44.73 -5.51
C LEU F 289 9.64 -43.41 -4.77
N LEU F 290 9.82 -43.45 -3.46
CA LEU F 290 9.58 -42.29 -2.61
C LEU F 290 10.83 -42.00 -1.78
N THR F 291 11.28 -40.76 -1.82
CA THR F 291 12.42 -40.30 -1.04
C THR F 291 11.95 -39.23 -0.07
N THR F 292 12.29 -39.41 1.21
CA THR F 292 11.81 -38.50 2.24
C THR F 292 12.82 -38.45 3.38
N ARG F 293 12.79 -37.35 4.14
CA ARG F 293 13.61 -37.23 5.34
C ARG F 293 12.93 -37.82 6.57
N ASP F 294 11.61 -37.73 6.65
CA ASP F 294 10.87 -38.20 7.81
C ASP F 294 10.51 -39.67 7.66
N SER F 295 10.68 -40.43 8.75
CA SER F 295 10.34 -41.84 8.75
C SER F 295 8.83 -42.07 8.78
N LYS F 296 8.05 -41.10 9.26
CA LYS F 296 6.61 -41.28 9.31
C LYS F 296 5.99 -41.36 7.93
N VAL F 297 6.52 -40.60 6.97
CA VAL F 297 5.99 -40.62 5.61
C VAL F 297 6.24 -41.97 4.94
N ALA F 298 7.24 -42.73 5.40
CA ALA F 298 7.54 -44.03 4.82
C ALA F 298 6.70 -45.15 5.41
N LYS F 299 5.89 -44.87 6.43
CA LYS F 299 5.10 -45.91 7.08
C LYS F 299 3.62 -45.75 6.77
N PRO F 308 10.85 -49.74 5.17
CA PRO F 308 11.48 -48.75 4.30
C PRO F 308 12.90 -49.11 3.91
N HIS F 309 13.57 -48.23 3.18
CA HIS F 309 14.96 -48.41 2.77
C HIS F 309 15.78 -47.29 3.37
N ASP F 310 16.57 -47.60 4.40
CA ASP F 310 17.46 -46.62 5.02
C ASP F 310 18.74 -46.54 4.19
N LEU F 311 18.96 -45.42 3.52
CA LEU F 311 20.10 -45.28 2.65
C LEU F 311 21.39 -45.30 3.44
N LYS F 312 22.43 -45.91 2.86
CA LYS F 312 23.70 -46.10 3.53
C LYS F 312 24.52 -44.81 3.51
N PHE F 313 25.54 -44.78 4.35
CA PHE F 313 26.56 -43.74 4.33
C PHE F 313 27.77 -44.22 3.53
N LEU F 314 28.44 -43.28 2.88
CA LEU F 314 29.66 -43.61 2.16
C LEU F 314 30.74 -44.04 3.14
N THR F 315 31.56 -45.01 2.74
CA THR F 315 32.67 -45.42 3.58
C THR F 315 33.81 -44.41 3.46
N GLU F 316 34.87 -44.64 4.24
CA GLU F 316 36.02 -43.74 4.20
C GLU F 316 36.69 -43.76 2.83
N ASP F 317 36.88 -44.96 2.27
CA ASP F 317 37.45 -45.07 0.94
C ASP F 317 36.54 -44.44 -0.11
N GLU F 318 35.23 -44.66 -0.01
CA GLU F 318 34.30 -44.05 -0.94
C GLU F 318 34.28 -42.53 -0.79
N SER F 319 34.39 -42.04 0.44
CA SER F 319 34.45 -40.59 0.65
C SER F 319 35.69 -40.00 0.01
N TRP F 320 36.85 -40.67 0.16
CA TRP F 320 38.06 -40.17 -0.48
C TRP F 320 37.95 -40.24 -2.00
N ILE F 321 37.34 -41.30 -2.52
CA ILE F 321 37.15 -41.41 -3.97
C ILE F 321 36.29 -40.26 -4.48
N LEU F 322 35.20 -39.97 -3.77
CA LEU F 322 34.31 -38.88 -4.19
C LEU F 322 35.03 -37.53 -4.13
N LEU F 323 35.78 -37.28 -3.05
CA LEU F 323 36.49 -36.02 -2.94
C LEU F 323 37.54 -35.87 -4.05
N GLU F 324 38.29 -36.94 -4.33
CA GLU F 324 39.29 -36.89 -5.39
C GLU F 324 38.65 -36.66 -6.75
N LYS F 325 37.52 -37.32 -7.02
CA LYS F 325 36.84 -37.13 -8.29
C LYS F 325 36.29 -35.71 -8.41
N LYS F 326 35.81 -35.14 -7.31
CA LYS F 326 35.22 -33.81 -7.35
C LYS F 326 36.27 -32.71 -7.46
N VAL F 327 37.44 -32.89 -6.85
CA VAL F 327 38.48 -31.86 -6.90
C VAL F 327 39.37 -32.04 -8.12
N PHE F 328 39.89 -33.24 -8.34
CA PHE F 328 40.74 -33.56 -9.49
C PHE F 328 39.91 -34.37 -10.46
N HIS F 329 39.34 -33.70 -11.46
CA HIS F 329 38.50 -34.35 -12.46
C HIS F 329 39.32 -35.32 -13.30
N GLU F 338 46.91 -38.24 -1.16
CA GLU F 338 47.29 -37.14 -0.28
C GLU F 338 46.75 -37.36 1.12
N LEU F 339 47.63 -37.23 2.12
CA LEU F 339 47.22 -37.40 3.50
C LEU F 339 46.22 -36.32 3.91
N SER F 340 46.44 -35.08 3.50
CA SER F 340 45.51 -34.01 3.82
C SER F 340 44.15 -34.26 3.19
N GLY F 341 44.14 -34.72 1.93
CA GLY F 341 42.87 -35.03 1.27
C GLY F 341 42.13 -36.18 1.93
N LYS F 342 42.87 -37.22 2.32
CA LYS F 342 42.23 -38.35 3.00
C LYS F 342 41.70 -37.95 4.37
N SER F 343 42.40 -37.05 5.07
CA SER F 343 41.90 -36.58 6.36
C SER F 343 40.70 -35.67 6.19
N ILE F 344 40.65 -34.89 5.10
CA ILE F 344 39.48 -34.05 4.85
C ILE F 344 38.27 -34.90 4.51
N ALA F 345 38.46 -35.92 3.67
CA ALA F 345 37.35 -36.79 3.29
C ALA F 345 36.87 -37.64 4.45
N LYS F 346 37.77 -38.00 5.37
CA LYS F 346 37.37 -38.79 6.53
C LYS F 346 36.52 -37.97 7.50
N LYS F 347 36.75 -36.66 7.57
CA LYS F 347 36.03 -35.80 8.48
C LYS F 347 34.63 -35.46 8.00
N CYS F 348 34.25 -35.87 6.80
CA CYS F 348 32.89 -35.67 6.29
C CYS F 348 31.93 -36.75 6.74
N ASN F 349 32.43 -37.81 7.40
CA ASN F 349 31.61 -38.84 8.03
C ASN F 349 30.67 -39.51 7.03
N GLY F 350 31.16 -39.71 5.81
CA GLY F 350 30.39 -40.42 4.81
C GLY F 350 29.18 -39.69 4.28
N LEU F 351 29.11 -38.38 4.47
CA LEU F 351 27.99 -37.62 3.92
C LEU F 351 28.42 -37.01 2.58
N PRO F 352 27.81 -37.40 1.47
CA PRO F 352 28.21 -36.85 0.17
C PRO F 352 27.99 -35.34 0.05
N LEU F 353 27.02 -34.79 0.78
CA LEU F 353 26.80 -33.35 0.72
C LEU F 353 27.98 -32.58 1.31
N ALA F 354 28.50 -33.05 2.45
CA ALA F 354 29.68 -32.41 3.04
C ALA F 354 30.88 -32.55 2.13
N ILE F 355 31.05 -33.71 1.50
CA ILE F 355 32.16 -33.93 0.57
C ILE F 355 32.05 -32.97 -0.60
N VAL F 356 30.84 -32.80 -1.14
CA VAL F 356 30.64 -31.91 -2.28
C VAL F 356 30.94 -30.47 -1.88
N VAL F 357 30.49 -30.04 -0.71
CA VAL F 357 30.72 -28.67 -0.27
C VAL F 357 32.22 -28.42 -0.06
N ILE F 358 32.89 -29.36 0.61
CA ILE F 358 34.31 -29.19 0.87
C ILE F 358 35.12 -29.28 -0.41
N ALA F 359 34.66 -30.05 -1.40
CA ALA F 359 35.35 -30.13 -2.68
C ALA F 359 35.18 -28.83 -3.46
N GLY F 360 33.98 -28.24 -3.43
CA GLY F 360 33.80 -26.93 -4.02
C GLY F 360 34.66 -25.87 -3.37
N ALA F 361 34.83 -25.97 -2.04
CA ALA F 361 35.74 -25.05 -1.35
C ALA F 361 37.19 -25.29 -1.76
N LEU F 362 37.59 -26.56 -1.91
CA LEU F 362 38.99 -26.87 -2.19
C LEU F 362 39.36 -26.57 -3.64
N ILE F 363 38.38 -26.59 -4.56
CA ILE F 363 38.69 -26.34 -5.96
C ILE F 363 39.17 -24.90 -6.18
N GLY F 364 38.83 -23.98 -5.28
CA GLY F 364 39.26 -22.61 -5.44
C GLY F 364 40.65 -22.33 -4.90
N LYS F 365 41.12 -23.18 -3.99
CA LYS F 365 42.44 -23.01 -3.41
C LYS F 365 43.51 -23.63 -4.30
N GLY F 366 44.75 -23.17 -4.11
CA GLY F 366 45.86 -23.71 -4.86
C GLY F 366 46.20 -25.12 -4.41
N LYS F 367 46.75 -25.90 -5.35
CA LYS F 367 47.10 -27.29 -5.08
C LYS F 367 48.46 -27.38 -4.36
N THR F 368 48.49 -26.79 -3.17
CA THR F 368 49.66 -26.78 -2.31
C THR F 368 49.32 -27.45 -0.99
N SER F 369 50.25 -28.26 -0.49
CA SER F 369 50.01 -29.01 0.74
C SER F 369 49.79 -28.10 1.94
N ARG F 370 50.31 -26.88 1.92
CA ARG F 370 50.09 -25.95 3.03
C ARG F 370 48.67 -25.37 3.01
N GLU F 371 48.10 -25.17 1.83
CA GLU F 371 46.73 -24.68 1.72
C GLU F 371 45.69 -25.76 1.93
N TRP F 372 46.07 -27.03 1.81
CA TRP F 372 45.18 -28.13 2.12
C TRP F 372 45.20 -28.52 3.59
N LYS F 373 46.32 -28.24 4.29
CA LYS F 373 46.37 -28.43 5.73
C LYS F 373 45.63 -27.34 6.48
N GLN F 374 45.44 -26.18 5.87
CA GLN F 374 44.63 -25.12 6.48
C GLN F 374 43.15 -25.48 6.49
N VAL F 375 42.71 -26.34 5.57
CA VAL F 375 41.35 -26.86 5.59
C VAL F 375 41.22 -28.03 6.55
N ASP F 376 42.32 -28.45 7.17
CA ASP F 376 42.35 -29.54 8.14
C ASP F 376 41.91 -30.85 7.50
N CYS F 392 24.76 -28.13 2.80
CA CYS F 392 25.29 -26.94 3.43
C CYS F 392 24.46 -26.53 4.64
N ASN F 393 24.03 -25.27 4.66
CA ASN F 393 23.27 -24.72 5.77
C ASN F 393 21.79 -24.53 5.44
N LYS F 394 21.46 -24.22 4.19
CA LYS F 394 20.05 -24.06 3.80
C LYS F 394 19.33 -25.40 3.70
N LEU F 395 20.05 -26.49 3.41
CA LEU F 395 19.40 -27.80 3.34
C LEU F 395 18.97 -28.28 4.73
N VAL F 396 19.84 -28.10 5.72
CA VAL F 396 19.49 -28.49 7.09
C VAL F 396 18.39 -27.60 7.63
N GLN F 397 18.38 -26.32 7.27
CA GLN F 397 17.35 -25.41 7.75
C GLN F 397 15.96 -25.81 7.28
N LEU F 398 15.85 -26.61 6.22
CA LEU F 398 14.54 -27.05 5.76
C LEU F 398 13.86 -27.93 6.81
N SER F 399 14.60 -28.85 7.42
CA SER F 399 14.06 -29.70 8.47
C SER F 399 14.10 -29.04 9.84
N TYR F 400 15.00 -28.09 10.05
CA TYR F 400 15.05 -27.39 11.33
C TYR F 400 13.92 -26.37 11.48
N ASP F 401 13.52 -25.74 10.38
CA ASP F 401 12.43 -24.77 10.43
C ASP F 401 11.07 -25.43 10.59
N ARG F 402 10.96 -26.73 10.34
CA ARG F 402 9.70 -27.45 10.54
C ARG F 402 9.49 -27.89 11.98
N LEU F 403 10.49 -27.72 12.83
CA LEU F 403 10.36 -28.05 14.25
C LEU F 403 9.54 -26.99 14.97
N SER F 404 8.90 -27.40 16.07
CA SER F 404 8.18 -26.44 16.88
C SER F 404 9.17 -25.58 17.66
N TYR F 405 8.64 -24.57 18.36
CA TYR F 405 9.49 -23.64 19.09
C TYR F 405 10.27 -24.35 20.19
N ASP F 406 9.62 -25.27 20.91
CA ASP F 406 10.30 -25.99 21.98
C ASP F 406 11.21 -27.08 21.42
N LEU F 407 10.80 -27.74 20.34
CA LEU F 407 11.63 -28.77 19.75
C LEU F 407 12.90 -28.21 19.12
N LYS F 408 12.88 -26.95 18.70
CA LYS F 408 14.10 -26.32 18.22
C LYS F 408 15.13 -26.17 19.33
N ALA F 409 14.69 -25.71 20.51
CA ALA F 409 15.61 -25.60 21.64
C ALA F 409 16.04 -26.96 22.14
N CYS F 410 15.17 -27.96 22.09
CA CYS F 410 15.55 -29.32 22.46
C CYS F 410 16.60 -29.86 21.50
N PHE F 411 16.46 -29.56 20.20
CA PHE F 411 17.40 -30.05 19.21
C PHE F 411 18.76 -29.37 19.34
N LEU F 412 18.77 -28.05 19.54
CA LEU F 412 20.02 -27.32 19.66
C LEU F 412 20.78 -27.71 20.93
N TYR F 413 20.06 -28.09 21.99
CA TYR F 413 20.72 -28.52 23.21
C TYR F 413 21.52 -29.80 23.02
N CYS F 414 21.16 -30.61 22.02
CA CYS F 414 21.96 -31.80 21.71
C CYS F 414 23.32 -31.44 21.16
N GLY F 415 23.50 -30.22 20.66
CA GLY F 415 24.81 -29.77 20.23
C GLY F 415 25.75 -29.38 21.34
N ALA F 416 25.25 -29.31 22.57
CA ALA F 416 26.13 -29.07 23.72
C ALA F 416 27.09 -30.23 23.93
N PHE F 417 26.60 -31.46 23.76
CA PHE F 417 27.46 -32.62 23.91
C PHE F 417 28.55 -32.60 22.84
N PRO F 418 29.78 -32.96 23.20
CA PRO F 418 30.90 -32.85 22.25
C PRO F 418 30.68 -33.72 21.01
N GLY F 419 31.50 -33.46 20.00
CA GLY F 419 31.36 -34.18 18.75
C GLY F 419 31.59 -35.66 18.92
N GLY F 420 30.68 -36.46 18.39
CA GLY F 420 30.78 -37.91 18.47
C GLY F 420 30.40 -38.49 19.82
N PHE F 421 29.94 -37.67 20.76
CA PHE F 421 29.60 -38.15 22.09
C PHE F 421 28.34 -39.00 22.05
N GLU F 422 28.33 -40.08 22.83
CA GLU F 422 27.17 -40.95 22.96
C GLU F 422 26.27 -40.36 24.04
N ILE F 423 25.25 -39.61 23.61
CA ILE F 423 24.34 -38.94 24.54
C ILE F 423 23.45 -39.97 25.22
N PRO F 424 23.47 -40.07 26.55
CA PRO F 424 22.52 -40.96 27.23
C PRO F 424 21.13 -40.36 27.18
N ALA F 425 20.15 -41.18 26.76
CA ALA F 425 18.80 -40.67 26.55
C ALA F 425 18.17 -40.18 27.85
N TRP F 426 18.35 -40.93 28.93
CA TRP F 426 17.79 -40.52 30.21
C TRP F 426 18.37 -39.18 30.68
N LYS F 427 19.70 -39.04 30.56
CA LYS F 427 20.33 -37.79 30.93
C LYS F 427 19.86 -36.64 30.06
N LEU F 428 19.70 -36.88 28.75
CA LEU F 428 19.21 -35.85 27.86
C LEU F 428 17.79 -35.41 28.23
N ILE F 429 16.92 -36.37 28.55
CA ILE F 429 15.56 -36.05 28.93
C ILE F 429 15.54 -35.24 30.22
N ARG F 430 16.33 -35.67 31.22
CA ARG F 430 16.36 -34.95 32.48
C ARG F 430 16.92 -33.54 32.30
N LEU F 431 17.94 -33.39 31.46
CA LEU F 431 18.50 -32.07 31.18
C LEU F 431 17.48 -31.19 30.48
N TRP F 432 16.74 -31.75 29.52
CA TRP F 432 15.70 -30.99 28.84
C TRP F 432 14.63 -30.51 29.82
N ILE F 433 14.21 -31.38 30.73
CA ILE F 433 13.20 -30.99 31.71
C ILE F 433 13.74 -29.91 32.63
N ALA F 434 15.00 -30.04 33.07
CA ALA F 434 15.57 -29.06 33.99
C ALA F 434 15.79 -27.70 33.34
N GLU F 435 16.13 -27.69 32.04
CA GLU F 435 16.36 -26.42 31.35
C GLU F 435 15.08 -25.65 31.06
N GLY F 436 13.92 -26.25 31.29
CA GLY F 436 12.66 -25.59 31.03
C GLY F 436 12.14 -25.73 29.62
N PHE F 437 12.80 -26.53 28.77
CA PHE F 437 12.32 -26.72 27.42
C PHE F 437 11.01 -27.50 27.40
N ILE F 438 10.85 -28.47 28.29
CA ILE F 438 9.66 -29.28 28.33
C ILE F 438 8.58 -28.61 29.17
N SER F 445 3.01 -36.85 31.68
CA SER F 445 4.16 -36.44 32.48
C SER F 445 5.17 -35.68 31.64
N LEU F 446 6.14 -35.06 32.31
CA LEU F 446 7.20 -34.34 31.60
C LEU F 446 8.15 -35.31 30.91
N GLU F 447 8.40 -36.46 31.52
CA GLU F 447 9.27 -37.45 30.92
C GLU F 447 8.66 -38.02 29.64
N CYS F 448 7.34 -38.23 29.64
CA CYS F 448 6.67 -38.71 28.43
C CYS F 448 6.81 -37.70 27.30
N LYS F 449 6.61 -36.41 27.60
CA LYS F 449 6.75 -35.39 26.57
C LYS F 449 8.19 -35.29 26.07
N ALA F 450 9.16 -35.42 26.98
CA ALA F 450 10.55 -35.35 26.55
C ALA F 450 10.93 -36.55 25.69
N GLU F 451 10.46 -37.74 26.03
CA GLU F 451 10.70 -38.91 25.19
C GLU F 451 10.01 -38.76 23.84
N ASP F 452 8.81 -38.15 23.84
CA ASP F 452 8.13 -37.88 22.57
C ASP F 452 8.95 -36.91 21.72
N ASN F 453 9.54 -35.90 22.34
CA ASN F 453 10.39 -34.96 21.61
C ASN F 453 11.61 -35.65 21.03
N LEU F 454 12.24 -36.53 21.82
CA LEU F 454 13.40 -37.27 21.31
C LEU F 454 13.00 -38.17 20.14
N ASN F 455 11.87 -38.86 20.25
CA ASN F 455 11.41 -39.71 19.17
C ASN F 455 11.02 -38.90 17.93
N ASP F 456 10.50 -37.68 18.14
CA ASP F 456 10.20 -36.80 17.02
C ASP F 456 11.48 -36.37 16.30
N LEU F 457 12.52 -36.05 17.07
CA LEU F 457 13.80 -35.71 16.47
C LEU F 457 14.39 -36.89 15.72
N ILE F 458 14.23 -38.10 16.26
CA ILE F 458 14.76 -39.29 15.60
C ILE F 458 14.00 -39.59 14.32
N ASN F 459 12.67 -39.46 14.35
CA ASN F 459 11.87 -39.77 13.17
C ASN F 459 12.19 -38.84 12.01
N ARG F 460 12.47 -37.57 12.32
CA ARG F 460 12.89 -36.60 11.31
C ARG F 460 14.33 -36.80 10.86
N ASN F 461 15.00 -37.84 11.35
CA ASN F 461 16.38 -38.16 10.99
C ASN F 461 17.35 -37.04 11.37
N LEU F 462 17.00 -36.26 12.39
CA LEU F 462 17.91 -35.26 12.92
C LEU F 462 18.79 -35.81 14.03
N VAL F 463 18.43 -36.95 14.62
CA VAL F 463 19.21 -37.58 15.68
C VAL F 463 19.34 -39.06 15.36
N MET F 464 20.55 -39.60 15.52
CA MET F 464 20.86 -40.98 15.16
C MET F 464 20.84 -41.86 16.40
N VAL F 465 20.19 -43.01 16.30
CA VAL F 465 20.11 -43.95 17.41
C VAL F 465 21.11 -45.07 17.21
N MET F 466 21.87 -45.40 18.25
CA MET F 466 22.78 -46.53 18.21
C MET F 466 22.43 -47.59 19.25
N GLN F 467 22.30 -47.23 20.52
CA GLN F 467 22.03 -48.19 21.57
C GLN F 467 20.56 -48.14 21.97
N ARG F 468 19.90 -49.29 21.93
CA ARG F 468 18.50 -49.42 22.30
C ARG F 468 18.37 -50.39 23.47
N THR F 469 17.40 -50.11 24.34
CA THR F 469 17.14 -50.99 25.46
C THR F 469 16.61 -52.33 24.97
N SER F 470 16.73 -53.35 25.82
CA SER F 470 16.31 -54.70 25.44
C SER F 470 14.83 -54.77 25.12
N ASP F 471 14.03 -53.86 25.68
CA ASP F 471 12.59 -53.83 25.44
C ASP F 471 12.20 -52.92 24.28
N GLY F 472 13.17 -52.37 23.55
CA GLY F 472 12.90 -51.54 22.41
C GLY F 472 13.05 -50.04 22.63
N GLN F 473 13.18 -49.61 23.88
CA GLN F 473 13.38 -48.19 24.15
C GLN F 473 14.78 -47.76 23.70
N ILE F 474 14.94 -46.45 23.50
CA ILE F 474 16.22 -45.88 23.12
C ILE F 474 17.07 -45.68 24.38
N LYS F 475 18.35 -46.02 24.28
CA LYS F 475 19.27 -45.88 25.39
C LYS F 475 20.26 -44.74 25.18
N THR F 476 20.97 -44.72 24.05
CA THR F 476 21.90 -43.66 23.73
C THR F 476 21.69 -43.20 22.29
N CYS F 477 22.24 -42.02 21.99
CA CYS F 477 22.12 -41.42 20.66
C CYS F 477 23.24 -40.40 20.49
N ARG F 478 23.39 -39.92 19.26
CA ARG F 478 24.34 -38.85 18.97
C ARG F 478 23.85 -38.07 17.77
N LEU F 479 24.48 -36.92 17.55
CA LEU F 479 24.22 -36.07 16.41
C LEU F 479 25.25 -36.35 15.32
N HIS F 480 24.79 -36.36 14.07
CA HIS F 480 25.74 -36.43 12.98
C HIS F 480 26.60 -35.17 12.98
N ASP F 481 27.84 -35.30 12.50
CA ASP F 481 28.78 -34.21 12.61
C ASP F 481 28.31 -32.96 11.88
N MET F 482 27.54 -33.12 10.80
CA MET F 482 27.01 -31.93 10.14
C MET F 482 25.88 -31.31 10.94
N LEU F 483 24.98 -32.14 11.49
CA LEU F 483 23.97 -31.61 12.41
C LEU F 483 24.63 -31.08 13.69
N HIS F 484 25.70 -31.74 14.15
CA HIS F 484 26.39 -31.22 15.32
C HIS F 484 26.96 -29.83 15.05
N GLU F 485 27.60 -29.65 13.89
CA GLU F 485 28.13 -28.33 13.54
C GLU F 485 27.01 -27.31 13.38
N PHE F 486 25.90 -27.72 12.75
CA PHE F 486 24.77 -26.82 12.58
C PHE F 486 24.22 -26.38 13.93
N CYS F 487 24.00 -27.33 14.85
CA CYS F 487 23.46 -27.01 16.16
C CYS F 487 24.42 -26.11 16.94
N ARG F 488 25.72 -26.43 16.89
CA ARG F 488 26.70 -25.62 17.60
C ARG F 488 26.71 -24.20 17.08
N GLN F 489 26.80 -24.04 15.75
CA GLN F 489 26.85 -22.70 15.15
C GLN F 489 25.57 -21.92 15.46
N GLU F 490 24.42 -22.54 15.29
CA GLU F 490 23.15 -21.84 15.52
C GLU F 490 23.03 -21.42 16.97
N ALA F 491 23.17 -22.37 17.90
CA ALA F 491 22.97 -22.08 19.32
C ALA F 491 24.07 -21.21 19.91
N MET F 492 25.22 -21.10 19.24
CA MET F 492 26.29 -20.26 19.76
C MET F 492 26.32 -18.88 19.12
N LYS F 493 25.73 -18.70 17.95
CA LYS F 493 25.74 -17.42 17.26
C LYS F 493 24.39 -16.74 17.23
N GLU F 494 23.34 -17.42 16.77
CA GLU F 494 22.08 -16.76 16.49
C GLU F 494 21.11 -16.82 17.66
N GLU F 495 21.24 -17.79 18.56
CA GLU F 495 20.33 -17.93 19.69
C GLU F 495 20.98 -17.71 21.04
N ASN F 496 22.30 -17.86 21.14
CA ASN F 496 23.01 -17.79 22.42
C ASN F 496 22.43 -18.78 23.42
N LEU F 497 22.03 -19.95 22.92
CA LEU F 497 21.51 -20.99 23.80
C LEU F 497 22.61 -21.49 24.74
N PHE F 498 23.81 -21.72 24.22
CA PHE F 498 24.95 -22.11 25.03
C PHE F 498 26.22 -21.64 24.33
N GLN F 499 27.29 -21.55 25.10
CA GLN F 499 28.59 -21.15 24.58
C GLN F 499 29.64 -22.16 25.01
N GLU F 500 30.41 -22.65 24.05
CA GLU F 500 31.46 -23.63 24.34
C GLU F 500 32.77 -22.91 24.64
N ILE F 501 33.46 -23.38 25.67
CA ILE F 501 34.70 -22.76 26.11
C ILE F 501 35.89 -23.64 25.82
N PHE F 509 40.21 -18.12 26.32
CA PHE F 509 39.11 -18.08 27.27
C PHE F 509 38.36 -16.76 27.17
N PRO F 510 37.04 -16.81 27.29
CA PRO F 510 36.25 -15.58 27.19
C PRO F 510 36.60 -14.59 28.29
N GLY F 511 36.55 -13.30 27.95
CA GLY F 511 36.86 -12.26 28.90
C GLY F 511 35.72 -11.99 29.86
N LYS F 512 36.00 -11.11 30.82
CA LYS F 512 34.99 -10.74 31.81
C LYS F 512 33.80 -10.06 31.15
N ARG F 513 34.03 -9.31 30.09
CA ARG F 513 32.92 -8.68 29.37
C ARG F 513 32.12 -9.70 28.56
N GLU F 514 32.80 -10.71 28.01
CA GLU F 514 32.12 -11.72 27.21
C GLU F 514 31.33 -12.68 28.09
N LEU F 515 31.88 -13.06 29.25
CA LEU F 515 31.20 -14.01 30.11
C LEU F 515 29.96 -13.41 30.77
N ALA F 516 29.85 -12.09 30.82
CA ALA F 516 28.67 -11.44 31.39
C ALA F 516 27.45 -11.61 30.51
N THR F 517 27.61 -12.01 29.25
CA THR F 517 26.50 -12.24 28.35
C THR F 517 26.19 -13.72 28.14
N TYR F 518 27.07 -14.62 28.58
CA TYR F 518 26.84 -16.03 28.39
C TYR F 518 25.70 -16.53 29.26
N ARG F 519 24.88 -17.43 28.70
CA ARG F 519 23.75 -18.01 29.41
C ARG F 519 24.04 -19.42 29.90
N ARG F 520 24.68 -20.24 29.08
CA ARG F 520 25.06 -21.60 29.46
C ARG F 520 26.50 -21.85 29.03
N LEU F 521 27.22 -22.64 29.81
CA LEU F 521 28.61 -22.96 29.55
C LEU F 521 28.76 -24.45 29.34
N CYS F 522 29.47 -24.82 28.27
CA CYS F 522 29.85 -26.21 28.01
C CYS F 522 31.35 -26.26 27.81
N ILE F 523 32.07 -26.84 28.78
CA ILE F 523 33.51 -26.98 28.71
C ILE F 523 33.88 -28.44 29.00
N HIS F 524 34.59 -29.07 28.08
CA HIS F 524 35.06 -30.43 28.26
C HIS F 524 36.56 -30.60 28.11
N SER F 525 37.28 -29.57 27.68
CA SER F 525 38.72 -29.60 27.54
C SER F 525 39.33 -28.45 28.32
N SER F 526 40.44 -28.72 29.00
CA SER F 526 41.13 -27.74 29.84
C SER F 526 40.19 -27.14 30.88
N VAL F 527 39.49 -28.03 31.60
CA VAL F 527 38.55 -27.58 32.63
C VAL F 527 39.30 -26.90 33.76
N LEU F 528 40.41 -27.50 34.21
CA LEU F 528 41.17 -26.92 35.31
C LEU F 528 41.80 -25.59 34.93
N GLU F 529 42.28 -25.46 33.69
CA GLU F 529 42.87 -24.19 33.27
C GLU F 529 41.86 -23.07 33.27
N PHE F 530 40.64 -23.32 32.78
CA PHE F 530 39.57 -22.33 32.83
C PHE F 530 39.14 -22.06 34.27
N ILE F 531 39.12 -23.09 35.11
CA ILE F 531 38.64 -22.93 36.47
C ILE F 531 39.62 -22.08 37.27
N SER F 532 40.93 -22.27 37.07
CA SER F 532 41.95 -21.50 37.77
C SER F 532 41.90 -20.02 37.44
N THR F 533 41.32 -19.64 36.30
CA THR F 533 41.19 -18.24 35.93
C THR F 533 40.14 -17.51 36.77
N LYS F 534 39.40 -18.23 37.61
CA LYS F 534 38.36 -17.69 38.47
C LYS F 534 37.29 -16.97 37.64
N PRO F 535 36.53 -17.70 36.83
CA PRO F 535 35.49 -17.04 36.03
C PRO F 535 34.32 -16.59 36.90
N SER F 536 33.61 -15.59 36.39
CA SER F 536 32.46 -15.03 37.10
C SER F 536 31.40 -14.66 36.08
N GLY F 537 30.30 -15.43 36.06
CA GLY F 537 29.19 -15.13 35.18
C GLY F 537 27.91 -14.91 35.95
N GLU F 538 27.39 -13.68 35.93
CA GLU F 538 26.20 -13.34 36.69
C GLU F 538 24.90 -13.78 36.00
N HIS F 539 24.96 -14.16 34.73
CA HIS F 539 23.78 -14.62 34.01
C HIS F 539 23.89 -16.07 33.54
N VAL F 540 24.97 -16.77 33.91
CA VAL F 540 25.14 -18.15 33.49
C VAL F 540 24.17 -19.04 34.28
N ARG F 541 23.33 -19.78 33.57
CA ARG F 541 22.32 -20.62 34.20
C ARG F 541 22.68 -22.09 34.20
N SER F 542 23.58 -22.54 33.32
CA SER F 542 23.96 -23.93 33.24
C SER F 542 25.47 -24.05 33.15
N PHE F 543 26.01 -25.10 33.74
CA PHE F 543 27.43 -25.42 33.68
C PHE F 543 27.54 -26.88 33.27
N LEU F 544 27.85 -27.13 32.00
CA LEU F 544 27.91 -28.46 31.44
C LEU F 544 29.35 -28.87 31.19
N SER F 545 29.70 -30.09 31.58
CA SER F 545 31.03 -30.63 31.34
C SER F 545 30.88 -32.11 30.98
N PHE F 546 30.83 -32.40 29.69
CA PHE F 546 30.65 -33.75 29.18
C PHE F 546 32.00 -34.24 28.66
N SER F 547 32.76 -34.90 29.53
CA SER F 547 34.04 -35.49 29.16
C SER F 547 34.11 -36.90 29.70
N LEU F 548 34.68 -37.81 28.90
CA LEU F 548 34.79 -39.20 29.32
C LEU F 548 36.00 -39.47 30.20
N LYS F 549 36.92 -38.52 30.30
CA LYS F 549 38.09 -38.65 31.17
C LYS F 549 37.79 -37.99 32.51
N LYS F 550 38.04 -38.72 33.59
CA LYS F 550 37.74 -38.21 34.92
C LYS F 550 38.72 -37.12 35.31
N ILE F 551 38.22 -36.11 36.02
CA ILE F 551 39.00 -34.95 36.42
C ILE F 551 38.88 -34.77 37.92
N GLU F 552 40.02 -34.64 38.60
CA GLU F 552 40.04 -34.37 40.03
C GLU F 552 40.11 -32.87 40.26
N MET F 553 39.20 -32.36 41.09
CA MET F 553 39.06 -30.92 41.28
C MET F 553 39.94 -30.46 42.44
N PRO F 554 40.88 -29.55 42.22
CA PRO F 554 41.72 -29.07 43.33
C PRO F 554 40.88 -28.49 44.47
N SER F 555 41.36 -28.72 45.70
CA SER F 555 40.63 -28.25 46.86
C SER F 555 40.56 -26.72 46.89
N VAL F 556 41.63 -26.05 46.49
CA VAL F 556 41.64 -24.59 46.47
C VAL F 556 40.64 -24.05 45.46
N ASP F 557 40.29 -24.85 44.46
CA ASP F 557 39.37 -24.43 43.40
C ASP F 557 37.96 -24.98 43.59
N ILE F 558 37.66 -25.57 44.75
CA ILE F 558 36.35 -26.17 44.96
C ILE F 558 35.21 -25.17 44.83
N PRO F 559 35.22 -24.02 45.52
CA PRO F 559 34.01 -23.17 45.53
C PRO F 559 33.95 -22.16 44.39
N THR F 560 34.81 -22.30 43.37
CA THR F 560 34.88 -21.27 42.34
C THR F 560 33.63 -21.26 41.47
N ILE F 561 33.03 -22.41 41.22
CA ILE F 561 31.85 -22.49 40.35
C ILE F 561 30.62 -21.96 41.08
N PRO F 562 30.34 -22.36 42.32
CA PRO F 562 29.21 -21.74 43.04
C PRO F 562 29.41 -20.26 43.32
N LYS F 563 30.65 -19.77 43.28
CA LYS F 563 30.90 -18.35 43.51
C LYS F 563 30.69 -17.55 42.24
N GLY F 564 31.40 -17.90 41.17
CA GLY F 564 31.31 -17.16 39.92
C GLY F 564 29.99 -17.32 39.20
N PHE F 565 29.26 -18.41 39.45
CA PHE F 565 27.98 -18.68 38.81
C PHE F 565 26.94 -18.97 39.88
N PRO F 566 26.42 -17.93 40.54
CA PRO F 566 25.47 -18.15 41.63
C PRO F 566 24.04 -18.44 41.17
N LEU F 567 23.73 -18.22 39.89
CA LEU F 567 22.39 -18.42 39.36
C LEU F 567 22.22 -19.78 38.69
N LEU F 568 23.12 -20.72 38.98
CA LEU F 568 23.11 -22.01 38.29
C LEU F 568 21.78 -22.73 38.47
N ARG F 569 21.22 -23.22 37.37
CA ARG F 569 20.05 -24.08 37.38
C ARG F 569 20.41 -25.53 37.06
N VAL F 570 21.38 -25.74 36.17
CA VAL F 570 21.86 -27.06 35.79
C VAL F 570 23.35 -27.12 36.08
N PHE F 571 23.78 -28.16 36.81
CA PHE F 571 25.17 -28.33 37.20
C PHE F 571 25.54 -29.79 36.90
N ASP F 572 26.03 -30.03 35.68
CA ASP F 572 26.39 -31.37 35.21
C ASP F 572 27.92 -31.46 35.17
N VAL F 573 28.51 -31.86 36.28
CA VAL F 573 29.96 -32.01 36.38
C VAL F 573 30.29 -33.45 36.79
N GLU F 574 29.50 -34.41 36.32
CA GLU F 574 29.71 -35.80 36.68
C GLU F 574 31.04 -36.36 36.21
N SER F 575 31.80 -35.60 35.43
CA SER F 575 33.16 -35.98 35.06
C SER F 575 34.22 -35.36 35.95
N ILE F 576 33.81 -34.63 36.98
CA ILE F 576 34.73 -33.95 37.90
C ILE F 576 34.51 -34.49 39.30
N ASN F 577 35.58 -34.94 39.93
CA ASN F 577 35.53 -35.46 41.29
C ASN F 577 35.63 -34.30 42.28
N PHE F 578 34.67 -34.22 43.20
CA PHE F 578 34.64 -33.18 44.22
C PHE F 578 34.96 -33.82 45.57
N SER F 579 36.08 -33.40 46.16
CA SER F 579 36.49 -33.96 47.45
C SER F 579 35.50 -33.62 48.55
N ARG F 580 35.00 -32.38 48.56
CA ARG F 580 34.09 -31.92 49.59
C ARG F 580 33.23 -30.79 49.04
N PHE F 581 32.13 -30.52 49.74
CA PHE F 581 31.22 -29.45 49.37
C PHE F 581 31.54 -28.21 50.20
N SER F 582 31.75 -27.09 49.51
CA SER F 582 31.99 -25.83 50.18
C SER F 582 30.66 -25.19 50.60
N LYS F 583 30.77 -24.16 51.44
CA LYS F 583 29.58 -23.44 51.90
C LYS F 583 28.88 -22.68 50.79
N GLU F 584 29.54 -22.46 49.65
CA GLU F 584 28.91 -21.77 48.53
C GLU F 584 27.99 -22.68 47.71
N PHE F 585 28.19 -24.00 47.79
CA PHE F 585 27.31 -24.91 47.05
C PHE F 585 25.88 -24.83 47.57
N PHE F 586 25.71 -24.69 48.88
CA PHE F 586 24.37 -24.64 49.46
C PHE F 586 23.68 -23.30 49.21
N GLN F 587 24.38 -22.32 48.65
CA GLN F 587 23.78 -21.04 48.28
C GLN F 587 23.21 -21.06 46.87
N LEU F 588 23.31 -22.19 46.16
CA LEU F 588 22.75 -22.32 44.81
C LEU F 588 21.28 -22.69 44.90
N TYR F 589 20.48 -21.69 45.31
CA TYR F 589 19.06 -21.91 45.52
C TYR F 589 18.30 -22.15 44.23
N HIS F 590 18.88 -21.80 43.08
CA HIS F 590 18.24 -21.96 41.78
C HIS F 590 18.50 -23.32 41.15
N LEU F 591 19.25 -24.19 41.81
CA LEU F 591 19.61 -25.47 41.22
C LEU F 591 18.39 -26.35 40.99
N ARG F 592 18.26 -26.88 39.78
CA ARG F 592 17.25 -27.86 39.43
C ARG F 592 17.84 -29.21 39.07
N TYR F 593 19.00 -29.21 38.42
CA TYR F 593 19.69 -30.43 37.99
C TYR F 593 21.11 -30.38 38.53
N ILE F 594 21.41 -31.25 39.50
CA ILE F 594 22.74 -31.37 40.06
C ILE F 594 23.23 -32.79 39.82
N ALA F 595 24.39 -32.91 39.18
CA ALA F 595 24.98 -34.21 38.85
C ALA F 595 26.48 -34.09 39.06
N PHE F 596 26.97 -34.71 40.13
CA PHE F 596 28.38 -34.64 40.50
C PHE F 596 28.92 -36.05 40.73
N SER F 597 30.22 -36.19 40.54
CA SER F 597 30.92 -37.43 40.84
C SER F 597 31.89 -37.21 42.00
N SER F 598 32.10 -38.25 42.79
CA SER F 598 32.98 -38.15 43.94
C SER F 598 33.66 -39.49 44.19
N ASP F 599 34.73 -39.44 44.98
CA ASP F 599 35.48 -40.62 45.36
C ASP F 599 35.46 -40.90 46.85
N THR F 600 35.21 -39.89 47.69
CA THR F 600 35.26 -40.05 49.14
C THR F 600 34.06 -39.46 49.86
N ILE F 601 33.04 -39.00 49.13
CA ILE F 601 31.84 -38.45 49.78
C ILE F 601 30.98 -39.63 50.23
N LYS F 602 30.94 -39.85 51.54
CA LYS F 602 30.14 -40.93 52.13
C LYS F 602 28.86 -40.43 52.77
N ILE F 603 28.58 -39.13 52.69
CA ILE F 603 27.42 -38.55 53.37
C ILE F 603 26.98 -37.31 52.58
N ILE F 604 25.67 -37.11 52.51
CA ILE F 604 25.09 -35.92 51.89
C ILE F 604 24.62 -35.01 53.02
N PRO F 605 25.09 -33.76 53.08
CA PRO F 605 24.73 -32.89 54.20
C PRO F 605 23.26 -32.50 54.17
N LYS F 606 22.75 -32.19 55.37
CA LYS F 606 21.36 -31.76 55.50
C LYS F 606 21.10 -30.40 54.87
N HIS F 607 22.15 -29.64 54.55
CA HIS F 607 21.98 -28.35 53.90
C HIS F 607 21.61 -28.47 52.42
N ILE F 608 21.69 -29.68 51.86
CA ILE F 608 21.18 -29.89 50.50
C ILE F 608 19.68 -29.70 50.46
N GLY F 609 18.98 -30.08 51.54
CA GLY F 609 17.55 -29.88 51.61
C GLY F 609 17.13 -28.42 51.59
N GLU F 610 18.08 -27.50 51.85
CA GLU F 610 17.80 -26.08 51.71
C GLU F 610 17.54 -25.69 50.27
N LEU F 611 17.99 -26.51 49.31
CA LEU F 611 17.74 -26.27 47.89
C LEU F 611 16.44 -26.97 47.53
N TRP F 612 15.35 -26.21 47.47
CA TRP F 612 14.02 -26.75 47.26
C TRP F 612 13.64 -26.84 45.79
N ASN F 613 14.49 -26.36 44.89
CA ASN F 613 14.21 -26.39 43.45
C ASN F 613 14.77 -27.62 42.76
N ILE F 614 15.41 -28.52 43.50
CA ILE F 614 16.10 -29.66 42.89
C ILE F 614 15.09 -30.60 42.25
N GLN F 615 15.33 -30.94 40.99
CA GLN F 615 14.54 -31.95 40.28
C GLN F 615 15.27 -33.28 40.16
N THR F 616 16.52 -33.26 39.73
CA THR F 616 17.34 -34.45 39.58
C THR F 616 18.56 -34.34 40.46
N LEU F 617 18.81 -35.38 41.26
CA LEU F 617 19.95 -35.43 42.16
C LEU F 617 20.73 -36.70 41.85
N ILE F 618 21.82 -36.57 41.10
CA ILE F 618 22.65 -37.69 40.70
C ILE F 618 23.94 -37.64 41.51
N ILE F 619 24.20 -38.70 42.27
CA ILE F 619 25.39 -38.81 43.11
C ILE F 619 26.16 -40.02 42.62
N ASN F 620 27.23 -39.79 41.87
CA ASN F 620 28.05 -40.86 41.30
C ASN F 620 29.31 -41.00 42.15
N THR F 621 29.19 -41.75 43.23
CA THR F 621 30.28 -41.96 44.18
C THR F 621 30.82 -43.38 44.06
N GLN F 622 32.11 -43.53 44.36
CA GLN F 622 32.77 -44.82 44.32
C GLN F 622 32.78 -45.51 45.68
N GLN F 623 32.18 -44.91 46.70
CA GLN F 623 32.07 -45.55 48.00
C GLN F 623 31.01 -46.65 47.96
N ARG F 624 31.20 -47.66 48.81
CA ARG F 624 30.27 -48.79 48.82
C ARG F 624 28.90 -48.38 49.35
N SER F 625 28.87 -47.53 50.37
CA SER F 625 27.62 -47.10 50.99
C SER F 625 27.58 -45.60 51.12
N LEU F 626 26.37 -45.04 51.03
CA LEU F 626 26.16 -43.60 51.13
C LEU F 626 25.02 -43.33 52.09
N ASP F 627 25.16 -42.28 52.89
CA ASP F 627 24.15 -41.87 53.87
C ASP F 627 23.62 -40.51 53.44
N ILE F 628 22.35 -40.48 53.01
CA ILE F 628 21.69 -39.25 52.60
C ILE F 628 21.00 -38.67 53.83
N GLN F 629 21.58 -37.59 54.38
CA GLN F 629 20.99 -36.93 55.53
C GLN F 629 20.10 -35.75 55.17
N ALA F 630 20.11 -35.33 53.90
CA ALA F 630 19.27 -34.22 53.49
C ALA F 630 17.79 -34.61 53.52
N ASN F 631 16.95 -33.61 53.72
CA ASN F 631 15.50 -33.86 53.76
C ASN F 631 14.98 -34.12 52.36
N ILE F 632 15.07 -35.38 51.92
CA ILE F 632 14.60 -35.75 50.59
C ILE F 632 13.10 -35.50 50.45
N TRP F 633 12.34 -35.87 51.49
CA TRP F 633 10.89 -35.74 51.44
C TRP F 633 10.42 -34.29 51.51
N ASN F 634 11.29 -33.37 51.95
CA ASN F 634 10.94 -31.96 51.97
C ASN F 634 11.15 -31.27 50.63
N MET F 635 11.81 -31.93 49.68
CA MET F 635 11.99 -31.39 48.34
C MET F 635 10.71 -31.67 47.56
N GLU F 636 9.86 -30.65 47.41
CA GLU F 636 8.56 -30.85 46.78
C GLU F 636 8.69 -31.05 45.27
N ARG F 637 9.81 -30.66 44.68
CA ARG F 637 10.00 -30.76 43.24
C ARG F 637 10.91 -31.90 42.82
N LEU F 638 11.47 -32.64 43.77
CA LEU F 638 12.38 -33.74 43.44
C LEU F 638 11.63 -34.86 42.75
N ARG F 639 12.18 -35.35 41.65
CA ARG F 639 11.58 -36.42 40.87
C ARG F 639 12.49 -37.65 40.73
N HIS F 640 13.78 -37.45 40.49
CA HIS F 640 14.71 -38.54 40.26
C HIS F 640 15.88 -38.44 41.23
N LEU F 641 16.29 -39.60 41.75
CA LEU F 641 17.44 -39.68 42.65
C LEU F 641 18.27 -40.90 42.24
N HIS F 642 19.33 -40.65 41.49
CA HIS F 642 20.19 -41.72 40.97
C HIS F 642 21.49 -41.77 41.76
N THR F 643 21.77 -42.91 42.38
CA THR F 643 23.05 -43.16 43.03
C THR F 643 23.54 -44.52 42.60
N ASN F 644 24.87 -44.67 42.55
CA ASN F 644 25.49 -45.95 42.23
C ASN F 644 25.92 -46.71 43.48
N SER F 645 25.67 -46.15 44.66
CA SER F 645 25.98 -46.78 45.93
C SER F 645 24.68 -47.06 46.69
N SER F 646 24.81 -47.70 47.85
CA SER F 646 23.66 -48.06 48.68
C SER F 646 23.26 -46.86 49.53
N ALA F 647 22.53 -45.94 48.90
CA ALA F 647 22.07 -44.74 49.60
C ALA F 647 21.08 -45.11 50.69
N LYS F 648 21.20 -44.45 51.84
CA LYS F 648 20.31 -44.66 52.98
C LYS F 648 19.46 -43.41 53.16
N LEU F 649 18.19 -43.51 52.78
CA LEU F 649 17.28 -42.36 52.89
C LEU F 649 16.98 -42.06 54.36
N PRO F 650 16.73 -40.80 54.69
CA PRO F 650 16.35 -40.46 56.06
C PRO F 650 14.97 -41.01 56.41
N VAL F 651 14.77 -41.24 57.70
CA VAL F 651 13.50 -41.78 58.20
C VAL F 651 12.37 -40.79 57.97
N GLN F 665 5.45 -36.83 46.38
CA GLN F 665 4.47 -37.15 45.36
C GLN F 665 5.10 -37.13 43.96
N SER F 666 5.98 -36.15 43.75
CA SER F 666 6.63 -35.99 42.45
C SER F 666 7.80 -36.95 42.25
N LEU F 667 8.18 -37.72 43.27
CA LEU F 667 9.30 -38.64 43.14
C LEU F 667 8.93 -39.78 42.20
N GLN F 668 9.79 -40.03 41.22
CA GLN F 668 9.56 -41.08 40.23
C GLN F 668 10.63 -42.15 40.19
N THR F 669 11.84 -41.88 40.69
CA THR F 669 12.92 -42.84 40.64
C THR F 669 13.69 -42.82 41.95
N LEU F 670 13.97 -44.00 42.49
CA LEU F 670 14.81 -44.18 43.68
C LEU F 670 15.79 -45.31 43.34
N SER F 671 16.93 -44.96 42.78
CA SER F 671 17.88 -45.93 42.26
C SER F 671 18.88 -46.31 43.35
N THR F 672 19.00 -47.61 43.61
CA THR F 672 20.01 -48.19 44.50
C THR F 672 19.96 -47.55 45.89
N ILE F 673 18.82 -47.77 46.56
CA ILE F 673 18.67 -47.40 47.95
C ILE F 673 18.94 -48.64 48.80
N ALA F 674 19.20 -48.41 50.08
CA ALA F 674 19.47 -49.52 50.99
C ALA F 674 18.14 -50.17 51.40
N PRO F 675 18.12 -51.49 51.61
CA PRO F 675 16.87 -52.14 52.05
C PRO F 675 16.44 -51.70 53.43
N GLU F 676 17.35 -51.19 54.26
CA GLU F 676 16.93 -50.58 55.51
C GLU F 676 16.09 -49.33 55.28
N SER F 677 16.17 -48.74 54.09
CA SER F 677 15.34 -47.61 53.69
C SER F 677 14.12 -48.04 52.89
N CYS F 678 13.84 -49.35 52.84
CA CYS F 678 12.67 -49.88 52.16
C CYS F 678 11.49 -50.06 53.09
N THR F 679 11.40 -49.23 54.13
CA THR F 679 10.35 -49.36 55.12
C THR F 679 9.00 -48.92 54.53
N GLU F 680 7.94 -49.26 55.26
CA GLU F 680 6.60 -48.85 54.85
C GLU F 680 6.44 -47.33 54.92
N GLU F 681 7.05 -46.70 55.93
CA GLU F 681 6.95 -45.25 56.06
C GLU F 681 7.58 -44.53 54.88
N VAL F 682 8.76 -44.99 54.44
CA VAL F 682 9.43 -44.35 53.32
C VAL F 682 8.62 -44.53 52.03
N PHE F 683 8.15 -45.76 51.80
CA PHE F 683 7.38 -46.04 50.58
C PHE F 683 6.00 -45.40 50.60
N ALA F 684 5.52 -44.98 51.76
CA ALA F 684 4.25 -44.26 51.83
C ALA F 684 4.37 -42.81 51.39
N ARG F 685 5.57 -42.25 51.40
CA ARG F 685 5.79 -40.88 50.94
C ARG F 685 5.96 -40.77 49.43
N THR F 686 6.11 -41.90 48.73
CA THR F 686 6.35 -41.92 47.29
C THR F 686 5.31 -42.81 46.62
N PRO F 687 4.09 -42.31 46.47
CA PRO F 687 3.05 -43.13 45.81
C PRO F 687 3.19 -43.22 44.30
N ASN F 688 3.94 -42.31 43.68
CA ASN F 688 4.07 -42.25 42.24
C ASN F 688 5.35 -42.87 41.72
N LEU F 689 6.10 -43.57 42.57
CA LEU F 689 7.37 -44.15 42.17
C LEU F 689 7.16 -45.18 41.06
N LYS F 690 7.98 -45.09 40.01
CA LYS F 690 7.90 -46.00 38.87
C LYS F 690 9.14 -46.88 38.72
N LYS F 691 10.31 -46.39 39.10
CA LYS F 691 11.55 -47.16 39.01
C LYS F 691 12.20 -47.20 40.37
N LEU F 692 12.59 -48.40 40.83
CA LEU F 692 13.18 -48.57 42.13
C LEU F 692 14.33 -49.58 42.05
N GLY F 693 15.42 -49.26 42.71
CA GLY F 693 16.56 -50.16 42.76
C GLY F 693 17.11 -50.24 44.18
N ILE F 694 17.67 -51.42 44.49
CA ILE F 694 18.23 -51.68 45.80
C ILE F 694 19.57 -52.38 45.61
N ARG F 695 20.62 -51.87 46.27
CA ARG F 695 21.98 -52.40 46.18
C ARG F 695 22.58 -52.53 47.57
N GLY F 696 21.81 -53.10 48.50
CA GLY F 696 22.16 -53.07 49.90
C GLY F 696 22.24 -54.40 50.62
N LYS F 697 22.87 -55.42 50.01
CA LYS F 697 22.91 -56.76 50.60
C LYS F 697 21.51 -57.34 50.74
N ILE F 698 20.92 -57.64 49.58
CA ILE F 698 19.54 -58.06 49.39
C ILE F 698 19.07 -59.06 50.44
N ALA F 699 20.00 -59.82 51.01
CA ALA F 699 19.64 -60.81 52.02
C ALA F 699 18.94 -60.19 53.23
N VAL F 700 19.12 -58.89 53.45
CA VAL F 700 18.41 -58.21 54.54
C VAL F 700 16.91 -58.28 54.32
N LEU F 701 16.45 -58.01 53.10
CA LEU F 701 15.03 -58.09 52.78
C LEU F 701 14.74 -59.26 51.86
N VAL F 712 7.57 -52.83 49.18
CA VAL F 712 7.45 -52.49 47.76
C VAL F 712 6.07 -52.85 47.25
N LYS F 713 5.29 -53.54 48.10
CA LYS F 713 3.95 -53.94 47.70
C LYS F 713 3.03 -52.74 47.53
N LYS F 714 3.19 -51.70 48.35
CA LYS F 714 2.35 -50.52 48.28
C LYS F 714 2.58 -49.69 47.03
N LEU F 715 3.69 -49.90 46.32
CA LEU F 715 4.00 -49.16 45.10
C LEU F 715 3.18 -49.75 43.96
N GLU F 716 1.97 -49.20 43.77
CA GLU F 716 1.06 -49.73 42.76
C GLU F 716 1.34 -49.22 41.37
N SER F 717 2.26 -48.27 41.20
CA SER F 717 2.65 -47.77 39.89
C SER F 717 4.04 -48.21 39.48
N LEU F 718 4.68 -49.07 40.26
CA LEU F 718 6.05 -49.49 39.97
C LEU F 718 6.09 -50.37 38.72
N GLU F 719 7.08 -50.12 37.86
CA GLU F 719 7.31 -50.91 36.67
C GLU F 719 8.71 -51.51 36.62
N ASN F 720 9.71 -50.79 37.09
CA ASN F 720 11.10 -51.25 37.08
C ASN F 720 11.53 -51.56 38.51
N LEU F 721 12.11 -52.74 38.70
CA LEU F 721 12.66 -53.14 39.99
C LEU F 721 14.03 -53.76 39.78
N LYS F 722 15.00 -53.32 40.58
CA LYS F 722 16.36 -53.83 40.50
C LYS F 722 16.84 -54.21 41.89
N LEU F 723 17.33 -55.44 42.03
CA LEU F 723 17.91 -55.92 43.28
C LEU F 723 19.34 -56.36 43.01
N ILE F 724 20.28 -55.69 43.64
CA ILE F 724 21.71 -55.96 43.46
C ILE F 724 22.29 -56.37 44.80
N ASN F 725 22.96 -57.52 44.83
CA ASN F 725 23.53 -58.04 46.07
C ASN F 725 25.03 -57.74 46.14
N ARG F 735 16.71 -66.83 49.02
CA ARG F 735 15.53 -67.53 48.55
C ARG F 735 14.39 -66.54 48.30
N LEU F 736 13.78 -66.65 47.12
CA LEU F 736 12.71 -65.74 46.76
C LEU F 736 11.48 -65.98 47.63
N PRO F 737 10.75 -64.93 47.99
CA PRO F 737 9.51 -65.10 48.76
C PRO F 737 8.38 -65.56 47.85
N PRO F 738 7.21 -65.90 48.40
CA PRO F 738 6.08 -66.27 47.56
C PRO F 738 5.74 -65.18 46.55
N SER F 739 5.16 -65.60 45.42
CA SER F 739 4.94 -64.70 44.29
C SER F 739 3.92 -63.61 44.60
N TYR F 740 3.11 -63.77 45.64
CA TYR F 740 2.11 -62.75 45.97
C TYR F 740 2.70 -61.57 46.74
N ILE F 741 3.98 -61.63 47.12
CA ILE F 741 4.61 -60.53 47.82
C ILE F 741 5.10 -59.46 46.85
N PHE F 742 5.61 -59.89 45.69
CA PHE F 742 6.11 -58.95 44.71
C PHE F 742 4.97 -58.13 44.11
N PRO F 743 5.24 -56.91 43.66
CA PRO F 743 4.18 -56.09 43.06
C PRO F 743 3.58 -56.76 41.83
N THR F 744 2.26 -56.60 41.67
CA THR F 744 1.55 -57.24 40.58
C THR F 744 1.62 -56.46 39.27
N LYS F 745 2.04 -55.20 39.32
CA LYS F 745 2.14 -54.37 38.13
C LYS F 745 3.56 -54.25 37.60
N LEU F 746 4.47 -55.08 38.08
CA LEU F 746 5.86 -55.00 37.65
C LEU F 746 5.99 -55.43 36.19
N ARG F 747 6.68 -54.61 35.41
CA ARG F 747 6.92 -54.89 33.99
C ARG F 747 8.34 -55.35 33.70
N LYS F 748 9.33 -54.75 34.36
CA LYS F 748 10.73 -55.13 34.19
C LYS F 748 11.34 -55.38 35.56
N LEU F 749 12.03 -56.52 35.69
CA LEU F 749 12.71 -56.88 36.93
C LEU F 749 14.11 -57.38 36.58
N SER F 750 15.11 -56.87 37.28
CA SER F 750 16.49 -57.28 37.09
C SER F 750 17.09 -57.69 38.43
N LEU F 751 17.72 -58.86 38.45
CA LEU F 751 18.36 -59.39 39.64
C LEU F 751 19.85 -59.54 39.37
N VAL F 752 20.68 -58.92 40.22
CA VAL F 752 22.12 -58.93 40.07
C VAL F 752 22.75 -59.48 41.34
N ASP F 753 23.66 -60.43 41.19
CA ASP F 753 24.48 -61.00 42.26
C ASP F 753 23.65 -61.69 43.34
N THR F 754 22.38 -61.96 43.09
CA THR F 754 21.52 -62.61 44.08
C THR F 754 21.77 -64.10 44.14
N TRP F 758 18.01 -72.28 40.60
CA TRP F 758 17.38 -72.07 39.31
C TRP F 758 15.90 -72.40 39.36
N ASN F 759 15.51 -73.27 40.30
CA ASN F 759 14.11 -73.62 40.46
C ASN F 759 13.30 -72.48 41.06
N ASP F 760 13.94 -71.43 41.58
CA ASP F 760 13.23 -70.29 42.14
C ASP F 760 12.57 -69.44 41.07
N MET F 761 12.90 -69.64 39.79
CA MET F 761 12.28 -68.87 38.72
C MET F 761 10.79 -69.18 38.57
N SER F 762 10.31 -70.28 39.14
CA SER F 762 8.87 -70.53 39.15
C SER F 762 8.11 -69.44 39.88
N ILE F 763 8.76 -68.75 40.82
CA ILE F 763 8.13 -67.62 41.48
C ILE F 763 7.97 -66.46 40.51
N LEU F 764 9.00 -66.18 39.70
CA LEU F 764 8.91 -65.13 38.70
C LEU F 764 7.97 -65.48 37.57
N GLY F 765 7.72 -66.77 37.34
CA GLY F 765 6.79 -67.17 36.30
C GLY F 765 5.36 -66.73 36.58
N GLN F 766 4.96 -66.77 37.85
CA GLN F 766 3.61 -66.38 38.22
C GLN F 766 3.34 -64.89 37.99
N MET F 767 4.38 -64.09 37.76
CA MET F 767 4.20 -62.67 37.47
C MET F 767 3.45 -62.52 36.15
N GLU F 768 2.19 -62.10 36.22
CA GLU F 768 1.34 -62.04 35.04
C GLU F 768 1.65 -60.85 34.15
N HIS F 769 2.35 -59.84 34.65
CA HIS F 769 2.64 -58.64 33.88
C HIS F 769 4.12 -58.42 33.63
N LEU F 770 4.99 -59.34 34.05
CA LEU F 770 6.42 -59.19 33.80
C LEU F 770 6.71 -59.41 32.32
N GLU F 771 7.45 -58.47 31.72
CA GLU F 771 7.78 -58.54 30.31
C GLU F 771 9.28 -58.59 30.03
N VAL F 772 10.11 -58.01 30.90
CA VAL F 772 11.55 -58.04 30.75
C VAL F 772 12.16 -58.59 32.03
N LEU F 773 13.01 -59.61 31.89
CA LEU F 773 13.68 -60.23 33.03
C LEU F 773 15.17 -60.33 32.71
N LYS F 774 15.98 -59.58 33.45
CA LYS F 774 17.41 -59.51 33.21
C LYS F 774 18.14 -60.13 34.39
N LEU F 775 19.02 -61.08 34.11
CA LEU F 775 19.85 -61.74 35.11
C LEU F 775 21.31 -61.47 34.78
N LYS F 776 21.97 -60.68 35.62
CA LYS F 776 23.32 -60.21 35.36
C LYS F 776 24.22 -60.52 36.54
N GLU F 777 25.48 -60.84 36.24
CA GLU F 777 26.56 -60.97 37.25
C GLU F 777 26.14 -61.92 38.38
N ASN F 778 26.00 -63.19 37.98
CA ASN F 778 25.72 -64.28 38.92
C ASN F 778 24.31 -64.16 39.50
N GLY F 779 23.37 -63.68 38.67
CA GLY F 779 22.02 -63.43 39.17
C GLY F 779 21.30 -64.69 39.59
N PHE F 780 21.38 -65.73 38.78
CA PHE F 780 20.73 -67.01 39.05
C PHE F 780 21.76 -68.12 38.90
N MET F 781 22.18 -68.71 40.01
CA MET F 781 23.19 -69.75 40.02
C MET F 781 22.57 -71.10 40.29
N GLY F 782 22.94 -72.09 39.49
CA GLY F 782 22.45 -73.44 39.64
C GLY F 782 22.99 -74.29 38.51
N GLU F 783 22.84 -75.61 38.67
CA GLU F 783 23.33 -76.56 37.68
C GLU F 783 22.24 -76.98 36.70
N CYS F 784 21.10 -77.44 37.21
CA CYS F 784 20.01 -77.92 36.38
C CYS F 784 18.80 -77.00 36.55
N TRP F 785 18.26 -76.54 35.42
CA TRP F 785 17.05 -75.74 35.41
C TRP F 785 16.03 -76.41 34.50
N GLU F 786 14.85 -76.69 35.05
CA GLU F 786 13.73 -77.22 34.29
C GLU F 786 12.61 -76.19 34.30
N SER F 787 12.15 -75.78 33.12
CA SER F 787 11.12 -74.76 33.02
C SER F 787 9.79 -75.31 33.49
N VAL F 788 9.22 -74.70 34.54
CA VAL F 788 7.94 -75.10 35.10
C VAL F 788 6.94 -73.96 35.08
N GLY F 789 7.36 -72.78 35.55
CA GLY F 789 6.45 -71.65 35.59
C GLY F 789 6.10 -71.13 34.20
N GLY F 790 4.95 -70.47 34.13
CA GLY F 790 4.47 -69.95 32.86
C GLY F 790 4.61 -68.45 32.73
N PHE F 791 5.55 -68.00 31.91
CA PHE F 791 5.79 -66.57 31.68
C PHE F 791 4.83 -66.11 30.58
N CYS F 792 3.59 -65.84 30.99
CA CYS F 792 2.55 -65.49 30.04
C CYS F 792 2.76 -64.13 29.38
N SER F 793 3.58 -63.26 29.98
CA SER F 793 3.79 -61.92 29.46
C SER F 793 5.24 -61.61 29.10
N LEU F 794 6.18 -62.51 29.39
CA LEU F 794 7.59 -62.22 29.17
C LEU F 794 7.88 -62.06 27.69
N LEU F 795 8.65 -61.02 27.35
CA LEU F 795 9.09 -60.77 25.99
C LEU F 795 10.61 -60.83 25.83
N VAL F 796 11.35 -60.43 26.86
CA VAL F 796 12.81 -60.41 26.81
C VAL F 796 13.34 -61.21 28.00
N LEU F 797 14.23 -62.15 27.71
CA LEU F 797 14.94 -62.92 28.74
C LEU F 797 16.42 -62.64 28.61
N TRP F 798 17.02 -62.11 29.68
CA TRP F 798 18.43 -61.72 29.67
C TRP F 798 19.15 -62.48 30.79
N ILE F 799 20.14 -63.28 30.41
CA ILE F 799 20.93 -64.05 31.35
C ILE F 799 22.40 -63.73 31.11
N GLU F 800 23.11 -63.37 32.18
CA GLU F 800 24.51 -62.96 32.07
C GLU F 800 25.32 -63.55 33.21
N ARG F 801 26.47 -64.13 32.87
CA ARG F 801 27.46 -64.62 33.84
C ARG F 801 26.82 -65.62 34.82
N THR F 802 26.38 -66.74 34.26
CA THR F 802 25.77 -67.80 35.05
C THR F 802 26.49 -69.12 34.78
N ASP F 803 26.33 -70.05 35.72
CA ASP F 803 26.92 -71.37 35.63
C ASP F 803 25.92 -72.44 35.19
N LEU F 804 24.83 -72.01 34.55
CA LEU F 804 23.80 -72.95 34.12
C LEU F 804 24.36 -73.96 33.14
N VAL F 805 24.08 -75.24 33.39
CA VAL F 805 24.60 -76.32 32.55
C VAL F 805 23.46 -76.93 31.74
N SER F 806 22.44 -77.43 32.43
CA SER F 806 21.31 -78.10 31.80
C SER F 806 20.09 -77.22 31.88
N TRP F 807 19.50 -76.91 30.73
CA TRP F 807 18.29 -76.09 30.64
C TRP F 807 17.30 -76.81 29.73
N LYS F 808 16.14 -77.14 30.29
CA LYS F 808 15.07 -77.78 29.54
C LYS F 808 13.84 -76.87 29.57
N ALA F 809 13.27 -76.61 28.40
CA ALA F 809 12.12 -75.74 28.29
C ALA F 809 11.28 -76.14 27.09
N SER F 810 10.04 -75.67 27.08
CA SER F 810 9.11 -75.92 25.98
C SER F 810 8.46 -74.61 25.56
N ALA F 811 7.78 -74.64 24.41
CA ALA F 811 7.15 -73.44 23.87
C ALA F 811 6.02 -72.94 24.76
N ASP F 812 5.44 -73.80 25.61
CA ASP F 812 4.33 -73.38 26.44
C ASP F 812 4.77 -72.48 27.59
N HIS F 813 6.01 -72.63 28.06
CA HIS F 813 6.49 -71.84 29.18
C HIS F 813 6.88 -70.42 28.80
N PHE F 814 7.12 -70.17 27.52
CA PHE F 814 7.44 -68.83 27.01
C PHE F 814 6.57 -68.53 25.80
N PRO F 815 5.26 -68.37 26.00
CA PRO F 815 4.38 -68.13 24.84
C PRO F 815 4.67 -66.83 24.10
N ARG F 816 5.13 -65.79 24.80
CA ARG F 816 5.29 -64.47 24.22
C ARG F 816 6.74 -64.05 24.06
N LEU F 817 7.69 -64.98 24.15
CA LEU F 817 9.10 -64.62 24.09
C LEU F 817 9.46 -64.07 22.72
N LYS F 818 10.20 -62.97 22.71
CA LYS F 818 10.69 -62.36 21.47
C LYS F 818 12.20 -62.15 21.48
N HIS F 819 12.78 -61.81 22.63
CA HIS F 819 14.20 -61.48 22.73
C HIS F 819 14.86 -62.41 23.73
N LEU F 820 16.00 -63.00 23.35
CA LEU F 820 16.75 -63.88 24.23
C LEU F 820 18.23 -63.52 24.12
N VAL F 821 18.84 -63.16 25.25
CA VAL F 821 20.24 -62.76 25.29
C VAL F 821 20.96 -63.61 26.31
N LEU F 822 22.06 -64.23 25.90
CA LEU F 822 22.90 -65.05 26.77
C LEU F 822 24.34 -64.62 26.58
N ILE F 823 24.92 -63.98 27.59
CA ILE F 823 26.28 -63.45 27.54
C ILE F 823 27.10 -64.11 28.64
N CYS F 824 28.24 -64.69 28.27
CA CYS F 824 29.21 -65.24 29.22
C CYS F 824 28.56 -66.27 30.14
N CYS F 825 27.69 -67.10 29.57
CA CYS F 825 27.01 -68.14 30.34
C CYS F 825 27.97 -69.25 30.71
N ILE F 831 20.97 -75.23 25.07
CA ILE F 831 19.78 -74.51 24.61
C ILE F 831 18.74 -75.51 24.10
N PRO F 832 17.67 -75.69 24.87
CA PRO F 832 16.63 -76.65 24.45
C PRO F 832 15.97 -76.22 23.16
N ILE F 833 15.67 -77.19 22.31
CA ILE F 833 14.98 -76.92 21.04
C ILE F 833 13.48 -77.05 21.35
N GLY F 834 12.93 -75.99 21.93
CA GLY F 834 11.50 -75.88 22.14
C GLY F 834 11.04 -74.46 21.85
N LEU F 835 12.00 -73.58 21.60
CA LEU F 835 11.73 -72.18 21.33
C LEU F 835 11.47 -71.89 19.86
N ALA F 836 11.75 -72.85 18.97
CA ALA F 836 11.41 -72.68 17.56
C ALA F 836 9.91 -72.72 17.32
N ASP F 837 9.14 -73.27 18.27
CA ASP F 837 7.69 -73.32 18.15
C ASP F 837 7.02 -72.05 18.65
N ILE F 838 7.79 -71.08 19.14
CA ILE F 838 7.23 -69.82 19.63
C ILE F 838 6.97 -68.91 18.44
N ARG F 839 5.73 -68.43 18.32
CA ARG F 839 5.37 -67.58 17.19
C ARG F 839 6.10 -66.25 17.22
N SER F 840 6.27 -65.67 18.40
CA SER F 840 6.83 -64.34 18.54
C SER F 840 8.35 -64.32 18.66
N PHE F 841 9.00 -65.48 18.68
CA PHE F 841 10.45 -65.53 18.82
C PHE F 841 11.09 -65.12 17.49
N GLN F 842 11.67 -63.93 17.45
CA GLN F 842 12.27 -63.40 16.23
C GLN F 842 13.70 -62.89 16.40
N VAL F 843 14.15 -62.61 17.63
CA VAL F 843 15.49 -62.09 17.86
C VAL F 843 16.14 -62.91 18.96
N MET F 844 17.32 -63.47 18.69
CA MET F 844 18.10 -64.19 19.68
C MET F 844 19.54 -63.71 19.60
N GLU F 845 20.11 -63.35 20.74
CA GLU F 845 21.47 -62.83 20.82
C GLU F 845 22.35 -63.78 21.62
N LEU F 846 23.52 -64.08 21.10
CA LEU F 846 24.48 -64.95 21.76
C LEU F 846 25.84 -64.27 21.83
N GLN F 847 26.65 -64.73 22.77
CA GLN F 847 27.97 -64.16 23.00
C GLN F 847 28.94 -65.31 23.25
N ASN F 848 30.12 -64.98 23.77
CA ASN F 848 31.16 -65.98 23.94
C ASN F 848 30.69 -67.09 24.88
N SER F 849 30.85 -68.33 24.43
CA SER F 849 30.43 -69.52 25.15
C SER F 849 30.98 -70.73 24.42
N THR F 850 30.60 -71.92 24.89
CA THR F 850 31.02 -73.15 24.22
C THR F 850 30.37 -73.25 22.85
N LYS F 851 31.06 -73.95 21.93
CA LYS F 851 30.57 -74.08 20.57
C LYS F 851 29.28 -74.88 20.48
N THR F 852 28.96 -75.69 21.51
CA THR F 852 27.69 -76.42 21.50
C THR F 852 26.51 -75.46 21.55
N ALA F 853 26.63 -74.38 22.34
CA ALA F 853 25.57 -73.38 22.37
C ALA F 853 25.42 -72.70 21.01
N ALA F 854 26.53 -72.43 20.33
CA ALA F 854 26.47 -71.84 19.00
C ALA F 854 25.80 -72.80 18.02
N ILE F 855 26.10 -74.09 18.12
CA ILE F 855 25.46 -75.09 17.26
C ILE F 855 23.96 -75.13 17.52
N SER F 856 23.56 -75.09 18.80
CA SER F 856 22.14 -75.08 19.12
C SER F 856 21.46 -73.83 18.57
N ALA F 857 22.12 -72.67 18.68
CA ALA F 857 21.56 -71.44 18.14
C ALA F 857 21.41 -71.52 16.62
N ARG F 858 22.41 -72.05 15.94
CA ARG F 858 22.34 -72.19 14.48
C ARG F 858 21.21 -73.14 14.09
N GLY F 859 21.06 -74.25 14.82
CA GLY F 859 19.97 -75.17 14.55
C GLY F 859 18.61 -74.53 14.76
N ILE F 860 18.48 -73.73 15.82
CA ILE F 860 17.23 -73.02 16.07
C ILE F 860 16.94 -72.03 14.94
N ARG F 861 17.98 -71.33 14.48
CA ARG F 861 17.81 -70.40 13.37
C ARG F 861 17.37 -71.13 12.09
N ASP F 862 17.94 -72.31 11.84
CA ASP F 862 17.54 -73.09 10.68
C ASP F 862 16.06 -73.50 10.77
N LYS F 863 15.61 -73.89 11.96
CA LYS F 863 14.22 -74.25 12.16
C LYS F 863 13.34 -73.01 12.27
N GLY F 876 11.44 -62.03 10.41
CA GLY F 876 12.61 -62.87 10.19
C GLY F 876 13.45 -63.05 11.43
N PHE F 877 13.97 -64.27 11.62
CA PHE F 877 14.80 -64.56 12.77
C PHE F 877 16.13 -63.84 12.68
N LYS F 878 16.59 -63.27 13.79
CA LYS F 878 17.85 -62.55 13.87
C LYS F 878 18.72 -63.23 14.93
N LEU F 879 19.77 -63.89 14.49
CA LEU F 879 20.70 -64.59 15.37
C LEU F 879 22.11 -64.06 15.17
N SER F 880 22.78 -63.71 16.27
CA SER F 880 24.16 -63.25 16.24
C SER F 880 24.93 -63.96 17.33
N ILE F 881 26.02 -64.62 16.95
CA ILE F 881 26.86 -65.38 17.86
C ILE F 881 28.28 -64.82 17.78
N PHE F 882 28.87 -64.54 18.94
CA PHE F 882 30.23 -64.03 18.99
C PHE F 882 31.04 -64.76 20.07
#